data_5H4V
#
_entry.id   5H4V
#
_cell.length_a   186.353
_cell.length_b   107.937
_cell.length_c   165.895
_cell.angle_alpha   90.00
_cell.angle_beta   96.24
_cell.angle_gamma   90.00
#
_symmetry.space_group_name_H-M   'C 1 2 1'
#
loop_
_entity.id
_entity.type
_entity.pdbx_description
1 polymer 'Glutamate--tRNA ligase'
2 water water
#
_entity_poly.entity_id   1
_entity_poly.type   'polypeptide(L)'
_entity_poly.pdbx_seq_one_letter_code
;MGHHHHHHSSENLYFQGHMASMACRTRFAPSPTGYLHIGGARTALYCWLEARRRGGQFVLRIEDTDRQRSTQAAIDAILE
AMQWLGLGYDEGPIYQTQRVARYQEVAEQLLAQGKAYYAYETREELDAMREAAMAKQEKPRYDGAAREQNLPYRDDPNRV
IRFKNPIGGTVVFDDLIKGRIEIANSELDDMVIFRPDGLPTYNFAVVVDDWDMGITEVIRGDDHINNTPRQINIYAALGA
PVPKFAHMPMILDEQGTKLSKRTGAADVMQYKDAGYLPHALINYLARLGWSHGDQELFTPQELLDLFDVKDVNSKAARLD
MAKLGWVNQHYLKTDDPASIAPQLEYQLAKLGVDLAAGPAAADVVVALRERVHTLKEMAEKAVVWYQPLETYDAAAVMKH
LKLGAEVPLGKARELLAAVDQWSVDSVSAALHDAAAALELGMGKVAQPLRVAITGTQVSPDISQTVYLAGREGALKRIDA
ALTKIGAA
;
_entity_poly.pdbx_strand_id   A,B,C,D,E,F
#
# COMPACT_ATOMS: atom_id res chain seq x y z
N ALA A 23 40.72 2.74 -33.15
CA ALA A 23 39.70 3.82 -33.22
C ALA A 23 39.70 4.63 -31.92
N CYS A 24 38.70 5.48 -31.75
CA CYS A 24 38.43 6.16 -30.49
C CYS A 24 37.56 5.24 -29.69
N ARG A 25 37.93 5.02 -28.42
CA ARG A 25 37.16 4.22 -27.49
C ARG A 25 37.11 4.94 -26.15
N THR A 26 35.93 5.42 -25.77
CA THR A 26 35.71 6.06 -24.50
C THR A 26 34.79 5.19 -23.70
N ARG A 27 34.70 5.44 -22.40
CA ARG A 27 33.71 4.76 -21.56
C ARG A 27 33.16 5.63 -20.45
N PHE A 28 31.99 5.24 -19.96
CA PHE A 28 31.35 5.85 -18.82
C PHE A 28 31.06 4.71 -17.88
N ALA A 29 31.76 4.67 -16.75
CA ALA A 29 31.71 3.57 -15.80
C ALA A 29 31.33 4.13 -14.43
N PRO A 30 30.05 4.34 -14.18
CA PRO A 30 29.59 4.91 -12.92
C PRO A 30 29.41 3.95 -11.76
N SER A 31 29.80 4.43 -10.59
CA SER A 31 29.68 3.67 -9.35
C SER A 31 28.26 3.83 -8.87
N PRO A 32 27.43 2.91 -9.31
CA PRO A 32 26.00 2.92 -9.03
C PRO A 32 25.59 3.48 -7.69
N THR A 33 24.83 4.53 -7.77
CA THR A 33 24.19 5.06 -6.60
C THR A 33 22.71 4.84 -6.91
N GLY A 34 21.88 5.80 -6.56
CA GLY A 34 20.47 5.64 -6.82
C GLY A 34 20.08 5.99 -8.23
N TYR A 35 20.95 6.72 -8.92
CA TYR A 35 20.62 7.24 -10.22
C TYR A 35 21.79 7.82 -10.95
N LEU A 36 21.50 8.53 -12.03
CA LEU A 36 22.52 9.26 -12.78
C LEU A 36 22.54 10.69 -12.30
N HIS A 37 23.59 11.02 -11.54
CA HIS A 37 23.92 12.37 -11.12
C HIS A 37 24.23 13.28 -12.34
N ILE A 38 23.80 14.55 -12.31
CA ILE A 38 24.00 15.50 -13.45
C ILE A 38 25.45 15.64 -13.97
N GLY A 39 26.41 15.51 -13.06
CA GLY A 39 27.82 15.56 -13.41
C GLY A 39 28.28 14.30 -14.10
N GLY A 40 27.68 13.17 -13.73
CA GLY A 40 27.86 11.93 -14.47
C GLY A 40 27.32 12.07 -15.89
N ALA A 41 26.17 12.73 -16.00
CA ALA A 41 25.54 12.99 -17.30
C ALA A 41 26.48 13.73 -18.21
N ARG A 42 27.14 14.75 -17.67
CA ARG A 42 28.09 15.55 -18.43
C ARG A 42 29.32 14.74 -18.82
N THR A 43 29.84 13.98 -17.88
CA THR A 43 30.96 13.09 -18.14
C THR A 43 30.58 12.18 -19.28
N ALA A 44 29.38 11.59 -19.20
CA ALA A 44 28.91 10.66 -20.22
C ALA A 44 28.75 11.33 -21.57
N LEU A 45 28.18 12.55 -21.57
CA LEU A 45 28.03 13.39 -22.78
C LEU A 45 29.35 13.54 -23.55
N TYR A 46 30.41 13.90 -22.83
CA TYR A 46 31.72 14.16 -23.42
C TYR A 46 32.38 12.89 -23.94
N CYS A 47 32.22 11.80 -23.19
CA CYS A 47 32.70 10.48 -23.61
C CYS A 47 31.93 9.99 -24.83
N TRP A 48 30.65 10.33 -24.88
CA TRP A 48 29.79 10.00 -26.00
C TRP A 48 30.17 10.83 -27.25
N LEU A 49 30.39 12.14 -27.10
CA LEU A 49 30.73 12.99 -28.24
C LEU A 49 32.10 12.63 -28.84
N GLU A 50 33.10 12.50 -27.97
CA GLU A 50 34.45 12.09 -28.38
C GLU A 50 34.47 10.84 -29.25
N ALA A 51 33.59 9.90 -28.95
CA ALA A 51 33.48 8.66 -29.71
C ALA A 51 32.71 8.90 -31.01
N ARG A 52 31.50 9.43 -30.90
CA ARG A 52 30.62 9.66 -32.06
C ARG A 52 31.32 10.50 -33.10
N ARG A 53 31.91 11.60 -32.64
CA ARG A 53 32.65 12.53 -33.48
C ARG A 53 33.61 11.84 -34.47
N ARG A 54 34.30 10.79 -34.04
CA ARG A 54 35.29 10.11 -34.90
C ARG A 54 34.77 8.78 -35.41
N GLY A 55 33.46 8.56 -35.33
CA GLY A 55 32.88 7.26 -35.67
C GLY A 55 33.39 6.16 -34.77
N GLY A 56 33.59 6.49 -33.50
CA GLY A 56 34.20 5.58 -32.52
C GLY A 56 33.16 4.82 -31.72
N GLN A 57 33.64 4.00 -30.79
CA GLN A 57 32.77 3.20 -29.93
C GLN A 57 32.71 3.78 -28.51
N PHE A 58 31.53 3.81 -27.91
CA PHE A 58 31.32 4.38 -26.58
C PHE A 58 30.71 3.31 -25.68
N VAL A 59 31.47 2.79 -24.70
CA VAL A 59 30.97 1.68 -23.87
C VAL A 59 30.53 2.16 -22.50
N LEU A 60 29.77 1.30 -21.84
CA LEU A 60 29.18 1.58 -20.56
C LEU A 60 29.45 0.37 -19.68
N ARG A 61 30.04 0.65 -18.52
CA ARG A 61 30.31 -0.33 -17.50
C ARG A 61 29.49 0.03 -16.28
N ILE A 62 29.18 -0.99 -15.49
CA ILE A 62 28.44 -0.83 -14.25
C ILE A 62 29.17 -1.58 -13.13
N GLU A 63 29.55 -0.84 -12.08
CA GLU A 63 30.22 -1.39 -10.90
C GLU A 63 29.20 -2.00 -9.92
N ASP A 64 28.73 -3.21 -10.24
CA ASP A 64 27.71 -3.89 -9.41
C ASP A 64 28.30 -4.91 -8.40
N THR A 65 29.47 -4.58 -7.87
CA THR A 65 30.17 -5.48 -6.95
C THR A 65 29.57 -5.48 -5.54
N ASP A 66 28.78 -4.46 -5.19
CA ASP A 66 28.19 -4.38 -3.84
C ASP A 66 27.02 -5.38 -3.59
N ARG A 67 26.30 -5.82 -4.64
CA ARG A 67 25.08 -6.67 -4.50
C ARG A 67 23.96 -6.09 -3.57
N GLN A 68 24.17 -4.85 -3.16
CA GLN A 68 23.21 -3.98 -2.50
C GLN A 68 23.56 -2.68 -3.27
N ARG A 69 22.92 -1.55 -2.97
CA ARG A 69 23.18 -0.26 -3.69
C ARG A 69 22.82 -0.40 -5.19
N SER A 70 23.63 -1.17 -5.93
CA SER A 70 23.29 -1.62 -7.26
C SER A 70 22.21 -2.68 -7.17
N THR A 71 20.96 -2.23 -7.11
CA THR A 71 19.83 -3.10 -7.30
C THR A 71 19.32 -2.77 -8.69
N GLN A 72 18.45 -3.63 -9.24
CA GLN A 72 18.02 -3.46 -10.62
C GLN A 72 17.35 -2.10 -10.84
N ALA A 73 16.56 -1.64 -9.88
CA ALA A 73 15.97 -0.29 -9.94
C ALA A 73 17.05 0.82 -9.97
N ALA A 74 18.11 0.66 -9.19
CA ALA A 74 19.21 1.63 -9.18
C ALA A 74 19.98 1.71 -10.51
N ILE A 75 20.16 0.57 -11.19
CA ILE A 75 20.93 0.54 -12.44
C ILE A 75 20.00 0.87 -13.64
N ASP A 76 18.70 0.56 -13.53
CA ASP A 76 17.67 1.04 -14.49
C ASP A 76 17.51 2.56 -14.46
N ALA A 77 17.64 3.17 -13.29
CA ALA A 77 17.60 4.63 -13.17
C ALA A 77 18.75 5.32 -13.91
N ILE A 78 19.89 4.63 -14.01
CA ILE A 78 21.01 5.04 -14.89
C ILE A 78 20.67 4.77 -16.35
N LEU A 79 20.35 3.52 -16.68
CA LEU A 79 20.02 3.14 -18.07
C LEU A 79 18.91 4.00 -18.69
N GLU A 80 17.87 4.30 -17.91
CA GLU A 80 16.75 5.19 -18.35
C GLU A 80 17.10 6.69 -18.42
N ALA A 81 17.98 7.13 -17.53
CA ALA A 81 18.55 8.46 -17.58
C ALA A 81 19.37 8.72 -18.87
N MET A 82 20.26 7.79 -19.19
CA MET A 82 21.04 7.85 -20.41
C MET A 82 20.15 7.73 -21.64
N GLN A 83 19.20 6.79 -21.56
CA GLN A 83 18.18 6.61 -22.58
C GLN A 83 17.47 7.91 -22.95
N TRP A 84 16.86 8.56 -21.96
CA TRP A 84 16.15 9.83 -22.15
C TRP A 84 16.99 10.96 -22.75
N LEU A 85 18.24 11.07 -22.28
CA LEU A 85 19.15 12.09 -22.80
C LEU A 85 19.59 11.83 -24.26
N GLY A 86 19.58 10.56 -24.68
CA GLY A 86 19.96 10.16 -26.06
C GLY A 86 21.37 9.63 -26.21
N LEU A 87 22.06 9.44 -25.09
CA LEU A 87 23.41 8.94 -25.08
C LEU A 87 23.38 7.40 -25.14
N GLY A 88 23.56 6.86 -26.35
CA GLY A 88 23.58 5.42 -26.58
C GLY A 88 24.98 4.83 -26.70
N TYR A 89 25.09 3.57 -26.31
CA TYR A 89 26.38 2.91 -26.15
C TYR A 89 26.46 1.71 -27.08
N ASP A 90 27.59 1.57 -27.77
CA ASP A 90 27.77 0.48 -28.72
C ASP A 90 27.97 -0.84 -28.00
N GLU A 91 28.49 -0.80 -26.78
CA GLU A 91 28.79 -2.02 -26.01
C GLU A 91 28.38 -1.87 -24.54
N GLY A 92 27.81 -2.94 -23.98
CA GLY A 92 27.33 -2.97 -22.60
C GLY A 92 25.81 -2.82 -22.46
N PRO A 93 25.30 -2.55 -21.26
CA PRO A 93 26.10 -2.37 -20.05
C PRO A 93 26.79 -3.66 -19.69
N ILE A 94 28.08 -3.55 -19.39
CA ILE A 94 28.89 -4.73 -19.11
C ILE A 94 29.21 -4.69 -17.60
N TYR A 95 28.91 -5.80 -16.92
CA TYR A 95 28.80 -5.84 -15.46
C TYR A 95 30.07 -6.35 -14.78
N GLN A 96 30.57 -5.59 -13.80
CA GLN A 96 31.70 -6.01 -12.98
C GLN A 96 31.58 -7.42 -12.38
N THR A 97 30.36 -7.85 -12.04
CA THR A 97 30.14 -9.20 -11.55
C THR A 97 30.52 -10.26 -12.58
N GLN A 98 30.23 -9.99 -13.86
CA GLN A 98 30.65 -10.89 -14.93
C GLN A 98 32.18 -11.04 -15.09
N ARG A 99 32.97 -10.11 -14.52
CA ARG A 99 34.43 -10.09 -14.68
C ARG A 99 35.25 -10.21 -13.38
N VAL A 100 34.67 -10.85 -12.37
CA VAL A 100 35.31 -11.14 -11.06
C VAL A 100 36.55 -12.01 -11.22
N ALA A 101 36.39 -13.12 -11.93
CA ALA A 101 37.48 -14.09 -12.17
C ALA A 101 38.53 -13.58 -13.16
N ARG A 102 38.15 -12.60 -13.99
CA ARG A 102 39.11 -11.91 -14.86
C ARG A 102 40.03 -10.98 -14.05
N TYR A 103 39.49 -10.34 -13.02
CA TYR A 103 40.33 -9.56 -12.13
C TYR A 103 41.27 -10.49 -11.38
N GLN A 104 40.72 -11.62 -10.96
CA GLN A 104 41.43 -12.67 -10.24
C GLN A 104 42.63 -13.18 -11.05
N GLU A 105 42.40 -13.51 -12.31
CA GLU A 105 43.43 -14.15 -13.12
C GLU A 105 44.59 -13.18 -13.44
N VAL A 106 44.28 -11.91 -13.70
CA VAL A 106 45.33 -10.91 -14.04
C VAL A 106 46.24 -10.60 -12.83
N ALA A 107 45.68 -10.65 -11.63
CA ALA A 107 46.49 -10.53 -10.43
C ALA A 107 47.44 -11.72 -10.30
N GLU A 108 46.91 -12.92 -10.50
CA GLU A 108 47.73 -14.14 -10.49
C GLU A 108 48.80 -14.11 -11.56
N GLN A 109 48.48 -13.58 -12.75
CA GLN A 109 49.48 -13.40 -13.80
C GLN A 109 50.57 -12.45 -13.30
N LEU A 110 50.16 -11.31 -12.76
CA LEU A 110 51.09 -10.35 -12.15
C LEU A 110 51.96 -10.97 -11.07
N LEU A 111 51.38 -11.90 -10.30
CA LEU A 111 52.15 -12.63 -9.29
C LEU A 111 53.23 -13.50 -9.87
N ALA A 112 52.83 -14.43 -10.72
CA ALA A 112 53.74 -15.38 -11.37
C ALA A 112 54.89 -14.66 -12.09
N GLN A 113 54.61 -13.46 -12.62
CA GLN A 113 55.63 -12.62 -13.26
C GLN A 113 56.50 -11.80 -12.28
N GLY A 114 56.41 -12.06 -10.98
CA GLY A 114 57.11 -11.26 -9.96
C GLY A 114 56.85 -9.76 -9.98
N LYS A 115 55.71 -9.31 -10.50
CA LYS A 115 55.37 -7.87 -10.61
C LYS A 115 54.28 -7.45 -9.60
N ALA A 116 54.02 -8.35 -8.65
CA ALA A 116 53.09 -8.11 -7.57
C ALA A 116 53.38 -9.16 -6.52
N TYR A 117 53.18 -8.82 -5.25
CA TYR A 117 53.45 -9.74 -4.14
C TYR A 117 52.30 -9.78 -3.19
N TYR A 118 52.31 -10.78 -2.32
CA TYR A 118 51.42 -10.81 -1.17
C TYR A 118 52.10 -10.26 0.10
N ALA A 119 51.26 -9.76 1.01
CA ALA A 119 51.66 -9.28 2.34
C ALA A 119 50.56 -9.66 3.35
N TYR A 120 50.87 -9.65 4.63
CA TYR A 120 49.91 -10.13 5.62
C TYR A 120 49.79 -9.29 6.87
N GLU A 121 50.07 -8.00 6.75
CA GLU A 121 50.07 -7.11 7.90
C GLU A 121 48.63 -6.94 8.39
N THR A 122 48.42 -6.92 9.70
CA THR A 122 47.10 -6.64 10.27
C THR A 122 46.76 -5.15 10.22
N ARG A 123 45.46 -4.86 10.43
CA ARG A 123 44.95 -3.48 10.40
C ARG A 123 45.63 -2.72 11.52
N GLU A 124 45.91 -3.40 12.63
CA GLU A 124 46.70 -2.84 13.72
C GLU A 124 48.13 -2.52 13.26
N GLU A 125 48.78 -3.48 12.61
CA GLU A 125 50.12 -3.27 12.04
C GLU A 125 50.18 -2.08 11.09
N LEU A 126 49.18 -1.98 10.20
CA LEU A 126 49.08 -0.86 9.25
C LEU A 126 48.93 0.51 9.92
N ASP A 127 48.15 0.58 10.99
CA ASP A 127 48.01 1.81 11.78
C ASP A 127 49.35 2.25 12.38
N ALA A 128 50.10 1.27 12.91
CA ALA A 128 51.46 1.52 13.40
C ALA A 128 52.33 2.21 12.35
N MET A 129 52.15 1.85 11.08
CA MET A 129 52.89 2.45 9.97
C MET A 129 52.40 3.84 9.58
N ARG A 130 51.09 4.06 9.64
CA ARG A 130 50.51 5.40 9.46
C ARG A 130 50.94 6.33 10.59
N GLU A 131 51.02 5.77 11.80
CA GLU A 131 51.52 6.51 12.96
C GLU A 131 53.01 6.80 12.89
N ALA A 132 53.81 5.83 12.44
CA ALA A 132 55.25 6.02 12.22
C ALA A 132 55.59 6.93 11.02
N ALA A 133 54.69 7.00 10.05
CA ALA A 133 54.93 7.80 8.84
C ALA A 133 54.52 9.26 9.03
N MET A 134 53.34 9.50 9.63
CA MET A 134 52.83 10.87 9.82
C MET A 134 53.69 11.67 10.80
N ALA A 135 54.24 10.99 11.82
CA ALA A 135 55.10 11.64 12.82
C ALA A 135 56.40 12.25 12.23
N LYS A 136 56.93 11.65 11.16
CA LYS A 136 58.09 12.19 10.43
C LYS A 136 57.75 13.36 9.48
N GLN A 137 56.47 13.75 9.41
CA GLN A 137 55.97 14.71 8.41
C GLN A 137 56.11 14.18 6.97
N GLU A 138 56.01 12.85 6.83
CA GLU A 138 55.97 12.18 5.54
C GLU A 138 54.56 11.62 5.33
N LYS A 139 54.11 11.57 4.08
CA LYS A 139 52.76 11.11 3.72
C LYS A 139 52.71 9.58 3.84
N PRO A 140 51.75 9.01 4.63
CA PRO A 140 51.76 7.57 4.91
C PRO A 140 51.77 6.70 3.65
N ARG A 141 52.70 5.75 3.63
CA ARG A 141 52.81 4.73 2.61
C ARG A 141 52.75 3.38 3.31
N TYR A 142 52.68 2.31 2.51
CA TYR A 142 53.08 1.00 2.94
C TYR A 142 54.54 0.80 2.53
N ASP A 143 55.46 0.88 3.49
CA ASP A 143 56.85 0.47 3.27
C ASP A 143 56.91 -0.96 2.72
N GLY A 144 57.79 -1.20 1.76
CA GLY A 144 57.82 -2.50 1.06
C GLY A 144 58.35 -3.65 1.91
N ALA A 145 57.65 -3.94 3.00
CA ALA A 145 58.10 -4.90 4.02
C ALA A 145 57.95 -6.35 3.56
N ALA A 146 57.08 -6.61 2.61
CA ALA A 146 56.89 -7.96 2.08
C ALA A 146 57.20 -8.02 0.60
N ARG A 147 57.88 -7.01 0.07
CA ARG A 147 58.07 -6.90 -1.38
C ARG A 147 58.89 -8.04 -1.96
N GLU A 148 59.87 -8.49 -1.21
CA GLU A 148 60.65 -9.60 -1.69
C GLU A 148 60.64 -10.76 -0.72
N GLN A 149 59.65 -11.65 -0.85
CA GLN A 149 59.59 -12.81 0.01
C GLN A 149 58.48 -13.88 -0.17
N ASN A 150 57.80 -14.07 0.94
CA ASN A 150 56.78 -15.06 1.14
C ASN A 150 55.98 -15.37 -0.05
N LEU A 151 55.76 -16.65 -0.15
CA LEU A 151 54.84 -17.27 -1.06
C LEU A 151 53.74 -17.61 -0.11
N PRO A 152 52.98 -16.58 0.18
CA PRO A 152 51.94 -16.67 1.15
C PRO A 152 50.71 -17.37 0.72
N TYR A 153 49.63 -16.87 1.29
CA TYR A 153 48.43 -17.56 1.03
C TYR A 153 47.87 -18.15 2.29
N ARG A 154 46.57 -18.40 2.25
CA ARG A 154 45.85 -19.29 3.21
C ARG A 154 44.88 -18.56 4.13
N ASP A 155 45.05 -18.72 5.43
CA ASP A 155 44.21 -18.04 6.38
C ASP A 155 44.55 -16.57 6.30
N ASP A 156 45.00 -16.04 7.42
CA ASP A 156 45.37 -14.63 7.55
C ASP A 156 44.49 -13.78 6.61
N PRO A 157 43.21 -13.54 6.98
CA PRO A 157 42.34 -12.66 6.19
C PRO A 157 42.90 -11.28 5.90
N ASN A 158 44.08 -10.97 6.41
CA ASN A 158 44.84 -9.78 6.00
C ASN A 158 45.63 -10.00 4.70
N ARG A 159 45.48 -11.16 4.09
CA ARG A 159 46.13 -11.39 2.84
C ARG A 159 45.62 -10.40 1.85
N VAL A 160 46.55 -9.70 1.25
CA VAL A 160 46.37 -8.72 0.18
C VAL A 160 47.44 -8.95 -0.85
N ILE A 161 47.09 -8.76 -2.10
CA ILE A 161 48.06 -8.76 -3.19
C ILE A 161 48.41 -7.30 -3.43
N ARG A 162 49.70 -6.97 -3.40
CA ARG A 162 50.17 -5.61 -3.66
C ARG A 162 50.97 -5.55 -4.95
N PHE A 163 50.79 -4.44 -5.68
CA PHE A 163 51.52 -4.19 -6.93
C PHE A 163 52.89 -3.60 -6.63
N LYS A 164 53.93 -4.15 -7.26
CA LYS A 164 55.27 -3.56 -7.19
C LYS A 164 55.34 -2.26 -8.00
N ASN A 165 55.10 -1.13 -7.33
CA ASN A 165 55.19 0.15 -7.99
C ASN A 165 56.67 0.51 -8.13
N PRO A 166 57.14 0.86 -9.35
CA PRO A 166 58.52 1.32 -9.56
C PRO A 166 59.07 2.18 -8.42
N ILE A 167 60.25 1.81 -7.89
CA ILE A 167 60.87 2.52 -6.72
C ILE A 167 61.19 4.02 -6.92
N GLY A 168 61.82 4.36 -8.03
CA GLY A 168 62.30 5.70 -8.25
C GLY A 168 61.80 6.26 -9.57
N GLY A 169 62.21 7.49 -9.84
CA GLY A 169 61.87 8.17 -11.08
C GLY A 169 60.56 8.90 -10.93
N THR A 170 59.95 9.15 -12.08
CA THR A 170 58.61 9.73 -12.17
C THR A 170 57.77 9.01 -13.23
N VAL A 171 56.47 9.24 -13.15
CA VAL A 171 55.51 8.90 -14.20
C VAL A 171 54.90 10.23 -14.64
N VAL A 172 54.74 10.39 -15.95
CA VAL A 172 54.17 11.62 -16.49
C VAL A 172 53.17 11.31 -17.62
N PHE A 173 52.13 12.13 -17.72
CA PHE A 173 51.16 12.02 -18.81
C PHE A 173 50.68 13.40 -19.22
N ASP A 174 50.37 13.53 -20.52
CA ASP A 174 49.83 14.75 -21.09
C ASP A 174 48.31 14.68 -20.96
N ASP A 175 47.82 15.15 -19.83
CA ASP A 175 46.39 15.28 -19.63
C ASP A 175 45.90 16.27 -20.66
N LEU A 176 44.84 15.90 -21.39
CA LEU A 176 44.32 16.71 -22.49
C LEU A 176 43.74 18.06 -22.01
N ILE A 177 43.31 18.11 -20.75
CA ILE A 177 42.72 19.31 -20.14
C ILE A 177 43.77 20.05 -19.29
N LYS A 178 44.39 19.32 -18.36
CA LYS A 178 45.35 19.92 -17.40
C LYS A 178 46.83 19.91 -17.87
N GLY A 179 47.11 19.34 -19.05
CA GLY A 179 48.48 19.34 -19.62
C GLY A 179 49.39 18.27 -19.04
N ARG A 180 50.68 18.60 -18.91
CA ARG A 180 51.66 17.72 -18.28
C ARG A 180 51.37 17.64 -16.79
N ILE A 181 51.08 16.43 -16.31
CA ILE A 181 51.15 16.12 -14.89
C ILE A 181 52.32 15.16 -14.73
N GLU A 182 53.30 15.54 -13.89
CA GLU A 182 54.41 14.67 -13.46
C GLU A 182 54.27 14.41 -11.97
N ILE A 183 54.26 13.13 -11.59
CA ILE A 183 54.25 12.72 -10.17
C ILE A 183 55.38 11.68 -9.92
N ALA A 184 56.09 11.87 -8.80
CA ALA A 184 57.23 11.03 -8.43
C ALA A 184 56.84 9.65 -7.90
N ASN A 185 57.67 8.66 -8.18
CA ASN A 185 57.43 7.30 -7.73
C ASN A 185 57.62 7.14 -6.21
N SER A 186 58.45 7.99 -5.60
CA SER A 186 58.36 8.22 -4.16
C SER A 186 57.01 8.87 -3.89
N GLU A 187 56.36 8.52 -2.80
CA GLU A 187 54.98 8.97 -2.50
C GLU A 187 53.88 8.27 -3.34
N LEU A 188 54.24 7.21 -4.05
CA LEU A 188 53.29 6.27 -4.59
C LEU A 188 53.74 4.92 -4.05
N ASP A 189 52.98 4.36 -3.12
CA ASP A 189 53.32 3.07 -2.51
C ASP A 189 52.85 1.85 -3.32
N ASP A 190 53.24 0.68 -2.82
CA ASP A 190 52.78 -0.59 -3.38
C ASP A 190 51.31 -0.87 -2.98
N MET A 191 50.39 -0.30 -3.76
CA MET A 191 48.95 -0.47 -3.54
C MET A 191 48.48 -1.93 -3.54
N VAL A 192 47.42 -2.17 -2.77
CA VAL A 192 46.68 -3.43 -2.82
C VAL A 192 45.93 -3.42 -4.12
N ILE A 193 45.98 -4.54 -4.83
CA ILE A 193 45.30 -4.71 -6.10
C ILE A 193 44.21 -5.79 -6.07
N PHE A 194 44.32 -6.77 -5.16
CA PHE A 194 43.32 -7.81 -4.97
C PHE A 194 43.05 -8.09 -3.48
N ARG A 195 41.77 -8.17 -3.12
CA ARG A 195 41.33 -8.25 -1.71
C ARG A 195 41.21 -9.69 -1.20
N PRO A 196 41.10 -9.86 0.14
CA PRO A 196 40.80 -11.20 0.70
C PRO A 196 39.41 -11.76 0.34
N ASP A 197 38.45 -10.89 -0.01
CA ASP A 197 37.09 -11.31 -0.41
C ASP A 197 36.96 -11.64 -1.91
N GLY A 198 38.08 -11.89 -2.59
CA GLY A 198 38.06 -12.28 -4.02
C GLY A 198 37.67 -11.19 -4.99
N LEU A 199 37.97 -9.94 -4.65
CA LEU A 199 37.53 -8.76 -5.41
C LEU A 199 38.70 -7.76 -5.59
N PRO A 200 38.78 -7.11 -6.77
CA PRO A 200 39.87 -6.17 -7.01
C PRO A 200 39.71 -4.85 -6.26
N THR A 201 40.84 -4.22 -5.95
CA THR A 201 40.85 -2.83 -5.56
C THR A 201 40.40 -2.01 -6.77
N TYR A 202 39.90 -0.81 -6.51
CA TYR A 202 39.37 0.04 -7.55
C TYR A 202 40.38 0.17 -8.66
N ASN A 203 41.58 0.66 -8.33
CA ASN A 203 42.62 1.03 -9.31
C ASN A 203 43.05 -0.07 -10.27
N PHE A 204 43.14 -1.30 -9.78
CA PHE A 204 43.50 -2.44 -10.60
C PHE A 204 42.42 -2.69 -11.65
N ALA A 205 41.18 -2.77 -11.18
CA ALA A 205 40.02 -3.08 -12.02
C ALA A 205 39.83 -2.11 -13.19
N VAL A 206 39.89 -0.80 -12.92
CA VAL A 206 39.76 0.19 -14.00
C VAL A 206 40.83 -0.02 -15.07
N VAL A 207 42.04 -0.41 -14.66
CA VAL A 207 43.11 -0.74 -15.61
C VAL A 207 42.77 -2.03 -16.32
N VAL A 208 42.34 -3.05 -15.59
CA VAL A 208 42.00 -4.32 -16.21
C VAL A 208 40.84 -4.13 -17.17
N ASP A 209 39.86 -3.31 -16.76
CA ASP A 209 38.69 -2.94 -17.59
C ASP A 209 39.07 -2.12 -18.83
N ASP A 210 39.71 -0.98 -18.62
CA ASP A 210 40.10 -0.11 -19.72
C ASP A 210 40.89 -0.89 -20.78
N TRP A 211 41.87 -1.66 -20.33
CA TRP A 211 42.72 -2.45 -21.22
C TRP A 211 41.97 -3.54 -21.98
N ASP A 212 41.23 -4.39 -21.25
CA ASP A 212 40.37 -5.43 -21.86
C ASP A 212 39.31 -4.88 -22.82
N MET A 213 38.88 -3.64 -22.61
CA MET A 213 37.89 -2.98 -23.46
C MET A 213 38.51 -1.99 -24.47
N GLY A 214 39.83 -2.03 -24.64
CA GLY A 214 40.51 -1.21 -25.63
C GLY A 214 40.39 0.30 -25.48
N ILE A 215 40.17 0.77 -24.27
CA ILE A 215 39.85 2.18 -24.06
C ILE A 215 41.10 3.02 -24.40
N THR A 216 40.87 4.06 -25.19
CA THR A 216 41.91 4.94 -25.75
C THR A 216 41.95 6.35 -25.16
N GLU A 217 40.85 6.71 -24.49
CA GLU A 217 40.66 8.05 -24.00
C GLU A 217 39.81 7.92 -22.78
N VAL A 218 40.38 8.20 -21.62
CA VAL A 218 39.71 7.98 -20.35
C VAL A 218 39.30 9.33 -19.75
N ILE A 219 38.07 9.73 -19.99
CA ILE A 219 37.57 11.03 -19.56
C ILE A 219 36.92 10.86 -18.22
N ARG A 220 37.42 11.57 -17.20
CA ARG A 220 36.89 11.47 -15.82
C ARG A 220 37.08 12.74 -15.01
N GLY A 221 36.40 12.84 -13.88
CA GLY A 221 36.61 13.95 -12.94
C GLY A 221 38.01 14.00 -12.33
N ASP A 222 38.38 15.17 -11.80
CA ASP A 222 39.74 15.44 -11.34
C ASP A 222 40.12 14.96 -9.91
N ASP A 223 39.26 14.15 -9.29
CA ASP A 223 39.62 13.47 -8.02
C ASP A 223 40.63 12.37 -8.34
N HIS A 224 40.38 11.68 -9.45
CA HIS A 224 41.16 10.53 -9.83
C HIS A 224 42.53 10.89 -10.47
N ILE A 225 42.81 12.18 -10.62
CA ILE A 225 44.10 12.65 -11.15
C ILE A 225 45.31 12.09 -10.37
N ASN A 226 45.15 11.95 -9.05
CA ASN A 226 46.16 11.37 -8.18
C ASN A 226 46.34 9.86 -8.44
N ASN A 227 45.25 9.18 -8.79
CA ASN A 227 45.29 7.76 -9.19
C ASN A 227 45.95 7.49 -10.54
N THR A 228 45.78 8.40 -11.52
CA THR A 228 46.24 8.13 -12.90
C THR A 228 47.65 7.53 -12.95
N PRO A 229 48.64 8.14 -12.27
CA PRO A 229 50.00 7.58 -12.31
C PRO A 229 50.13 6.13 -11.84
N ARG A 230 49.34 5.76 -10.84
CA ARG A 230 49.31 4.39 -10.35
C ARG A 230 48.80 3.44 -11.44
N GLN A 231 47.67 3.81 -12.01
CA GLN A 231 47.08 3.09 -13.14
C GLN A 231 48.04 3.00 -14.34
N ILE A 232 48.81 4.07 -14.57
CA ILE A 232 49.81 4.10 -15.64
C ILE A 232 50.90 3.07 -15.37
N ASN A 233 51.41 3.06 -14.14
CA ASN A 233 52.44 2.09 -13.77
C ASN A 233 51.90 0.65 -13.88
N ILE A 234 50.61 0.41 -13.59
CA ILE A 234 50.01 -0.94 -13.77
C ILE A 234 49.87 -1.30 -15.25
N TYR A 235 49.51 -0.33 -16.10
CA TYR A 235 49.47 -0.54 -17.55
C TYR A 235 50.86 -1.00 -18.01
N ALA A 236 51.89 -0.31 -17.50
CA ALA A 236 53.28 -0.54 -17.91
C ALA A 236 53.73 -1.95 -17.57
N ALA A 237 53.49 -2.36 -16.34
CA ALA A 237 53.81 -3.72 -15.94
C ALA A 237 53.03 -4.68 -16.82
N LEU A 238 51.78 -4.35 -17.13
CA LEU A 238 50.93 -5.25 -17.93
C LEU A 238 51.37 -5.38 -19.39
N GLY A 239 52.11 -4.41 -19.90
CA GLY A 239 52.50 -4.41 -21.31
C GLY A 239 51.32 -4.03 -22.19
N ALA A 240 50.61 -2.99 -21.74
CA ALA A 240 49.34 -2.54 -22.33
C ALA A 240 49.45 -1.07 -22.79
N PRO A 241 48.76 -0.69 -23.88
CA PRO A 241 48.81 0.71 -24.31
C PRO A 241 48.24 1.66 -23.26
N VAL A 242 48.98 2.69 -22.86
CA VAL A 242 48.42 3.71 -21.93
C VAL A 242 47.44 4.68 -22.64
N PRO A 243 46.16 4.72 -22.19
CA PRO A 243 45.23 5.73 -22.71
C PRO A 243 45.68 7.18 -22.56
N LYS A 244 45.00 8.06 -23.29
CA LYS A 244 45.06 9.48 -23.04
C LYS A 244 44.11 9.75 -21.91
N PHE A 245 44.45 10.66 -21.02
CA PHE A 245 43.58 10.98 -19.89
C PHE A 245 43.05 12.40 -20.07
N ALA A 246 41.82 12.61 -19.61
CA ALA A 246 41.22 13.93 -19.66
C ALA A 246 40.50 14.13 -18.34
N HIS A 247 41.04 15.04 -17.52
CA HIS A 247 40.58 15.23 -16.14
C HIS A 247 39.97 16.63 -16.00
N MET A 248 38.73 16.67 -15.56
CA MET A 248 37.91 17.88 -15.63
C MET A 248 37.46 18.28 -14.23
N PRO A 249 37.41 19.59 -13.95
CA PRO A 249 36.90 20.04 -12.67
C PRO A 249 35.40 19.83 -12.56
N MET A 250 34.99 19.01 -11.60
CA MET A 250 33.59 18.64 -11.47
C MET A 250 32.77 19.83 -11.00
N ILE A 251 31.45 19.70 -11.14
CA ILE A 251 30.55 20.83 -11.24
C ILE A 251 30.25 21.38 -9.85
N LEU A 252 30.02 22.69 -9.80
CA LEU A 252 29.72 23.41 -8.57
C LEU A 252 28.21 23.60 -8.37
N ASP A 253 27.77 23.45 -7.12
CA ASP A 253 26.42 23.79 -6.67
C ASP A 253 26.04 25.21 -7.06
N GLU A 254 24.74 25.42 -7.28
CA GLU A 254 24.24 26.72 -7.71
C GLU A 254 24.65 27.83 -6.75
N GLN A 255 24.68 27.53 -5.46
CA GLN A 255 25.16 28.47 -4.44
C GLN A 255 26.68 28.63 -4.51
N GLY A 256 27.40 27.51 -4.59
CA GLY A 256 28.86 27.51 -4.59
C GLY A 256 29.53 26.24 -4.08
N THR A 257 28.85 25.49 -3.20
CA THR A 257 29.32 24.15 -2.75
C THR A 257 29.63 23.28 -3.96
N LYS A 258 30.51 22.30 -3.83
CA LYS A 258 30.77 21.37 -4.94
C LYS A 258 29.59 20.39 -5.02
N LEU A 259 29.20 20.01 -6.24
CA LEU A 259 28.03 19.11 -6.44
C LEU A 259 28.46 17.65 -6.49
N SER A 260 27.73 16.85 -5.73
CA SER A 260 28.18 15.52 -5.31
C SER A 260 26.99 14.70 -4.83
N LYS A 261 27.20 13.40 -4.66
CA LYS A 261 26.09 12.46 -4.38
C LYS A 261 25.67 12.54 -2.91
N ARG A 262 26.64 12.83 -2.03
CA ARG A 262 26.38 13.04 -0.59
C ARG A 262 25.57 14.33 -0.34
N THR A 263 25.95 15.44 -1.00
CA THR A 263 25.12 16.66 -1.00
C THR A 263 23.87 16.39 -1.87
N GLY A 264 22.76 17.05 -1.58
CA GLY A 264 21.46 16.74 -2.20
C GLY A 264 21.44 16.99 -3.70
N ALA A 265 22.05 16.08 -4.44
CA ALA A 265 22.40 16.33 -5.85
C ALA A 265 21.21 16.31 -6.79
N ALA A 266 21.37 17.03 -7.89
CA ALA A 266 20.39 17.03 -8.95
C ALA A 266 20.47 15.69 -9.68
N ASP A 267 19.37 14.94 -9.60
CA ASP A 267 19.15 13.74 -10.40
C ASP A 267 18.69 14.19 -11.79
N VAL A 268 19.21 13.57 -12.86
CA VAL A 268 18.81 13.98 -14.24
C VAL A 268 17.36 13.69 -14.54
N MET A 269 16.84 12.59 -14.01
CA MET A 269 15.44 12.23 -14.16
C MET A 269 14.48 13.25 -13.52
N GLN A 270 14.93 14.00 -12.51
CA GLN A 270 14.10 15.09 -11.95
C GLN A 270 13.91 16.22 -12.96
N TYR A 271 14.83 16.33 -13.92
CA TYR A 271 14.67 17.27 -15.00
C TYR A 271 13.69 16.79 -16.07
N LYS A 272 13.53 15.47 -16.24
CA LYS A 272 12.47 14.96 -17.11
C LYS A 272 11.09 15.28 -16.53
N ASP A 273 10.96 15.15 -15.21
CA ASP A 273 9.68 15.33 -14.52
C ASP A 273 9.36 16.79 -14.28
N ALA A 274 10.40 17.58 -14.04
CA ALA A 274 10.25 19.04 -14.04
C ALA A 274 9.78 19.52 -15.41
N GLY A 275 10.07 18.71 -16.43
CA GLY A 275 9.56 18.89 -17.79
C GLY A 275 10.43 19.82 -18.59
N TYR A 276 11.75 19.68 -18.45
CA TYR A 276 12.71 20.34 -19.33
C TYR A 276 12.90 19.41 -20.52
N LEU A 277 13.17 19.98 -21.70
CA LEU A 277 13.45 19.15 -22.87
C LEU A 277 14.82 18.49 -22.72
N PRO A 278 14.97 17.26 -23.24
CA PRO A 278 16.22 16.52 -23.03
C PRO A 278 17.40 17.24 -23.66
N HIS A 279 17.29 17.57 -24.94
CA HIS A 279 18.37 18.29 -25.61
C HIS A 279 18.67 19.63 -24.95
N ALA A 280 17.64 20.36 -24.52
CA ALA A 280 17.84 21.61 -23.75
C ALA A 280 18.84 21.41 -22.60
N LEU A 281 18.70 20.26 -21.94
CA LEU A 281 19.59 19.90 -20.84
C LEU A 281 20.98 19.53 -21.34
N ILE A 282 21.14 18.68 -22.38
CA ILE A 282 22.51 18.35 -22.85
C ILE A 282 23.24 19.56 -23.44
N ASN A 283 22.49 20.46 -24.07
CA ASN A 283 22.99 21.81 -24.38
C ASN A 283 23.44 22.54 -23.11
N TYR A 284 22.55 22.59 -22.13
CA TYR A 284 22.86 23.20 -20.85
C TYR A 284 24.10 22.61 -20.19
N LEU A 285 24.17 21.28 -20.18
CA LEU A 285 25.32 20.54 -19.64
C LEU A 285 26.59 20.84 -20.42
N ALA A 286 26.53 20.66 -21.73
CA ALA A 286 27.70 20.90 -22.56
C ALA A 286 28.38 22.22 -22.18
N ARG A 287 27.57 23.27 -22.00
CA ARG A 287 28.06 24.63 -21.72
C ARG A 287 28.69 24.83 -20.33
N LEU A 288 28.43 23.91 -19.41
CA LEU A 288 29.16 23.86 -18.16
C LEU A 288 30.55 23.26 -18.46
N GLY A 289 31.55 24.13 -18.44
CA GLY A 289 32.94 23.75 -18.54
C GLY A 289 33.45 23.60 -19.95
N TRP A 290 32.73 24.14 -20.93
CA TRP A 290 33.14 24.11 -22.35
C TRP A 290 32.43 25.20 -23.12
N SER A 291 33.07 25.73 -24.15
CA SER A 291 32.54 26.88 -24.89
C SER A 291 33.10 26.95 -26.29
N HIS A 292 32.43 27.73 -27.14
CA HIS A 292 32.84 27.92 -28.55
C HIS A 292 32.70 29.39 -28.88
N GLY A 293 33.59 30.16 -28.27
CA GLY A 293 33.56 31.61 -28.37
C GLY A 293 32.32 32.14 -27.68
N ASP A 294 31.44 32.74 -28.47
CA ASP A 294 30.22 33.39 -27.98
C ASP A 294 28.94 32.51 -28.13
N GLN A 295 29.05 31.30 -28.68
CA GLN A 295 27.87 30.49 -29.02
C GLN A 295 27.30 29.78 -27.77
N GLU A 296 26.00 29.97 -27.52
CA GLU A 296 25.30 29.41 -26.35
C GLU A 296 24.32 28.26 -26.67
N LEU A 297 23.84 28.17 -27.91
CA LEU A 297 22.87 27.17 -28.34
C LEU A 297 23.46 26.33 -29.46
N PHE A 298 23.60 25.03 -29.22
CA PHE A 298 24.11 24.09 -30.20
C PHE A 298 23.03 23.06 -30.47
N THR A 299 22.87 22.71 -31.73
CA THR A 299 22.13 21.52 -32.15
C THR A 299 22.95 20.26 -31.86
N PRO A 300 22.31 19.07 -31.92
CA PRO A 300 23.07 17.82 -31.83
C PRO A 300 24.27 17.72 -32.78
N GLN A 301 24.19 18.35 -33.96
CA GLN A 301 25.28 18.34 -34.94
C GLN A 301 26.34 19.36 -34.57
N GLU A 302 25.89 20.58 -34.30
CA GLU A 302 26.82 21.61 -33.85
C GLU A 302 27.73 21.09 -32.72
N LEU A 303 27.20 20.26 -31.81
CA LEU A 303 28.04 19.66 -30.77
C LEU A 303 28.97 18.58 -31.29
N LEU A 304 28.51 17.71 -32.18
CA LEU A 304 29.42 16.72 -32.79
C LEU A 304 30.57 17.39 -33.53
N ASP A 305 30.25 18.43 -34.31
CA ASP A 305 31.23 19.10 -35.17
C ASP A 305 32.20 20.04 -34.41
N LEU A 306 31.70 20.72 -33.38
CA LEU A 306 32.48 21.72 -32.67
C LEU A 306 33.13 21.26 -31.36
N PHE A 307 32.55 20.28 -30.67
CA PHE A 307 33.10 19.83 -29.39
C PHE A 307 34.50 19.21 -29.54
N ASP A 308 35.41 19.62 -28.65
CA ASP A 308 36.67 18.94 -28.39
C ASP A 308 36.86 18.83 -26.87
N VAL A 309 37.25 17.63 -26.39
CA VAL A 309 37.46 17.42 -24.94
C VAL A 309 38.73 18.11 -24.45
N LYS A 310 39.69 18.35 -25.35
CA LYS A 310 40.80 19.26 -25.06
C LYS A 310 40.26 20.56 -24.48
N ASP A 311 39.33 21.15 -25.20
CA ASP A 311 38.95 22.55 -24.98
C ASP A 311 38.02 22.78 -23.78
N VAL A 312 37.99 21.88 -22.79
CA VAL A 312 37.12 22.10 -21.61
C VAL A 312 37.88 22.97 -20.62
N ASN A 313 37.16 23.89 -19.99
CA ASN A 313 37.75 24.99 -19.23
C ASN A 313 38.34 24.41 -17.95
N SER A 314 39.56 24.83 -17.63
CA SER A 314 40.32 24.26 -16.49
C SER A 314 39.73 24.62 -15.13
N LYS A 315 38.90 25.68 -15.06
CA LYS A 315 38.16 26.01 -13.85
C LYS A 315 36.74 25.44 -13.89
N ALA A 316 36.25 25.06 -12.73
CA ALA A 316 34.96 24.40 -12.59
C ALA A 316 33.83 25.31 -13.01
N ALA A 317 32.88 24.74 -13.75
CA ALA A 317 31.64 25.45 -14.09
C ALA A 317 30.62 25.28 -12.97
N ARG A 318 29.71 26.24 -12.89
CA ARG A 318 28.69 26.28 -11.85
C ARG A 318 27.29 26.17 -12.48
N LEU A 319 26.35 25.62 -11.70
CA LEU A 319 24.94 25.60 -12.10
C LEU A 319 24.31 26.99 -12.11
N ASP A 320 23.26 27.10 -12.93
CA ASP A 320 22.53 28.34 -13.16
C ASP A 320 21.17 27.87 -13.72
N MET A 321 20.27 27.50 -12.80
CA MET A 321 18.95 27.02 -13.17
C MET A 321 18.17 28.08 -13.96
N ALA A 322 18.51 29.35 -13.74
CA ALA A 322 18.05 30.47 -14.59
C ALA A 322 18.40 30.26 -16.07
N LYS A 323 19.67 29.98 -16.36
CA LYS A 323 20.11 29.69 -17.73
C LYS A 323 19.36 28.52 -18.32
N LEU A 324 19.29 27.41 -17.58
CA LEU A 324 18.54 26.24 -18.03
C LEU A 324 17.12 26.63 -18.45
N GLY A 325 16.44 27.40 -17.60
CA GLY A 325 15.08 27.88 -17.88
C GLY A 325 14.93 28.58 -19.22
N TRP A 326 15.90 29.42 -19.57
CA TRP A 326 15.89 30.16 -20.83
C TRP A 326 16.02 29.23 -22.04
N VAL A 327 17.12 28.49 -22.10
CA VAL A 327 17.41 27.62 -23.25
C VAL A 327 16.30 26.54 -23.46
N ASN A 328 15.70 26.08 -22.35
CA ASN A 328 14.51 25.22 -22.38
C ASN A 328 13.35 25.91 -23.11
N GLN A 329 13.12 27.19 -22.78
CA GLN A 329 12.12 28.00 -23.50
C GLN A 329 12.48 28.20 -24.97
N HIS A 330 13.74 28.53 -25.28
CA HIS A 330 14.14 28.65 -26.68
C HIS A 330 13.76 27.41 -27.44
N TYR A 331 14.15 26.25 -26.95
CA TYR A 331 13.77 25.02 -27.64
C TYR A 331 12.26 24.71 -27.60
N LEU A 332 11.57 25.08 -26.52
CA LEU A 332 10.10 25.01 -26.48
C LEU A 332 9.49 25.83 -27.61
N LYS A 333 9.96 27.07 -27.71
CA LYS A 333 9.53 28.00 -28.76
C LYS A 333 9.96 27.49 -30.16
N THR A 334 11.25 27.21 -30.34
CA THR A 334 11.87 26.95 -31.65
C THR A 334 11.74 25.53 -32.22
N ASP A 335 11.64 24.49 -31.39
CA ASP A 335 11.58 23.11 -31.91
C ASP A 335 10.26 22.83 -32.63
N ASP A 336 10.27 21.79 -33.46
CA ASP A 336 9.06 21.26 -34.07
C ASP A 336 8.10 20.86 -32.95
N PRO A 337 6.84 21.38 -32.96
CA PRO A 337 5.90 20.96 -31.92
C PRO A 337 5.64 19.46 -31.90
N ALA A 338 5.79 18.77 -33.03
CA ALA A 338 5.70 17.30 -33.09
C ALA A 338 6.79 16.59 -32.29
N SER A 339 7.98 17.19 -32.25
CA SER A 339 9.08 16.74 -31.40
C SER A 339 8.72 16.87 -29.91
N ILE A 340 8.00 17.94 -29.58
CA ILE A 340 7.58 18.24 -28.20
C ILE A 340 6.28 17.51 -27.80
N ALA A 341 5.39 17.27 -28.77
CA ALA A 341 4.09 16.59 -28.54
C ALA A 341 4.14 15.39 -27.57
N PRO A 342 5.01 14.39 -27.84
CA PRO A 342 4.99 13.21 -26.99
C PRO A 342 5.51 13.47 -25.57
N GLN A 343 6.35 14.50 -25.41
CA GLN A 343 6.88 14.86 -24.10
C GLN A 343 5.87 15.60 -23.25
N LEU A 344 5.05 16.42 -23.90
CA LEU A 344 3.91 16.98 -23.22
C LEU A 344 2.99 15.85 -22.78
N GLU A 345 2.75 14.88 -23.65
CA GLU A 345 1.89 13.73 -23.33
C GLU A 345 2.42 12.94 -22.09
N TYR A 346 3.74 12.98 -21.85
CA TYR A 346 4.32 12.50 -20.58
C TYR A 346 3.82 13.29 -19.36
N GLN A 347 3.92 14.62 -19.43
CA GLN A 347 3.47 15.49 -18.32
C GLN A 347 1.96 15.52 -18.16
N LEU A 348 1.24 15.35 -19.27
CA LEU A 348 -0.22 15.37 -19.28
C LEU A 348 -0.77 14.11 -18.65
N ALA A 349 -0.24 12.97 -19.11
CA ALA A 349 -0.60 11.66 -18.56
C ALA A 349 -0.40 11.55 -17.04
N LYS A 350 0.64 12.19 -16.50
CA LYS A 350 0.86 12.25 -15.05
C LYS A 350 -0.36 12.78 -14.27
N LEU A 351 -1.08 13.76 -14.83
CA LEU A 351 -2.18 14.44 -14.14
C LEU A 351 -3.52 13.70 -14.18
N GLY A 352 -3.55 12.52 -14.80
CA GLY A 352 -4.75 11.68 -14.86
C GLY A 352 -5.59 11.90 -16.11
N VAL A 353 -5.02 12.59 -17.09
CA VAL A 353 -5.77 13.03 -18.26
C VAL A 353 -6.03 11.91 -19.25
N ASP A 354 -7.26 11.86 -19.79
CA ASP A 354 -7.58 11.01 -20.95
C ASP A 354 -7.30 11.87 -22.17
N LEU A 355 -6.20 11.56 -22.85
CA LEU A 355 -5.66 12.43 -23.89
C LEU A 355 -6.45 12.30 -25.19
N ALA A 356 -6.75 11.06 -25.56
CA ALA A 356 -7.57 10.75 -26.74
C ALA A 356 -8.82 11.61 -26.87
N ALA A 357 -9.39 12.05 -25.74
CA ALA A 357 -10.52 12.99 -25.73
C ALA A 357 -10.06 14.41 -25.33
N GLY A 358 -9.20 14.99 -26.17
CA GLY A 358 -8.77 16.39 -26.05
C GLY A 358 -8.07 16.85 -27.30
N PRO A 359 -7.46 18.06 -27.28
CA PRO A 359 -6.67 18.49 -28.46
C PRO A 359 -5.38 17.72 -28.66
N ALA A 360 -4.75 17.94 -29.82
CA ALA A 360 -3.45 17.38 -30.11
C ALA A 360 -2.39 18.12 -29.28
N ALA A 361 -1.40 17.37 -28.80
CA ALA A 361 -0.39 17.94 -27.92
C ALA A 361 0.32 19.07 -28.66
N ALA A 362 0.71 18.80 -29.90
CA ALA A 362 1.36 19.80 -30.75
C ALA A 362 0.57 21.11 -30.86
N ASP A 363 -0.75 21.00 -31.05
CA ASP A 363 -1.62 22.19 -31.12
C ASP A 363 -1.59 22.97 -29.82
N VAL A 364 -1.44 22.26 -28.70
CA VAL A 364 -1.28 22.90 -27.38
C VAL A 364 0.09 23.60 -27.29
N VAL A 365 1.15 22.89 -27.70
CA VAL A 365 2.50 23.45 -27.74
C VAL A 365 2.47 24.84 -28.35
N VAL A 366 1.95 24.92 -29.57
CA VAL A 366 1.86 26.17 -30.33
C VAL A 366 1.18 27.25 -29.49
N ALA A 367 0.06 26.93 -28.85
CA ALA A 367 -0.66 27.91 -28.05
C ALA A 367 0.15 28.40 -26.83
N LEU A 368 0.77 27.47 -26.09
CA LEU A 368 1.34 27.77 -24.75
C LEU A 368 2.88 28.00 -24.66
N ARG A 369 3.62 27.56 -25.69
CA ARG A 369 5.11 27.56 -25.67
C ARG A 369 5.82 28.88 -25.38
N GLU A 370 5.14 29.99 -25.66
CA GLU A 370 5.64 31.33 -25.36
C GLU A 370 5.12 31.85 -24.02
N ARG A 371 4.27 31.08 -23.35
CA ARG A 371 3.70 31.49 -22.06
C ARG A 371 4.26 30.69 -20.90
N VAL A 372 4.94 29.59 -21.19
CA VAL A 372 5.39 28.65 -20.17
C VAL A 372 6.88 28.40 -20.26
N HIS A 373 7.50 28.16 -19.09
CA HIS A 373 8.92 27.84 -18.98
C HIS A 373 9.27 26.33 -18.91
N THR A 374 8.31 25.48 -18.51
CA THR A 374 8.50 24.01 -18.44
C THR A 374 7.28 23.25 -19.02
N LEU A 375 7.47 21.99 -19.41
CA LEU A 375 6.35 21.16 -19.90
C LEU A 375 5.35 20.81 -18.81
N LYS A 376 5.80 20.82 -17.55
CA LYS A 376 4.89 20.60 -16.40
C LYS A 376 4.05 21.84 -16.17
N GLU A 377 4.64 23.01 -16.36
CA GLU A 377 3.85 24.23 -16.36
C GLU A 377 2.79 24.13 -17.48
N MET A 378 3.20 23.62 -18.65
CA MET A 378 2.31 23.56 -19.81
C MET A 378 1.10 22.67 -19.58
N ALA A 379 1.33 21.44 -19.14
CA ALA A 379 0.25 20.49 -18.87
C ALA A 379 -0.73 21.02 -17.82
N GLU A 380 -0.21 21.66 -16.77
CA GLU A 380 -1.03 22.27 -15.72
C GLU A 380 -1.96 23.34 -16.27
N LYS A 381 -1.42 24.13 -17.19
CA LYS A 381 -2.17 25.20 -17.87
C LYS A 381 -3.06 24.70 -19.00
N ALA A 382 -2.73 23.54 -19.59
CA ALA A 382 -3.53 22.93 -20.65
C ALA A 382 -4.63 21.95 -20.20
N VAL A 383 -4.69 21.56 -18.92
CA VAL A 383 -5.70 20.53 -18.51
C VAL A 383 -7.13 20.96 -18.80
N VAL A 384 -7.42 22.26 -18.64
CA VAL A 384 -8.74 22.84 -18.94
C VAL A 384 -9.35 22.37 -20.31
N TRP A 385 -8.49 22.18 -21.31
CA TRP A 385 -8.85 21.63 -22.64
C TRP A 385 -9.20 20.15 -22.61
N TYR A 386 -8.59 19.42 -21.69
CA TYR A 386 -8.55 17.97 -21.75
C TYR A 386 -9.56 17.25 -20.86
N GLN A 387 -10.37 18.02 -20.15
CA GLN A 387 -11.39 17.49 -19.24
C GLN A 387 -12.58 18.45 -19.30
N PRO A 388 -13.73 18.04 -18.74
CA PRO A 388 -14.87 18.96 -18.67
C PRO A 388 -14.64 20.23 -17.87
N LEU A 389 -15.61 21.13 -17.96
CA LEU A 389 -15.55 22.44 -17.34
C LEU A 389 -16.41 22.42 -16.08
N GLU A 390 -15.88 21.80 -15.03
CA GLU A 390 -16.65 21.64 -13.79
C GLU A 390 -16.75 22.95 -12.98
N THR A 391 -15.70 23.75 -12.89
CA THR A 391 -15.70 24.96 -12.01
C THR A 391 -15.46 26.27 -12.73
N TYR A 392 -16.05 27.36 -12.23
CA TYR A 392 -15.84 28.71 -12.76
C TYR A 392 -15.26 29.58 -11.65
N ASP A 393 -14.31 30.43 -12.01
CA ASP A 393 -13.77 31.42 -11.08
C ASP A 393 -14.84 32.49 -10.86
N ALA A 394 -15.22 32.75 -9.60
CA ALA A 394 -16.34 33.69 -9.33
C ALA A 394 -16.10 35.06 -9.89
N ALA A 395 -14.89 35.57 -9.69
CA ALA A 395 -14.50 36.84 -10.29
C ALA A 395 -14.84 36.86 -11.81
N ALA A 396 -14.38 35.87 -12.54
CA ALA A 396 -14.57 35.86 -14.00
C ALA A 396 -16.03 35.75 -14.43
N VAL A 397 -16.92 35.21 -13.62
CA VAL A 397 -18.32 35.14 -14.04
C VAL A 397 -18.99 36.48 -13.93
N MET A 398 -18.46 37.33 -13.09
CA MET A 398 -18.91 38.69 -13.06
C MET A 398 -18.24 39.38 -14.24
N LYS A 399 -18.36 38.69 -15.36
CA LYS A 399 -18.17 39.15 -16.72
C LYS A 399 -19.17 38.39 -17.58
N HIS A 400 -20.30 38.01 -16.96
CA HIS A 400 -21.49 37.54 -17.59
C HIS A 400 -22.46 38.51 -17.04
N LEU A 401 -21.95 39.25 -16.08
CA LEU A 401 -22.74 40.11 -15.22
C LEU A 401 -23.86 40.67 -16.00
N LYS A 402 -23.54 41.43 -17.03
CA LYS A 402 -24.61 41.97 -17.82
C LYS A 402 -25.31 40.74 -18.29
N LEU A 403 -26.50 41.00 -18.80
CA LEU A 403 -27.16 40.12 -19.67
C LEU A 403 -26.31 40.25 -20.88
N GLY A 404 -26.11 41.48 -21.31
CA GLY A 404 -25.30 41.74 -22.49
C GLY A 404 -23.98 41.02 -22.46
N ALA A 405 -24.03 39.72 -22.27
CA ALA A 405 -22.92 38.86 -22.40
C ALA A 405 -23.59 37.77 -23.15
N GLU A 406 -24.84 37.58 -22.83
CA GLU A 406 -25.60 36.55 -23.57
C GLU A 406 -25.59 36.80 -25.07
N VAL A 407 -25.56 38.07 -25.47
CA VAL A 407 -25.74 38.44 -26.88
C VAL A 407 -24.48 38.09 -27.70
N PRO A 408 -23.28 38.56 -27.27
CA PRO A 408 -22.01 38.18 -27.93
C PRO A 408 -21.72 36.68 -27.96
N LEU A 409 -21.97 36.00 -26.86
CA LEU A 409 -21.83 34.54 -26.77
C LEU A 409 -22.76 33.80 -27.72
N GLY A 410 -24.00 34.24 -27.80
CA GLY A 410 -24.96 33.68 -28.75
C GLY A 410 -24.46 33.84 -30.18
N LYS A 411 -23.95 35.04 -30.48
CA LYS A 411 -23.36 35.32 -31.80
C LYS A 411 -22.12 34.50 -32.10
N ALA A 412 -21.23 34.40 -31.10
CA ALA A 412 -20.03 33.56 -31.21
C ALA A 412 -20.49 32.19 -31.59
N ARG A 413 -21.39 31.64 -30.77
CA ARG A 413 -21.96 30.32 -30.98
C ARG A 413 -22.53 30.08 -32.41
N GLU A 414 -23.38 31.01 -32.87
CA GLU A 414 -23.97 30.95 -34.22
C GLU A 414 -22.89 30.66 -35.24
N LEU A 415 -21.89 31.53 -35.27
CA LEU A 415 -20.83 31.48 -36.27
C LEU A 415 -19.78 30.41 -35.99
N LEU A 416 -19.51 30.09 -34.72
CA LEU A 416 -18.60 28.99 -34.40
C LEU A 416 -19.08 27.66 -35.02
N ALA A 417 -20.36 27.55 -35.43
CA ALA A 417 -20.74 26.60 -36.50
C ALA A 417 -20.16 27.09 -37.86
N ALA A 418 -18.81 27.03 -37.93
CA ALA A 418 -17.97 27.50 -39.03
C ALA A 418 -17.85 26.39 -40.06
N VAL A 419 -17.31 26.67 -41.23
CA VAL A 419 -17.04 25.61 -42.25
C VAL A 419 -16.28 24.43 -41.64
N ASP A 420 -16.45 23.24 -42.22
CA ASP A 420 -15.96 21.97 -41.63
C ASP A 420 -14.48 22.02 -41.24
N GLN A 421 -13.72 22.93 -41.88
CA GLN A 421 -12.41 23.33 -41.35
C GLN A 421 -12.60 24.16 -40.08
N TRP A 422 -12.45 23.47 -38.95
CA TRP A 422 -12.39 24.05 -37.62
C TRP A 422 -10.91 24.19 -37.34
N SER A 423 -10.47 25.39 -36.98
CA SER A 423 -9.04 25.67 -36.85
C SER A 423 -8.81 27.02 -36.22
N VAL A 424 -7.62 27.20 -35.66
CA VAL A 424 -7.16 28.57 -35.45
C VAL A 424 -7.17 29.08 -36.88
N ASP A 425 -7.63 30.31 -37.09
CA ASP A 425 -7.83 30.96 -38.41
C ASP A 425 -9.31 30.88 -38.68
N SER A 426 -9.80 29.66 -38.84
CA SER A 426 -11.23 29.42 -39.03
C SER A 426 -12.07 29.99 -37.88
N VAL A 427 -11.61 29.84 -36.63
CA VAL A 427 -12.36 30.40 -35.50
C VAL A 427 -12.11 31.91 -35.43
N SER A 428 -10.91 32.36 -35.76
CA SER A 428 -10.63 33.80 -35.75
C SER A 428 -11.61 34.56 -36.63
N ALA A 429 -11.79 34.10 -37.86
CA ALA A 429 -12.65 34.80 -38.81
C ALA A 429 -14.08 34.79 -38.31
N ALA A 430 -14.57 33.61 -37.91
CA ALA A 430 -15.88 33.45 -37.31
C ALA A 430 -16.08 34.43 -36.16
N LEU A 431 -15.08 34.50 -35.28
CA LEU A 431 -15.12 35.42 -34.14
C LEU A 431 -15.02 36.89 -34.56
N HIS A 432 -14.19 37.16 -35.57
CA HIS A 432 -14.16 38.48 -36.20
C HIS A 432 -15.50 38.86 -36.81
N ASP A 433 -16.19 37.88 -37.40
CA ASP A 433 -17.49 38.07 -38.04
C ASP A 433 -18.64 38.16 -37.05
N ALA A 434 -18.43 37.75 -35.83
CA ALA A 434 -19.43 37.83 -34.80
C ALA A 434 -19.36 39.15 -34.11
N ALA A 435 -18.16 39.69 -33.98
CA ALA A 435 -17.92 40.96 -33.31
C ALA A 435 -18.38 42.15 -34.10
N ALA A 436 -18.45 41.95 -35.40
CA ALA A 436 -18.93 42.88 -36.32
C ALA A 436 -20.42 42.72 -36.30
N ALA A 437 -20.96 41.53 -36.49
CA ALA A 437 -22.42 41.56 -36.51
C ALA A 437 -23.06 42.39 -35.39
N LEU A 438 -22.32 42.64 -34.32
CA LEU A 438 -22.79 43.38 -33.17
C LEU A 438 -22.28 44.81 -33.08
N GLU A 439 -21.45 45.26 -34.04
CA GLU A 439 -20.76 46.56 -33.94
C GLU A 439 -20.09 46.71 -32.55
N LEU A 440 -19.23 45.74 -32.25
CA LEU A 440 -18.49 45.68 -31.00
C LEU A 440 -17.04 45.41 -31.34
N GLY A 441 -16.14 45.79 -30.43
CA GLY A 441 -14.75 45.34 -30.53
C GLY A 441 -14.71 43.83 -30.34
N MET A 442 -13.70 43.18 -30.90
CA MET A 442 -13.41 41.78 -30.51
C MET A 442 -13.06 41.68 -29.01
N GLY A 443 -12.60 42.80 -28.41
CA GLY A 443 -12.53 42.95 -26.97
C GLY A 443 -13.74 42.38 -26.24
N LYS A 444 -14.95 42.72 -26.70
CA LYS A 444 -16.21 42.32 -26.01
C LYS A 444 -16.70 40.91 -26.35
N VAL A 445 -16.57 40.46 -27.58
CA VAL A 445 -16.98 39.09 -27.92
C VAL A 445 -16.08 38.08 -27.18
N ALA A 446 -14.78 38.36 -27.15
CA ALA A 446 -13.80 37.42 -26.61
C ALA A 446 -13.77 37.33 -25.09
N GLN A 447 -13.92 38.45 -24.39
CA GLN A 447 -13.77 38.47 -22.93
C GLN A 447 -14.63 37.41 -22.23
N PRO A 448 -15.97 37.49 -22.35
CA PRO A 448 -16.78 36.45 -21.71
C PRO A 448 -16.51 35.07 -22.31
N LEU A 449 -16.25 34.99 -23.62
CA LEU A 449 -15.99 33.72 -24.28
C LEU A 449 -14.81 32.97 -23.69
N ARG A 450 -13.87 33.73 -23.15
CA ARG A 450 -12.76 33.18 -22.38
C ARG A 450 -13.22 32.59 -21.05
N VAL A 451 -14.16 33.24 -20.38
CA VAL A 451 -14.76 32.67 -19.17
C VAL A 451 -15.64 31.42 -19.47
N ALA A 452 -16.24 31.37 -20.66
CA ALA A 452 -17.16 30.28 -21.04
C ALA A 452 -16.47 28.93 -21.23
N ILE A 453 -15.35 28.96 -21.93
CA ILE A 453 -14.58 27.72 -22.25
C ILE A 453 -13.40 27.47 -21.31
N THR A 454 -13.03 28.45 -20.48
CA THR A 454 -11.96 28.31 -19.50
C THR A 454 -12.47 28.34 -18.08
N GLY A 455 -13.49 29.13 -17.80
CA GLY A 455 -13.91 29.41 -16.44
C GLY A 455 -13.11 30.49 -15.72
N THR A 456 -12.14 31.11 -16.40
CA THR A 456 -11.28 32.14 -15.80
C THR A 456 -11.07 33.32 -16.73
N GLN A 457 -10.46 34.38 -16.19
CA GLN A 457 -10.04 35.52 -17.01
C GLN A 457 -8.72 35.31 -17.76
N VAL A 458 -8.04 34.18 -17.58
CA VAL A 458 -6.72 33.96 -18.21
C VAL A 458 -6.64 32.73 -19.13
N SER A 459 -6.10 32.94 -20.33
CA SER A 459 -5.87 31.89 -21.34
C SER A 459 -4.98 32.47 -22.44
N PRO A 460 -4.70 31.70 -23.51
CA PRO A 460 -4.04 32.32 -24.67
C PRO A 460 -4.97 33.26 -25.47
N ASP A 461 -4.56 33.71 -26.65
CA ASP A 461 -5.44 34.54 -27.48
C ASP A 461 -6.70 33.74 -27.74
N ILE A 462 -7.86 34.40 -27.76
CA ILE A 462 -9.17 33.70 -27.74
C ILE A 462 -9.31 32.66 -28.85
N SER A 463 -8.81 32.94 -30.05
CA SER A 463 -8.93 31.99 -31.17
C SER A 463 -8.26 30.68 -30.83
N GLN A 464 -7.02 30.78 -30.35
CA GLN A 464 -6.25 29.62 -29.87
C GLN A 464 -7.02 28.83 -28.83
N THR A 465 -7.74 29.51 -27.93
CA THR A 465 -8.32 28.86 -26.74
C THR A 465 -9.71 28.26 -27.10
N VAL A 466 -10.54 29.07 -27.78
CA VAL A 466 -11.76 28.53 -28.43
C VAL A 466 -11.43 27.31 -29.29
N TYR A 467 -10.36 27.39 -30.08
CA TYR A 467 -9.95 26.25 -30.88
C TYR A 467 -9.57 25.00 -30.06
N LEU A 468 -8.81 25.16 -28.97
CA LEU A 468 -8.30 24.00 -28.23
C LEU A 468 -9.36 23.15 -27.53
N ALA A 469 -10.53 23.73 -27.30
CA ALA A 469 -11.70 22.96 -26.84
C ALA A 469 -12.31 22.05 -27.93
N GLY A 470 -11.99 22.27 -29.20
CA GLY A 470 -12.62 21.55 -30.30
C GLY A 470 -13.99 22.15 -30.59
N ARG A 471 -14.51 21.87 -31.79
CA ARG A 471 -15.87 22.32 -32.20
C ARG A 471 -16.92 21.96 -31.11
N GLU A 472 -17.28 20.68 -31.03
CA GLU A 472 -18.07 20.13 -29.92
C GLU A 472 -17.85 20.77 -28.53
N GLY A 473 -16.60 20.89 -28.09
CA GLY A 473 -16.31 21.32 -26.71
C GLY A 473 -16.69 22.76 -26.46
N ALA A 474 -16.38 23.63 -27.43
CA ALA A 474 -16.70 25.06 -27.35
C ALA A 474 -18.18 25.24 -27.27
N LEU A 475 -18.88 24.67 -28.25
CA LEU A 475 -20.35 24.77 -28.35
C LEU A 475 -21.08 24.33 -27.07
N LYS A 476 -20.68 23.18 -26.54
CA LYS A 476 -21.12 22.70 -25.25
C LYS A 476 -20.82 23.74 -24.14
N ARG A 477 -19.57 24.24 -24.10
CA ARG A 477 -19.11 25.22 -23.11
C ARG A 477 -19.83 26.56 -23.18
N ILE A 478 -20.17 26.99 -24.39
CA ILE A 478 -20.84 28.28 -24.60
C ILE A 478 -22.29 28.20 -24.10
N ASP A 479 -23.03 27.21 -24.60
CA ASP A 479 -24.40 26.89 -24.15
C ASP A 479 -24.51 26.82 -22.64
N ALA A 480 -23.53 26.11 -22.06
CA ALA A 480 -23.40 25.93 -20.61
C ALA A 480 -23.33 27.27 -19.89
N ALA A 481 -22.54 28.20 -20.44
CA ALA A 481 -22.53 29.59 -19.97
C ALA A 481 -23.90 30.26 -20.19
N LEU A 482 -24.42 30.15 -21.42
CA LEU A 482 -25.74 30.71 -21.80
C LEU A 482 -26.93 30.29 -20.90
N THR A 483 -27.08 28.99 -20.66
CA THR A 483 -28.16 28.50 -19.79
C THR A 483 -27.95 28.95 -18.33
N LYS A 484 -26.70 29.14 -17.91
CA LYS A 484 -26.40 29.73 -16.60
C LYS A 484 -26.83 31.19 -16.55
N ILE A 485 -26.55 31.96 -17.62
CA ILE A 485 -26.88 33.41 -17.64
C ILE A 485 -28.41 33.62 -17.59
N GLY A 486 -29.14 32.75 -18.31
CA GLY A 486 -30.61 32.70 -18.23
C GLY A 486 -31.03 31.95 -16.98
N ALA A 487 -30.93 32.64 -15.85
CA ALA A 487 -31.32 32.12 -14.53
C ALA A 487 -31.02 33.18 -13.46
N ALA B 23 -33.04 -18.06 38.41
CA ALA B 23 -32.29 -17.05 37.60
C ALA B 23 -32.30 -17.38 36.12
N CYS B 24 -32.46 -16.34 35.30
CA CYS B 24 -32.45 -16.45 33.85
C CYS B 24 -31.00 -16.57 33.37
N ARG B 25 -30.75 -17.47 32.43
CA ARG B 25 -29.43 -17.60 31.80
C ARG B 25 -29.63 -17.69 30.29
N THR B 26 -28.92 -16.83 29.56
CA THR B 26 -29.16 -16.56 28.15
C THR B 26 -27.84 -16.54 27.38
N ARG B 27 -27.84 -16.99 26.12
CA ARG B 27 -26.61 -16.99 25.33
C ARG B 27 -26.77 -16.50 23.90
N PHE B 28 -25.69 -15.94 23.38
CA PHE B 28 -25.55 -15.62 21.97
C PHE B 28 -24.33 -16.37 21.47
N ALA B 29 -24.53 -17.17 20.43
CA ALA B 29 -23.49 -18.10 19.96
C ALA B 29 -23.41 -18.13 18.43
N PRO B 30 -22.83 -17.08 17.82
CA PRO B 30 -22.66 -17.12 16.36
C PRO B 30 -21.52 -18.03 15.92
N SER B 31 -21.43 -18.27 14.61
CA SER B 31 -20.32 -18.99 13.97
C SER B 31 -19.60 -18.02 13.04
N PRO B 32 -18.41 -17.49 13.43
CA PRO B 32 -17.91 -16.28 12.76
C PRO B 32 -17.88 -16.34 11.23
N THR B 33 -18.70 -15.48 10.61
CA THR B 33 -18.78 -15.32 9.15
C THR B 33 -18.05 -14.05 8.70
N GLY B 34 -17.13 -13.55 9.52
CA GLY B 34 -16.39 -12.33 9.22
C GLY B 34 -17.00 -11.05 9.77
N TYR B 35 -18.28 -11.07 10.15
CA TYR B 35 -18.96 -9.86 10.64
C TYR B 35 -20.20 -10.20 11.47
N LEU B 36 -20.61 -9.26 12.35
CA LEU B 36 -21.87 -9.39 13.10
C LEU B 36 -23.01 -9.05 12.16
N HIS B 37 -23.87 -10.05 11.97
CA HIS B 37 -25.04 -9.93 11.13
C HIS B 37 -26.14 -9.20 11.88
N ILE B 38 -26.92 -8.37 11.19
CA ILE B 38 -28.01 -7.61 11.85
C ILE B 38 -29.08 -8.51 12.52
N GLY B 39 -29.33 -9.68 11.94
CA GLY B 39 -30.23 -10.67 12.51
C GLY B 39 -29.73 -11.29 13.79
N GLY B 40 -28.41 -11.43 13.89
CA GLY B 40 -27.74 -11.83 15.13
C GLY B 40 -27.71 -10.75 16.20
N ALA B 41 -27.53 -9.48 15.77
CA ALA B 41 -27.64 -8.31 16.67
C ALA B 41 -29.04 -8.22 17.28
N ARG B 42 -30.05 -8.61 16.49
CA ARG B 42 -31.43 -8.74 16.98
C ARG B 42 -31.65 -9.90 17.96
N THR B 43 -30.98 -11.04 17.75
CA THR B 43 -31.12 -12.17 18.69
C THR B 43 -30.38 -11.88 19.98
N ALA B 44 -29.14 -11.39 19.86
CA ALA B 44 -28.39 -10.93 21.01
C ALA B 44 -29.19 -9.85 21.79
N LEU B 45 -29.75 -8.87 21.08
CA LEU B 45 -30.61 -7.83 21.70
C LEU B 45 -31.69 -8.48 22.55
N TYR B 46 -32.44 -9.42 21.97
CA TYR B 46 -33.50 -10.13 22.68
C TYR B 46 -32.95 -10.88 23.89
N CYS B 47 -31.97 -11.74 23.64
CA CYS B 47 -31.23 -12.42 24.70
C CYS B 47 -30.82 -11.55 25.88
N TRP B 48 -30.24 -10.39 25.54
CA TRP B 48 -29.73 -9.43 26.49
C TRP B 48 -30.83 -8.83 27.36
N LEU B 49 -31.95 -8.48 26.75
CA LEU B 49 -33.07 -7.89 27.49
C LEU B 49 -33.68 -8.89 28.46
N GLU B 50 -33.84 -10.12 27.98
CA GLU B 50 -34.35 -11.23 28.78
C GLU B 50 -33.49 -11.52 29.99
N ALA B 51 -32.18 -11.41 29.84
CA ALA B 51 -31.28 -11.61 30.98
C ALA B 51 -31.38 -10.44 31.95
N ARG B 52 -31.19 -9.22 31.43
CA ARG B 52 -31.12 -7.99 32.25
C ARG B 52 -32.44 -7.60 32.93
N ARG B 53 -33.58 -8.02 32.37
CA ARG B 53 -34.88 -7.76 33.01
C ARG B 53 -35.03 -8.52 34.32
N ARG B 54 -34.38 -9.69 34.39
CA ARG B 54 -34.54 -10.62 35.51
C ARG B 54 -33.36 -10.57 36.45
N GLY B 55 -32.46 -9.61 36.24
CA GLY B 55 -31.19 -9.57 36.96
C GLY B 55 -30.42 -10.85 36.74
N GLY B 56 -30.36 -11.26 35.47
CA GLY B 56 -29.75 -12.53 35.07
C GLY B 56 -28.41 -12.31 34.41
N GLN B 57 -27.92 -13.36 33.77
CA GLN B 57 -26.60 -13.39 33.18
C GLN B 57 -26.74 -13.65 31.69
N PHE B 58 -26.00 -12.90 30.87
CA PHE B 58 -26.01 -13.09 29.42
C PHE B 58 -24.61 -13.49 29.00
N VAL B 59 -24.47 -14.63 28.35
CA VAL B 59 -23.15 -15.14 28.02
C VAL B 59 -22.96 -15.12 26.50
N LEU B 60 -21.70 -14.96 26.09
CA LEU B 60 -21.34 -14.93 24.70
C LEU B 60 -20.45 -16.14 24.49
N ARG B 61 -20.83 -16.97 23.52
CA ARG B 61 -20.02 -18.08 23.02
C ARG B 61 -19.57 -17.74 21.62
N ILE B 62 -18.44 -18.32 21.22
CA ILE B 62 -17.95 -18.20 19.84
C ILE B 62 -17.65 -19.62 19.38
N GLU B 63 -18.17 -19.96 18.20
CA GLU B 63 -17.96 -21.29 17.57
C GLU B 63 -16.79 -21.18 16.60
N ASP B 64 -15.57 -21.34 17.10
CA ASP B 64 -14.36 -21.07 16.30
C ASP B 64 -13.57 -22.33 16.00
N THR B 65 -14.29 -23.41 15.74
CA THR B 65 -13.68 -24.72 15.56
C THR B 65 -12.74 -24.70 14.36
N ASP B 66 -13.28 -24.53 13.16
CA ASP B 66 -12.43 -24.34 11.97
C ASP B 66 -11.80 -22.94 11.94
N ARG B 67 -10.50 -22.88 12.19
CA ARG B 67 -9.76 -21.60 12.29
C ARG B 67 -9.52 -20.96 10.91
N GLN B 68 -10.18 -21.46 9.86
CA GLN B 68 -10.12 -20.84 8.53
C GLN B 68 -11.10 -19.66 8.46
N ARG B 69 -12.40 -19.94 8.56
CA ARG B 69 -13.44 -18.89 8.49
C ARG B 69 -13.52 -17.98 9.73
N SER B 70 -12.86 -18.37 10.84
CA SER B 70 -12.82 -17.58 12.08
C SER B 70 -11.42 -16.99 12.39
N THR B 71 -11.13 -15.82 11.80
CA THR B 71 -9.88 -15.08 12.06
C THR B 71 -10.01 -14.19 13.30
N GLN B 72 -8.87 -13.76 13.85
CA GLN B 72 -8.88 -12.79 14.96
C GLN B 72 -9.51 -11.48 14.56
N ALA B 73 -9.51 -11.19 13.25
CA ALA B 73 -10.32 -10.11 12.70
C ALA B 73 -11.79 -10.47 12.81
N ALA B 74 -12.17 -11.61 12.24
CA ALA B 74 -13.59 -12.06 12.22
C ALA B 74 -14.27 -12.08 13.59
N ILE B 75 -13.55 -12.51 14.61
CA ILE B 75 -14.10 -12.58 15.97
C ILE B 75 -14.04 -11.24 16.68
N ASP B 76 -13.00 -10.44 16.41
CA ASP B 76 -12.93 -9.08 16.96
C ASP B 76 -14.05 -8.24 16.35
N ALA B 77 -14.29 -8.41 15.06
CA ALA B 77 -15.40 -7.76 14.34
C ALA B 77 -16.75 -7.86 15.05
N ILE B 78 -17.07 -9.07 15.51
CA ILE B 78 -18.27 -9.34 16.31
C ILE B 78 -18.18 -8.51 17.58
N LEU B 79 -17.11 -8.74 18.35
CA LEU B 79 -16.94 -8.10 19.66
C LEU B 79 -17.03 -6.56 19.60
N GLU B 80 -16.56 -5.96 18.51
CA GLU B 80 -16.63 -4.50 18.34
C GLU B 80 -18.10 -4.08 18.11
N ALA B 81 -18.80 -4.87 17.32
CA ALA B 81 -20.19 -4.62 17.02
C ALA B 81 -21.10 -4.67 18.28
N MET B 82 -20.80 -5.60 19.18
CA MET B 82 -21.52 -5.73 20.43
C MET B 82 -21.10 -4.63 21.39
N GLN B 83 -19.82 -4.29 21.37
CA GLN B 83 -19.32 -3.12 22.09
C GLN B 83 -20.16 -1.90 21.70
N TRP B 84 -20.18 -1.61 20.40
CA TRP B 84 -20.81 -0.39 19.86
C TRP B 84 -22.32 -0.31 20.19
N LEU B 85 -23.04 -1.40 19.94
CA LEU B 85 -24.47 -1.49 20.27
C LEU B 85 -24.71 -1.37 21.80
N GLY B 86 -23.76 -1.83 22.60
CA GLY B 86 -23.84 -1.80 24.05
C GLY B 86 -24.23 -3.13 24.63
N LEU B 87 -24.21 -4.18 23.81
CA LEU B 87 -24.59 -5.52 24.24
C LEU B 87 -23.41 -6.14 25.01
N GLY B 88 -23.28 -5.75 26.28
CA GLY B 88 -22.29 -6.34 27.18
C GLY B 88 -22.72 -7.75 27.55
N TYR B 89 -21.79 -8.53 28.09
CA TYR B 89 -22.07 -9.92 28.51
C TYR B 89 -21.36 -10.25 29.81
N ASP B 90 -22.06 -10.98 30.67
CA ASP B 90 -21.56 -11.29 32.01
C ASP B 90 -20.44 -12.33 31.96
N GLU B 91 -20.50 -13.24 31.00
CA GLU B 91 -19.45 -14.25 30.81
C GLU B 91 -19.11 -14.41 29.33
N GLY B 92 -17.90 -14.89 29.06
CA GLY B 92 -17.40 -15.04 27.71
C GLY B 92 -16.54 -13.85 27.30
N PRO B 93 -16.15 -13.75 26.03
CA PRO B 93 -16.41 -14.76 25.00
C PRO B 93 -15.78 -16.09 25.33
N ILE B 94 -16.60 -17.12 25.47
CA ILE B 94 -16.10 -18.45 25.80
C ILE B 94 -15.99 -19.24 24.47
N TYR B 95 -14.76 -19.53 24.06
CA TYR B 95 -14.46 -20.07 22.73
C TYR B 95 -14.58 -21.59 22.69
N GLN B 96 -15.23 -22.10 21.64
CA GLN B 96 -15.45 -23.54 21.47
C GLN B 96 -14.15 -24.35 21.50
N THR B 97 -13.06 -23.80 20.96
CA THR B 97 -11.77 -24.52 20.92
C THR B 97 -11.14 -24.74 22.29
N GLN B 98 -11.45 -23.86 23.25
CA GLN B 98 -11.02 -24.05 24.63
C GLN B 98 -11.81 -25.15 25.35
N ARG B 99 -12.87 -25.68 24.71
CA ARG B 99 -13.77 -26.68 25.30
C ARG B 99 -13.74 -28.07 24.65
N VAL B 100 -13.01 -28.25 23.55
CA VAL B 100 -12.94 -29.58 22.86
C VAL B 100 -12.82 -30.78 23.81
N ALA B 101 -12.01 -30.61 24.84
CA ALA B 101 -11.81 -31.59 25.91
C ALA B 101 -13.11 -32.05 26.51
N ARG B 102 -13.99 -31.09 26.75
CA ARG B 102 -15.25 -31.31 27.41
C ARG B 102 -16.22 -32.14 26.57
N TYR B 103 -16.38 -31.81 25.29
CA TYR B 103 -17.31 -32.53 24.41
C TYR B 103 -16.94 -33.99 24.30
N GLN B 104 -15.67 -34.28 24.03
CA GLN B 104 -15.21 -35.65 23.97
C GLN B 104 -15.42 -36.42 25.26
N GLU B 105 -15.17 -35.77 26.39
CA GLU B 105 -15.49 -36.35 27.70
C GLU B 105 -16.97 -36.77 27.80
N VAL B 106 -17.89 -35.84 27.54
CA VAL B 106 -19.35 -36.12 27.58
C VAL B 106 -19.80 -37.18 26.55
N ALA B 107 -19.10 -37.34 25.43
CA ALA B 107 -19.39 -38.39 24.45
C ALA B 107 -19.02 -39.76 25.00
N GLU B 108 -17.85 -39.85 25.64
CA GLU B 108 -17.39 -41.11 26.28
C GLU B 108 -18.24 -41.49 27.48
N GLN B 109 -18.83 -40.50 28.14
CA GLN B 109 -19.79 -40.74 29.21
C GLN B 109 -21.01 -41.49 28.67
N LEU B 110 -21.66 -40.92 27.65
CA LEU B 110 -22.84 -41.51 26.94
C LEU B 110 -22.53 -42.87 26.40
N LEU B 111 -21.32 -43.02 25.86
CA LEU B 111 -20.81 -44.29 25.35
C LEU B 111 -20.80 -45.36 26.47
N ALA B 112 -20.10 -45.07 27.57
CA ALA B 112 -20.08 -45.97 28.74
C ALA B 112 -21.45 -46.24 29.39
N GLN B 113 -22.41 -45.34 29.20
CA GLN B 113 -23.83 -45.55 29.62
C GLN B 113 -24.75 -46.24 28.55
N GLY B 114 -24.16 -46.83 27.52
CA GLY B 114 -24.91 -47.44 26.46
C GLY B 114 -25.91 -46.50 25.84
N LYS B 115 -25.61 -45.18 25.82
CA LYS B 115 -26.51 -44.12 25.30
C LYS B 115 -26.08 -43.57 23.93
N ALA B 116 -24.98 -44.12 23.42
CA ALA B 116 -24.39 -43.72 22.17
C ALA B 116 -23.50 -44.87 21.73
N TYR B 117 -23.25 -44.97 20.43
CA TYR B 117 -22.48 -46.08 19.91
C TYR B 117 -21.62 -45.64 18.77
N TYR B 118 -20.52 -46.38 18.54
CA TYR B 118 -19.73 -46.22 17.34
C TYR B 118 -20.39 -46.86 16.11
N ALA B 119 -20.05 -46.30 14.95
CA ALA B 119 -20.53 -46.75 13.63
C ALA B 119 -19.46 -46.43 12.58
N TYR B 120 -19.34 -47.30 11.56
CA TYR B 120 -18.21 -47.26 10.62
C TYR B 120 -18.61 -47.41 9.16
N GLU B 121 -19.81 -46.94 8.81
CA GLU B 121 -20.24 -46.97 7.40
C GLU B 121 -19.48 -45.86 6.69
N THR B 122 -19.04 -46.12 5.45
CA THR B 122 -18.42 -45.08 4.60
C THR B 122 -19.51 -44.28 3.92
N ARG B 123 -19.13 -43.22 3.24
CA ARG B 123 -20.09 -42.40 2.50
C ARG B 123 -20.79 -43.12 1.34
N GLU B 124 -20.11 -44.06 0.68
CA GLU B 124 -20.74 -44.92 -0.34
C GLU B 124 -21.95 -45.66 0.23
N GLU B 125 -21.79 -46.14 1.47
CA GLU B 125 -22.80 -46.90 2.20
C GLU B 125 -23.90 -46.03 2.77
N LEU B 126 -23.51 -44.87 3.28
CA LEU B 126 -24.46 -43.87 3.80
C LEU B 126 -25.23 -43.13 2.72
N ASP B 127 -24.65 -43.00 1.53
CA ASP B 127 -25.38 -42.49 0.37
C ASP B 127 -26.31 -43.57 -0.13
N ALA B 128 -25.78 -44.77 -0.36
CA ALA B 128 -26.60 -45.93 -0.75
C ALA B 128 -27.82 -46.08 0.18
N MET B 129 -27.57 -45.94 1.47
CA MET B 129 -28.62 -45.84 2.48
C MET B 129 -29.68 -44.76 2.19
N ARG B 130 -29.23 -43.53 2.00
CA ARG B 130 -30.12 -42.41 1.61
C ARG B 130 -30.82 -42.68 0.27
N GLU B 131 -30.13 -43.35 -0.65
CA GLU B 131 -30.67 -43.62 -1.99
C GLU B 131 -31.79 -44.65 -1.89
N ALA B 132 -31.52 -45.78 -1.21
CA ALA B 132 -32.52 -46.80 -0.93
C ALA B 132 -33.72 -46.29 -0.10
N ALA B 133 -33.50 -45.28 0.73
CA ALA B 133 -34.56 -44.67 1.55
C ALA B 133 -35.50 -43.78 0.75
N MET B 134 -34.95 -42.89 -0.09
CA MET B 134 -35.77 -42.08 -0.98
C MET B 134 -36.29 -42.88 -2.20
N ALA B 135 -35.69 -44.05 -2.47
CA ALA B 135 -36.20 -45.00 -3.50
C ALA B 135 -37.57 -45.58 -3.14
N LYS B 136 -37.81 -45.78 -1.84
CA LYS B 136 -39.15 -46.12 -1.31
C LYS B 136 -40.02 -44.87 -1.01
N GLN B 137 -39.53 -43.69 -1.39
CA GLN B 137 -40.20 -42.41 -1.15
C GLN B 137 -40.49 -42.13 0.33
N GLU B 138 -39.49 -42.42 1.17
CA GLU B 138 -39.45 -42.08 2.61
C GLU B 138 -38.24 -41.19 2.85
N LYS B 139 -38.10 -40.70 4.09
CA LYS B 139 -37.05 -39.73 4.44
C LYS B 139 -35.71 -40.45 4.56
N PRO B 140 -34.60 -39.76 4.23
CA PRO B 140 -33.28 -40.29 4.55
C PRO B 140 -32.94 -40.14 6.05
N ARG B 141 -32.62 -41.28 6.62
CA ARG B 141 -32.24 -41.43 7.98
C ARG B 141 -31.15 -42.45 8.09
N TYR B 142 -30.47 -42.43 9.22
CA TYR B 142 -29.54 -43.49 9.50
C TYR B 142 -30.46 -44.65 9.85
N ASP B 143 -30.04 -45.82 9.50
CA ASP B 143 -30.95 -46.97 9.64
C ASP B 143 -30.67 -47.72 10.92
N GLY B 144 -30.34 -46.98 11.99
CA GLY B 144 -29.78 -47.52 13.26
C GLY B 144 -29.14 -48.90 13.23
N ALA B 145 -28.31 -49.14 12.21
CA ALA B 145 -27.80 -50.49 11.90
C ALA B 145 -26.78 -50.99 12.91
N ALA B 146 -25.82 -50.12 13.25
CA ALA B 146 -24.81 -50.40 14.28
C ALA B 146 -25.29 -50.28 15.73
N ARG B 147 -26.59 -50.03 15.96
CA ARG B 147 -27.06 -49.54 17.25
C ARG B 147 -26.76 -50.44 18.42
N GLU B 148 -27.33 -51.64 18.42
CA GLU B 148 -27.07 -52.55 19.51
C GLU B 148 -26.10 -53.66 19.07
N GLN B 149 -24.97 -53.26 18.47
CA GLN B 149 -23.89 -54.19 18.15
C GLN B 149 -22.69 -53.88 19.02
N ASN B 150 -22.52 -52.63 19.30
CA ASN B 150 -21.50 -52.38 20.25
C ASN B 150 -20.24 -52.66 19.53
N LEU B 151 -19.99 -51.87 18.53
CA LEU B 151 -18.72 -51.94 17.89
C LEU B 151 -17.71 -51.24 18.74
N PRO B 152 -16.48 -51.70 18.67
CA PRO B 152 -15.43 -51.10 19.46
C PRO B 152 -14.81 -49.95 18.76
N TYR B 153 -14.03 -49.21 19.49
CA TYR B 153 -13.27 -48.11 18.91
C TYR B 153 -12.22 -48.70 17.98
N ARG B 154 -12.20 -48.22 16.74
CA ARG B 154 -11.21 -48.56 15.76
C ARG B 154 -10.51 -47.30 15.24
N ASP B 155 -9.45 -47.53 14.46
CA ASP B 155 -8.85 -46.47 13.64
C ASP B 155 -9.32 -46.61 12.21
N ASP B 156 -10.12 -45.66 11.79
CA ASP B 156 -10.68 -45.71 10.51
C ASP B 156 -11.49 -44.49 10.52
N PRO B 157 -11.47 -43.73 9.36
CA PRO B 157 -12.37 -42.57 9.41
C PRO B 157 -13.75 -43.15 9.34
N ASN B 158 -14.75 -42.31 9.18
CA ASN B 158 -16.12 -42.81 9.16
C ASN B 158 -16.42 -43.38 10.53
N ARG B 159 -15.46 -43.36 11.43
CA ARG B 159 -15.71 -43.85 12.75
C ARG B 159 -16.41 -42.68 13.29
N VAL B 160 -17.49 -42.91 13.99
CA VAL B 160 -18.23 -41.83 14.55
C VAL B 160 -18.98 -42.34 15.72
N ILE B 161 -19.41 -41.43 16.56
CA ILE B 161 -20.27 -41.76 17.66
C ILE B 161 -21.60 -41.22 17.24
N ARG B 162 -22.60 -42.10 17.23
CA ARG B 162 -23.98 -41.74 17.02
C ARG B 162 -24.72 -41.85 18.33
N PHE B 163 -25.61 -40.90 18.58
CA PHE B 163 -26.47 -40.92 19.77
C PHE B 163 -27.62 -41.88 19.51
N LYS B 164 -28.09 -42.58 20.53
CA LYS B 164 -29.31 -43.40 20.44
C LYS B 164 -30.52 -42.51 20.73
N ASN B 165 -31.22 -42.13 19.68
CA ASN B 165 -32.43 -41.33 19.83
C ASN B 165 -33.55 -42.30 20.25
N PRO B 166 -34.43 -41.90 21.17
CA PRO B 166 -35.60 -42.71 21.48
C PRO B 166 -36.22 -43.36 20.24
N ILE B 167 -36.64 -44.60 20.42
CA ILE B 167 -36.84 -45.52 19.31
C ILE B 167 -38.23 -45.36 18.77
N GLY B 168 -39.18 -44.93 19.61
CA GLY B 168 -40.52 -44.54 19.15
C GLY B 168 -41.08 -43.34 19.89
N GLY B 169 -42.37 -43.10 19.73
CA GLY B 169 -43.06 -42.03 20.44
C GLY B 169 -42.82 -40.70 19.77
N THR B 170 -43.05 -39.64 20.54
CA THR B 170 -42.86 -38.25 20.10
C THR B 170 -42.16 -37.41 21.17
N VAL B 171 -41.62 -36.28 20.73
CA VAL B 171 -40.95 -35.29 21.60
C VAL B 171 -41.67 -33.94 21.42
N VAL B 172 -41.89 -33.21 22.51
CA VAL B 172 -42.77 -32.06 22.45
C VAL B 172 -42.28 -30.97 23.38
N PHE B 173 -42.37 -29.72 22.93
CA PHE B 173 -42.06 -28.56 23.77
C PHE B 173 -42.96 -27.40 23.35
N ASP B 174 -43.34 -26.56 24.31
CA ASP B 174 -44.08 -25.32 24.02
C ASP B 174 -43.06 -24.24 23.75
N ASP B 175 -42.84 -23.93 22.48
CA ASP B 175 -41.94 -22.84 22.13
C ASP B 175 -42.55 -21.53 22.65
N LEU B 176 -41.73 -20.68 23.25
CA LEU B 176 -42.19 -19.42 23.81
C LEU B 176 -42.74 -18.46 22.75
N ILE B 177 -42.34 -18.64 21.48
CA ILE B 177 -42.85 -17.84 20.35
C ILE B 177 -43.76 -18.65 19.41
N LYS B 178 -43.27 -19.81 18.95
CA LYS B 178 -43.97 -20.65 17.98
C LYS B 178 -45.16 -21.47 18.52
N GLY B 179 -45.25 -21.67 19.83
CA GLY B 179 -46.35 -22.42 20.45
C GLY B 179 -45.98 -23.89 20.64
N ARG B 180 -46.98 -24.77 20.61
CA ARG B 180 -46.75 -26.20 20.84
C ARG B 180 -46.03 -26.79 19.63
N ILE B 181 -44.92 -27.48 19.82
CA ILE B 181 -44.30 -28.24 18.72
C ILE B 181 -44.13 -29.72 19.10
N GLU B 182 -44.61 -30.58 18.20
CA GLU B 182 -44.61 -32.03 18.33
C GLU B 182 -43.94 -32.65 17.15
N ILE B 183 -43.05 -33.61 17.37
CA ILE B 183 -42.33 -34.31 16.30
C ILE B 183 -42.06 -35.76 16.71
N ALA B 184 -42.38 -36.68 15.82
CA ALA B 184 -42.18 -38.10 16.11
C ALA B 184 -40.69 -38.50 16.00
N ASN B 185 -40.20 -39.28 16.96
CA ASN B 185 -38.79 -39.70 16.90
C ASN B 185 -38.55 -40.51 15.63
N SER B 186 -39.61 -41.07 15.05
CA SER B 186 -39.52 -41.76 13.74
C SER B 186 -38.89 -40.91 12.64
N GLU B 187 -39.13 -39.60 12.69
CA GLU B 187 -38.57 -38.66 11.69
C GLU B 187 -37.14 -38.28 11.98
N LEU B 188 -36.67 -38.57 13.18
CA LEU B 188 -35.30 -38.36 13.61
C LEU B 188 -34.46 -39.62 13.37
N ASP B 189 -33.18 -39.56 13.72
CA ASP B 189 -32.31 -40.70 13.59
C ASP B 189 -31.23 -40.69 14.70
N ASP B 190 -30.44 -41.76 14.71
CA ASP B 190 -29.27 -41.83 15.56
C ASP B 190 -28.15 -40.92 15.00
N MET B 191 -28.34 -39.63 15.25
CA MET B 191 -27.51 -38.60 14.67
C MET B 191 -26.10 -38.66 15.21
N VAL B 192 -25.14 -38.37 14.31
CA VAL B 192 -23.72 -38.38 14.65
C VAL B 192 -23.53 -37.26 15.65
N ILE B 193 -23.08 -37.60 16.86
CA ILE B 193 -22.73 -36.58 17.88
C ILE B 193 -21.25 -36.21 17.95
N PHE B 194 -20.36 -37.08 17.48
CA PHE B 194 -18.90 -36.86 17.54
C PHE B 194 -18.18 -37.43 16.33
N ARG B 195 -17.15 -36.70 15.86
CA ARG B 195 -16.53 -36.91 14.54
C ARG B 195 -15.08 -37.45 14.62
N PRO B 196 -14.60 -38.08 13.53
CA PRO B 196 -13.24 -38.65 13.55
C PRO B 196 -12.08 -37.63 13.56
N ASP B 197 -12.37 -36.33 13.54
CA ASP B 197 -11.34 -35.33 13.78
C ASP B 197 -11.43 -34.73 15.20
N GLY B 198 -12.07 -35.48 16.09
CA GLY B 198 -12.08 -35.14 17.52
C GLY B 198 -13.03 -34.02 17.91
N LEU B 199 -13.94 -33.65 17.02
CA LEU B 199 -14.83 -32.52 17.24
C LEU B 199 -16.26 -32.99 17.29
N PRO B 200 -17.14 -32.21 17.94
CA PRO B 200 -18.54 -32.61 18.01
C PRO B 200 -19.33 -32.04 16.82
N THR B 201 -20.52 -32.56 16.59
CA THR B 201 -21.42 -31.98 15.61
C THR B 201 -22.19 -30.87 16.31
N TYR B 202 -22.76 -29.92 15.56
CA TYR B 202 -23.42 -28.75 16.15
C TYR B 202 -24.34 -29.16 17.26
N ASN B 203 -25.27 -30.07 16.94
CA ASN B 203 -26.35 -30.42 17.86
C ASN B 203 -25.85 -30.96 19.19
N PHE B 204 -24.77 -31.73 19.20
CA PHE B 204 -24.22 -32.27 20.44
C PHE B 204 -23.50 -31.18 21.23
N ALA B 205 -22.71 -30.39 20.52
CA ALA B 205 -21.90 -29.36 21.17
C ALA B 205 -22.75 -28.26 21.76
N VAL B 206 -23.91 -28.00 21.17
CA VAL B 206 -24.82 -26.95 21.67
C VAL B 206 -25.56 -27.39 22.94
N VAL B 207 -25.83 -28.70 23.08
CA VAL B 207 -26.43 -29.20 24.33
C VAL B 207 -25.39 -29.08 25.45
N VAL B 208 -24.21 -29.62 25.21
CA VAL B 208 -23.12 -29.63 26.18
C VAL B 208 -22.77 -28.22 26.66
N ASP B 209 -22.80 -27.23 25.77
CA ASP B 209 -22.58 -25.85 26.17
C ASP B 209 -23.75 -25.29 26.96
N ASP B 210 -24.97 -25.43 26.43
CA ASP B 210 -26.16 -24.94 27.12
C ASP B 210 -26.28 -25.54 28.52
N TRP B 211 -26.00 -26.85 28.60
CA TRP B 211 -25.97 -27.60 29.85
C TRP B 211 -24.93 -27.08 30.84
N ASP B 212 -23.65 -27.14 30.46
CA ASP B 212 -22.55 -26.70 31.31
C ASP B 212 -22.70 -25.24 31.75
N MET B 213 -23.14 -24.39 30.84
CA MET B 213 -23.36 -22.98 31.16
C MET B 213 -24.77 -22.71 31.75
N GLY B 214 -25.54 -23.76 32.04
CA GLY B 214 -26.80 -23.65 32.77
C GLY B 214 -27.84 -22.76 32.12
N ILE B 215 -27.90 -22.82 30.80
CA ILE B 215 -28.74 -21.94 30.02
C ILE B 215 -30.17 -22.37 30.29
N THR B 216 -30.98 -21.40 30.71
CA THR B 216 -32.38 -21.64 31.07
C THR B 216 -33.31 -21.31 29.92
N GLU B 217 -32.79 -20.64 28.90
CA GLU B 217 -33.63 -20.04 27.89
C GLU B 217 -32.80 -19.83 26.65
N VAL B 218 -33.28 -20.38 25.55
CA VAL B 218 -32.57 -20.37 24.28
C VAL B 218 -33.41 -19.64 23.22
N ILE B 219 -32.93 -18.47 22.79
CA ILE B 219 -33.55 -17.71 21.69
C ILE B 219 -32.75 -17.93 20.41
N ARG B 220 -33.42 -18.15 19.28
CA ARG B 220 -32.69 -18.45 18.04
C ARG B 220 -33.59 -18.50 16.82
N GLY B 221 -32.98 -18.54 15.64
CA GLY B 221 -33.69 -18.45 14.39
C GLY B 221 -34.58 -19.63 14.12
N ASP B 222 -35.38 -19.48 13.06
CA ASP B 222 -36.44 -20.42 12.69
C ASP B 222 -35.89 -21.75 12.18
N ASP B 223 -34.92 -21.67 11.26
CA ASP B 223 -34.18 -22.83 10.71
C ASP B 223 -33.78 -23.90 11.74
N HIS B 224 -33.34 -23.45 12.90
CA HIS B 224 -32.94 -24.34 14.01
C HIS B 224 -34.04 -25.27 14.54
N ILE B 225 -35.30 -24.91 14.37
CA ILE B 225 -36.43 -25.55 15.09
C ILE B 225 -36.54 -27.06 14.91
N ASN B 226 -36.16 -27.55 13.75
CA ASN B 226 -36.17 -28.99 13.46
C ASN B 226 -35.11 -29.73 14.27
N ASN B 227 -34.05 -29.02 14.64
CA ASN B 227 -33.00 -29.55 15.51
C ASN B 227 -33.44 -29.66 16.97
N THR B 228 -34.37 -28.82 17.42
CA THR B 228 -34.77 -28.76 18.84
C THR B 228 -35.18 -30.10 19.48
N PRO B 229 -36.03 -30.89 18.79
CA PRO B 229 -36.39 -32.21 19.33
C PRO B 229 -35.21 -33.16 19.49
N ARG B 230 -34.25 -33.07 18.57
CA ARG B 230 -33.03 -33.85 18.60
C ARG B 230 -32.21 -33.53 19.84
N GLN B 231 -32.09 -32.23 20.15
CA GLN B 231 -31.33 -31.76 21.30
C GLN B 231 -31.99 -32.13 22.60
N ILE B 232 -33.33 -31.99 22.66
CA ILE B 232 -34.10 -32.30 23.88
C ILE B 232 -33.84 -33.75 24.27
N ASN B 233 -33.74 -34.63 23.30
CA ASN B 233 -33.48 -36.03 23.61
C ASN B 233 -32.12 -36.23 24.35
N ILE B 234 -31.12 -35.41 24.01
CA ILE B 234 -29.79 -35.50 24.65
C ILE B 234 -29.80 -34.96 26.10
N TYR B 235 -30.47 -33.83 26.32
CA TYR B 235 -30.69 -33.36 27.69
C TYR B 235 -31.22 -34.52 28.51
N ALA B 236 -32.25 -35.19 27.98
CA ALA B 236 -32.86 -36.35 28.61
C ALA B 236 -31.83 -37.46 28.86
N ALA B 237 -31.01 -37.75 27.86
CA ALA B 237 -29.94 -38.74 28.04
C ALA B 237 -28.95 -38.26 29.10
N LEU B 238 -28.60 -36.98 29.06
CA LEU B 238 -27.73 -36.38 30.08
C LEU B 238 -28.38 -36.23 31.46
N GLY B 239 -29.70 -36.41 31.53
CA GLY B 239 -30.45 -36.13 32.76
C GLY B 239 -30.57 -34.64 33.06
N ALA B 240 -30.18 -33.82 32.09
CA ALA B 240 -30.03 -32.39 32.29
C ALA B 240 -31.39 -31.74 32.23
N PRO B 241 -31.56 -30.58 32.88
CA PRO B 241 -32.86 -29.92 32.75
C PRO B 241 -32.96 -29.32 31.36
N VAL B 242 -34.03 -29.69 30.66
CA VAL B 242 -34.30 -29.13 29.34
C VAL B 242 -34.65 -27.63 29.46
N PRO B 243 -34.01 -26.77 28.66
CA PRO B 243 -34.35 -25.31 28.71
C PRO B 243 -35.67 -24.91 28.03
N LYS B 244 -36.20 -23.71 28.33
CA LYS B 244 -37.29 -23.11 27.53
C LYS B 244 -36.69 -22.69 26.19
N PHE B 245 -37.50 -22.74 25.14
CA PHE B 245 -37.04 -22.40 23.82
C PHE B 245 -37.87 -21.28 23.20
N ALA B 246 -37.21 -20.42 22.42
CA ALA B 246 -37.84 -19.31 21.74
C ALA B 246 -37.28 -19.25 20.30
N HIS B 247 -38.12 -19.65 19.35
CA HIS B 247 -37.72 -19.64 17.95
C HIS B 247 -38.44 -18.55 17.17
N MET B 248 -37.66 -17.79 16.42
CA MET B 248 -38.16 -16.62 15.73
C MET B 248 -37.85 -16.74 14.24
N PRO B 249 -38.70 -16.11 13.39
CA PRO B 249 -38.45 -16.13 11.95
C PRO B 249 -37.42 -15.05 11.62
N MET B 250 -36.40 -15.41 10.84
CA MET B 250 -35.29 -14.47 10.58
C MET B 250 -35.73 -13.31 9.68
N ILE B 251 -34.96 -12.23 9.74
CA ILE B 251 -35.36 -10.95 9.18
C ILE B 251 -35.34 -11.04 7.67
N LEU B 252 -36.44 -10.65 7.05
CA LEU B 252 -36.55 -10.64 5.61
C LEU B 252 -35.82 -9.43 5.07
N ASP B 253 -35.56 -9.48 3.77
CA ASP B 253 -34.94 -8.39 2.99
C ASP B 253 -35.89 -7.19 2.95
N GLU B 254 -35.41 -6.05 2.48
CA GLU B 254 -36.28 -4.93 2.11
C GLU B 254 -37.18 -5.34 0.96
N GLN B 255 -36.64 -6.10 0.01
CA GLN B 255 -37.41 -6.65 -1.10
C GLN B 255 -38.34 -7.79 -0.72
N GLY B 256 -38.12 -8.43 0.44
CA GLY B 256 -38.87 -9.61 0.87
C GLY B 256 -38.22 -10.97 0.66
N THR B 257 -36.94 -11.03 0.27
CA THR B 257 -36.15 -12.30 0.29
C THR B 257 -35.61 -12.57 1.71
N LYS B 258 -34.89 -13.67 1.93
CA LYS B 258 -34.31 -13.94 3.27
C LYS B 258 -32.90 -13.34 3.43
N LEU B 259 -32.66 -12.61 4.52
CA LEU B 259 -31.42 -11.85 4.70
C LEU B 259 -30.31 -12.76 5.21
N ALA B 265 -25.65 -9.41 2.71
CA ALA B 265 -26.55 -9.20 3.85
C ALA B 265 -26.02 -8.09 4.77
N ALA B 266 -26.93 -7.33 5.40
CA ALA B 266 -26.57 -6.09 6.10
C ALA B 266 -25.71 -6.37 7.36
N ASP B 267 -24.52 -5.76 7.39
CA ASP B 267 -23.57 -5.86 8.52
C ASP B 267 -23.71 -4.65 9.43
N VAL B 268 -23.71 -4.89 10.73
CA VAL B 268 -24.09 -3.85 11.66
C VAL B 268 -23.10 -2.71 11.58
N MET B 269 -21.82 -3.00 11.40
CA MET B 269 -20.84 -1.93 11.35
C MET B 269 -21.00 -0.97 10.15
N GLN B 270 -21.69 -1.41 9.09
CA GLN B 270 -22.06 -0.50 7.99
C GLN B 270 -23.18 0.49 8.35
N TYR B 271 -23.95 0.22 9.40
CA TYR B 271 -24.88 1.20 9.93
C TYR B 271 -24.14 2.17 10.82
N LYS B 272 -23.06 1.73 11.48
CA LYS B 272 -22.17 2.67 12.19
C LYS B 272 -21.56 3.63 11.19
N ASP B 273 -20.79 3.07 10.26
CA ASP B 273 -20.14 3.85 9.20
C ASP B 273 -21.09 4.75 8.41
N ALA B 274 -22.28 4.26 8.09
CA ALA B 274 -23.30 5.07 7.42
C ALA B 274 -23.83 6.24 8.25
N GLY B 275 -23.60 6.22 9.55
CA GLY B 275 -23.92 7.34 10.42
C GLY B 275 -25.26 7.26 11.14
N TYR B 276 -25.69 6.04 11.44
CA TYR B 276 -26.79 5.81 12.35
C TYR B 276 -26.21 5.67 13.74
N LEU B 277 -26.91 6.20 14.73
CA LEU B 277 -26.48 6.11 16.13
C LEU B 277 -26.78 4.70 16.58
N PRO B 278 -26.08 4.19 17.62
CA PRO B 278 -26.27 2.80 18.01
C PRO B 278 -27.64 2.49 18.65
N HIS B 279 -28.11 3.35 19.55
CA HIS B 279 -29.45 3.15 20.16
C HIS B 279 -30.55 3.22 19.11
N ALA B 280 -30.42 4.14 18.17
CA ALA B 280 -31.37 4.20 17.07
C ALA B 280 -31.45 2.88 16.33
N LEU B 281 -30.29 2.27 16.10
CA LEU B 281 -30.26 0.96 15.48
C LEU B 281 -30.96 -0.10 16.36
N ILE B 282 -30.74 -0.13 17.68
CA ILE B 282 -31.47 -1.12 18.52
C ILE B 282 -32.99 -0.86 18.63
N ASN B 283 -33.41 0.40 18.83
CA ASN B 283 -34.84 0.79 18.85
C ASN B 283 -35.50 0.31 17.57
N TYR B 284 -34.82 0.55 16.45
CA TYR B 284 -35.23 0.00 15.15
C TYR B 284 -35.25 -1.53 15.14
N LEU B 285 -34.15 -2.16 15.56
CA LEU B 285 -34.06 -3.64 15.59
C LEU B 285 -35.16 -4.29 16.39
N ALA B 286 -35.33 -3.81 17.62
CA ALA B 286 -36.31 -4.32 18.56
C ALA B 286 -37.71 -4.39 17.94
N ARG B 287 -38.09 -3.33 17.23
CA ARG B 287 -39.38 -3.27 16.51
C ARG B 287 -39.42 -4.02 15.16
N LEU B 288 -38.42 -4.85 14.88
CA LEU B 288 -38.53 -5.86 13.85
C LEU B 288 -38.94 -7.12 14.58
N GLY B 289 -40.21 -7.50 14.42
CA GLY B 289 -40.73 -8.73 15.01
C GLY B 289 -41.11 -8.66 16.48
N TRP B 290 -41.07 -7.48 17.08
CA TRP B 290 -41.67 -7.24 18.39
C TRP B 290 -42.40 -5.89 18.32
N SER B 291 -43.58 -5.84 18.93
CA SER B 291 -44.37 -4.62 18.96
C SER B 291 -44.88 -4.44 20.36
N HIS B 292 -45.49 -3.28 20.58
CA HIS B 292 -46.09 -2.98 21.86
C HIS B 292 -47.18 -1.94 21.65
N GLY B 293 -48.37 -2.41 21.30
CA GLY B 293 -49.43 -1.53 20.88
C GLY B 293 -49.05 -0.81 19.61
N ASP B 294 -48.90 0.51 19.68
CA ASP B 294 -48.53 1.33 18.52
C ASP B 294 -47.31 2.23 18.83
N GLN B 295 -46.52 1.86 19.84
CA GLN B 295 -45.35 2.62 20.25
C GLN B 295 -44.13 2.19 19.44
N GLU B 296 -43.38 3.19 19.02
CA GLU B 296 -42.23 3.03 18.15
C GLU B 296 -40.95 3.34 18.88
N LEU B 297 -40.90 4.51 19.51
CA LEU B 297 -39.72 4.90 20.25
C LEU B 297 -39.71 4.37 21.67
N PHE B 298 -38.63 3.70 22.02
CA PHE B 298 -38.42 3.16 23.35
C PHE B 298 -37.04 3.58 23.80
N THR B 299 -36.98 4.21 24.98
CA THR B 299 -35.70 4.41 25.70
C THR B 299 -35.15 3.05 26.13
N PRO B 300 -33.84 2.98 26.43
CA PRO B 300 -33.30 1.65 26.76
C PRO B 300 -33.97 1.01 28.00
N GLN B 301 -34.41 1.84 28.95
CA GLN B 301 -35.22 1.37 30.09
C GLN B 301 -36.56 0.84 29.65
N GLU B 302 -37.24 1.57 28.75
CA GLU B 302 -38.56 1.15 28.27
C GLU B 302 -38.53 -0.24 27.65
N LEU B 303 -37.46 -0.57 26.92
CA LEU B 303 -37.30 -1.92 26.40
C LEU B 303 -37.14 -2.97 27.51
N LEU B 304 -36.41 -2.66 28.58
CA LEU B 304 -36.26 -3.60 29.72
C LEU B 304 -37.55 -3.85 30.54
N ASP B 305 -38.43 -2.86 30.61
CA ASP B 305 -39.69 -2.97 31.33
C ASP B 305 -40.69 -3.78 30.51
N LEU B 306 -40.90 -3.35 29.26
CA LEU B 306 -41.99 -3.80 28.40
C LEU B 306 -41.72 -5.04 27.54
N PHE B 307 -40.44 -5.33 27.22
CA PHE B 307 -40.09 -6.42 26.29
C PHE B 307 -40.22 -7.78 26.97
N ASP B 308 -40.91 -8.70 26.29
CA ASP B 308 -40.95 -10.12 26.64
C ASP B 308 -40.79 -10.90 25.35
N VAL B 309 -39.87 -11.88 25.34
CA VAL B 309 -39.63 -12.69 24.14
C VAL B 309 -40.85 -13.49 23.74
N LYS B 310 -41.73 -13.74 24.71
CA LYS B 310 -43.05 -14.32 24.48
C LYS B 310 -43.90 -13.55 23.49
N ASP B 311 -43.70 -12.23 23.44
CA ASP B 311 -44.54 -11.37 22.62
C ASP B 311 -44.00 -11.17 21.21
N VAL B 312 -42.86 -11.79 20.85
CA VAL B 312 -42.26 -11.45 19.53
C VAL B 312 -43.11 -12.07 18.41
N ASN B 313 -43.47 -11.23 17.43
CA ASN B 313 -44.37 -11.63 16.37
C ASN B 313 -43.87 -12.89 15.67
N SER B 314 -44.82 -13.75 15.36
CA SER B 314 -44.56 -15.04 14.75
C SER B 314 -44.33 -14.91 13.24
N LYS B 315 -44.70 -13.77 12.65
CA LYS B 315 -44.47 -13.53 11.22
C LYS B 315 -43.18 -12.72 10.98
N ALA B 316 -42.40 -13.14 9.99
CA ALA B 316 -41.08 -12.59 9.70
C ALA B 316 -41.08 -11.10 9.42
N ALA B 317 -40.16 -10.39 10.09
CA ALA B 317 -40.03 -8.94 9.98
C ALA B 317 -39.18 -8.52 8.77
N ARG B 318 -39.37 -7.27 8.35
CA ARG B 318 -38.83 -6.73 7.09
C ARG B 318 -38.05 -5.44 7.37
N LEU B 319 -36.85 -5.29 6.80
CA LEU B 319 -36.05 -4.08 7.00
C LEU B 319 -36.70 -2.92 6.27
N ASP B 320 -36.84 -1.80 6.97
CA ASP B 320 -37.28 -0.58 6.32
C ASP B 320 -36.26 0.47 6.67
N MET B 321 -35.41 0.75 5.70
CA MET B 321 -34.37 1.74 5.82
C MET B 321 -34.99 3.09 6.12
N ALA B 322 -36.13 3.40 5.52
CA ALA B 322 -36.79 4.66 5.80
C ALA B 322 -37.19 4.77 7.27
N LYS B 323 -37.82 3.73 7.82
CA LYS B 323 -38.18 3.67 9.27
C LYS B 323 -36.97 3.99 10.15
N LEU B 324 -35.87 3.33 9.85
CA LEU B 324 -34.62 3.59 10.53
C LEU B 324 -34.22 5.04 10.42
N GLY B 325 -34.27 5.57 9.21
CA GLY B 325 -34.02 6.98 8.97
C GLY B 325 -34.86 7.86 9.88
N TRP B 326 -36.15 7.55 9.98
CA TRP B 326 -37.07 8.31 10.84
C TRP B 326 -36.60 8.28 12.30
N VAL B 327 -36.24 7.09 12.77
CA VAL B 327 -35.92 6.89 14.19
C VAL B 327 -34.51 7.36 14.54
N ASN B 328 -33.55 7.21 13.62
CA ASN B 328 -32.23 7.80 13.83
C ASN B 328 -32.31 9.31 13.95
N GLN B 329 -33.12 9.95 13.09
CA GLN B 329 -33.32 11.38 13.17
C GLN B 329 -34.00 11.79 14.46
N HIS B 330 -34.96 11.02 14.97
CA HIS B 330 -35.57 11.37 16.29
C HIS B 330 -34.48 11.54 17.37
N TYR B 331 -33.52 10.63 17.39
CA TYR B 331 -32.44 10.67 18.37
C TYR B 331 -31.43 11.82 18.11
N LEU B 332 -31.12 12.10 16.84
CA LEU B 332 -30.34 13.30 16.48
C LEU B 332 -30.97 14.60 16.98
N LYS B 333 -32.28 14.71 16.80
CA LYS B 333 -33.03 15.87 17.26
C LYS B 333 -33.05 15.97 18.78
N THR B 334 -33.26 14.84 19.46
CA THR B 334 -33.54 14.84 20.90
C THR B 334 -32.34 14.56 21.81
N ASP B 335 -31.37 13.75 21.36
CA ASP B 335 -30.17 13.48 22.19
C ASP B 335 -29.36 14.75 22.44
N ASP B 336 -28.66 14.75 23.56
CA ASP B 336 -27.69 15.77 23.87
C ASP B 336 -26.77 15.97 22.66
N PRO B 337 -26.62 17.21 22.16
CA PRO B 337 -25.62 17.52 21.13
C PRO B 337 -24.20 16.95 21.38
N ALA B 338 -23.77 17.00 22.64
CA ALA B 338 -22.44 16.53 23.07
C ALA B 338 -22.24 15.02 22.87
N SER B 339 -23.31 14.24 23.06
CA SER B 339 -23.24 12.80 22.97
C SER B 339 -23.13 12.37 21.50
N ILE B 340 -23.76 13.14 20.62
CA ILE B 340 -23.69 12.89 19.17
C ILE B 340 -22.34 13.36 18.61
N ALA B 341 -21.85 14.48 19.12
CA ALA B 341 -20.72 15.19 18.53
C ALA B 341 -19.48 14.36 18.17
N PRO B 342 -18.95 13.55 19.10
CA PRO B 342 -17.77 12.75 18.71
C PRO B 342 -18.08 11.79 17.59
N GLN B 343 -19.32 11.30 17.54
CA GLN B 343 -19.78 10.45 16.46
C GLN B 343 -19.79 11.18 15.10
N LEU B 344 -20.19 12.45 15.11
CA LEU B 344 -20.07 13.29 13.91
C LEU B 344 -18.59 13.46 13.55
N GLU B 345 -17.77 13.85 14.52
CA GLU B 345 -16.33 14.02 14.28
C GLU B 345 -15.75 12.79 13.56
N TYR B 346 -16.22 11.58 13.94
CA TYR B 346 -15.81 10.35 13.26
C TYR B 346 -16.06 10.47 11.77
N GLN B 347 -17.27 10.91 11.42
CA GLN B 347 -17.67 11.07 10.02
C GLN B 347 -16.89 12.18 9.31
N LEU B 348 -16.74 13.33 9.98
CA LEU B 348 -15.83 14.40 9.52
C LEU B 348 -14.40 13.88 9.24
N ALA B 349 -13.86 13.06 10.14
CA ALA B 349 -12.53 12.48 9.96
C ALA B 349 -12.40 11.73 8.64
N LYS B 350 -13.45 11.03 8.23
CA LYS B 350 -13.43 10.26 6.98
C LYS B 350 -13.37 11.12 5.71
N LEU B 351 -13.92 12.31 5.80
CA LEU B 351 -13.78 13.32 4.76
C LEU B 351 -12.48 14.16 4.98
N GLY B 352 -11.92 14.14 6.19
CA GLY B 352 -10.55 14.62 6.44
C GLY B 352 -10.47 16.12 6.66
N VAL B 353 -11.00 16.60 7.78
CA VAL B 353 -11.27 18.04 7.94
C VAL B 353 -10.66 18.75 9.17
N ASP B 354 -10.16 18.01 10.17
CA ASP B 354 -9.42 18.59 11.32
C ASP B 354 -10.31 19.33 12.37
N LEU B 355 -9.71 20.27 13.09
CA LEU B 355 -10.42 21.25 13.91
C LEU B 355 -10.06 22.59 13.29
N ALA B 356 -10.15 22.64 11.95
CA ALA B 356 -9.58 23.73 11.15
C ALA B 356 -10.67 24.67 10.65
N ALA B 357 -10.49 25.99 10.87
CA ALA B 357 -11.54 27.03 10.60
C ALA B 357 -12.91 26.60 11.12
N GLY B 358 -12.91 25.59 11.99
CA GLY B 358 -13.97 24.61 12.09
C GLY B 358 -14.80 24.81 13.34
N PRO B 359 -16.12 24.77 13.21
CA PRO B 359 -16.99 25.02 14.35
C PRO B 359 -16.94 23.86 15.31
N ALA B 360 -17.55 24.03 16.49
CA ALA B 360 -17.69 22.92 17.42
C ALA B 360 -18.66 21.90 16.84
N ALA B 361 -18.31 20.62 16.92
CA ALA B 361 -19.18 19.55 16.39
C ALA B 361 -20.62 19.63 16.92
N ALA B 362 -20.76 19.83 18.24
CA ALA B 362 -22.08 19.95 18.88
C ALA B 362 -22.86 21.18 18.41
N ASP B 363 -22.16 22.27 18.09
CA ASP B 363 -22.80 23.42 17.43
C ASP B 363 -23.32 23.03 16.04
N VAL B 364 -22.58 22.19 15.32
CA VAL B 364 -22.98 21.72 13.98
C VAL B 364 -24.22 20.81 14.05
N VAL B 365 -24.33 19.99 15.11
CA VAL B 365 -25.48 19.09 15.19
C VAL B 365 -26.75 19.92 15.37
N VAL B 366 -26.78 20.84 16.33
CA VAL B 366 -27.98 21.68 16.56
C VAL B 366 -28.39 22.45 15.29
N ALA B 367 -27.41 22.91 14.51
CA ALA B 367 -27.71 23.55 13.22
C ALA B 367 -28.33 22.62 12.15
N LEU B 368 -27.94 21.34 12.17
CA LEU B 368 -28.34 20.36 11.12
C LEU B 368 -29.29 19.22 11.56
N ARG B 369 -29.58 19.09 12.87
CA ARG B 369 -30.41 17.99 13.42
C ARG B 369 -31.66 17.62 12.64
N GLU B 370 -32.37 18.65 12.19
CA GLU B 370 -33.71 18.51 11.63
C GLU B 370 -33.68 18.39 10.11
N ARG B 371 -32.52 18.68 9.52
CA ARG B 371 -32.37 18.67 8.07
C ARG B 371 -31.59 17.46 7.59
N VAL B 372 -31.14 16.58 8.49
CA VAL B 372 -30.50 15.31 8.06
C VAL B 372 -31.11 14.07 8.72
N HIS B 373 -30.76 12.92 8.18
CA HIS B 373 -31.16 11.61 8.72
C HIS B 373 -30.01 10.66 9.10
N THR B 374 -28.79 10.94 8.61
CA THR B 374 -27.62 10.20 9.03
C THR B 374 -26.43 11.15 9.31
N LEU B 375 -25.55 10.77 10.23
CA LEU B 375 -24.35 11.56 10.58
C LEU B 375 -23.37 11.80 9.44
N LYS B 376 -23.35 10.91 8.45
CA LYS B 376 -22.57 11.07 7.21
C LYS B 376 -23.17 12.12 6.26
N GLU B 377 -24.51 12.29 6.27
CA GLU B 377 -25.18 13.38 5.56
C GLU B 377 -24.90 14.69 6.27
N MET B 378 -24.82 14.63 7.60
CA MET B 378 -24.35 15.77 8.40
C MET B 378 -22.94 16.17 8.00
N ALA B 379 -22.01 15.22 8.11
CA ALA B 379 -20.59 15.45 7.84
C ALA B 379 -20.32 16.06 6.47
N GLU B 380 -20.92 15.46 5.44
CA GLU B 380 -20.86 15.96 4.08
C GLU B 380 -21.36 17.40 3.95
N LYS B 381 -22.54 17.65 4.53
CA LYS B 381 -23.19 18.96 4.42
C LYS B 381 -22.54 20.00 5.33
N ALA B 382 -21.79 19.52 6.34
CA ALA B 382 -21.02 20.40 7.26
C ALA B 382 -19.66 20.86 6.72
N VAL B 383 -19.17 20.28 5.63
CA VAL B 383 -17.78 20.53 5.20
C VAL B 383 -17.49 22.02 4.90
N VAL B 384 -18.48 22.76 4.38
CA VAL B 384 -18.29 24.21 4.10
C VAL B 384 -17.71 25.07 5.23
N TRP B 385 -17.94 24.68 6.48
CA TRP B 385 -17.42 25.46 7.62
C TRP B 385 -16.01 25.09 8.01
N TYR B 386 -15.57 23.88 7.68
CA TYR B 386 -14.24 23.42 8.06
C TYR B 386 -13.18 23.94 7.09
N GLN B 387 -13.22 23.44 5.86
CA GLN B 387 -12.30 23.92 4.82
C GLN B 387 -12.59 25.39 4.47
N PRO B 388 -11.55 26.15 4.07
CA PRO B 388 -11.81 27.50 3.58
C PRO B 388 -12.49 27.47 2.21
N LEU B 389 -13.21 28.55 1.93
CA LEU B 389 -14.06 28.65 0.76
C LEU B 389 -13.22 29.00 -0.44
N GLU B 390 -13.08 28.05 -1.35
CA GLU B 390 -12.29 28.27 -2.56
C GLU B 390 -13.09 28.07 -3.87
N THR B 391 -14.31 27.54 -3.78
CA THR B 391 -15.10 27.24 -4.97
C THR B 391 -16.54 27.74 -4.81
N TYR B 392 -16.83 28.81 -5.56
CA TYR B 392 -18.16 29.37 -5.67
C TYR B 392 -18.88 28.66 -6.84
N ASP B 393 -20.21 28.71 -6.80
CA ASP B 393 -21.06 28.07 -7.80
C ASP B 393 -21.40 29.14 -8.83
N ALA B 394 -21.33 28.79 -10.12
CA ALA B 394 -21.46 29.80 -11.16
C ALA B 394 -22.83 30.49 -11.18
N ALA B 395 -23.90 29.70 -11.28
CA ALA B 395 -25.26 30.26 -11.38
C ALA B 395 -25.67 31.01 -10.11
N ALA B 396 -25.46 30.35 -8.98
CA ALA B 396 -25.72 30.95 -7.68
C ALA B 396 -24.88 32.18 -7.37
N VAL B 397 -23.76 32.40 -8.04
CA VAL B 397 -22.95 33.60 -7.79
C VAL B 397 -23.42 34.78 -8.64
N MET B 398 -23.81 34.53 -9.88
CA MET B 398 -24.31 35.60 -10.72
C MET B 398 -25.82 35.81 -10.56
N LYS B 399 -26.38 35.48 -9.44
CA LYS B 399 -27.80 35.67 -9.25
C LYS B 399 -27.98 36.56 -8.07
N HIS B 400 -27.17 36.29 -7.08
CA HIS B 400 -27.17 37.02 -5.87
C HIS B 400 -25.89 37.78 -5.64
N LEU B 401 -24.91 37.61 -6.50
CA LEU B 401 -23.72 38.41 -6.30
C LEU B 401 -23.67 39.41 -7.41
N LYS B 402 -24.86 39.88 -7.76
CA LYS B 402 -25.05 40.76 -8.89
C LYS B 402 -24.90 42.19 -8.50
N LEU B 403 -23.70 42.56 -8.10
CA LEU B 403 -23.47 43.95 -8.08
C LEU B 403 -24.69 44.56 -7.46
N GLY B 404 -25.28 43.88 -6.51
CA GLY B 404 -26.27 44.51 -5.66
C GLY B 404 -25.31 45.23 -4.77
N ALA B 405 -24.69 46.25 -5.34
CA ALA B 405 -23.30 46.69 -5.13
C ALA B 405 -22.90 46.33 -3.75
N GLU B 406 -23.90 45.86 -3.04
CA GLU B 406 -23.65 45.22 -1.76
C GLU B 406 -24.05 46.11 -0.60
N VAL B 407 -25.27 46.64 -0.67
CA VAL B 407 -25.87 47.33 0.47
C VAL B 407 -26.32 46.33 1.53
N PRO B 408 -26.64 45.11 1.09
CA PRO B 408 -27.08 44.06 2.01
C PRO B 408 -25.93 43.18 2.49
N LEU B 409 -24.82 43.17 1.78
CA LEU B 409 -23.68 42.36 2.17
C LEU B 409 -22.60 43.17 2.92
N GLY B 410 -22.44 44.44 2.52
CA GLY B 410 -21.58 45.38 3.23
C GLY B 410 -22.14 45.76 4.59
N LYS B 411 -23.43 46.07 4.63
CA LYS B 411 -24.13 46.40 5.89
C LYS B 411 -24.10 45.21 6.83
N ALA B 412 -24.12 44.00 6.28
CA ALA B 412 -23.93 42.79 7.07
C ALA B 412 -22.59 42.83 7.79
N ARG B 413 -21.49 42.87 7.03
CA ARG B 413 -20.12 42.90 7.60
C ARG B 413 -19.96 43.87 8.80
N GLU B 414 -20.37 45.12 8.59
CA GLU B 414 -20.38 46.16 9.64
C GLU B 414 -20.95 45.61 10.95
N LEU B 415 -22.20 45.16 10.86
CA LEU B 415 -22.95 44.61 12.00
C LEU B 415 -22.32 43.35 12.56
N LEU B 416 -21.84 42.47 11.68
CA LEU B 416 -21.19 41.23 12.11
C LEU B 416 -19.99 41.47 13.01
N ALA B 417 -19.38 42.66 13.01
CA ALA B 417 -18.55 43.10 14.16
C ALA B 417 -19.45 43.41 15.38
N ALA B 418 -20.04 42.33 15.90
CA ALA B 418 -21.07 42.37 16.94
C ALA B 418 -20.37 42.30 18.26
N VAL B 419 -21.12 42.22 19.36
CA VAL B 419 -20.54 41.93 20.68
C VAL B 419 -19.79 40.60 20.58
N ASP B 420 -18.69 40.45 21.33
CA ASP B 420 -17.87 39.23 21.22
C ASP B 420 -18.58 37.96 21.74
N GLN B 421 -19.74 38.13 22.39
CA GLN B 421 -20.72 37.04 22.52
C GLN B 421 -21.20 36.65 21.10
N TRP B 422 -20.30 36.07 20.31
CA TRP B 422 -20.58 35.68 18.92
C TRP B 422 -21.37 34.38 19.05
N SER B 423 -22.68 34.53 19.10
CA SER B 423 -23.61 33.43 19.29
C SER B 423 -24.58 33.45 18.13
N VAL B 424 -25.08 32.27 17.75
CA VAL B 424 -26.18 32.17 16.78
C VAL B 424 -27.31 33.16 17.06
N ASP B 425 -27.63 33.39 18.35
CA ASP B 425 -28.62 34.39 18.73
C ASP B 425 -28.14 35.84 18.54
N SER B 426 -26.89 36.13 18.90
CA SER B 426 -26.28 37.45 18.62
C SER B 426 -26.02 37.74 17.13
N VAL B 427 -26.00 36.71 16.29
CA VAL B 427 -25.93 36.89 14.84
C VAL B 427 -27.28 37.41 14.31
N SER B 428 -28.38 36.76 14.67
CA SER B 428 -29.74 37.21 14.27
C SER B 428 -30.07 38.64 14.73
N ALA B 429 -29.43 39.10 15.80
CA ALA B 429 -29.41 40.53 16.12
C ALA B 429 -28.85 41.30 14.92
N ALA B 430 -27.61 40.97 14.54
CA ALA B 430 -26.91 41.65 13.43
C ALA B 430 -27.63 41.59 12.09
N LEU B 431 -28.11 40.40 11.73
CA LEU B 431 -28.69 40.17 10.41
C LEU B 431 -30.04 40.86 10.25
N HIS B 432 -30.87 40.83 11.30
CA HIS B 432 -32.13 41.58 11.29
C HIS B 432 -31.88 43.09 11.42
N ASP B 433 -30.90 43.47 12.24
CA ASP B 433 -30.40 44.86 12.29
C ASP B 433 -30.01 45.34 10.90
N ALA B 434 -29.17 44.57 10.22
CA ALA B 434 -28.67 44.93 8.91
C ALA B 434 -29.80 45.06 7.86
N ALA B 435 -30.89 44.32 8.06
CA ALA B 435 -32.09 44.40 7.21
C ALA B 435 -32.98 45.57 7.63
N ALA B 436 -33.25 45.67 8.93
CA ALA B 436 -34.16 46.65 9.52
C ALA B 436 -33.58 48.07 9.46
N ALA B 437 -32.29 48.22 9.78
CA ALA B 437 -31.53 49.37 9.27
C ALA B 437 -31.42 49.11 7.78
N LEU B 438 -31.58 50.14 6.95
CA LEU B 438 -31.57 50.00 5.49
C LEU B 438 -32.89 49.47 4.88
N GLU B 439 -33.82 48.92 5.68
CA GLU B 439 -35.22 48.64 5.26
C GLU B 439 -35.36 47.76 3.99
N LEU B 440 -34.48 46.76 3.85
CA LEU B 440 -34.70 45.71 2.86
C LEU B 440 -35.43 44.59 3.57
N GLY B 441 -35.92 43.62 2.79
CA GLY B 441 -36.56 42.44 3.36
C GLY B 441 -35.67 41.65 4.31
N MET B 442 -36.28 40.68 4.98
CA MET B 442 -35.61 39.84 6.00
C MET B 442 -34.69 38.79 5.35
N GLY B 443 -35.10 38.30 4.18
CA GLY B 443 -34.34 37.33 3.38
C GLY B 443 -33.60 37.90 2.19
N LYS B 444 -33.75 39.19 1.88
CA LYS B 444 -32.98 39.78 0.78
C LYS B 444 -31.54 40.06 1.22
N VAL B 445 -31.30 40.15 2.53
CA VAL B 445 -29.94 40.11 3.09
C VAL B 445 -29.41 38.67 3.21
N ALA B 446 -30.30 37.71 3.50
CA ALA B 446 -29.94 36.29 3.55
C ALA B 446 -29.32 35.76 2.25
N GLN B 447 -30.04 35.97 1.14
CA GLN B 447 -29.69 35.38 -0.17
C GLN B 447 -28.26 35.64 -0.71
N PRO B 448 -27.78 36.91 -0.69
CA PRO B 448 -26.37 37.17 -1.06
C PRO B 448 -25.42 36.63 -0.01
N LEU B 449 -25.76 36.80 1.26
CA LEU B 449 -24.97 36.27 2.35
C LEU B 449 -24.82 34.74 2.33
N ARG B 450 -25.80 34.03 1.78
CA ARG B 450 -25.74 32.56 1.68
C ARG B 450 -24.67 32.12 0.66
N VAL B 451 -24.64 32.79 -0.49
CA VAL B 451 -23.65 32.51 -1.53
C VAL B 451 -22.29 33.05 -1.11
N ALA B 452 -22.24 34.14 -0.35
CA ALA B 452 -20.96 34.67 0.12
C ALA B 452 -20.24 33.68 1.06
N ILE B 453 -20.96 33.14 2.04
CA ILE B 453 -20.33 32.30 3.09
C ILE B 453 -20.27 30.82 2.64
N THR B 454 -21.22 30.35 1.84
CA THR B 454 -21.18 28.94 1.39
C THR B 454 -20.71 28.74 -0.05
N GLY B 455 -20.80 29.76 -0.90
CA GLY B 455 -20.56 29.62 -2.35
C GLY B 455 -21.72 28.96 -3.07
N THR B 456 -22.84 28.80 -2.35
CA THR B 456 -23.94 27.96 -2.74
C THR B 456 -25.22 28.75 -2.54
N GLN B 457 -26.27 28.26 -3.17
CA GLN B 457 -27.62 28.81 -3.05
C GLN B 457 -28.38 28.19 -1.87
N VAL B 458 -27.78 27.15 -1.26
CA VAL B 458 -28.45 26.26 -0.30
C VAL B 458 -27.61 26.15 0.97
N SER B 459 -28.27 26.24 2.12
CA SER B 459 -27.66 26.11 3.44
C SER B 459 -28.75 26.22 4.51
N PRO B 460 -28.47 25.83 5.77
CA PRO B 460 -29.39 26.03 6.91
C PRO B 460 -29.87 27.47 7.14
N ASP B 461 -30.45 27.73 8.29
CA ASP B 461 -30.78 29.10 8.69
C ASP B 461 -29.51 29.97 8.66
N ILE B 462 -29.55 31.11 7.98
CA ILE B 462 -28.37 32.00 7.90
C ILE B 462 -27.76 32.31 9.27
N SER B 463 -28.59 32.50 10.28
CA SER B 463 -28.07 32.72 11.62
C SER B 463 -27.13 31.58 12.01
N GLN B 464 -27.52 30.34 11.74
CA GLN B 464 -26.63 29.21 11.96
C GLN B 464 -25.47 29.26 10.95
N THR B 465 -25.78 29.44 9.66
CA THR B 465 -24.76 29.22 8.63
C THR B 465 -23.65 30.24 8.72
N VAL B 466 -23.94 31.49 9.07
CA VAL B 466 -22.85 32.50 9.17
C VAL B 466 -22.13 32.30 10.50
N TYR B 467 -22.85 31.92 11.54
CA TYR B 467 -22.26 31.68 12.86
C TYR B 467 -21.18 30.60 12.78
N LEU B 468 -21.53 29.46 12.20
CA LEU B 468 -20.62 28.29 12.15
C LEU B 468 -19.27 28.55 11.45
N ALA B 469 -19.25 29.48 10.50
CA ALA B 469 -18.02 29.91 9.84
C ALA B 469 -16.98 30.51 10.81
N GLY B 470 -17.46 31.10 11.90
CA GLY B 470 -16.64 31.73 12.92
C GLY B 470 -16.64 33.22 12.69
N ARG B 471 -16.22 33.99 13.70
CA ARG B 471 -16.15 35.45 13.60
C ARG B 471 -15.19 35.78 12.45
N GLU B 472 -13.91 35.43 12.64
CA GLU B 472 -12.89 35.49 11.58
C GLU B 472 -13.34 34.89 10.24
N GLY B 473 -14.01 33.75 10.28
CA GLY B 473 -14.43 33.04 9.07
C GLY B 473 -15.48 33.76 8.24
N ALA B 474 -16.54 34.22 8.91
CA ALA B 474 -17.62 34.95 8.25
C ALA B 474 -17.13 36.21 7.55
N LEU B 475 -16.37 37.01 8.29
CA LEU B 475 -15.96 38.35 7.85
C LEU B 475 -15.09 38.29 6.59
N LYS B 476 -14.07 37.43 6.64
CA LYS B 476 -13.20 37.13 5.49
C LYS B 476 -13.97 36.67 4.23
N ARG B 477 -14.99 35.83 4.41
CA ARG B 477 -15.79 35.27 3.31
C ARG B 477 -16.68 36.30 2.65
N ILE B 478 -17.22 37.20 3.48
CA ILE B 478 -18.03 38.34 3.02
C ILE B 478 -17.09 39.33 2.31
N ASP B 479 -16.01 39.71 2.99
CA ASP B 479 -14.97 40.57 2.42
C ASP B 479 -14.53 40.05 1.05
N ALA B 480 -14.23 38.75 0.98
CA ALA B 480 -13.92 38.08 -0.30
C ALA B 480 -14.96 38.39 -1.37
N ALA B 481 -16.24 38.26 -1.01
CA ALA B 481 -17.37 38.56 -1.90
C ALA B 481 -17.45 40.04 -2.32
N LEU B 482 -17.35 40.94 -1.34
CA LEU B 482 -17.32 42.40 -1.56
C LEU B 482 -16.20 42.81 -2.53
N THR B 483 -15.00 42.23 -2.33
CA THR B 483 -13.85 42.47 -3.20
C THR B 483 -14.09 41.90 -4.62
N LYS B 484 -14.73 40.74 -4.71
CA LYS B 484 -15.13 40.18 -6.01
C LYS B 484 -16.14 41.10 -6.69
N ILE B 485 -17.16 41.49 -5.92
CA ILE B 485 -18.16 42.46 -6.37
C ILE B 485 -17.49 43.74 -6.84
N GLY B 486 -16.47 44.19 -6.11
CA GLY B 486 -15.54 45.27 -6.56
C GLY B 486 -15.31 45.35 -8.05
N ALA B 487 -14.59 44.37 -8.62
CA ALA B 487 -14.50 44.24 -10.09
C ALA B 487 -15.84 43.79 -10.78
N ALA C 23 -1.85 52.47 9.60
CA ALA C 23 -1.95 51.36 10.59
C ALA C 23 -1.20 50.11 10.12
N CYS C 24 -1.07 49.14 11.04
CA CYS C 24 -0.15 48.01 10.89
C CYS C 24 -0.55 47.02 9.78
N ARG C 25 0.43 46.60 9.00
CA ARG C 25 0.31 45.47 8.08
C ARG C 25 1.52 44.60 8.40
N THR C 26 1.49 43.32 8.06
CA THR C 26 2.50 42.36 8.52
C THR C 26 2.32 40.99 7.85
N ARG C 27 3.44 40.39 7.42
CA ARG C 27 3.40 39.14 6.65
C ARG C 27 4.20 38.00 7.27
N PHE C 28 3.79 36.77 6.94
CA PHE C 28 4.59 35.59 7.09
C PHE C 28 4.77 35.06 5.68
N ALA C 29 6.01 35.00 5.20
CA ALA C 29 6.29 34.65 3.82
C ALA C 29 7.26 33.47 3.75
N PRO C 30 6.85 32.30 4.28
CA PRO C 30 7.77 31.15 4.36
C PRO C 30 8.22 30.65 2.99
N SER C 31 9.50 30.26 2.89
CA SER C 31 9.99 29.47 1.75
C SER C 31 9.58 28.04 2.05
N PRO C 32 8.65 27.48 1.25
CA PRO C 32 8.12 26.17 1.60
C PRO C 32 9.16 25.09 1.39
N THR C 33 9.61 24.52 2.50
CA THR C 33 10.24 23.21 2.52
C THR C 33 9.06 22.24 2.79
N GLY C 34 9.34 21.04 3.27
CA GLY C 34 8.28 20.05 3.47
C GLY C 34 7.14 20.42 4.41
N TYR C 35 7.44 21.28 5.40
CA TYR C 35 6.56 21.46 6.56
C TYR C 35 6.70 22.84 7.19
N LEU C 36 5.83 23.17 8.14
CA LEU C 36 6.03 24.37 8.94
C LEU C 36 7.07 24.08 10.02
N HIS C 37 8.01 25.01 10.15
CA HIS C 37 9.19 24.89 10.99
C HIS C 37 8.90 25.62 12.31
N ILE C 38 9.38 25.11 13.45
CA ILE C 38 9.17 25.81 14.74
C ILE C 38 9.71 27.24 14.67
N GLY C 39 10.88 27.42 14.08
CA GLY C 39 11.44 28.76 13.85
C GLY C 39 10.54 29.68 13.05
N GLY C 40 9.98 29.15 11.96
CA GLY C 40 9.05 29.88 11.10
C GLY C 40 7.73 30.12 11.80
N ALA C 41 7.26 29.09 12.51
CA ALA C 41 6.08 29.18 13.36
C ALA C 41 6.17 30.30 14.41
N ARG C 42 7.38 30.63 14.85
CA ARG C 42 7.60 31.79 15.73
C ARG C 42 7.56 33.13 14.98
N THR C 43 8.14 33.19 13.77
CA THR C 43 8.09 34.42 12.96
C THR C 43 6.62 34.82 12.79
N ALA C 44 5.82 33.83 12.34
CA ALA C 44 4.37 33.98 12.19
C ALA C 44 3.69 34.45 13.47
N LEU C 45 3.99 33.79 14.59
CA LEU C 45 3.38 34.15 15.87
C LEU C 45 3.58 35.63 16.13
N TYR C 46 4.83 36.10 16.04
CA TYR C 46 5.16 37.51 16.34
C TYR C 46 4.54 38.48 15.32
N CYS C 47 4.58 38.08 14.05
CA CYS C 47 3.91 38.82 12.98
C CYS C 47 2.42 38.95 13.27
N TRP C 48 1.80 37.80 13.55
CA TRP C 48 0.37 37.74 13.91
C TRP C 48 0.06 38.64 15.11
N LEU C 49 0.82 38.50 16.20
CA LEU C 49 0.68 39.35 17.40
C LEU C 49 0.81 40.86 17.12
N GLU C 50 1.85 41.26 16.40
CA GLU C 50 2.04 42.68 16.09
C GLU C 50 0.85 43.28 15.36
N ALA C 51 0.33 42.55 14.38
CA ALA C 51 -0.82 43.00 13.57
C ALA C 51 -2.12 42.93 14.36
N ARG C 52 -2.44 41.76 14.90
CA ARG C 52 -3.70 41.59 15.64
C ARG C 52 -3.86 42.53 16.85
N ARG C 53 -2.75 42.79 17.57
CA ARG C 53 -2.75 43.73 18.70
C ARG C 53 -3.17 45.14 18.32
N ARG C 54 -2.83 45.55 17.10
CA ARG C 54 -3.21 46.85 16.60
C ARG C 54 -4.45 46.79 15.70
N GLY C 55 -5.06 45.61 15.56
CA GLY C 55 -6.24 45.44 14.70
C GLY C 55 -5.99 45.65 13.22
N GLY C 56 -4.76 45.38 12.79
CA GLY C 56 -4.34 45.49 11.41
C GLY C 56 -4.55 44.18 10.70
N GLN C 57 -3.65 43.89 9.76
CA GLN C 57 -3.78 42.73 8.88
C GLN C 57 -2.50 41.89 8.89
N PHE C 58 -2.61 40.64 9.33
CA PHE C 58 -1.57 39.64 9.11
C PHE C 58 -1.85 38.98 7.76
N VAL C 59 -0.85 38.84 6.90
CA VAL C 59 -1.06 38.21 5.60
C VAL C 59 -0.11 37.00 5.43
N LEU C 60 -0.38 36.18 4.43
CA LEU C 60 0.39 34.96 4.22
C LEU C 60 0.77 34.85 2.75
N ARG C 61 2.06 34.67 2.50
CA ARG C 61 2.59 34.51 1.14
C ARG C 61 3.28 33.17 1.04
N ILE C 62 3.27 32.59 -0.16
CA ILE C 62 3.92 31.31 -0.39
C ILE C 62 4.86 31.40 -1.60
N GLU C 63 6.14 31.13 -1.38
CA GLU C 63 7.13 31.13 -2.45
C GLU C 63 7.07 29.79 -3.18
N ASP C 64 6.26 29.72 -4.23
CA ASP C 64 6.17 28.50 -5.05
C ASP C 64 6.84 28.66 -6.42
N THR C 65 7.94 29.42 -6.46
CA THR C 65 8.72 29.66 -7.68
C THR C 65 9.47 28.40 -8.12
N ASP C 66 9.97 27.61 -7.16
CA ASP C 66 10.54 26.28 -7.44
C ASP C 66 9.53 25.20 -7.06
N ARG C 67 8.98 24.51 -8.07
CA ARG C 67 7.90 23.51 -7.90
C ARG C 67 8.34 22.24 -7.14
N GLN C 68 9.65 21.96 -7.15
CA GLN C 68 10.26 20.95 -6.28
C GLN C 68 11.68 21.37 -5.88
N SER C 70 7.13 22.49 -2.48
CA SER C 70 6.00 23.31 -2.88
C SER C 70 5.11 22.52 -3.84
N THR C 71 4.61 21.42 -3.31
CA THR C 71 3.52 20.65 -3.93
C THR C 71 2.35 20.88 -2.99
N GLN C 72 1.14 20.48 -3.38
CA GLN C 72 -0.05 20.76 -2.57
C GLN C 72 0.08 20.29 -1.10
N ALA C 73 0.83 19.22 -0.86
CA ALA C 73 1.15 18.77 0.50
C ALA C 73 1.99 19.82 1.25
N ALA C 74 3.20 20.08 0.76
CA ALA C 74 4.14 20.99 1.43
C ALA C 74 3.54 22.37 1.74
N ILE C 75 2.66 22.86 0.87
CA ILE C 75 1.90 24.08 1.13
C ILE C 75 0.70 23.86 2.06
N ASP C 76 0.06 22.69 2.02
CA ASP C 76 -1.02 22.37 2.98
C ASP C 76 -0.51 22.19 4.40
N ALA C 77 0.66 21.56 4.56
CA ALA C 77 1.31 21.44 5.88
C ALA C 77 1.47 22.81 6.53
N ILE C 78 1.83 23.81 5.73
CA ILE C 78 1.93 25.19 6.22
C ILE C 78 0.56 25.76 6.65
N LEU C 79 -0.49 25.43 5.90
CA LEU C 79 -1.83 25.93 6.21
C LEU C 79 -2.53 25.16 7.36
N GLU C 80 -2.43 23.84 7.36
CA GLU C 80 -2.98 23.01 8.46
C GLU C 80 -2.30 23.32 9.79
N ALA C 81 -0.98 23.48 9.77
CA ALA C 81 -0.23 23.86 10.96
C ALA C 81 -0.70 25.18 11.56
N MET C 82 -0.90 26.21 10.72
CA MET C 82 -1.32 27.54 11.20
C MET C 82 -2.77 27.58 11.68
N GLN C 83 -3.64 26.84 11.00
CA GLN C 83 -4.98 26.58 11.49
C GLN C 83 -4.86 26.03 12.89
N TRP C 84 -4.02 25.00 13.06
CA TRP C 84 -3.89 24.36 14.36
C TRP C 84 -3.45 25.36 15.44
N LEU C 85 -2.42 26.17 15.15
CA LEU C 85 -1.90 27.15 16.13
C LEU C 85 -2.86 28.36 16.34
N GLY C 86 -3.83 28.54 15.46
CA GLY C 86 -4.79 29.62 15.58
C GLY C 86 -4.24 30.89 14.96
N LEU C 87 -3.44 30.75 13.91
CA LEU C 87 -2.78 31.88 13.24
C LEU C 87 -3.54 32.20 11.96
N GLY C 88 -4.76 32.69 12.14
CA GLY C 88 -5.56 33.17 11.04
C GLY C 88 -4.83 34.35 10.46
N TYR C 89 -4.97 34.52 9.15
CA TYR C 89 -4.41 35.66 8.41
C TYR C 89 -5.62 36.29 7.72
N ASP C 90 -5.52 37.57 7.37
CA ASP C 90 -6.63 38.29 6.78
C ASP C 90 -6.63 38.26 5.24
N GLU C 91 -5.47 37.98 4.65
CA GLU C 91 -5.31 37.89 3.20
C GLU C 91 -4.35 36.79 2.79
N GLY C 92 -4.51 36.33 1.56
CA GLY C 92 -3.76 35.20 1.04
C GLY C 92 -4.45 33.91 1.47
N PRO C 93 -3.77 32.76 1.39
CA PRO C 93 -2.36 32.67 1.05
C PRO C 93 -2.07 33.06 -0.41
N ILE C 94 -1.18 34.03 -0.61
CA ILE C 94 -0.96 34.59 -1.95
C ILE C 94 0.41 34.17 -2.53
N TYR C 95 0.34 33.50 -3.69
CA TYR C 95 1.45 32.72 -4.24
C TYR C 95 2.31 33.57 -5.15
N GLN C 96 3.60 33.23 -5.24
CA GLN C 96 4.52 33.98 -6.09
C GLN C 96 4.37 33.63 -7.55
N THR C 97 3.76 32.48 -7.84
CA THR C 97 3.50 32.07 -9.24
C THR C 97 2.45 32.95 -9.92
N GLN C 98 1.38 33.29 -9.19
CA GLN C 98 0.34 34.22 -9.66
C GLN C 98 0.92 35.60 -10.01
N ARG C 99 1.87 36.02 -9.20
CA ARG C 99 2.46 37.35 -9.27
C ARG C 99 3.55 37.51 -10.35
N VAL C 100 4.12 36.41 -10.85
CA VAL C 100 5.25 36.47 -11.78
C VAL C 100 5.24 37.64 -12.78
N ALA C 101 4.07 37.93 -13.35
CA ALA C 101 3.88 39.03 -14.31
C ALA C 101 4.20 40.39 -13.70
N ARG C 102 3.72 40.62 -12.47
CA ARG C 102 4.03 41.83 -11.68
C ARG C 102 5.54 42.06 -11.42
N TYR C 103 6.34 40.99 -11.36
CA TYR C 103 7.79 41.14 -11.20
C TYR C 103 8.42 41.61 -12.50
N GLN C 104 8.02 40.97 -13.61
CA GLN C 104 8.42 41.40 -14.96
C GLN C 104 8.03 42.87 -15.19
N GLU C 105 6.87 43.25 -14.70
CA GLU C 105 6.33 44.62 -14.84
C GLU C 105 7.16 45.70 -14.11
N VAL C 106 7.58 45.40 -12.87
CA VAL C 106 8.29 46.37 -12.06
C VAL C 106 9.78 46.35 -12.38
N ALA C 107 10.29 45.22 -12.87
CA ALA C 107 11.66 45.20 -13.43
C ALA C 107 11.72 46.04 -14.71
N GLU C 108 10.72 45.87 -15.58
CA GLU C 108 10.55 46.70 -16.80
C GLU C 108 10.31 48.18 -16.46
N GLN C 109 9.60 48.46 -15.37
CA GLN C 109 9.46 49.83 -14.89
C GLN C 109 10.84 50.40 -14.65
N LEU C 110 11.57 49.78 -13.74
CA LEU C 110 12.90 50.25 -13.35
C LEU C 110 13.79 50.43 -14.57
N LEU C 111 13.62 49.55 -15.57
CA LEU C 111 14.31 49.69 -16.86
C LEU C 111 13.92 50.97 -17.62
N ALA C 112 12.63 51.13 -17.88
CA ALA C 112 12.10 52.33 -18.53
C ALA C 112 12.58 53.61 -17.82
N GLN C 113 12.69 53.57 -16.50
CA GLN C 113 13.09 54.74 -15.71
C GLN C 113 14.59 55.03 -15.62
N GLY C 114 15.45 54.20 -16.23
CA GLY C 114 16.89 54.33 -16.07
C GLY C 114 17.36 54.10 -14.64
N LYS C 115 16.65 53.22 -13.92
CA LYS C 115 16.97 52.82 -12.54
C LYS C 115 17.59 51.42 -12.48
N ALA C 116 17.77 50.81 -13.64
CA ALA C 116 18.31 49.48 -13.74
C ALA C 116 18.69 49.26 -15.19
N TYR C 117 19.60 48.33 -15.43
CA TYR C 117 20.15 48.12 -16.77
C TYR C 117 20.25 46.67 -17.10
N TYR C 118 20.53 46.40 -18.36
CA TYR C 118 20.80 45.07 -18.82
C TYR C 118 22.29 44.85 -18.89
N ALA C 119 22.78 43.99 -18.00
CA ALA C 119 24.12 43.45 -18.13
C ALA C 119 24.05 42.29 -19.12
N TYR C 120 25.12 41.54 -19.26
CA TYR C 120 25.10 40.50 -20.25
C TYR C 120 26.30 39.59 -20.18
N GLU C 121 27.04 39.70 -19.12
CA GLU C 121 28.28 38.96 -19.01
C GLU C 121 28.05 37.48 -19.22
N THR C 122 28.95 36.67 -18.69
CA THR C 122 29.00 35.27 -19.07
C THR C 122 29.34 34.41 -17.89
N ARG C 123 29.59 35.06 -16.77
CA ARG C 123 30.03 34.37 -15.54
C ARG C 123 31.50 33.99 -15.47
N GLU C 124 31.92 33.28 -16.50
CA GLU C 124 33.29 33.02 -16.67
C GLU C 124 33.80 34.30 -16.10
N GLU C 125 33.66 35.35 -16.88
CA GLU C 125 34.29 36.59 -16.47
C GLU C 125 33.67 37.18 -15.21
N LEU C 126 32.40 36.90 -14.93
CA LEU C 126 31.94 37.22 -13.58
C LEU C 126 32.74 36.44 -12.55
N ASP C 127 33.06 35.19 -12.89
CA ASP C 127 33.98 34.40 -12.06
C ASP C 127 35.43 34.95 -12.08
N ALA C 128 35.93 35.41 -13.23
CA ALA C 128 37.23 36.10 -13.30
C ALA C 128 37.22 37.49 -12.62
N MET C 129 36.05 38.13 -12.59
CA MET C 129 35.79 39.30 -11.72
C MET C 129 35.94 38.92 -10.24
N ARG C 130 35.30 37.82 -9.86
CA ARG C 130 35.37 37.27 -8.50
C ARG C 130 36.80 36.85 -8.13
N GLU C 131 37.57 36.42 -9.12
CA GLU C 131 39.02 36.13 -8.96
C GLU C 131 39.80 37.39 -8.61
N ALA C 132 39.67 38.41 -9.46
CA ALA C 132 40.28 39.71 -9.20
C ALA C 132 39.98 40.19 -7.77
N ALA C 133 38.76 39.94 -7.31
CA ALA C 133 38.32 40.35 -5.97
C ALA C 133 39.15 39.76 -4.82
N MET C 134 39.59 38.51 -4.95
CA MET C 134 40.47 37.88 -3.92
C MET C 134 41.93 38.35 -4.01
N ALA C 135 42.39 38.73 -5.21
CA ALA C 135 43.74 39.30 -5.41
C ALA C 135 43.92 40.70 -4.79
N LYS C 136 42.86 41.51 -4.79
CA LYS C 136 42.83 42.82 -4.11
C LYS C 136 42.41 42.70 -2.63
N GLN C 137 41.96 41.51 -2.22
CA GLN C 137 41.42 41.22 -0.87
C GLN C 137 40.05 41.85 -0.60
N GLU C 138 39.40 42.36 -1.64
CA GLU C 138 38.11 43.06 -1.53
C GLU C 138 36.98 42.02 -1.42
N LYS C 139 35.80 42.45 -0.96
CA LYS C 139 34.61 41.59 -0.99
C LYS C 139 34.11 41.51 -2.44
N PRO C 140 34.07 40.30 -3.04
CA PRO C 140 33.64 40.23 -4.45
C PRO C 140 32.31 40.92 -4.76
N ARG C 141 32.27 41.55 -5.92
CA ARG C 141 31.15 42.36 -6.37
C ARG C 141 31.08 42.30 -7.87
N TYR C 142 30.01 42.86 -8.41
CA TYR C 142 29.94 43.30 -9.78
C TYR C 142 30.34 44.76 -9.74
N ASP C 143 31.39 45.13 -10.48
CA ASP C 143 31.59 46.53 -10.81
C ASP C 143 30.53 46.84 -11.85
N GLY C 144 30.00 48.06 -11.85
CA GLY C 144 28.94 48.43 -12.78
C GLY C 144 29.40 48.56 -14.22
N ALA C 145 29.87 47.45 -14.79
CA ALA C 145 30.45 47.43 -16.14
C ALA C 145 29.45 47.92 -17.18
N ALA C 146 28.18 47.50 -17.04
CA ALA C 146 27.13 47.84 -18.00
C ALA C 146 26.16 48.91 -17.49
N ARG C 147 26.57 49.72 -16.53
CA ARG C 147 25.64 50.58 -15.77
C ARG C 147 25.01 51.71 -16.60
N GLU C 148 25.85 52.40 -17.37
CA GLU C 148 25.41 53.52 -18.21
C GLU C 148 25.75 53.18 -19.66
N GLN C 149 25.15 52.09 -20.14
CA GLN C 149 25.13 51.74 -21.55
C GLN C 149 23.88 50.91 -21.82
N ASN C 150 23.09 51.34 -22.79
CA ASN C 150 21.77 50.78 -23.07
C ASN C 150 21.92 49.89 -24.29
N LEU C 151 21.56 48.61 -24.18
CA LEU C 151 21.89 47.65 -25.24
C LEU C 151 20.73 46.67 -25.56
N PRO C 152 20.33 45.81 -24.60
CA PRO C 152 19.16 44.93 -24.77
C PRO C 152 17.81 45.68 -24.89
N TYR C 153 16.66 45.00 -24.93
CA TYR C 153 16.47 43.53 -24.86
C TYR C 153 17.19 42.88 -26.05
N ARG C 154 18.10 41.95 -25.76
CA ARG C 154 19.05 41.37 -26.72
C ARG C 154 18.87 39.83 -26.98
N ASP C 155 17.85 39.28 -26.30
CA ASP C 155 17.57 37.85 -26.31
C ASP C 155 18.72 36.99 -25.77
N ASP C 156 18.68 35.69 -26.04
CA ASP C 156 19.72 34.73 -25.60
C ASP C 156 19.83 34.63 -24.04
N PRO C 157 20.62 33.66 -23.51
CA PRO C 157 20.77 33.56 -22.05
C PRO C 157 21.75 34.60 -21.53
N ASN C 158 22.14 34.48 -20.26
CA ASN C 158 23.12 35.41 -19.63
C ASN C 158 22.58 36.84 -19.42
N ARG C 159 21.34 37.09 -19.80
CA ARG C 159 20.79 38.44 -19.83
C ARG C 159 20.17 38.68 -18.47
N VAL C 160 20.71 39.64 -17.73
CA VAL C 160 20.18 39.98 -16.43
C VAL C 160 19.76 41.45 -16.40
N ILE C 161 18.72 41.76 -15.62
CA ILE C 161 18.46 43.14 -15.21
C ILE C 161 19.13 43.32 -13.84
N ARG C 162 19.82 44.45 -13.67
CA ARG C 162 20.53 44.80 -12.44
C ARG C 162 20.08 46.13 -11.87
N PHE C 163 19.90 46.20 -10.55
CA PHE C 163 19.48 47.44 -9.90
C PHE C 163 20.68 48.37 -9.78
N LYS C 164 20.50 49.60 -10.27
CA LYS C 164 21.49 50.66 -10.09
C LYS C 164 21.58 51.05 -8.63
N ASN C 165 22.45 50.37 -7.90
CA ASN C 165 22.63 50.64 -6.47
C ASN C 165 23.30 52.00 -6.32
N PRO C 166 22.73 52.88 -5.47
CA PRO C 166 23.30 54.21 -5.21
C PRO C 166 24.83 54.27 -5.00
N ILE C 167 25.43 55.38 -5.40
CA ILE C 167 26.85 55.68 -5.14
C ILE C 167 26.89 56.99 -4.34
N GLY C 168 26.54 56.84 -3.06
CA GLY C 168 26.69 57.87 -2.03
C GLY C 168 27.27 57.20 -0.81
N GLY C 169 27.06 57.79 0.35
CA GLY C 169 27.63 57.30 1.59
C GLY C 169 26.99 56.01 2.06
N THR C 170 25.95 56.15 2.88
CA THR C 170 25.37 55.04 3.61
C THR C 170 23.87 54.88 3.41
N VAL C 171 23.42 53.73 3.86
CA VAL C 171 22.01 53.44 4.06
C VAL C 171 21.93 53.02 5.53
N VAL C 172 20.92 53.55 6.21
CA VAL C 172 20.75 53.35 7.65
C VAL C 172 19.28 53.05 7.93
N PHE C 173 19.04 52.17 8.91
CA PHE C 173 17.71 51.94 9.45
C PHE C 173 17.79 51.66 10.95
N ASP C 174 16.69 51.94 11.63
CA ASP C 174 16.55 51.64 13.05
C ASP C 174 15.73 50.36 13.10
N ASP C 175 16.44 49.25 13.27
CA ASP C 175 15.83 47.96 13.51
C ASP C 175 15.10 48.02 14.86
N LEU C 176 13.92 47.43 14.93
CA LEU C 176 13.09 47.42 16.16
C LEU C 176 13.76 46.60 17.28
N ILE C 177 14.56 45.61 16.88
CA ILE C 177 15.27 44.72 17.79
C ILE C 177 16.69 45.23 17.98
N LYS C 178 17.40 45.35 16.86
CA LYS C 178 18.85 45.54 16.82
C LYS C 178 19.26 46.98 16.52
N GLY C 179 19.05 47.86 17.49
CA GLY C 179 19.52 49.25 17.43
C GLY C 179 19.48 49.94 16.07
N ARG C 180 20.60 50.53 15.66
CA ARG C 180 20.68 51.28 14.42
C ARG C 180 21.82 50.75 13.60
N ILE C 181 21.51 49.96 12.58
CA ILE C 181 22.55 49.32 11.76
C ILE C 181 22.79 50.18 10.50
N GLU C 182 24.05 50.32 10.11
CA GLU C 182 24.50 51.27 9.07
C GLU C 182 25.50 50.58 8.12
N ILE C 183 25.16 50.52 6.85
CA ILE C 183 25.98 49.88 5.84
C ILE C 183 26.19 50.84 4.67
N ALA C 184 27.41 50.90 4.17
CA ALA C 184 27.77 51.78 3.06
C ALA C 184 27.54 51.05 1.74
N ASN C 185 27.08 51.81 0.74
CA ASN C 185 26.75 51.24 -0.57
C ASN C 185 27.98 50.62 -1.27
N SER C 186 29.19 51.08 -0.92
CA SER C 186 30.44 50.45 -1.33
C SER C 186 30.42 48.93 -1.12
N GLU C 187 29.89 48.53 0.04
CA GLU C 187 29.73 47.11 0.44
C GLU C 187 28.81 46.32 -0.48
N LEU C 188 27.74 46.97 -0.91
CA LEU C 188 26.77 46.40 -1.85
C LEU C 188 27.31 46.44 -3.26
N ASP C 189 26.64 45.74 -4.16
CA ASP C 189 26.90 45.85 -5.60
C ASP C 189 25.58 46.14 -6.32
N ASP C 190 25.68 46.35 -7.64
CA ASP C 190 24.50 46.52 -8.51
C ASP C 190 23.93 45.12 -8.80
N MET C 191 23.14 44.61 -7.85
CA MET C 191 22.67 43.21 -7.85
C MET C 191 21.77 42.90 -9.03
N VAL C 192 21.63 41.61 -9.33
CA VAL C 192 20.65 41.15 -10.29
C VAL C 192 19.29 41.27 -9.58
N ILE C 193 18.29 41.76 -10.31
CA ILE C 193 16.88 41.78 -9.85
C ILE C 193 15.92 40.92 -10.69
N PHE C 194 16.33 40.54 -11.89
CA PHE C 194 15.48 39.77 -12.78
C PHE C 194 16.33 38.91 -13.71
N ARG C 195 15.84 37.70 -13.99
CA ARG C 195 16.66 36.65 -14.56
C ARG C 195 16.24 36.26 -15.98
N PRO C 196 17.14 35.54 -16.72
CA PRO C 196 16.82 34.93 -18.02
C PRO C 196 15.62 33.96 -18.08
N ASP C 197 15.16 33.43 -16.95
CA ASP C 197 13.95 32.57 -16.90
C ASP C 197 12.62 33.32 -16.59
N GLY C 198 12.63 34.65 -16.58
CA GLY C 198 11.41 35.43 -16.36
C GLY C 198 10.95 35.47 -14.91
N LEU C 199 11.93 35.32 -14.02
CA LEU C 199 11.69 35.29 -12.57
C LEU C 199 12.65 36.23 -11.87
N PRO C 200 12.22 36.82 -10.75
CA PRO C 200 13.10 37.72 -10.02
C PRO C 200 14.21 36.98 -9.27
N THR C 201 15.15 37.73 -8.70
CA THR C 201 15.97 37.21 -7.60
C THR C 201 15.19 37.41 -6.30
N TYR C 202 15.51 36.62 -5.29
CA TYR C 202 14.81 36.66 -4.01
C TYR C 202 14.58 38.11 -3.58
N ASN C 203 15.65 38.89 -3.53
CA ASN C 203 15.61 40.20 -2.89
C ASN C 203 14.73 41.24 -3.57
N PHE C 204 14.60 41.15 -4.90
CA PHE C 204 13.67 42.02 -5.64
C PHE C 204 12.22 41.60 -5.36
N ALA C 205 11.94 40.31 -5.55
CA ALA C 205 10.58 39.75 -5.35
C ALA C 205 9.96 40.13 -4.01
N VAL C 206 10.76 40.03 -2.94
CA VAL C 206 10.37 40.38 -1.58
C VAL C 206 10.10 41.89 -1.41
N VAL C 207 10.85 42.75 -2.10
CA VAL C 207 10.54 44.20 -2.08
C VAL C 207 9.18 44.45 -2.74
N VAL C 208 9.04 43.89 -3.93
CA VAL C 208 7.85 44.07 -4.74
C VAL C 208 6.58 43.59 -3.99
N ASP C 209 6.66 42.42 -3.34
CA ASP C 209 5.52 41.88 -2.57
C ASP C 209 5.19 42.77 -1.39
N ASP C 210 6.18 43.02 -0.55
CA ASP C 210 6.00 43.81 0.68
C ASP C 210 5.49 45.21 0.37
N TRP C 211 5.96 45.75 -0.76
CA TRP C 211 5.45 47.01 -1.28
C TRP C 211 3.95 46.89 -1.69
N ASP C 212 3.62 45.97 -2.60
CA ASP C 212 2.26 45.82 -3.15
C ASP C 212 1.14 45.41 -2.20
N MET C 213 1.49 44.73 -1.11
CA MET C 213 0.51 44.38 -0.07
C MET C 213 0.70 45.27 1.16
N GLY C 214 1.62 46.22 1.05
CA GLY C 214 1.64 47.40 1.91
C GLY C 214 2.11 47.14 3.31
N ILE C 215 3.13 46.31 3.43
CA ILE C 215 3.57 45.87 4.74
C ILE C 215 4.27 47.04 5.44
N THR C 216 3.88 47.29 6.69
CA THR C 216 4.49 48.37 7.50
C THR C 216 5.71 47.88 8.27
N GLU C 217 5.58 46.74 8.94
CA GLU C 217 6.63 46.19 9.80
C GLU C 217 7.04 44.86 9.20
N VAL C 218 8.33 44.55 9.17
CA VAL C 218 8.84 43.31 8.55
C VAL C 218 9.73 42.52 9.51
N ILE C 219 9.22 41.40 10.01
CA ILE C 219 9.87 40.62 11.08
C ILE C 219 10.46 39.35 10.48
N ARG C 220 11.78 39.18 10.61
CA ARG C 220 12.46 38.04 9.98
C ARG C 220 13.77 37.64 10.67
N GLY C 221 14.44 36.61 10.14
CA GLY C 221 15.70 36.11 10.70
C GLY C 221 16.91 36.99 10.41
N ASP C 222 18.01 36.71 11.11
CA ASP C 222 19.26 37.47 11.00
C ASP C 222 19.95 37.43 9.66
N ASP C 223 19.71 36.40 8.87
CA ASP C 223 20.45 36.21 7.60
C ASP C 223 20.14 37.29 6.54
N HIS C 224 18.95 37.89 6.65
CA HIS C 224 18.51 38.94 5.73
C HIS C 224 19.00 40.35 6.12
N ILE C 225 19.55 40.47 7.32
CA ILE C 225 20.09 41.75 7.81
C ILE C 225 21.14 42.32 6.86
N ASN C 226 21.88 41.44 6.20
CA ASN C 226 22.85 41.82 5.15
C ASN C 226 22.16 42.47 3.94
N ASN C 227 20.95 42.01 3.64
CA ASN C 227 20.20 42.43 2.45
C ASN C 227 19.24 43.58 2.68
N THR C 228 18.81 43.78 3.93
CA THR C 228 17.94 44.90 4.26
C THR C 228 18.37 46.22 3.58
N PRO C 229 19.69 46.57 3.61
CA PRO C 229 20.14 47.77 2.88
C PRO C 229 19.92 47.74 1.36
N ARG C 230 20.12 46.59 0.72
CA ARG C 230 19.88 46.45 -0.72
C ARG C 230 18.41 46.66 -1.02
N GLN C 231 17.56 46.08 -0.17
CA GLN C 231 16.11 46.26 -0.26
C GLN C 231 15.64 47.71 -0.12
N ILE C 232 16.14 48.45 0.88
CA ILE C 232 15.62 49.81 1.11
C ILE C 232 16.11 50.81 0.04
N ASN C 233 17.18 50.48 -0.69
CA ASN C 233 17.52 51.25 -1.88
C ASN C 233 16.47 51.02 -2.98
N ILE C 234 16.01 49.79 -3.13
CA ILE C 234 14.96 49.48 -4.10
C ILE C 234 13.66 50.18 -3.69
N TYR C 235 13.25 50.04 -2.43
CA TYR C 235 12.04 50.73 -1.96
C TYR C 235 12.13 52.21 -2.34
N ALA C 236 13.26 52.84 -1.96
CA ALA C 236 13.55 54.25 -2.28
C ALA C 236 13.43 54.49 -3.78
N ALA C 237 14.11 53.68 -4.59
CA ALA C 237 14.06 53.79 -6.06
C ALA C 237 12.65 53.70 -6.67
N LEU C 238 11.77 52.92 -6.03
CA LEU C 238 10.34 52.85 -6.41
C LEU C 238 9.48 53.92 -5.70
N GLY C 239 10.11 54.83 -4.95
CA GLY C 239 9.40 55.84 -4.14
C GLY C 239 8.45 55.28 -3.11
N ALA C 240 8.73 54.06 -2.64
CA ALA C 240 7.80 53.33 -1.78
C ALA C 240 8.05 53.77 -0.36
N PRO C 241 7.01 53.71 0.48
CA PRO C 241 7.33 53.85 1.88
C PRO C 241 8.29 52.72 2.31
N VAL C 242 9.32 53.09 3.06
CA VAL C 242 10.26 52.12 3.63
C VAL C 242 9.62 51.47 4.86
N PRO C 243 9.56 50.12 4.92
CA PRO C 243 8.97 49.51 6.12
C PRO C 243 9.86 49.54 7.35
N LYS C 244 9.24 49.40 8.51
CA LYS C 244 9.95 49.05 9.76
C LYS C 244 10.52 47.65 9.62
N PHE C 245 11.67 47.41 10.23
CA PHE C 245 12.31 46.11 10.15
C PHE C 245 12.63 45.61 11.57
N ALA C 246 12.37 44.33 11.83
CA ALA C 246 12.66 43.70 13.12
C ALA C 246 13.32 42.35 12.87
N HIS C 247 14.61 42.26 13.19
CA HIS C 247 15.40 41.05 12.93
C HIS C 247 15.78 40.37 14.23
N MET C 248 15.66 39.05 14.23
CA MET C 248 15.75 38.27 15.46
C MET C 248 16.71 37.09 15.27
N PRO C 249 17.51 36.77 16.31
CA PRO C 249 18.37 35.60 16.23
C PRO C 249 17.54 34.33 16.20
N MET C 250 17.92 33.36 15.37
CA MET C 250 17.11 32.16 15.21
C MET C 250 17.21 31.26 16.44
N ILE C 251 16.31 30.28 16.52
CA ILE C 251 16.23 29.37 17.66
C ILE C 251 17.33 28.30 17.53
N LEU C 252 18.08 28.12 18.61
CA LEU C 252 19.10 27.10 18.69
C LEU C 252 18.47 25.77 19.05
N ASP C 253 19.16 24.70 18.66
CA ASP C 253 18.82 23.35 19.04
C ASP C 253 19.05 23.22 20.55
N GLU C 254 18.41 22.24 21.18
CA GLU C 254 18.71 21.86 22.56
C GLU C 254 20.23 21.76 22.79
N GLN C 255 20.94 21.26 21.77
CA GLN C 255 22.42 21.27 21.70
C GLN C 255 23.06 22.68 21.63
N GLY C 256 22.78 23.41 20.55
CA GLY C 256 23.37 24.74 20.33
C GLY C 256 23.72 24.95 18.88
N LYS C 258 22.20 24.11 16.06
CA LYS C 258 21.28 25.15 15.62
C LYS C 258 20.10 24.56 14.85
N LEU C 259 18.92 25.16 15.02
CA LEU C 259 17.68 24.60 14.47
C LEU C 259 17.41 25.02 13.01
N SER C 260 17.72 24.10 12.08
CA SER C 260 17.16 24.11 10.73
C SER C 260 17.07 22.65 10.25
N LYS C 261 16.36 22.43 9.13
CA LYS C 261 15.98 21.06 8.72
C LYS C 261 17.16 20.15 8.33
N ALA C 266 12.33 20.78 13.43
CA ALA C 266 11.19 20.12 14.06
C ALA C 266 9.89 20.60 13.38
N ASP C 267 9.05 19.65 12.95
CA ASP C 267 7.72 19.92 12.39
C ASP C 267 6.79 20.32 13.54
N VAL C 268 5.97 21.35 13.36
CA VAL C 268 5.02 21.78 14.42
C VAL C 268 3.91 20.74 14.54
N MET C 269 3.47 20.22 13.40
CA MET C 269 2.47 19.14 13.42
C MET C 269 2.97 17.87 14.13
N GLN C 270 4.28 17.69 14.24
CA GLN C 270 4.80 16.64 15.11
C GLN C 270 4.56 16.93 16.59
N TYR C 271 4.43 18.20 16.97
CA TYR C 271 4.03 18.54 18.33
C TYR C 271 2.51 18.30 18.57
N LYS C 272 1.69 18.45 17.53
CA LYS C 272 0.28 18.03 17.62
C LYS C 272 0.14 16.52 17.87
N ASP C 273 0.86 15.75 17.07
CA ASP C 273 0.83 14.28 17.11
C ASP C 273 1.56 13.72 18.35
N ALA C 274 2.53 14.47 18.86
CA ALA C 274 3.15 14.19 20.16
C ALA C 274 2.12 14.31 21.26
N GLY C 275 1.27 15.32 21.13
CA GLY C 275 0.12 15.53 22.02
C GLY C 275 0.19 16.77 22.88
N TYR C 276 0.88 17.80 22.42
CA TYR C 276 0.90 19.08 23.12
C TYR C 276 -0.36 19.83 22.70
N LEU C 277 -0.84 20.72 23.56
CA LEU C 277 -2.00 21.53 23.22
C LEU C 277 -1.55 22.64 22.27
N PRO C 278 -2.44 23.08 21.38
CA PRO C 278 -1.99 24.07 20.43
C PRO C 278 -1.56 25.36 21.13
N HIS C 279 -2.31 25.80 22.14
CA HIS C 279 -1.91 27.01 22.84
C HIS C 279 -0.69 26.80 23.71
N ALA C 280 -0.62 25.66 24.37
CA ALA C 280 0.55 25.31 25.16
C ALA C 280 1.81 25.55 24.33
N LEU C 281 1.79 25.16 23.05
CA LEU C 281 2.92 25.41 22.16
C LEU C 281 3.15 26.91 22.00
N ILE C 282 2.14 27.66 21.52
CA ILE C 282 2.38 29.08 21.14
C ILE C 282 2.92 29.94 22.31
N ASN C 283 2.45 29.65 23.52
CA ASN C 283 2.90 30.36 24.71
C ASN C 283 4.41 30.15 24.90
N TYR C 284 4.78 28.91 25.16
CA TYR C 284 6.17 28.43 25.19
C TYR C 284 6.99 28.89 23.98
N LEU C 285 6.37 28.87 22.81
CA LEU C 285 6.96 29.36 21.56
C LEU C 285 7.27 30.87 21.66
N ALA C 286 6.33 31.63 22.20
CA ALA C 286 6.51 33.08 22.43
C ALA C 286 7.56 33.40 23.49
N ARG C 287 7.55 32.63 24.58
CA ARG C 287 8.52 32.78 25.67
C ARG C 287 9.99 32.52 25.24
N LEU C 288 10.21 31.80 24.15
CA LEU C 288 11.56 31.63 23.58
C LEU C 288 11.97 32.90 22.82
N GLY C 289 12.79 33.73 23.46
CA GLY C 289 13.32 34.94 22.85
C GLY C 289 12.54 36.22 23.13
N TRP C 290 11.42 36.12 23.85
CA TRP C 290 10.71 37.26 24.42
C TRP C 290 10.44 36.98 25.90
N SER C 291 10.55 38.02 26.73
CA SER C 291 10.35 37.93 28.17
C SER C 291 9.57 39.15 28.65
N HIS C 292 8.55 38.95 29.48
CA HIS C 292 7.82 40.08 30.08
C HIS C 292 8.60 40.55 31.31
N GLY C 293 8.76 39.65 32.28
CA GLY C 293 9.52 39.92 33.50
C GLY C 293 10.10 38.62 34.00
N ASP C 294 9.42 38.00 34.97
CA ASP C 294 9.66 36.60 35.31
C ASP C 294 8.32 35.86 35.16
N GLN C 295 7.58 36.24 34.13
CA GLN C 295 6.29 35.64 33.82
C GLN C 295 6.49 34.70 32.64
N GLU C 296 5.98 33.48 32.79
CA GLU C 296 6.15 32.41 31.82
C GLU C 296 4.82 32.03 31.15
N LEU C 297 3.75 31.94 31.94
CA LEU C 297 2.41 31.57 31.44
C LEU C 297 1.66 32.81 30.99
N PHE C 298 1.10 32.75 29.79
CA PHE C 298 0.34 33.85 29.22
C PHE C 298 -0.92 33.30 28.58
N THR C 299 -2.05 33.98 28.80
CA THR C 299 -3.30 33.67 28.07
C THR C 299 -3.22 34.29 26.67
N PRO C 300 -4.04 33.78 25.72
CA PRO C 300 -4.00 34.41 24.39
C PRO C 300 -4.32 35.89 24.39
N GLN C 301 -5.10 36.36 25.37
CA GLN C 301 -5.38 37.77 25.53
C GLN C 301 -4.20 38.54 26.13
N GLU C 302 -3.49 37.93 27.08
CA GLU C 302 -2.29 38.55 27.66
C GLU C 302 -1.20 38.75 26.61
N LEU C 303 -0.96 37.72 25.80
CA LEU C 303 0.05 37.80 24.75
C LEU C 303 -0.18 39.01 23.86
N LEU C 304 -1.43 39.24 23.48
CA LEU C 304 -1.82 40.44 22.73
C LEU C 304 -1.38 41.70 23.44
N ASP C 305 -1.80 41.85 24.69
CA ASP C 305 -1.55 43.08 25.45
C ASP C 305 -0.04 43.33 25.73
N LEU C 306 0.62 42.31 26.30
CA LEU C 306 1.93 42.48 26.92
C LEU C 306 3.10 42.43 25.93
N PHE C 307 2.91 41.76 24.79
CA PHE C 307 3.97 41.60 23.80
C PHE C 307 4.20 42.86 23.00
N ASP C 308 5.48 43.21 22.89
CA ASP C 308 5.97 44.13 21.89
C ASP C 308 7.12 43.42 21.20
N VAL C 309 7.16 43.49 19.87
CA VAL C 309 8.31 42.98 19.09
C VAL C 309 9.61 43.71 19.46
N LYS C 310 9.52 44.98 19.84
CA LYS C 310 10.69 45.74 20.30
C LYS C 310 11.39 45.15 21.55
N ASP C 311 10.69 44.30 22.30
CA ASP C 311 11.22 43.65 23.52
C ASP C 311 11.93 42.28 23.33
N VAL C 312 11.93 41.68 22.13
CA VAL C 312 12.60 40.36 21.96
C VAL C 312 14.12 40.50 22.19
N ASN C 313 14.72 39.49 22.81
CA ASN C 313 16.11 39.56 23.28
C ASN C 313 17.05 39.50 22.09
N SER C 314 18.19 40.17 22.21
CA SER C 314 19.16 40.26 21.12
C SER C 314 19.85 38.91 20.86
N LYS C 315 20.10 38.18 21.95
CA LYS C 315 20.79 36.89 21.89
C LYS C 315 19.77 35.77 21.75
N ALA C 316 20.17 34.73 21.02
CA ALA C 316 19.28 33.63 20.60
C ALA C 316 18.61 32.90 21.75
N ALA C 317 17.54 32.15 21.43
CA ALA C 317 16.85 31.26 22.38
C ALA C 317 17.09 29.79 22.00
N ARG C 318 16.83 28.91 22.96
CA ARG C 318 17.17 27.48 22.83
C ARG C 318 15.94 26.64 23.13
N LEU C 319 15.57 25.82 22.14
CA LEU C 319 14.42 24.93 22.27
C LEU C 319 14.64 24.04 23.49
N ASP C 320 13.57 23.84 24.26
CA ASP C 320 13.59 23.01 25.47
C ASP C 320 12.36 22.14 25.44
N MET C 321 12.54 20.82 25.49
CA MET C 321 11.41 19.90 25.44
C MET C 321 10.71 19.76 26.78
N ALA C 322 11.48 19.85 27.87
CA ALA C 322 10.95 19.71 29.23
C ALA C 322 10.17 20.94 29.73
N LYS C 323 10.57 22.15 29.34
CA LYS C 323 9.79 23.37 29.64
C LYS C 323 8.41 23.27 29.00
N LEU C 324 8.39 22.89 27.72
CA LEU C 324 7.14 22.66 26.99
C LEU C 324 6.28 21.68 27.77
N GLY C 325 6.87 20.52 28.08
CA GLY C 325 6.26 19.53 28.98
C GLY C 325 5.64 20.11 30.24
N TRP C 326 6.32 21.08 30.88
CA TRP C 326 5.75 21.77 32.06
C TRP C 326 4.56 22.58 31.65
N VAL C 327 4.77 23.41 30.64
CA VAL C 327 3.78 24.37 30.20
C VAL C 327 2.52 23.61 29.78
N ASN C 328 2.70 22.51 29.06
CA ASN C 328 1.60 21.67 28.65
C ASN C 328 0.78 21.21 29.86
N GLN C 329 1.40 20.51 30.81
CA GLN C 329 0.69 19.96 31.99
C GLN C 329 -0.19 21.00 32.65
N HIS C 330 0.34 22.21 32.83
CA HIS C 330 -0.43 23.30 33.39
C HIS C 330 -1.75 23.48 32.64
N TYR C 331 -1.68 23.61 31.32
CA TYR C 331 -2.90 23.73 30.51
C TYR C 331 -3.77 22.44 30.44
N LEU C 332 -3.20 21.25 30.63
CA LEU C 332 -4.04 20.06 30.82
C LEU C 332 -4.92 20.21 32.08
N LYS C 333 -4.35 20.82 33.12
CA LYS C 333 -5.01 21.04 34.41
C LYS C 333 -5.94 22.26 34.41
N THR C 334 -5.54 23.30 33.69
CA THR C 334 -6.24 24.57 33.64
C THR C 334 -7.45 24.57 32.71
N ASP C 335 -7.26 24.11 31.47
CA ASP C 335 -8.29 24.23 30.42
C ASP C 335 -9.53 23.35 30.63
N ASP C 336 -10.62 23.79 30.01
CA ASP C 336 -11.92 23.16 30.17
C ASP C 336 -11.85 21.74 29.60
N PRO C 337 -12.16 20.72 30.42
CA PRO C 337 -12.20 19.35 29.91
C PRO C 337 -12.99 19.18 28.60
N ALA C 338 -14.02 20.01 28.41
CA ALA C 338 -14.74 20.10 27.13
C ALA C 338 -13.81 20.44 25.94
N SER C 339 -12.99 21.48 26.11
CA SER C 339 -12.04 21.92 25.06
C SER C 339 -10.96 20.86 24.71
N ILE C 340 -10.42 20.23 25.76
CA ILE C 340 -9.39 19.21 25.62
C ILE C 340 -9.95 17.92 25.01
N ALA C 341 -11.19 17.57 25.35
CA ALA C 341 -11.80 16.28 25.01
C ALA C 341 -11.61 15.75 23.56
N PRO C 342 -11.93 16.57 22.52
CA PRO C 342 -11.64 16.19 21.11
C PRO C 342 -10.15 15.90 20.83
N GLN C 343 -9.28 16.71 21.43
CA GLN C 343 -7.83 16.57 21.27
C GLN C 343 -7.32 15.26 21.92
N LEU C 344 -8.03 14.80 22.95
CA LEU C 344 -7.81 13.46 23.48
C LEU C 344 -8.39 12.42 22.53
N GLU C 345 -9.65 12.61 22.12
CA GLU C 345 -10.33 11.75 21.12
C GLU C 345 -9.49 11.57 19.85
N TYR C 346 -8.73 12.62 19.49
CA TYR C 346 -7.76 12.53 18.39
C TYR C 346 -6.60 11.58 18.68
N GLN C 347 -6.04 11.66 19.88
CA GLN C 347 -4.96 10.74 20.29
C GLN C 347 -5.47 9.32 20.53
N LEU C 348 -6.63 9.23 21.20
CA LEU C 348 -7.37 7.96 21.35
C LEU C 348 -7.80 7.31 20.01
N ALA C 349 -7.95 8.12 18.96
CA ALA C 349 -8.23 7.60 17.61
C ALA C 349 -7.30 6.44 17.22
N LYS C 350 -6.00 6.60 17.46
CA LYS C 350 -5.04 5.51 17.18
C LYS C 350 -5.18 4.31 18.15
N LEU C 351 -4.97 3.11 17.62
CA LEU C 351 -5.28 1.81 18.27
C LEU C 351 -6.79 1.57 18.52
N GLY C 352 -7.66 2.24 17.75
CA GLY C 352 -9.10 2.07 17.87
C GLY C 352 -9.65 2.43 19.24
N VAL C 353 -10.97 2.35 19.36
CA VAL C 353 -11.68 2.68 20.60
C VAL C 353 -13.18 2.47 20.45
N ASP C 354 -13.74 3.13 19.47
CA ASP C 354 -15.17 3.10 19.19
C ASP C 354 -15.66 4.53 19.19
N LEU C 355 -15.74 5.17 20.34
CA LEU C 355 -15.29 4.66 21.64
C LEU C 355 -16.38 3.98 22.43
N ALA C 356 -16.12 2.76 22.87
CA ALA C 356 -17.05 1.91 23.61
C ALA C 356 -17.43 2.52 24.95
N ALA C 357 -17.13 1.82 26.05
CA ALA C 357 -17.37 2.28 27.42
C ALA C 357 -16.39 3.40 27.41
N GLY C 358 -16.91 4.60 27.34
CA GLY C 358 -15.97 5.70 27.11
C GLY C 358 -14.99 5.78 28.27
N PRO C 359 -15.32 6.54 29.31
CA PRO C 359 -16.46 7.44 29.45
C PRO C 359 -16.30 8.68 28.61
N ALA C 360 -17.26 9.60 28.78
CA ALA C 360 -17.19 10.92 28.16
C ALA C 360 -15.76 11.47 28.27
N ALA C 361 -15.04 11.41 27.14
CA ALA C 361 -13.68 11.93 26.99
C ALA C 361 -13.24 13.02 27.99
N ALA C 362 -14.07 14.04 28.19
CA ALA C 362 -13.78 15.10 29.17
C ALA C 362 -13.44 14.55 30.55
N ASP C 363 -14.24 13.61 31.04
CA ASP C 363 -14.00 12.98 32.35
C ASP C 363 -12.69 12.22 32.42
N VAL C 364 -12.18 11.73 31.29
CA VAL C 364 -10.83 11.15 31.27
C VAL C 364 -9.79 12.21 31.60
N VAL C 365 -9.94 13.41 31.03
CA VAL C 365 -8.96 14.49 31.26
C VAL C 365 -8.99 14.94 32.73
N VAL C 366 -10.15 14.86 33.38
CA VAL C 366 -10.29 15.20 34.81
C VAL C 366 -9.45 14.25 35.67
N ALA C 367 -9.39 12.98 35.29
CA ALA C 367 -8.62 11.97 36.01
C ALA C 367 -7.11 12.08 35.76
N LEU C 368 -6.71 12.19 34.50
CA LEU C 368 -5.29 12.07 34.12
C LEU C 368 -4.48 13.39 34.06
N ARG C 369 -5.16 14.54 33.97
CA ARG C 369 -4.52 15.88 33.88
C ARG C 369 -3.29 16.11 34.77
N GLU C 370 -3.36 15.65 36.03
CA GLU C 370 -2.31 15.93 37.03
C GLU C 370 -1.24 14.82 37.07
N ARG C 371 -1.40 13.79 36.23
CA ARG C 371 -0.49 12.63 36.18
C ARG C 371 0.17 12.44 34.82
N VAL C 372 -0.09 13.35 33.87
CA VAL C 372 0.41 13.22 32.49
C VAL C 372 0.90 14.56 31.95
N HIS C 373 1.86 14.50 31.04
CA HIS C 373 2.44 15.68 30.39
C HIS C 373 2.04 15.85 28.93
N THR C 374 1.45 14.83 28.32
CA THR C 374 0.97 14.92 26.94
C THR C 374 -0.37 14.22 26.75
N LEU C 375 -1.11 14.65 25.74
CA LEU C 375 -2.40 14.04 25.39
C LEU C 375 -2.23 12.64 24.85
N LYS C 376 -1.06 12.35 24.27
CA LYS C 376 -0.73 11.01 23.82
C LYS C 376 -0.54 10.07 24.99
N GLU C 377 0.20 10.54 25.99
CA GLU C 377 0.40 9.81 27.24
C GLU C 377 -0.95 9.46 27.88
N MET C 378 -1.82 10.47 27.99
CA MET C 378 -3.20 10.30 28.48
C MET C 378 -3.97 9.18 27.74
N ALA C 379 -3.78 9.11 26.42
CA ALA C 379 -4.43 8.08 25.61
C ALA C 379 -3.88 6.69 25.92
N GLU C 380 -2.55 6.58 26.03
CA GLU C 380 -1.90 5.30 26.36
C GLU C 380 -2.28 4.80 27.77
N LYS C 381 -2.57 5.72 28.68
CA LYS C 381 -3.01 5.40 30.05
C LYS C 381 -4.49 5.09 30.08
N ALA C 382 -5.29 5.94 29.44
CA ALA C 382 -6.75 5.78 29.41
C ALA C 382 -7.27 4.57 28.60
N VAL C 383 -6.42 3.97 27.76
CA VAL C 383 -6.78 2.74 27.01
C VAL C 383 -7.56 1.74 27.88
N VAL C 384 -7.12 1.58 29.14
CA VAL C 384 -7.71 0.65 30.10
C VAL C 384 -9.23 0.72 30.21
N TRP C 385 -9.80 1.92 30.08
CA TRP C 385 -11.27 2.15 30.18
C TRP C 385 -12.10 1.94 28.90
N TYR C 386 -11.46 1.99 27.73
CA TYR C 386 -12.15 1.79 26.44
C TYR C 386 -12.12 0.32 25.98
N GLN C 387 -11.05 -0.41 26.32
CA GLN C 387 -10.90 -1.85 26.02
C GLN C 387 -11.40 -2.74 27.15
N PRO C 388 -12.13 -3.84 26.83
CA PRO C 388 -12.41 -4.89 27.81
C PRO C 388 -11.14 -5.34 28.51
N LEU C 389 -11.19 -5.46 29.83
CA LEU C 389 -10.01 -5.76 30.59
C LEU C 389 -9.67 -7.22 30.41
N GLU C 390 -8.79 -7.50 29.45
CA GLU C 390 -8.30 -8.85 29.20
C GLU C 390 -7.05 -9.18 30.02
N THR C 391 -5.98 -8.39 29.87
CA THR C 391 -4.68 -8.70 30.50
C THR C 391 -4.51 -8.03 31.86
N TYR C 392 -4.20 -8.85 32.87
CA TYR C 392 -3.86 -8.41 34.21
C TYR C 392 -2.35 -8.49 34.38
N ASP C 393 -1.79 -7.60 35.21
CA ASP C 393 -0.34 -7.64 35.50
C ASP C 393 -0.06 -8.78 36.48
N ALA C 394 0.97 -9.58 36.17
CA ALA C 394 1.30 -10.75 36.96
C ALA C 394 1.59 -10.39 38.42
N ALA C 395 2.58 -9.52 38.60
CA ALA C 395 3.01 -9.09 39.92
C ALA C 395 1.90 -8.32 40.65
N ALA C 396 1.19 -7.43 39.96
CA ALA C 396 0.11 -6.67 40.61
C ALA C 396 -1.00 -7.56 41.13
N VAL C 397 -1.13 -8.76 40.57
CA VAL C 397 -2.06 -9.77 41.09
C VAL C 397 -1.53 -10.46 42.39
N MET C 398 -0.21 -10.47 42.62
CA MET C 398 0.38 -10.86 43.96
C MET C 398 -0.33 -10.28 45.20
N LYS C 399 -0.83 -9.04 45.12
CA LYS C 399 -1.35 -8.32 46.30
C LYS C 399 -2.74 -8.76 46.75
N HIS C 400 -3.63 -9.00 45.79
CA HIS C 400 -5.02 -9.33 46.08
C HIS C 400 -5.32 -10.84 45.88
N LEU C 401 -4.88 -11.64 46.84
CA LEU C 401 -4.98 -13.11 46.77
C LEU C 401 -5.86 -13.72 47.85
N LYS C 402 -5.59 -13.38 49.10
CA LYS C 402 -6.38 -13.86 50.24
C LYS C 402 -7.89 -13.63 50.05
N LEU C 403 -8.78 -14.39 50.67
CA LEU C 403 -10.18 -14.01 50.44
C LEU C 403 -10.28 -12.52 50.75
N GLY C 404 -9.45 -12.09 51.70
CA GLY C 404 -9.42 -10.73 52.18
C GLY C 404 -9.51 -9.79 51.03
N ALA C 405 -8.99 -10.24 49.91
CA ALA C 405 -9.22 -9.55 48.68
C ALA C 405 -10.70 -9.66 48.45
N GLU C 406 -11.25 -10.79 48.83
CA GLU C 406 -12.71 -10.95 48.64
C GLU C 406 -13.55 -9.94 49.44
N VAL C 407 -13.20 -9.72 50.71
CA VAL C 407 -14.06 -8.92 51.62
C VAL C 407 -14.19 -7.42 51.25
N PRO C 408 -13.10 -6.73 50.85
CA PRO C 408 -13.23 -5.33 50.45
C PRO C 408 -13.97 -5.16 49.13
N LEU C 409 -13.58 -5.92 48.09
CA LEU C 409 -14.28 -5.80 46.80
C LEU C 409 -15.68 -6.43 46.89
N GLY C 410 -15.83 -7.54 47.60
CA GLY C 410 -17.17 -8.08 47.92
C GLY C 410 -18.12 -7.07 48.54
N LYS C 411 -17.60 -6.29 49.50
CA LYS C 411 -18.36 -5.19 50.14
C LYS C 411 -18.42 -3.93 49.30
N ALA C 412 -17.37 -3.64 48.53
CA ALA C 412 -17.40 -2.49 47.62
C ALA C 412 -18.42 -2.74 46.53
N ARG C 413 -18.30 -3.90 45.85
CA ARG C 413 -19.25 -4.34 44.79
C ARG C 413 -20.66 -4.12 45.29
N GLU C 414 -21.00 -4.78 46.40
CA GLU C 414 -22.34 -4.68 46.99
C GLU C 414 -22.80 -3.21 47.12
N LEU C 415 -21.94 -2.34 47.67
CA LEU C 415 -22.30 -0.95 47.98
C LEU C 415 -22.42 0.01 46.77
N LEU C 416 -21.99 -0.40 45.58
CA LEU C 416 -22.19 0.44 44.38
C LEU C 416 -23.62 0.28 43.86
N ALA C 417 -24.43 1.31 44.15
CA ALA C 417 -25.82 1.43 43.69
C ALA C 417 -26.17 2.93 43.56
N ALA C 418 -26.54 3.34 42.35
CA ALA C 418 -26.57 4.78 41.97
C ALA C 418 -27.73 5.61 42.54
N VAL C 419 -27.68 5.91 43.84
CA VAL C 419 -28.64 6.86 44.50
C VAL C 419 -27.92 7.80 45.49
N VAL C 424 -19.28 11.45 40.14
CA VAL C 424 -18.06 10.76 40.55
C VAL C 424 -17.96 10.66 42.07
N ASP C 425 -18.43 11.68 42.79
CA ASP C 425 -18.46 11.63 44.26
C ASP C 425 -19.40 10.49 44.72
N SER C 426 -20.39 10.16 43.88
CA SER C 426 -21.24 8.96 44.01
C SER C 426 -20.48 7.67 44.45
N VAL C 427 -19.42 7.31 43.73
CA VAL C 427 -18.64 6.11 44.08
C VAL C 427 -17.71 6.35 45.27
N SER C 428 -17.20 7.58 45.41
CA SER C 428 -16.33 7.93 46.55
C SER C 428 -17.09 7.91 47.88
N ALA C 429 -18.36 8.31 47.85
CA ALA C 429 -19.27 8.08 48.97
C ALA C 429 -19.32 6.58 49.26
N ALA C 430 -19.67 5.81 48.24
CA ALA C 430 -19.80 4.35 48.36
C ALA C 430 -18.50 3.60 48.74
N LEU C 431 -17.34 4.17 48.41
CA LEU C 431 -16.02 3.56 48.72
C LEU C 431 -15.49 3.89 50.12
N HIS C 432 -15.79 5.08 50.63
CA HIS C 432 -15.49 5.40 52.03
C HIS C 432 -16.51 4.75 52.96
N ASP C 433 -17.78 4.73 52.54
CA ASP C 433 -18.81 3.95 53.24
C ASP C 433 -18.38 2.48 53.35
N ALA C 434 -17.81 1.92 52.28
CA ALA C 434 -17.32 0.52 52.31
C ALA C 434 -16.11 0.30 53.24
N ALA C 435 -15.21 1.28 53.33
CA ALA C 435 -14.02 1.19 54.20
C ALA C 435 -14.33 1.43 55.67
N ALA C 436 -15.35 2.24 55.95
CA ALA C 436 -15.79 2.54 57.31
C ALA C 436 -16.93 1.62 57.79
N ALA C 437 -17.88 1.28 56.92
CA ALA C 437 -19.00 0.38 57.30
C ALA C 437 -18.52 -1.06 57.50
N LEU C 438 -17.60 -1.52 56.65
CA LEU C 438 -16.82 -2.76 56.91
C LEU C 438 -15.86 -2.49 58.06
N GLU C 439 -15.24 -1.31 58.04
CA GLU C 439 -14.39 -0.77 59.11
C GLU C 439 -12.93 -1.19 58.97
N LEU C 440 -12.50 -1.52 57.75
CA LEU C 440 -11.14 -2.04 57.51
C LEU C 440 -10.30 -1.06 56.67
N GLY C 441 -9.92 0.07 57.28
CA GLY C 441 -8.90 0.98 56.72
C GLY C 441 -9.10 1.58 55.33
N MET C 442 -9.48 2.85 55.28
CA MET C 442 -9.58 3.70 54.05
C MET C 442 -8.97 3.24 52.70
N GLY C 443 -7.71 2.80 52.75
CA GLY C 443 -6.94 2.45 51.56
C GLY C 443 -6.99 1.00 51.19
N LYS C 444 -7.15 0.11 52.18
CA LYS C 444 -7.20 -1.35 51.93
C LYS C 444 -8.40 -1.76 51.01
N VAL C 445 -9.49 -0.99 51.00
CA VAL C 445 -10.56 -1.18 50.00
C VAL C 445 -10.08 -0.90 48.57
N ALA C 446 -9.18 0.08 48.43
CA ALA C 446 -8.67 0.55 47.14
C ALA C 446 -7.47 -0.22 46.56
N GLN C 447 -6.69 -0.89 47.42
CA GLN C 447 -5.48 -1.60 46.99
C GLN C 447 -5.78 -2.74 46.00
N PRO C 448 -6.78 -3.60 46.31
CA PRO C 448 -7.18 -4.68 45.40
C PRO C 448 -8.24 -4.29 44.35
N LEU C 449 -9.11 -3.32 44.68
CA LEU C 449 -10.12 -2.80 43.75
C LEU C 449 -9.49 -2.06 42.55
N ARG C 450 -8.29 -1.52 42.76
CA ARG C 450 -7.50 -0.93 41.67
C ARG C 450 -7.00 -2.01 40.72
N VAL C 451 -6.46 -3.09 41.27
CA VAL C 451 -6.01 -4.23 40.46
C VAL C 451 -7.21 -4.98 39.87
N ALA C 452 -8.36 -4.87 40.52
CA ALA C 452 -9.63 -5.41 40.02
C ALA C 452 -10.12 -4.75 38.72
N ILE C 453 -9.99 -3.41 38.61
CA ILE C 453 -10.49 -2.65 37.43
C ILE C 453 -9.47 -2.14 36.41
N THR C 454 -8.20 -2.03 36.80
CA THR C 454 -7.12 -1.58 35.88
C THR C 454 -6.19 -2.70 35.41
N GLY C 455 -6.19 -3.82 36.15
CA GLY C 455 -5.25 -4.89 35.91
C GLY C 455 -3.83 -4.57 36.34
N THR C 456 -3.66 -3.53 37.14
CA THR C 456 -2.32 -3.11 37.58
C THR C 456 -2.35 -2.21 38.84
N GLN C 457 -1.15 -1.86 39.29
CA GLN C 457 -0.91 -1.10 40.52
C GLN C 457 -0.99 0.42 40.30
N VAL C 458 -0.53 0.85 39.14
CA VAL C 458 -0.63 2.26 38.72
C VAL C 458 -2.05 2.66 38.29
N SER C 459 -2.61 3.67 38.97
CA SER C 459 -3.85 4.31 38.54
C SER C 459 -4.07 5.65 39.26
N PRO C 460 -4.95 6.50 38.70
CA PRO C 460 -5.45 7.68 39.40
C PRO C 460 -6.16 7.40 40.71
N ASP C 461 -6.69 8.47 41.30
CA ASP C 461 -7.60 8.38 42.44
C ASP C 461 -8.55 7.23 42.16
N ILE C 462 -8.58 6.25 43.06
CA ILE C 462 -9.40 5.05 42.85
C ILE C 462 -10.86 5.43 42.56
N SER C 463 -11.37 6.43 43.28
CA SER C 463 -12.73 6.94 43.05
C SER C 463 -12.91 7.56 41.65
N GLN C 464 -11.84 8.10 41.07
CA GLN C 464 -11.83 8.49 39.65
C GLN C 464 -11.82 7.25 38.76
N THR C 465 -10.86 6.36 38.98
CA THR C 465 -10.69 5.19 38.11
C THR C 465 -11.88 4.24 38.11
N VAL C 466 -12.46 4.00 39.29
CA VAL C 466 -13.64 3.14 39.41
C VAL C 466 -14.90 3.72 38.75
N TYR C 467 -15.06 5.04 38.78
CA TYR C 467 -16.17 5.67 38.07
C TYR C 467 -15.95 5.54 36.56
N LEU C 468 -14.73 5.83 36.10
CA LEU C 468 -14.43 5.76 34.68
C LEU C 468 -14.53 4.36 34.09
N ALA C 469 -14.60 3.32 34.91
CA ALA C 469 -15.02 2.00 34.44
C ALA C 469 -16.50 1.95 34.01
N GLY C 470 -17.26 3.02 34.30
CA GLY C 470 -18.61 3.17 33.83
C GLY C 470 -19.65 2.44 34.67
N ARG C 471 -19.25 2.04 35.88
CA ARG C 471 -20.16 1.41 36.84
C ARG C 471 -20.70 0.01 36.41
N GLU C 472 -21.26 -0.12 35.20
CA GLU C 472 -21.55 -1.46 34.62
C GLU C 472 -20.27 -2.22 34.32
N GLY C 473 -19.26 -1.52 33.80
CA GLY C 473 -17.93 -2.09 33.59
C GLY C 473 -17.27 -2.41 34.91
N ALA C 474 -17.37 -1.49 35.87
CA ALA C 474 -16.83 -1.69 37.22
C ALA C 474 -17.28 -3.02 37.80
N LEU C 475 -18.60 -3.20 37.83
CA LEU C 475 -19.26 -4.43 38.29
C LEU C 475 -18.71 -5.64 37.53
N LYS C 476 -18.64 -5.52 36.21
CA LYS C 476 -18.15 -6.62 35.36
C LYS C 476 -16.67 -6.93 35.63
N ARG C 477 -15.87 -5.89 35.88
CA ARG C 477 -14.43 -6.04 36.18
C ARG C 477 -14.20 -6.55 37.60
N ILE C 478 -15.02 -6.10 38.55
CA ILE C 478 -14.96 -6.59 39.93
C ILE C 478 -15.45 -8.04 40.01
N ASP C 479 -16.64 -8.31 39.47
CA ASP C 479 -17.18 -9.68 39.40
C ASP C 479 -16.17 -10.65 38.79
N ALA C 480 -15.44 -10.21 37.76
CA ALA C 480 -14.32 -10.97 37.21
C ALA C 480 -13.21 -11.13 38.25
N ALA C 481 -12.85 -10.02 38.89
CA ALA C 481 -11.86 -10.04 39.98
C ALA C 481 -12.35 -10.82 41.21
N LEU C 482 -13.67 -10.89 41.42
CA LEU C 482 -14.25 -11.68 42.53
C LEU C 482 -14.10 -13.18 42.28
N THR C 483 -14.69 -13.69 41.19
CA THR C 483 -14.59 -15.12 40.85
C THR C 483 -13.14 -15.59 40.65
N LYS C 484 -12.26 -14.65 40.32
CA LYS C 484 -10.80 -14.87 40.25
C LYS C 484 -10.19 -15.72 41.40
N ILE C 485 -10.66 -15.59 42.65
CA ILE C 485 -10.11 -16.42 43.78
C ILE C 485 -9.98 -17.89 43.35
N GLY C 486 -11.06 -18.43 42.77
CA GLY C 486 -11.10 -19.80 42.30
C GLY C 486 -10.21 -20.71 43.09
N ALA C 487 -10.43 -20.74 44.40
CA ALA C 487 -9.64 -21.55 45.34
C ALA C 487 -10.29 -21.52 46.73
N ALA D 23 2.78 -46.49 -25.41
CA ALA D 23 3.08 -45.23 -24.65
C ALA D 23 1.79 -44.56 -24.15
N CYS D 24 1.50 -44.69 -22.85
CA CYS D 24 0.39 -43.95 -22.25
C CYS D 24 0.84 -42.49 -22.07
N ARG D 25 -0.03 -41.57 -22.47
CA ARG D 25 0.17 -40.15 -22.28
C ARG D 25 -1.12 -39.63 -21.70
N THR D 26 -1.05 -38.87 -20.62
CA THR D 26 -2.24 -38.23 -20.05
C THR D 26 -2.07 -36.73 -20.09
N ARG D 27 -3.15 -36.01 -19.83
CA ARG D 27 -3.10 -34.55 -19.94
C ARG D 27 -3.92 -33.90 -18.85
N PHE D 28 -3.37 -32.83 -18.28
CA PHE D 28 -4.14 -31.94 -17.43
C PHE D 28 -4.11 -30.59 -18.11
N ALA D 29 -5.29 -30.00 -18.25
CA ALA D 29 -5.47 -28.79 -19.07
C ALA D 29 -6.55 -27.91 -18.45
N PRO D 30 -6.25 -27.26 -17.33
CA PRO D 30 -7.19 -26.30 -16.76
C PRO D 30 -7.38 -25.02 -17.57
N SER D 31 -8.35 -24.21 -17.14
CA SER D 31 -8.51 -22.83 -17.61
C SER D 31 -8.25 -21.91 -16.43
N PRO D 32 -7.08 -21.22 -16.39
CA PRO D 32 -6.80 -20.32 -15.25
C PRO D 32 -8.03 -19.55 -14.79
N THR D 33 -8.52 -19.96 -13.61
CA THR D 33 -9.60 -19.28 -12.90
C THR D 33 -8.98 -18.60 -11.69
N GLY D 34 -7.72 -18.19 -11.79
CA GLY D 34 -7.02 -17.56 -10.67
C GLY D 34 -6.46 -18.50 -9.60
N TYR D 35 -6.88 -19.77 -9.60
CA TYR D 35 -6.33 -20.78 -8.67
C TYR D 35 -6.54 -22.19 -9.20
N LEU D 36 -6.02 -23.20 -8.48
CA LEU D 36 -6.28 -24.60 -8.80
C LEU D 36 -7.34 -25.11 -7.86
N HIS D 37 -8.20 -25.94 -8.42
CA HIS D 37 -9.39 -26.44 -7.76
C HIS D 37 -9.16 -27.86 -7.15
N ILE D 38 -9.83 -28.15 -6.04
CA ILE D 38 -9.79 -29.51 -5.45
C ILE D 38 -10.28 -30.54 -6.49
N GLY D 39 -11.26 -30.13 -7.29
CA GLY D 39 -11.79 -30.98 -8.35
C GLY D 39 -10.78 -31.19 -9.43
N GLY D 40 -10.13 -30.12 -9.83
CA GLY D 40 -9.09 -30.18 -10.84
C GLY D 40 -7.98 -31.08 -10.35
N ALA D 41 -7.41 -30.71 -9.20
CA ALA D 41 -6.31 -31.46 -8.54
C ALA D 41 -6.47 -32.98 -8.57
N ARG D 42 -7.70 -33.45 -8.39
CA ARG D 42 -8.00 -34.88 -8.46
C ARG D 42 -7.99 -35.41 -9.89
N THR D 43 -8.50 -34.64 -10.85
CA THR D 43 -8.32 -34.95 -12.28
C THR D 43 -6.84 -35.20 -12.61
N ALA D 44 -5.97 -34.29 -12.13
CA ALA D 44 -4.51 -34.32 -12.36
C ALA D 44 -3.84 -35.50 -11.68
N LEU D 45 -4.20 -35.72 -10.42
CA LEU D 45 -3.75 -36.88 -9.64
C LEU D 45 -4.05 -38.15 -10.41
N TYR D 46 -5.28 -38.26 -10.90
CA TYR D 46 -5.68 -39.43 -11.65
C TYR D 46 -4.89 -39.52 -12.97
N CYS D 47 -4.69 -38.41 -13.66
CA CYS D 47 -3.85 -38.41 -14.89
C CYS D 47 -2.36 -38.76 -14.63
N TRP D 48 -1.89 -38.30 -13.47
CA TRP D 48 -0.53 -38.50 -13.07
C TRP D 48 -0.31 -39.93 -12.66
N LEU D 49 -1.30 -40.53 -12.00
CA LEU D 49 -1.21 -41.91 -11.56
C LEU D 49 -1.25 -42.84 -12.76
N GLU D 50 -2.20 -42.62 -13.67
CA GLU D 50 -2.35 -43.45 -14.87
C GLU D 50 -1.12 -43.40 -15.77
N ALA D 51 -0.51 -42.22 -15.87
CA ALA D 51 0.71 -42.05 -16.65
C ALA D 51 1.88 -42.76 -15.95
N ARG D 52 2.19 -42.32 -14.74
CA ARG D 52 3.38 -42.78 -14.00
C ARG D 52 3.34 -44.30 -13.75
N ARG D 53 2.15 -44.81 -13.47
CA ARG D 53 1.94 -46.23 -13.24
C ARG D 53 2.43 -47.09 -14.39
N ARG D 54 2.43 -46.54 -15.60
CA ARG D 54 2.89 -47.25 -16.78
C ARG D 54 4.12 -46.63 -17.46
N GLY D 55 4.94 -45.90 -16.71
CA GLY D 55 6.13 -45.21 -17.25
C GLY D 55 5.88 -44.13 -18.32
N GLY D 56 4.64 -43.70 -18.45
CA GLY D 56 4.24 -42.80 -19.51
C GLY D 56 4.49 -41.37 -19.12
N GLN D 57 3.74 -40.46 -19.75
CA GLN D 57 3.94 -39.02 -19.57
C GLN D 57 2.67 -38.32 -19.13
N PHE D 58 2.85 -37.31 -18.29
CA PHE D 58 1.78 -36.43 -17.87
C PHE D 58 2.14 -35.05 -18.38
N VAL D 59 1.27 -34.47 -19.21
CA VAL D 59 1.48 -33.13 -19.76
C VAL D 59 0.46 -32.15 -19.26
N LEU D 60 0.92 -30.92 -19.18
CA LEU D 60 0.19 -29.84 -18.62
C LEU D 60 0.00 -28.88 -19.74
N ARG D 61 -1.25 -28.49 -19.95
CA ARG D 61 -1.63 -27.45 -20.90
C ARG D 61 -2.30 -26.31 -20.14
N ILE D 62 -2.18 -25.09 -20.62
CA ILE D 62 -2.78 -23.92 -19.96
C ILE D 62 -3.62 -23.17 -20.99
N GLU D 63 -4.94 -23.19 -20.79
CA GLU D 63 -5.86 -22.45 -21.66
C GLU D 63 -5.83 -20.96 -21.29
N ASP D 64 -4.91 -20.21 -21.90
CA ASP D 64 -4.67 -18.80 -21.54
C ASP D 64 -5.13 -17.77 -22.59
N THR D 65 -6.02 -18.18 -23.50
CA THR D 65 -6.42 -17.34 -24.64
C THR D 65 -7.39 -16.20 -24.28
N ASP D 66 -8.01 -16.28 -23.10
CA ASP D 66 -8.70 -15.15 -22.50
C ASP D 66 -7.61 -14.36 -21.76
N ARG D 67 -7.25 -13.20 -22.30
CA ARG D 67 -6.09 -12.43 -21.79
C ARG D 67 -6.36 -11.75 -20.45
N GLN D 68 -7.59 -11.25 -20.23
CA GLN D 68 -7.95 -10.55 -18.98
C GLN D 68 -8.08 -11.47 -17.78
N ARG D 69 -8.35 -12.76 -18.05
CA ARG D 69 -8.50 -13.78 -17.01
C ARG D 69 -7.13 -14.29 -16.49
N SER D 70 -6.28 -14.74 -17.40
CA SER D 70 -4.98 -15.35 -17.08
C SER D 70 -3.88 -14.32 -17.01
N THR D 71 -3.45 -13.99 -15.79
CA THR D 71 -2.19 -13.26 -15.55
C THR D 71 -1.15 -14.28 -15.10
N GLN D 72 0.08 -13.81 -14.87
CA GLN D 72 1.13 -14.68 -14.34
C GLN D 72 0.76 -15.21 -12.94
N ALA D 73 0.07 -14.40 -12.13
CA ALA D 73 -0.39 -14.83 -10.81
C ALA D 73 -1.50 -15.86 -10.93
N ALA D 74 -2.38 -15.73 -11.91
CA ALA D 74 -3.40 -16.76 -12.17
C ALA D 74 -2.80 -18.12 -12.50
N ILE D 75 -1.87 -18.15 -13.46
CA ILE D 75 -1.24 -19.41 -13.88
C ILE D 75 -0.34 -19.95 -12.77
N ASP D 76 0.48 -19.08 -12.16
CA ASP D 76 1.39 -19.42 -11.03
C ASP D 76 0.71 -20.26 -9.96
N ALA D 77 -0.51 -19.90 -9.59
CA ALA D 77 -1.31 -20.67 -8.63
C ALA D 77 -1.34 -22.14 -8.99
N ILE D 78 -1.68 -22.42 -10.26
CA ILE D 78 -1.80 -23.81 -10.75
C ILE D 78 -0.45 -24.53 -10.65
N LEU D 79 0.63 -23.80 -10.91
CA LEU D 79 1.96 -24.39 -10.91
C LEU D 79 2.50 -24.59 -9.51
N GLU D 80 2.14 -23.68 -8.60
CA GLU D 80 2.56 -23.76 -7.20
C GLU D 80 1.87 -24.93 -6.48
N ALA D 81 0.55 -25.05 -6.63
CA ALA D 81 -0.19 -26.17 -6.03
C ALA D 81 0.23 -27.52 -6.60
N MET D 82 0.37 -27.63 -7.91
CA MET D 82 0.84 -28.88 -8.51
C MET D 82 2.23 -29.28 -8.06
N GLN D 83 3.07 -28.31 -7.70
CA GLN D 83 4.37 -28.59 -7.05
C GLN D 83 4.20 -29.07 -5.64
N TRP D 84 3.35 -28.39 -4.88
CA TRP D 84 3.12 -28.68 -3.49
C TRP D 84 2.59 -30.07 -3.33
N LEU D 85 1.54 -30.35 -4.13
CA LEU D 85 0.93 -31.67 -4.24
C LEU D 85 1.85 -32.73 -4.85
N GLY D 86 2.86 -32.30 -5.60
CA GLY D 86 3.87 -33.20 -6.17
C GLY D 86 3.51 -33.75 -7.55
N LEU D 87 2.50 -33.15 -8.16
CA LEU D 87 2.04 -33.58 -9.47
C LEU D 87 2.97 -32.89 -10.51
N GLY D 88 4.17 -33.45 -10.65
CA GLY D 88 5.14 -32.96 -11.61
C GLY D 88 4.80 -33.59 -12.93
N TYR D 89 5.19 -32.92 -14.01
CA TYR D 89 4.76 -33.26 -15.36
C TYR D 89 5.99 -33.38 -16.25
N ASP D 90 5.89 -34.18 -17.31
CA ASP D 90 7.02 -34.41 -18.23
C ASP D 90 7.15 -33.28 -19.23
N GLU D 91 6.03 -32.79 -19.72
CA GLU D 91 6.01 -31.66 -20.64
C GLU D 91 5.09 -30.61 -20.09
N GLY D 92 5.28 -29.38 -20.54
CA GLY D 92 4.42 -28.26 -20.16
C GLY D 92 5.00 -27.41 -19.06
N PRO D 93 4.38 -26.27 -18.74
CA PRO D 93 3.14 -25.80 -19.33
C PRO D 93 3.24 -25.48 -20.83
N ILE D 94 2.22 -25.89 -21.58
CA ILE D 94 2.06 -25.58 -23.00
C ILE D 94 0.84 -24.68 -23.15
N TYR D 95 1.04 -23.51 -23.73
CA TYR D 95 0.01 -22.45 -23.74
C TYR D 95 -0.74 -22.42 -25.06
N GLN D 96 -2.03 -22.08 -25.02
CA GLN D 96 -2.84 -22.04 -26.24
C GLN D 96 -2.47 -20.89 -27.15
N THR D 97 -2.06 -19.78 -26.55
CA THR D 97 -1.54 -18.60 -27.27
C THR D 97 -0.31 -18.96 -28.12
N GLN D 98 0.51 -19.84 -27.55
CA GLN D 98 1.73 -20.37 -28.19
C GLN D 98 1.44 -21.26 -29.42
N ARG D 99 0.18 -21.72 -29.59
CA ARG D 99 -0.25 -22.63 -30.67
C ARG D 99 -1.39 -22.07 -31.57
N VAL D 100 -1.66 -20.77 -31.43
CA VAL D 100 -2.74 -20.11 -32.16
C VAL D 100 -2.65 -20.31 -33.69
N ALA D 101 -1.42 -20.42 -34.21
CA ALA D 101 -1.17 -20.68 -35.63
C ALA D 101 -1.52 -22.11 -36.03
N ARG D 102 -1.17 -23.09 -35.20
CA ARG D 102 -1.52 -24.49 -35.50
C ARG D 102 -3.02 -24.69 -35.64
N TYR D 103 -3.80 -24.01 -34.78
CA TYR D 103 -5.27 -24.15 -34.82
C TYR D 103 -5.84 -23.72 -36.17
N GLN D 104 -5.46 -22.51 -36.61
CA GLN D 104 -5.86 -22.01 -37.93
C GLN D 104 -5.44 -22.94 -39.02
N GLU D 105 -4.19 -23.38 -38.96
CA GLU D 105 -3.64 -24.33 -39.91
C GLU D 105 -4.55 -25.56 -40.07
N VAL D 106 -5.04 -26.09 -38.96
CA VAL D 106 -5.82 -27.34 -39.01
C VAL D 106 -7.21 -27.07 -39.57
N ALA D 107 -7.85 -25.98 -39.15
CA ALA D 107 -9.18 -25.62 -39.69
C ALA D 107 -9.15 -25.42 -41.22
N GLU D 108 -8.16 -24.66 -41.67
CA GLU D 108 -7.93 -24.42 -43.08
C GLU D 108 -7.61 -25.72 -43.85
N GLN D 109 -6.94 -26.67 -43.18
CA GLN D 109 -6.70 -27.99 -43.76
C GLN D 109 -8.03 -28.72 -43.92
N LEU D 110 -8.88 -28.70 -42.89
CA LEU D 110 -10.22 -29.32 -43.01
C LEU D 110 -11.10 -28.61 -44.04
N LEU D 111 -10.96 -27.29 -44.08
CA LEU D 111 -11.67 -26.43 -45.02
C LEU D 111 -11.25 -26.76 -46.46
N ALA D 112 -9.94 -26.75 -46.71
CA ALA D 112 -9.38 -27.13 -48.02
C ALA D 112 -9.70 -28.56 -48.41
N GLN D 113 -9.73 -29.47 -47.43
CA GLN D 113 -10.09 -30.86 -47.70
C GLN D 113 -11.58 -31.06 -47.97
N GLY D 114 -12.38 -30.02 -47.74
CA GLY D 114 -13.82 -30.11 -47.84
C GLY D 114 -14.48 -30.82 -46.66
N LYS D 115 -13.82 -30.82 -45.50
CA LYS D 115 -14.40 -31.35 -44.25
C LYS D 115 -14.95 -30.26 -43.36
N ALA D 116 -14.87 -29.02 -43.81
CA ALA D 116 -15.38 -27.89 -43.08
C ALA D 116 -15.76 -26.81 -44.07
N TYR D 117 -16.44 -25.77 -43.60
CA TYR D 117 -16.95 -24.78 -44.51
C TYR D 117 -17.17 -23.46 -43.86
N TYR D 118 -16.98 -22.40 -44.64
CA TYR D 118 -17.30 -21.07 -44.18
C TYR D 118 -18.80 -20.95 -44.13
N ALA D 119 -19.28 -20.20 -43.14
CA ALA D 119 -20.68 -19.88 -42.99
C ALA D 119 -20.75 -18.46 -42.45
N TYR D 120 -21.84 -17.76 -42.70
CA TYR D 120 -21.87 -16.30 -42.47
C TYR D 120 -23.18 -15.73 -41.88
N GLU D 121 -23.95 -16.57 -41.19
CA GLU D 121 -25.19 -16.11 -40.59
C GLU D 121 -24.91 -15.10 -39.46
N THR D 122 -25.85 -14.21 -39.22
CA THR D 122 -25.76 -13.25 -38.14
C THR D 122 -26.35 -13.88 -36.90
N ARG D 123 -26.23 -13.20 -35.75
CA ARG D 123 -26.78 -13.78 -34.52
C ARG D 123 -28.30 -13.81 -34.56
N GLU D 124 -28.91 -12.78 -35.14
CA GLU D 124 -30.39 -12.72 -35.28
C GLU D 124 -30.91 -13.87 -36.14
N GLU D 125 -30.19 -14.13 -37.23
CA GLU D 125 -30.43 -15.30 -38.09
C GLU D 125 -30.25 -16.62 -37.33
N LEU D 126 -29.23 -16.68 -36.48
CA LEU D 126 -28.95 -17.86 -35.68
C LEU D 126 -29.96 -18.00 -34.54
N ASP D 127 -30.33 -16.86 -33.94
CA ASP D 127 -31.35 -16.84 -32.90
C ASP D 127 -32.72 -17.15 -33.49
N ALA D 128 -32.97 -16.77 -34.74
CA ALA D 128 -34.19 -17.17 -35.44
C ALA D 128 -34.26 -18.70 -35.62
N MET D 129 -33.20 -19.30 -36.14
CA MET D 129 -33.13 -20.76 -36.21
C MET D 129 -33.36 -21.44 -34.89
N ARG D 130 -32.72 -20.90 -33.85
CA ARG D 130 -32.80 -21.44 -32.48
C ARG D 130 -34.25 -21.42 -31.98
N GLU D 131 -34.90 -20.26 -32.08
CA GLU D 131 -36.28 -20.09 -31.63
C GLU D 131 -37.28 -20.79 -32.57
N ALA D 132 -36.91 -20.98 -33.85
CA ALA D 132 -37.71 -21.84 -34.74
C ALA D 132 -37.58 -23.32 -34.38
N ALA D 133 -36.40 -23.73 -33.91
CA ALA D 133 -36.17 -25.13 -33.48
C ALA D 133 -36.80 -25.43 -32.11
N MET D 134 -36.59 -24.52 -31.16
CA MET D 134 -37.19 -24.59 -29.83
C MET D 134 -38.72 -24.71 -29.92
N ALA D 135 -39.33 -24.05 -30.91
CA ALA D 135 -40.78 -24.04 -31.14
C ALA D 135 -41.40 -25.44 -31.26
N LYS D 136 -40.84 -26.27 -32.13
CA LYS D 136 -41.36 -27.65 -32.36
C LYS D 136 -40.86 -28.69 -31.32
N GLN D 137 -40.17 -28.24 -30.27
CA GLN D 137 -39.61 -29.10 -29.22
C GLN D 137 -38.53 -30.06 -29.77
N GLU D 138 -37.82 -29.61 -30.82
CA GLU D 138 -36.61 -30.28 -31.33
C GLU D 138 -35.39 -29.48 -30.86
N LYS D 139 -34.28 -30.18 -30.62
CA LYS D 139 -33.09 -29.54 -30.04
C LYS D 139 -32.44 -28.59 -31.04
N PRO D 140 -32.06 -27.38 -30.58
CA PRO D 140 -31.74 -26.32 -31.51
C PRO D 140 -30.32 -26.47 -32.09
N ARG D 141 -30.26 -26.80 -33.38
CA ARG D 141 -29.01 -27.10 -34.08
C ARG D 141 -28.74 -26.07 -35.16
N TYR D 142 -27.51 -26.07 -35.69
CA TYR D 142 -27.22 -25.43 -36.98
C TYR D 142 -27.96 -26.20 -38.07
N ASP D 143 -28.71 -25.48 -38.91
CA ASP D 143 -29.64 -26.09 -39.86
C ASP D 143 -28.90 -26.66 -41.06
N GLY D 144 -27.65 -26.26 -41.22
CA GLY D 144 -26.76 -26.76 -42.27
C GLY D 144 -26.79 -25.90 -43.52
N ALA D 145 -27.45 -24.74 -43.43
CA ALA D 145 -27.75 -23.91 -44.59
C ALA D 145 -26.57 -23.67 -45.54
N ALA D 146 -25.37 -23.51 -44.98
CA ALA D 146 -24.15 -23.18 -45.74
C ALA D 146 -23.23 -24.36 -46.11
N ARG D 147 -23.66 -25.60 -45.80
CA ARG D 147 -22.79 -26.78 -45.81
C ARG D 147 -22.25 -27.13 -47.17
N GLU D 148 -23.09 -27.02 -48.19
CA GLU D 148 -22.67 -27.35 -49.54
C GLU D 148 -22.85 -26.20 -50.50
N GLN D 149 -22.94 -24.99 -49.95
CA GLN D 149 -22.99 -23.73 -50.70
C GLN D 149 -21.59 -23.18 -50.99
N ASN D 150 -20.64 -24.03 -50.61
CA ASN D 150 -19.24 -23.89 -50.83
C ASN D 150 -18.92 -22.47 -50.87
N LEU D 151 -18.83 -21.89 -49.70
CA LEU D 151 -18.74 -20.47 -49.64
C LEU D 151 -17.33 -20.11 -49.40
N PRO D 152 -16.92 -19.10 -50.12
CA PRO D 152 -15.60 -18.49 -50.02
C PRO D 152 -15.27 -17.74 -48.78
N TYR D 153 -14.05 -17.23 -48.69
CA TYR D 153 -13.61 -16.52 -47.53
C TYR D 153 -14.40 -15.27 -47.47
N ARG D 154 -13.81 -14.15 -47.83
CA ARG D 154 -14.51 -12.91 -47.75
C ARG D 154 -14.73 -12.61 -46.28
N ASP D 155 -14.03 -11.60 -45.81
CA ASP D 155 -14.09 -11.26 -44.43
C ASP D 155 -15.13 -10.33 -43.87
N ASP D 156 -15.97 -10.91 -43.03
CA ASP D 156 -16.92 -10.19 -42.20
C ASP D 156 -16.76 -10.78 -40.83
N PRO D 157 -17.53 -10.36 -39.88
CA PRO D 157 -17.38 -10.82 -38.47
C PRO D 157 -18.15 -12.03 -38.07
N ASN D 158 -19.10 -12.31 -38.92
CA ASN D 158 -19.97 -13.46 -38.98
C ASN D 158 -19.26 -14.64 -39.67
N ARG D 159 -18.04 -14.44 -40.17
CA ARG D 159 -17.23 -15.54 -40.65
C ARG D 159 -16.92 -16.51 -39.51
N VAL D 160 -17.45 -17.74 -39.63
CA VAL D 160 -17.02 -18.86 -38.84
C VAL D 160 -16.56 -19.99 -39.76
N ILE D 161 -15.70 -20.87 -39.27
CA ILE D 161 -15.46 -22.15 -39.93
C ILE D 161 -16.19 -23.18 -39.14
N ARG D 162 -17.14 -23.87 -39.79
CA ARG D 162 -17.85 -24.99 -39.21
C ARG D 162 -17.32 -26.25 -39.80
N PHE D 163 -17.47 -27.32 -39.01
CA PHE D 163 -16.99 -28.66 -39.32
C PHE D 163 -18.15 -29.49 -39.82
N LYS D 164 -17.95 -30.24 -40.91
CA LYS D 164 -18.95 -31.17 -41.43
C LYS D 164 -19.01 -32.44 -40.58
N ASN D 165 -19.94 -32.45 -39.63
CA ASN D 165 -20.16 -33.60 -38.74
C ASN D 165 -20.83 -34.66 -39.59
N PRO D 166 -20.47 -35.94 -39.43
CA PRO D 166 -21.17 -36.95 -40.24
C PRO D 166 -22.70 -36.80 -40.19
N ILE D 167 -23.34 -36.96 -41.35
CA ILE D 167 -24.81 -36.76 -41.45
C ILE D 167 -25.63 -37.65 -40.53
N GLY D 168 -25.26 -38.91 -40.45
CA GLY D 168 -26.16 -39.92 -39.96
C GLY D 168 -25.40 -41.07 -39.40
N GLY D 169 -26.09 -41.81 -38.54
CA GLY D 169 -25.53 -42.89 -37.78
C GLY D 169 -25.39 -42.44 -36.35
N THR D 170 -24.58 -43.20 -35.61
CA THR D 170 -24.28 -42.91 -34.22
C THR D 170 -22.78 -43.02 -34.00
N VAL D 171 -22.25 -42.09 -33.22
CA VAL D 171 -20.87 -42.17 -32.73
C VAL D 171 -20.88 -42.86 -31.37
N VAL D 172 -19.93 -43.76 -31.18
CA VAL D 172 -19.93 -44.68 -30.06
C VAL D 172 -18.49 -44.91 -29.57
N PHE D 173 -18.28 -44.76 -28.26
CA PHE D 173 -16.97 -44.98 -27.61
C PHE D 173 -17.14 -45.70 -26.28
N ASP D 174 -16.12 -46.51 -25.92
CA ASP D 174 -16.11 -47.24 -24.63
C ASP D 174 -15.37 -46.45 -23.55
N ASP D 175 -16.17 -45.68 -22.82
CA ASP D 175 -15.68 -44.92 -21.68
C ASP D 175 -15.23 -45.87 -20.58
N LEU D 176 -14.08 -45.54 -19.98
CA LEU D 176 -13.43 -46.38 -18.98
C LEU D 176 -14.19 -46.38 -17.66
N ILE D 177 -14.93 -45.30 -17.39
CA ILE D 177 -15.76 -45.16 -16.19
C ILE D 177 -17.22 -45.47 -16.46
N LYS D 178 -17.77 -44.97 -17.57
CA LYS D 178 -19.22 -44.91 -17.84
C LYS D 178 -19.79 -46.03 -18.74
N GLY D 179 -18.92 -46.88 -19.31
CA GLY D 179 -19.37 -47.98 -20.16
C GLY D 179 -19.52 -47.52 -21.59
N ARG D 180 -20.38 -48.20 -22.35
CA ARG D 180 -20.60 -47.87 -23.76
C ARG D 180 -21.49 -46.60 -23.83
N ILE D 181 -21.09 -45.58 -24.61
CA ILE D 181 -21.93 -44.39 -24.86
C ILE D 181 -22.21 -44.31 -26.36
N GLU D 182 -23.48 -44.21 -26.74
CA GLU D 182 -23.90 -44.15 -28.15
C GLU D 182 -24.72 -42.86 -28.32
N ILE D 183 -24.10 -41.83 -28.88
CA ILE D 183 -24.83 -40.61 -29.21
C ILE D 183 -25.04 -40.61 -30.72
N ALA D 184 -26.22 -40.15 -31.15
CA ALA D 184 -26.58 -40.10 -32.58
C ALA D 184 -25.91 -38.91 -33.23
N ASN D 185 -25.76 -38.96 -34.55
CA ASN D 185 -25.18 -37.83 -35.28
C ASN D 185 -26.17 -36.68 -35.46
N SER D 186 -27.47 -36.99 -35.57
CA SER D 186 -28.50 -36.02 -35.15
C SER D 186 -28.22 -35.75 -33.69
N GLU D 187 -28.77 -34.67 -33.14
CA GLU D 187 -28.47 -34.20 -31.76
C GLU D 187 -27.19 -33.36 -31.72
N LEU D 188 -26.27 -33.63 -32.64
CA LEU D 188 -25.10 -32.81 -32.88
C LEU D 188 -25.41 -31.87 -34.03
N ASP D 189 -24.52 -30.90 -34.25
CA ASP D 189 -24.58 -30.03 -35.44
C ASP D 189 -23.21 -29.91 -36.09
N ASP D 190 -23.17 -29.19 -37.21
CA ASP D 190 -21.92 -28.78 -37.82
C ASP D 190 -21.41 -27.59 -37.04
N MET D 191 -20.78 -27.89 -35.90
CA MET D 191 -20.33 -26.90 -34.95
C MET D 191 -19.25 -25.98 -35.52
N VAL D 192 -19.17 -24.77 -34.97
CA VAL D 192 -18.11 -23.84 -35.29
C VAL D 192 -16.82 -24.39 -34.68
N ILE D 193 -15.77 -24.45 -35.49
CA ILE D 193 -14.43 -24.82 -35.04
C ILE D 193 -13.45 -23.62 -35.00
N PHE D 194 -13.73 -22.57 -35.77
CA PHE D 194 -12.83 -21.43 -35.84
C PHE D 194 -13.64 -20.15 -35.92
N ARG D 195 -13.04 -19.05 -35.50
CA ARG D 195 -13.78 -17.87 -35.18
C ARG D 195 -13.30 -16.68 -35.97
N PRO D 196 -14.13 -15.64 -36.06
CA PRO D 196 -13.76 -14.40 -36.72
C PRO D 196 -12.69 -13.55 -36.04
N ASP D 197 -12.27 -13.88 -34.81
CA ASP D 197 -11.13 -13.21 -34.19
C ASP D 197 -9.79 -14.00 -34.24
N GLY D 198 -9.76 -15.12 -34.97
CA GLY D 198 -8.53 -15.88 -35.20
C GLY D 198 -8.26 -17.00 -34.22
N LEU D 199 -9.22 -17.30 -33.36
CA LEU D 199 -9.07 -18.35 -32.35
C LEU D 199 -10.01 -19.54 -32.62
N PRO D 200 -9.73 -20.70 -32.01
CA PRO D 200 -10.63 -21.83 -32.10
C PRO D 200 -11.68 -21.85 -30.99
N THR D 201 -12.68 -22.69 -31.18
CA THR D 201 -13.63 -23.05 -30.12
C THR D 201 -13.02 -24.13 -29.25
N TYR D 202 -13.50 -24.25 -28.02
CA TYR D 202 -12.89 -25.18 -27.04
C TYR D 202 -12.77 -26.59 -27.60
N ASN D 203 -13.87 -27.09 -28.14
CA ASN D 203 -13.94 -28.45 -28.64
C ASN D 203 -12.95 -28.76 -29.73
N PHE D 204 -12.68 -27.80 -30.62
CA PHE D 204 -11.78 -28.01 -31.76
C PHE D 204 -10.33 -28.04 -31.29
N ALA D 205 -9.97 -27.01 -30.51
CA ALA D 205 -8.67 -26.89 -29.87
C ALA D 205 -8.26 -28.13 -29.05
N VAL D 206 -9.17 -28.69 -28.26
CA VAL D 206 -8.79 -29.88 -27.42
C VAL D 206 -8.38 -31.04 -28.32
N VAL D 207 -9.07 -31.18 -29.46
CA VAL D 207 -8.79 -32.29 -30.36
C VAL D 207 -7.46 -32.03 -31.04
N VAL D 208 -7.20 -30.77 -31.39
CA VAL D 208 -5.93 -30.41 -32.02
C VAL D 208 -4.80 -30.69 -31.05
N ASP D 209 -4.90 -30.11 -29.86
CA ASP D 209 -3.96 -30.36 -28.76
C ASP D 209 -3.75 -31.87 -28.52
N ASP D 210 -4.85 -32.58 -28.22
CA ASP D 210 -4.78 -34.00 -27.83
C ASP D 210 -4.14 -34.87 -28.93
N TRP D 211 -4.51 -34.57 -30.18
CA TRP D 211 -3.88 -35.17 -31.36
C TRP D 211 -2.39 -34.84 -31.46
N ASP D 212 -2.06 -33.56 -31.58
CA ASP D 212 -0.65 -33.13 -31.71
C ASP D 212 0.27 -33.61 -30.57
N MET D 213 -0.25 -33.65 -29.34
CA MET D 213 0.55 -34.08 -28.21
C MET D 213 0.56 -35.60 -27.99
N GLY D 214 -0.15 -36.33 -28.85
CA GLY D 214 -0.10 -37.79 -28.83
C GLY D 214 -0.84 -38.39 -27.66
N ILE D 215 -1.81 -37.66 -27.11
CA ILE D 215 -2.51 -38.06 -25.90
C ILE D 215 -3.29 -39.36 -26.18
N THR D 216 -3.14 -40.35 -25.29
CA THR D 216 -3.79 -41.66 -25.39
C THR D 216 -4.94 -41.86 -24.38
N GLU D 217 -4.96 -41.06 -23.31
CA GLU D 217 -6.00 -41.20 -22.29
C GLU D 217 -6.54 -39.86 -21.83
N VAL D 218 -7.82 -39.62 -22.09
CA VAL D 218 -8.45 -38.38 -21.70
C VAL D 218 -9.34 -38.61 -20.47
N ILE D 219 -8.89 -38.07 -19.34
CA ILE D 219 -9.65 -38.14 -18.10
C ILE D 219 -10.17 -36.75 -17.75
N ARG D 220 -11.47 -36.65 -17.48
CA ARG D 220 -12.12 -35.35 -17.32
C ARG D 220 -13.52 -35.51 -16.74
N GLY D 221 -14.16 -34.38 -16.43
CA GLY D 221 -15.50 -34.39 -15.88
C GLY D 221 -16.56 -34.97 -16.82
N ASP D 222 -17.57 -35.59 -16.20
CA ASP D 222 -18.68 -36.24 -16.94
C ASP D 222 -19.54 -35.25 -17.74
N ASP D 223 -19.67 -34.02 -17.27
CA ASP D 223 -20.20 -32.89 -18.09
C ASP D 223 -19.64 -32.80 -19.53
N HIS D 224 -18.35 -33.12 -19.73
CA HIS D 224 -17.76 -33.16 -21.07
C HIS D 224 -18.19 -34.35 -21.95
N ILE D 225 -18.95 -35.29 -21.40
CA ILE D 225 -19.50 -36.43 -22.14
C ILE D 225 -20.30 -36.07 -23.42
N ASN D 226 -21.03 -34.95 -23.40
CA ASN D 226 -21.81 -34.44 -24.56
C ASN D 226 -20.89 -34.09 -25.71
N ASN D 227 -19.72 -33.57 -25.38
CA ASN D 227 -18.75 -33.10 -26.36
C ASN D 227 -17.89 -34.21 -26.92
N THR D 228 -17.84 -35.35 -26.24
CA THR D 228 -17.01 -36.47 -26.66
C THR D 228 -17.34 -37.00 -28.05
N PRO D 229 -18.64 -37.24 -28.36
CA PRO D 229 -19.00 -37.69 -29.72
C PRO D 229 -18.60 -36.69 -30.82
N ARG D 230 -18.70 -35.40 -30.51
CA ARG D 230 -18.30 -34.34 -31.43
C ARG D 230 -16.82 -34.43 -31.73
N GLN D 231 -16.03 -34.38 -30.67
CA GLN D 231 -14.57 -34.47 -30.76
C GLN D 231 -14.09 -35.69 -31.55
N ILE D 232 -14.76 -36.82 -31.35
CA ILE D 232 -14.38 -38.10 -31.96
C ILE D 232 -14.51 -38.07 -33.48
N ASN D 233 -15.57 -37.43 -33.98
CA ASN D 233 -15.75 -37.26 -35.43
C ASN D 233 -14.69 -36.35 -36.07
N ILE D 234 -14.13 -35.45 -35.25
CA ILE D 234 -13.06 -34.60 -35.72
C ILE D 234 -11.78 -35.39 -35.83
N TYR D 235 -11.43 -36.16 -34.80
CA TYR D 235 -10.28 -37.08 -34.88
C TYR D 235 -10.39 -37.86 -36.19
N ALA D 236 -11.56 -38.45 -36.43
CA ALA D 236 -11.87 -39.17 -37.68
C ALA D 236 -11.63 -38.32 -38.96
N ALA D 237 -12.11 -37.09 -38.95
CA ALA D 237 -11.82 -36.16 -40.05
C ALA D 237 -10.32 -35.91 -40.28
N LEU D 238 -9.48 -36.11 -39.25
CA LEU D 238 -8.05 -35.97 -39.39
C LEU D 238 -7.28 -37.29 -39.67
N GLY D 239 -7.94 -38.43 -39.76
CA GLY D 239 -7.22 -39.70 -39.83
C GLY D 239 -6.35 -39.94 -38.59
N ALA D 240 -6.75 -39.34 -37.47
CA ALA D 240 -5.94 -39.19 -36.28
C ALA D 240 -6.45 -40.08 -35.12
N PRO D 241 -5.55 -40.83 -34.46
CA PRO D 241 -5.87 -41.74 -33.35
C PRO D 241 -6.85 -41.26 -32.27
N VAL D 242 -8.04 -41.84 -32.27
CA VAL D 242 -9.04 -41.58 -31.21
C VAL D 242 -8.55 -42.19 -29.86
N PRO D 243 -8.42 -41.36 -28.83
CA PRO D 243 -7.90 -41.83 -27.56
C PRO D 243 -8.94 -42.59 -26.74
N LYS D 244 -8.51 -43.11 -25.59
CA LYS D 244 -9.43 -43.64 -24.56
C LYS D 244 -10.04 -42.48 -23.77
N PHE D 245 -11.26 -42.67 -23.26
CA PHE D 245 -11.96 -41.64 -22.46
C PHE D 245 -12.42 -42.15 -21.09
N ALA D 246 -12.14 -41.37 -20.05
CA ALA D 246 -12.66 -41.64 -18.73
C ALA D 246 -13.37 -40.40 -18.20
N HIS D 247 -14.67 -40.49 -17.98
CA HIS D 247 -15.50 -39.36 -17.56
C HIS D 247 -16.03 -39.57 -16.16
N MET D 248 -15.34 -38.99 -15.18
CA MET D 248 -15.68 -39.19 -13.77
C MET D 248 -16.67 -38.13 -13.27
N PRO D 249 -17.58 -38.50 -12.34
CA PRO D 249 -18.55 -37.50 -11.84
C PRO D 249 -17.92 -36.52 -10.88
N MET D 250 -18.32 -35.25 -10.98
CA MET D 250 -17.64 -34.18 -10.26
C MET D 250 -18.04 -34.16 -8.78
N ILE D 251 -17.12 -33.67 -7.96
CA ILE D 251 -17.19 -33.77 -6.49
C ILE D 251 -18.23 -32.81 -5.96
N LEU D 252 -18.93 -33.25 -4.92
CA LEU D 252 -19.91 -32.45 -4.22
C LEU D 252 -19.29 -31.83 -2.97
N ASP D 253 -19.84 -30.71 -2.52
CA ASP D 253 -19.40 -30.08 -1.27
C ASP D 253 -20.00 -30.84 -0.08
N GLU D 254 -19.61 -30.45 1.13
CA GLU D 254 -20.09 -31.12 2.35
C GLU D 254 -21.61 -31.17 2.47
N GLN D 255 -22.28 -30.12 1.98
CA GLN D 255 -23.74 -30.02 2.03
C GLN D 255 -24.52 -30.67 0.85
N GLY D 256 -23.84 -31.46 0.01
CA GLY D 256 -24.52 -32.23 -1.05
C GLY D 256 -24.61 -31.62 -2.43
N THR D 257 -24.62 -30.28 -2.51
CA THR D 257 -24.53 -29.56 -3.80
C THR D 257 -23.14 -29.69 -4.43
N LYS D 258 -22.99 -29.29 -5.70
CA LYS D 258 -21.72 -29.47 -6.42
C LYS D 258 -20.66 -28.41 -6.02
N LEU D 259 -19.40 -28.79 -6.16
CA LEU D 259 -18.26 -27.91 -5.92
C LEU D 259 -17.83 -27.36 -7.28
N SER D 260 -18.18 -26.10 -7.54
CA SER D 260 -17.71 -25.34 -8.70
C SER D 260 -16.91 -24.17 -8.14
N LYS D 261 -16.45 -23.30 -9.03
CA LYS D 261 -15.70 -22.15 -8.59
C LYS D 261 -16.71 -21.30 -7.85
N ARG D 262 -17.90 -21.20 -8.44
CA ARG D 262 -18.97 -20.44 -7.84
C ARG D 262 -19.38 -21.19 -6.59
N THR D 263 -18.41 -21.40 -5.72
CA THR D 263 -18.60 -22.09 -4.47
C THR D 263 -17.32 -21.80 -3.72
N GLY D 264 -17.25 -22.22 -2.47
CA GLY D 264 -16.07 -22.02 -1.66
C GLY D 264 -14.79 -22.29 -2.43
N ALA D 265 -14.87 -23.25 -3.35
CA ALA D 265 -13.72 -23.62 -4.18
C ALA D 265 -12.64 -24.30 -3.36
N ALA D 266 -12.72 -23.94 -2.11
CA ALA D 266 -11.78 -24.49 -1.19
C ALA D 266 -10.41 -24.07 -1.75
N ASP D 267 -10.33 -23.72 -3.04
CA ASP D 267 -9.06 -23.35 -3.64
C ASP D 267 -8.29 -24.61 -3.51
N VAL D 268 -7.04 -24.55 -3.11
CA VAL D 268 -6.28 -25.77 -2.92
C VAL D 268 -5.01 -25.41 -2.21
N MET D 269 -4.62 -24.15 -2.32
CA MET D 269 -3.47 -23.69 -1.60
C MET D 269 -4.05 -23.21 -0.31
N GLN D 270 -5.37 -23.22 -0.20
CA GLN D 270 -5.92 -22.95 1.12
C GLN D 270 -5.78 -24.13 2.08
N TYR D 271 -5.82 -25.36 1.59
CA TYR D 271 -5.54 -26.53 2.43
C TYR D 271 -4.10 -26.50 2.96
N LYS D 272 -3.19 -25.97 2.15
CA LYS D 272 -1.79 -25.77 2.56
C LYS D 272 -1.71 -24.73 3.68
N ASP D 273 -2.30 -23.56 3.46
CA ASP D 273 -2.35 -22.50 4.48
C ASP D 273 -3.06 -22.98 5.73
N ALA D 274 -4.17 -23.70 5.53
CA ALA D 274 -4.95 -24.27 6.63
C ALA D 274 -4.16 -25.26 7.46
N GLY D 275 -3.10 -25.84 6.87
CA GLY D 275 -2.12 -26.66 7.60
C GLY D 275 -2.16 -28.16 7.36
N TYR D 276 -2.83 -28.61 6.30
CA TYR D 276 -2.85 -30.02 5.95
C TYR D 276 -1.58 -30.37 5.19
N LEU D 277 -1.20 -31.64 5.28
CA LEU D 277 -0.03 -32.14 4.59
C LEU D 277 -0.36 -32.38 3.11
N PRO D 278 0.66 -32.33 2.27
CA PRO D 278 0.42 -32.60 0.85
C PRO D 278 -0.01 -34.04 0.54
N HIS D 279 0.62 -35.03 1.17
CA HIS D 279 0.22 -36.40 0.91
C HIS D 279 -1.09 -36.74 1.64
N ALA D 280 -1.34 -36.08 2.76
CA ALA D 280 -2.62 -36.23 3.45
C ALA D 280 -3.71 -35.84 2.50
N LEU D 281 -3.54 -34.70 1.86
CA LEU D 281 -4.56 -34.19 0.94
C LEU D 281 -4.74 -35.09 -0.25
N ILE D 282 -3.63 -35.56 -0.84
CA ILE D 282 -3.77 -36.44 -2.02
C ILE D 282 -4.38 -37.81 -1.61
N ASN D 283 -4.11 -38.28 -0.40
CA ASN D 283 -4.75 -39.49 0.11
C ASN D 283 -6.25 -39.28 0.25
N TYR D 284 -6.64 -38.21 0.91
CA TYR D 284 -8.05 -37.83 1.01
C TYR D 284 -8.68 -37.58 -0.34
N LEU D 285 -7.91 -37.01 -1.26
CA LEU D 285 -8.40 -36.78 -2.63
C LEU D 285 -8.66 -38.03 -3.43
N ALA D 286 -7.75 -38.99 -3.35
CA ALA D 286 -7.87 -40.22 -4.12
C ALA D 286 -9.07 -41.05 -3.67
N ARG D 287 -9.39 -40.97 -2.37
CA ARG D 287 -10.63 -41.60 -1.87
C ARG D 287 -11.93 -40.83 -2.20
N LEU D 288 -11.84 -39.60 -2.70
CA LEU D 288 -13.03 -38.89 -3.18
C LEU D 288 -13.39 -39.38 -4.58
N GLY D 289 -13.88 -40.63 -4.67
CA GLY D 289 -14.37 -41.18 -5.93
C GLY D 289 -13.73 -42.47 -6.44
N TRP D 290 -12.67 -42.94 -5.77
CA TRP D 290 -12.10 -44.27 -6.06
C TRP D 290 -12.00 -44.99 -4.74
N SER D 291 -11.98 -46.32 -4.80
CA SER D 291 -11.97 -47.18 -3.61
C SER D 291 -11.25 -48.49 -3.86
N HIS D 292 -10.79 -49.10 -2.77
CA HIS D 292 -10.13 -50.42 -2.83
C HIS D 292 -10.53 -51.22 -1.59
N GLY D 293 -11.81 -51.56 -1.51
CA GLY D 293 -12.37 -52.35 -0.41
C GLY D 293 -12.28 -51.66 0.95
N ASP D 294 -11.67 -52.35 1.92
CA ASP D 294 -11.51 -51.88 3.31
C ASP D 294 -10.66 -50.59 3.40
N GLN D 295 -9.71 -50.44 2.49
CA GLN D 295 -8.58 -49.54 2.70
C GLN D 295 -8.85 -48.02 2.53
N GLU D 296 -8.46 -47.26 3.55
CA GLU D 296 -8.60 -45.80 3.58
C GLU D 296 -7.28 -45.02 3.42
N LEU D 297 -6.19 -45.56 3.97
CA LEU D 297 -4.84 -44.95 3.87
C LEU D 297 -3.97 -45.66 2.83
N PHE D 298 -3.34 -44.87 1.94
CA PHE D 298 -2.41 -45.38 0.93
C PHE D 298 -1.14 -44.56 0.93
N THR D 299 0.01 -45.23 0.85
CA THR D 299 1.30 -44.54 0.65
C THR D 299 1.37 -44.08 -0.80
N PRO D 300 2.32 -43.18 -1.15
CA PRO D 300 2.47 -42.78 -2.55
C PRO D 300 2.66 -43.96 -3.49
N GLN D 301 3.53 -44.90 -3.11
CA GLN D 301 3.73 -46.11 -3.91
C GLN D 301 2.48 -46.98 -3.99
N GLU D 302 1.69 -47.04 -2.93
CA GLU D 302 0.49 -47.86 -2.90
C GLU D 302 -0.56 -47.37 -3.87
N LEU D 303 -0.66 -46.04 -3.96
CA LEU D 303 -1.57 -45.41 -4.91
C LEU D 303 -1.20 -45.74 -6.34
N LEU D 304 0.08 -45.68 -6.68
CA LEU D 304 0.53 -46.12 -8.01
C LEU D 304 0.12 -47.56 -8.27
N ASP D 305 0.51 -48.45 -7.35
CA ASP D 305 0.32 -49.92 -7.48
C ASP D 305 -1.18 -50.32 -7.64
N LEU D 306 -2.05 -49.70 -6.83
CA LEU D 306 -3.48 -50.05 -6.73
C LEU D 306 -4.47 -49.28 -7.60
N PHE D 307 -4.14 -48.07 -8.06
CA PHE D 307 -5.12 -47.22 -8.75
C PHE D 307 -5.30 -47.62 -10.20
N ASP D 308 -6.58 -47.76 -10.57
CA ASP D 308 -7.00 -47.79 -11.97
C ASP D 308 -8.17 -46.80 -12.12
N VAL D 309 -8.22 -46.11 -13.24
CA VAL D 309 -9.28 -45.15 -13.50
C VAL D 309 -10.56 -45.90 -13.91
N LYS D 310 -10.47 -47.21 -14.16
CA LYS D 310 -11.68 -47.99 -14.48
C LYS D 310 -12.51 -48.01 -13.21
N ASP D 311 -11.80 -48.15 -12.09
CA ASP D 311 -12.42 -48.37 -10.79
C ASP D 311 -13.02 -47.13 -10.15
N VAL D 312 -12.90 -45.96 -10.78
CA VAL D 312 -13.51 -44.75 -10.16
C VAL D 312 -15.03 -44.88 -10.28
N ASN D 313 -15.71 -44.45 -9.22
CA ASN D 313 -17.10 -44.84 -8.92
C ASN D 313 -18.14 -44.12 -9.78
N SER D 314 -19.28 -44.80 -10.00
CA SER D 314 -20.41 -44.28 -10.76
C SER D 314 -21.05 -43.06 -10.07
N LYS D 315 -21.34 -43.23 -8.78
CA LYS D 315 -21.91 -42.17 -7.94
C LYS D 315 -20.85 -41.10 -7.64
N ALA D 316 -21.31 -39.89 -7.36
CA ALA D 316 -20.42 -38.76 -7.08
C ALA D 316 -20.01 -38.73 -5.61
N ALA D 317 -18.76 -38.35 -5.35
CA ALA D 317 -18.23 -38.23 -3.97
C ALA D 317 -18.37 -36.81 -3.44
N ARG D 318 -18.30 -36.72 -2.12
CA ARG D 318 -18.58 -35.49 -1.40
C ARG D 318 -17.43 -35.25 -0.42
N LEU D 319 -16.95 -34.01 -0.33
CA LEU D 319 -15.97 -33.63 0.67
C LEU D 319 -16.47 -33.95 2.08
N ASP D 320 -15.57 -34.40 2.94
CA ASP D 320 -15.83 -34.55 4.37
C ASP D 320 -14.56 -34.09 5.09
N MET D 321 -14.59 -32.84 5.53
CA MET D 321 -13.46 -32.20 6.21
C MET D 321 -13.03 -32.99 7.45
N ALA D 322 -13.98 -33.66 8.07
CA ALA D 322 -13.70 -34.57 9.17
C ALA D 322 -12.74 -35.69 8.76
N LYS D 323 -13.05 -36.42 7.68
CA LYS D 323 -12.16 -37.49 7.21
C LYS D 323 -10.74 -36.96 7.03
N LEU D 324 -10.62 -35.86 6.27
CA LEU D 324 -9.36 -35.18 6.04
C LEU D 324 -8.67 -34.89 7.36
N GLY D 325 -9.40 -34.28 8.28
CA GLY D 325 -8.88 -34.06 9.64
C GLY D 325 -8.22 -35.31 10.18
N TRP D 326 -8.92 -36.45 10.13
CA TRP D 326 -8.42 -37.73 10.60
C TRP D 326 -7.13 -38.14 9.90
N VAL D 327 -7.21 -38.26 8.57
CA VAL D 327 -6.08 -38.73 7.79
C VAL D 327 -4.90 -37.78 7.99
N ASN D 328 -5.18 -36.49 8.19
CA ASN D 328 -4.10 -35.55 8.45
C ASN D 328 -3.36 -35.93 9.74
N GLN D 329 -4.10 -36.17 10.83
CA GLN D 329 -3.47 -36.50 12.11
C GLN D 329 -2.73 -37.81 12.03
N HIS D 330 -3.21 -38.74 11.20
CA HIS D 330 -2.50 -39.99 11.02
C HIS D 330 -1.08 -39.72 10.57
N TYR D 331 -0.96 -38.94 9.50
CA TYR D 331 0.33 -38.66 8.91
C TYR D 331 1.23 -37.81 9.84
N LEU D 332 0.65 -36.76 10.45
CA LEU D 332 1.28 -36.01 11.55
C LEU D 332 2.01 -36.91 12.53
N LYS D 333 1.39 -38.02 12.90
CA LYS D 333 1.97 -39.02 13.82
C LYS D 333 2.92 -40.00 13.12
N THR D 334 2.49 -40.58 12.01
CA THR D 334 3.22 -41.63 11.30
C THR D 334 4.52 -41.12 10.67
N ASP D 335 4.39 -40.11 9.82
CA ASP D 335 5.54 -39.60 9.07
C ASP D 335 6.59 -39.04 10.01
N ASP D 336 7.82 -38.99 9.51
CA ASP D 336 8.98 -38.61 10.31
C ASP D 336 8.86 -37.13 10.73
N PRO D 337 9.17 -36.82 12.00
CA PRO D 337 9.18 -35.45 12.54
C PRO D 337 9.93 -34.39 11.71
N ALA D 338 11.08 -34.75 11.16
CA ALA D 338 11.94 -33.83 10.41
C ALA D 338 11.39 -33.49 9.00
N SER D 339 10.63 -34.41 8.40
CA SER D 339 9.93 -34.15 7.14
C SER D 339 8.73 -33.21 7.33
N ILE D 340 8.10 -33.26 8.50
CA ILE D 340 7.02 -32.32 8.85
C ILE D 340 7.59 -30.95 9.21
N ALA D 341 8.68 -30.94 9.97
CA ALA D 341 9.31 -29.73 10.51
C ALA D 341 9.28 -28.44 9.63
N PRO D 342 9.70 -28.51 8.34
CA PRO D 342 9.59 -27.33 7.42
C PRO D 342 8.18 -26.79 7.26
N GLN D 343 7.19 -27.67 7.39
CA GLN D 343 5.81 -27.31 7.14
C GLN D 343 5.17 -26.69 8.36
N LEU D 344 5.62 -27.12 9.54
CA LEU D 344 5.31 -26.42 10.77
C LEU D 344 5.98 -25.06 10.72
N GLU D 345 7.30 -25.07 10.49
CA GLU D 345 8.07 -23.84 10.22
C GLU D 345 7.34 -22.83 9.31
N TYR D 346 6.67 -23.32 8.27
CA TYR D 346 5.89 -22.48 7.35
C TYR D 346 4.73 -21.73 8.02
N GLN D 347 4.09 -22.39 8.98
CA GLN D 347 2.90 -21.85 9.64
C GLN D 347 3.28 -20.82 10.67
N LEU D 348 4.16 -21.18 11.60
CA LEU D 348 4.56 -20.23 12.67
C LEU D 348 5.38 -19.05 12.14
N ALA D 349 6.07 -19.23 11.02
CA ALA D 349 6.56 -18.09 10.22
C ALA D 349 5.45 -17.04 9.99
N LYS D 350 4.27 -17.47 9.56
CA LYS D 350 3.13 -16.56 9.34
C LYS D 350 2.71 -15.77 10.58
N LEU D 351 3.08 -16.24 11.77
CA LEU D 351 2.81 -15.53 13.02
C LEU D 351 4.02 -14.71 13.48
N GLY D 352 4.75 -14.11 12.53
CA GLY D 352 5.88 -13.20 12.79
C GLY D 352 6.93 -13.69 13.78
N VAL D 353 7.13 -15.00 13.84
CA VAL D 353 8.00 -15.62 14.84
C VAL D 353 9.43 -15.64 14.28
N ASP D 354 10.39 -15.69 15.19
CA ASP D 354 11.83 -15.49 14.90
C ASP D 354 12.65 -16.78 14.73
N LEU D 355 11.93 -17.88 14.76
CA LEU D 355 12.40 -19.21 14.49
C LEU D 355 13.60 -19.65 15.27
N ALA D 356 14.35 -18.72 15.83
CA ALA D 356 15.52 -19.13 16.62
C ALA D 356 15.14 -19.03 18.07
N ALA D 357 15.72 -19.89 18.89
CA ALA D 357 15.40 -19.92 20.29
C ALA D 357 13.99 -20.48 20.34
N GLY D 358 13.87 -21.65 20.97
CA GLY D 358 12.62 -22.39 21.06
C GLY D 358 12.50 -23.22 19.81
N PRO D 359 13.67 -23.46 19.11
CA PRO D 359 13.48 -24.21 17.88
C PRO D 359 13.11 -25.66 18.10
N ALA D 360 13.58 -26.51 17.20
CA ALA D 360 13.36 -27.93 17.24
C ALA D 360 12.03 -28.24 16.63
N ALA D 361 11.77 -27.68 15.48
CA ALA D 361 10.49 -27.98 14.83
C ALA D 361 10.15 -29.45 15.02
N ALA D 362 11.11 -30.30 14.64
CA ALA D 362 10.99 -31.72 14.83
C ALA D 362 10.57 -32.06 16.27
N ASP D 363 11.12 -31.36 17.27
CA ASP D 363 10.74 -31.61 18.67
C ASP D 363 9.31 -31.14 19.00
N VAL D 364 8.90 -29.99 18.48
CA VAL D 364 7.56 -29.49 18.77
C VAL D 364 6.49 -30.32 18.08
N VAL D 365 6.78 -30.94 16.92
CA VAL D 365 5.79 -31.87 16.30
C VAL D 365 5.67 -33.08 17.21
N VAL D 366 6.77 -33.61 17.72
CA VAL D 366 6.71 -34.75 18.64
C VAL D 366 5.91 -34.41 19.91
N ALA D 367 6.05 -33.19 20.42
CA ALA D 367 5.28 -32.78 21.60
C ALA D 367 3.78 -32.67 21.33
N LEU D 368 3.41 -31.84 20.36
CA LEU D 368 2.00 -31.59 19.99
C LEU D 368 1.39 -32.54 18.92
N ARG D 369 2.17 -33.54 18.51
CA ARG D 369 1.82 -34.48 17.43
C ARG D 369 0.42 -35.04 17.48
N GLU D 370 0.04 -35.49 18.68
CA GLU D 370 -1.20 -36.20 18.89
C GLU D 370 -2.28 -35.34 19.50
N ARG D 371 -1.96 -34.11 19.80
CA ARG D 371 -2.89 -33.24 20.47
C ARG D 371 -3.64 -32.34 19.48
N VAL D 372 -3.18 -32.31 18.22
CA VAL D 372 -3.64 -31.34 17.20
C VAL D 372 -4.04 -32.05 15.91
N HIS D 373 -4.78 -31.36 15.04
CA HIS D 373 -5.17 -31.94 13.73
C HIS D 373 -4.68 -31.19 12.50
N THR D 374 -4.03 -30.05 12.70
CA THR D 374 -3.45 -29.28 11.60
C THR D 374 -2.13 -28.71 12.04
N LEU D 375 -1.23 -28.51 11.08
CA LEU D 375 0.00 -27.76 11.31
C LEU D 375 -0.24 -26.30 11.61
N LYS D 376 -1.39 -25.74 11.24
CA LYS D 376 -1.72 -24.37 11.63
C LYS D 376 -1.96 -24.38 13.13
N GLU D 377 -2.90 -25.22 13.56
CA GLU D 377 -3.17 -25.40 14.99
C GLU D 377 -1.92 -25.69 15.82
N MET D 378 -1.07 -26.60 15.33
CA MET D 378 0.19 -26.91 16.02
C MET D 378 0.98 -25.64 16.30
N ALA D 379 1.20 -24.85 15.25
CA ALA D 379 1.93 -23.58 15.34
C ALA D 379 1.25 -22.57 16.25
N GLU D 380 -0.08 -22.57 16.27
CA GLU D 380 -0.80 -21.66 17.16
C GLU D 380 -0.51 -22.02 18.60
N LYS D 381 -0.59 -23.31 18.92
CA LYS D 381 -0.16 -23.82 20.23
C LYS D 381 1.32 -23.49 20.50
N ALA D 382 2.17 -23.83 19.54
CA ALA D 382 3.63 -23.74 19.69
C ALA D 382 4.24 -22.33 19.84
N VAL D 383 3.48 -21.31 19.45
CA VAL D 383 3.93 -19.90 19.46
C VAL D 383 4.52 -19.47 20.81
N VAL D 384 3.98 -19.99 21.91
CA VAL D 384 4.40 -19.60 23.26
C VAL D 384 5.87 -19.93 23.57
N TRP D 385 6.40 -20.99 22.94
CA TRP D 385 7.82 -21.34 23.08
C TRP D 385 8.80 -20.50 22.23
N TYR D 386 8.32 -19.84 21.18
CA TYR D 386 9.18 -19.01 20.29
C TYR D 386 9.17 -17.52 20.62
N GLN D 387 8.16 -17.04 21.34
CA GLN D 387 8.15 -15.67 21.89
C GLN D 387 8.66 -15.63 23.34
N PRO D 388 9.35 -14.55 23.75
CA PRO D 388 9.49 -14.30 25.19
C PRO D 388 8.14 -14.06 25.88
N LEU D 389 7.95 -14.67 27.04
CA LEU D 389 6.65 -14.69 27.72
C LEU D 389 6.31 -13.33 28.36
N GLU D 390 5.64 -12.48 27.59
CA GLU D 390 5.34 -11.10 28.02
C GLU D 390 4.04 -10.90 28.81
N THR D 391 3.16 -11.91 28.89
CA THR D 391 1.93 -11.80 29.70
C THR D 391 1.55 -13.13 30.36
N TYR D 392 0.81 -13.02 31.47
CA TYR D 392 0.35 -14.15 32.29
C TYR D 392 -1.16 -14.07 32.50
N ASP D 393 -1.81 -15.23 32.66
CA ASP D 393 -3.26 -15.31 32.84
C ASP D 393 -3.59 -15.09 34.32
N ALA D 394 -4.62 -14.28 34.57
CA ALA D 394 -4.94 -13.85 35.94
C ALA D 394 -5.24 -15.02 36.86
N ALA D 395 -6.29 -15.77 36.55
CA ALA D 395 -6.74 -16.89 37.37
C ALA D 395 -5.66 -17.97 37.56
N ALA D 396 -4.77 -18.12 36.58
CA ALA D 396 -3.65 -19.06 36.66
C ALA D 396 -2.68 -18.75 37.81
N VAL D 397 -2.71 -17.53 38.33
CA VAL D 397 -1.93 -17.17 39.51
C VAL D 397 -2.31 -17.94 40.78
N MET D 398 -3.48 -18.60 40.84
CA MET D 398 -3.76 -19.53 41.96
C MET D 398 -2.87 -20.80 41.94
N LYS D 399 -1.89 -20.84 41.02
CA LYS D 399 -0.70 -21.69 41.16
C LYS D 399 0.49 -20.96 41.83
N HIS D 400 0.29 -19.71 42.25
CA HIS D 400 1.30 -18.90 42.95
C HIS D 400 0.85 -18.29 44.28
N LEU D 401 -0.23 -18.72 44.87
CA LEU D 401 -0.45 -18.25 46.22
C LEU D 401 0.76 -18.70 47.05
N LYS D 402 0.58 -19.78 47.77
CA LYS D 402 1.52 -20.30 48.77
C LYS D 402 3.00 -20.05 48.56
N LEU D 403 3.53 -18.99 49.15
CA LEU D 403 4.96 -18.93 49.10
C LEU D 403 5.42 -20.28 48.57
N GLY D 404 4.65 -21.32 48.89
CA GLY D 404 4.88 -22.66 48.44
C GLY D 404 5.29 -22.67 47.01
N ALA D 405 4.85 -21.65 46.29
CA ALA D 405 5.27 -21.50 44.94
C ALA D 405 6.77 -21.36 44.95
N GLU D 406 7.29 -20.56 45.87
CA GLU D 406 8.74 -20.30 45.86
C GLU D 406 9.64 -21.56 46.00
N VAL D 407 9.27 -22.45 46.91
CA VAL D 407 10.16 -23.60 47.26
C VAL D 407 10.25 -24.68 46.16
N PRO D 408 9.12 -25.24 45.68
CA PRO D 408 9.21 -26.24 44.61
C PRO D 408 9.75 -25.71 43.26
N LEU D 409 9.32 -24.53 42.83
CA LEU D 409 9.92 -23.89 41.63
C LEU D 409 11.41 -23.66 41.86
N GLY D 410 11.78 -23.26 43.08
CA GLY D 410 13.15 -23.04 43.47
C GLY D 410 13.96 -24.32 43.37
N LYS D 411 13.46 -25.37 44.02
CA LYS D 411 14.06 -26.70 43.93
C LYS D 411 14.11 -27.19 42.49
N ALA D 412 12.99 -27.00 41.77
CA ALA D 412 12.93 -27.32 40.36
C ALA D 412 14.06 -26.61 39.67
N ARG D 413 14.09 -25.27 39.80
CA ARG D 413 15.14 -24.47 39.19
C ARG D 413 16.55 -25.00 39.53
N GLU D 414 16.82 -25.24 40.82
CA GLU D 414 18.17 -25.74 41.24
C GLU D 414 18.47 -27.04 40.47
N LEU D 415 17.45 -27.87 40.33
CA LEU D 415 17.59 -29.12 39.62
C LEU D 415 17.39 -28.96 38.13
N LEU D 416 18.07 -27.99 37.54
CA LEU D 416 18.43 -28.06 36.13
C LEU D 416 19.96 -28.06 36.14
N ALA D 417 20.48 -29.19 36.61
CA ALA D 417 21.87 -29.60 36.44
C ALA D 417 21.80 -30.73 35.41
N ALA D 418 21.41 -30.35 34.21
CA ALA D 418 21.10 -31.30 33.15
C ALA D 418 22.39 -31.90 32.57
N VAL D 419 22.55 -33.23 32.73
CA VAL D 419 23.74 -33.96 32.26
C VAL D 419 23.92 -33.69 30.75
N ASP D 420 22.91 -34.01 29.95
CA ASP D 420 22.80 -33.49 28.58
C ASP D 420 22.18 -32.09 28.69
N GLN D 421 22.48 -31.19 27.73
CA GLN D 421 21.85 -29.85 27.63
C GLN D 421 20.86 -29.78 26.44
N TRP D 422 19.69 -30.43 26.50
CA TRP D 422 19.17 -31.16 27.68
C TRP D 422 18.15 -32.23 27.30
N SER D 423 18.08 -33.28 28.10
CA SER D 423 17.32 -34.47 27.71
C SER D 423 15.83 -34.18 27.69
N VAL D 424 15.12 -34.93 26.84
CA VAL D 424 13.66 -34.86 26.74
C VAL D 424 12.95 -35.27 28.04
N ASP D 425 13.58 -36.17 28.79
CA ASP D 425 12.95 -36.85 29.93
C ASP D 425 13.70 -36.77 31.27
N SER D 426 14.99 -36.42 31.27
CA SER D 426 15.62 -36.02 32.52
C SER D 426 15.26 -34.57 32.85
N VAL D 427 14.67 -33.83 31.91
CA VAL D 427 13.89 -32.64 32.30
C VAL D 427 12.67 -33.03 33.13
N SER D 428 12.24 -34.29 32.99
CA SER D 428 11.37 -34.99 33.94
C SER D 428 12.13 -35.69 35.10
N ALA D 429 13.34 -35.22 35.42
CA ALA D 429 14.00 -35.52 36.69
C ALA D 429 13.32 -34.68 37.77
N ALA D 430 12.77 -33.52 37.38
CA ALA D 430 11.75 -32.76 38.14
C ALA D 430 10.54 -33.56 38.68
N LEU D 431 10.37 -34.80 38.20
CA LEU D 431 9.39 -35.76 38.76
C LEU D 431 9.76 -36.19 40.19
N HIS D 432 11.00 -36.66 40.38
CA HIS D 432 11.50 -37.12 41.71
C HIS D 432 12.76 -36.42 42.26
N ASP D 433 13.49 -35.68 41.45
CA ASP D 433 14.59 -34.90 41.99
C ASP D 433 13.94 -33.73 42.72
N ALA D 434 13.12 -32.98 42.03
CA ALA D 434 12.35 -31.98 42.73
C ALA D 434 11.33 -32.70 43.59
N ALA D 435 10.85 -33.85 43.11
CA ALA D 435 9.88 -34.76 43.74
C ALA D 435 8.99 -34.18 44.82
N ALA D 436 9.12 -34.71 46.03
CA ALA D 436 8.43 -34.22 47.19
C ALA D 436 9.65 -34.01 48.03
N ALA D 437 10.78 -34.17 47.38
CA ALA D 437 12.00 -34.09 48.16
C ALA D 437 11.42 -33.14 49.17
N LEU D 438 10.65 -32.23 48.64
CA LEU D 438 9.79 -31.37 49.47
C LEU D 438 8.73 -32.17 50.29
N GLU D 439 8.59 -33.47 50.02
CA GLU D 439 7.49 -34.32 50.53
C GLU D 439 6.12 -33.70 50.12
N LEU D 440 5.92 -33.62 48.80
CA LEU D 440 4.77 -32.92 48.19
C LEU D 440 4.31 -33.66 46.95
N GLY D 441 3.03 -33.52 46.61
CA GLY D 441 2.49 -34.11 45.37
C GLY D 441 3.07 -33.49 44.11
N MET D 442 3.10 -34.26 43.02
CA MET D 442 3.67 -33.83 41.71
C MET D 442 2.99 -32.56 41.16
N GLY D 443 1.75 -32.30 41.57
CA GLY D 443 1.04 -31.07 41.22
C GLY D 443 1.71 -29.80 41.73
N LYS D 444 2.10 -29.80 43.00
CA LYS D 444 2.71 -28.62 43.63
C LYS D 444 4.03 -28.13 43.00
N VAL D 445 4.70 -28.99 42.22
CA VAL D 445 5.87 -28.60 41.41
C VAL D 445 5.50 -28.23 39.98
N ALA D 446 4.72 -29.10 39.33
CA ALA D 446 4.43 -29.02 37.91
C ALA D 446 3.39 -27.96 37.53
N GLN D 447 2.37 -27.78 38.37
CA GLN D 447 1.31 -26.79 38.08
C GLN D 447 1.85 -25.36 38.08
N PRO D 448 2.56 -24.94 39.15
CA PRO D 448 3.21 -23.62 39.08
C PRO D 448 4.23 -23.48 37.94
N LEU D 449 5.15 -24.42 37.82
CA LEU D 449 6.12 -24.42 36.74
C LEU D 449 5.48 -24.26 35.34
N ARG D 450 4.31 -24.87 35.14
CA ARG D 450 3.51 -24.66 33.90
C ARG D 450 3.09 -23.20 33.73
N VAL D 451 2.55 -22.61 34.79
CA VAL D 451 2.12 -21.20 34.79
C VAL D 451 3.34 -20.26 34.73
N ALA D 452 4.49 -20.74 35.19
CA ALA D 452 5.71 -19.94 35.18
C ALA D 452 6.35 -19.86 33.79
N ILE D 453 6.23 -20.93 33.00
CA ILE D 453 6.87 -20.97 31.66
C ILE D 453 5.92 -20.69 30.46
N THR D 454 4.63 -20.91 30.66
CA THR D 454 3.58 -20.47 29.74
C THR D 454 2.70 -19.59 30.61
N GLY D 455 2.14 -18.52 30.08
CA GLY D 455 1.34 -17.63 30.93
C GLY D 455 0.07 -18.26 31.49
N THR D 456 -0.11 -19.57 31.26
CA THR D 456 -1.37 -20.28 31.46
C THR D 456 -1.18 -21.53 32.32
N GLN D 457 -2.31 -22.13 32.68
CA GLN D 457 -2.37 -23.41 33.39
C GLN D 457 -2.86 -24.53 32.46
N VAL D 458 -2.77 -24.33 31.14
CA VAL D 458 -3.09 -25.35 30.13
C VAL D 458 -1.82 -25.61 29.30
N SER D 459 -1.38 -26.86 29.25
CA SER D 459 -0.26 -27.26 28.40
C SER D 459 -0.20 -28.77 28.20
N PRO D 460 0.60 -29.21 27.21
CA PRO D 460 1.06 -30.61 27.11
C PRO D 460 1.82 -31.16 28.33
N ASP D 461 2.29 -32.40 28.19
CA ASP D 461 3.21 -33.05 29.13
C ASP D 461 4.17 -32.00 29.67
N ILE D 462 4.04 -31.70 30.96
CA ILE D 462 4.85 -30.66 31.61
C ILE D 462 6.37 -30.76 31.35
N SER D 463 6.87 -31.97 31.18
CA SER D 463 8.26 -32.19 30.79
C SER D 463 8.52 -31.78 29.34
N GLN D 464 7.58 -32.08 28.45
CA GLN D 464 7.64 -31.56 27.06
C GLN D 464 7.56 -30.05 27.05
N THR D 465 6.56 -29.51 27.78
CA THR D 465 6.34 -28.07 27.90
C THR D 465 7.60 -27.33 28.39
N VAL D 466 8.31 -27.88 29.39
CA VAL D 466 9.55 -27.27 29.93
C VAL D 466 10.71 -27.37 28.93
N TYR D 467 10.98 -28.59 28.46
CA TYR D 467 12.05 -28.85 27.49
C TYR D 467 12.02 -27.90 26.30
N LEU D 468 10.83 -27.69 25.73
CA LEU D 468 10.66 -26.83 24.54
C LEU D 468 10.99 -25.36 24.82
N ALA D 469 10.80 -24.92 26.07
CA ALA D 469 11.13 -23.55 26.47
C ALA D 469 12.63 -23.25 26.35
N GLY D 470 13.46 -24.29 26.42
CA GLY D 470 14.89 -24.17 26.23
C GLY D 470 15.58 -23.99 27.57
N ARG D 471 16.68 -24.72 27.75
CA ARG D 471 17.62 -24.56 28.90
C ARG D 471 17.64 -23.14 29.54
N GLU D 472 18.09 -22.14 28.78
CA GLU D 472 18.23 -20.76 29.29
C GLU D 472 16.86 -20.14 29.49
N GLY D 473 16.01 -20.37 28.50
CA GLY D 473 14.64 -19.88 28.48
C GLY D 473 13.82 -20.34 29.66
N ALA D 474 13.92 -21.63 30.00
CA ALA D 474 13.18 -22.20 31.13
C ALA D 474 13.60 -21.57 32.46
N LEU D 475 14.92 -21.47 32.66
CA LEU D 475 15.49 -20.92 33.89
C LEU D 475 15.06 -19.46 34.06
N LYS D 476 15.24 -18.68 32.99
CA LYS D 476 14.80 -17.27 32.94
C LYS D 476 13.31 -17.09 33.28
N ARG D 477 12.46 -17.99 32.76
CA ARG D 477 11.01 -17.95 32.98
C ARG D 477 10.62 -18.37 34.37
N ILE D 478 11.39 -19.31 34.94
CA ILE D 478 11.24 -19.68 36.34
C ILE D 478 11.69 -18.52 37.22
N ASP D 479 12.97 -18.12 37.09
CA ASP D 479 13.53 -16.96 37.78
C ASP D 479 12.55 -15.80 37.82
N ALA D 480 11.96 -15.50 36.66
CA ALA D 480 11.00 -14.41 36.52
C ALA D 480 9.70 -14.63 37.31
N ALA D 481 9.33 -15.89 37.54
CA ALA D 481 8.22 -16.21 38.44
C ALA D 481 8.64 -16.01 39.90
N LEU D 482 9.80 -16.56 40.26
CA LEU D 482 10.40 -16.35 41.61
C LEU D 482 10.64 -14.88 42.00
N THR D 483 11.16 -14.07 41.07
CA THR D 483 11.35 -12.63 41.32
C THR D 483 9.98 -11.84 41.40
N LYS D 484 8.90 -12.35 40.80
CA LYS D 484 7.55 -11.80 41.04
C LYS D 484 7.04 -12.23 42.43
N ILE D 485 7.34 -13.47 42.82
CA ILE D 485 6.97 -14.02 44.14
C ILE D 485 7.73 -13.27 45.23
N GLY D 486 9.03 -13.05 45.04
CA GLY D 486 9.82 -12.16 45.88
C GLY D 486 9.31 -10.73 45.78
N ALA D 487 8.09 -10.53 46.28
CA ALA D 487 7.27 -9.31 46.12
C ALA D 487 5.83 -9.62 46.53
N ALA E 23 -38.43 19.85 -29.55
CA ALA E 23 -37.31 19.46 -28.65
C ALA E 23 -37.23 17.94 -28.47
N CYS E 24 -36.00 17.40 -28.47
CA CYS E 24 -35.73 16.00 -28.13
C CYS E 24 -34.77 15.97 -26.96
N ARG E 25 -35.27 15.51 -25.81
CA ARG E 25 -34.56 15.59 -24.54
C ARG E 25 -34.51 14.21 -23.89
N THR E 26 -33.34 13.56 -23.94
CA THR E 26 -33.18 12.22 -23.36
C THR E 26 -32.25 12.31 -22.19
N ARG E 27 -32.11 11.20 -21.46
CA ARG E 27 -31.24 11.15 -20.29
C ARG E 27 -30.72 9.77 -19.94
N PHE E 28 -29.61 9.76 -19.21
CA PHE E 28 -29.07 8.55 -18.59
C PHE E 28 -29.09 8.82 -17.10
N ALA E 29 -29.74 7.94 -16.34
CA ALA E 29 -29.95 8.15 -14.91
C ALA E 29 -29.71 6.86 -14.13
N PRO E 30 -28.45 6.39 -14.06
CA PRO E 30 -28.20 5.12 -13.40
C PRO E 30 -28.12 5.27 -11.89
N SER E 31 -28.35 4.16 -11.17
CA SER E 31 -28.07 4.06 -9.73
C SER E 31 -26.64 3.55 -9.55
N PRO E 32 -25.68 4.43 -9.17
CA PRO E 32 -24.32 4.01 -8.87
C PRO E 32 -24.17 2.65 -8.20
N THR E 33 -24.06 1.64 -9.06
CA THR E 33 -23.36 0.39 -8.73
C THR E 33 -21.87 0.78 -8.80
N GLY E 34 -20.99 -0.17 -8.57
CA GLY E 34 -19.54 0.09 -8.58
C GLY E 34 -18.94 0.79 -9.80
N TYR E 35 -19.56 0.58 -10.96
CA TYR E 35 -18.98 0.90 -12.29
C TYR E 35 -20.07 1.23 -13.32
N LEU E 36 -19.65 1.51 -14.56
CA LEU E 36 -20.55 1.58 -15.71
C LEU E 36 -20.53 0.22 -16.40
N HIS E 37 -21.53 -0.54 -16.02
CA HIS E 37 -22.08 -1.69 -16.73
C HIS E 37 -22.14 -1.56 -18.27
N ILE E 38 -21.93 -2.64 -19.00
CA ILE E 38 -22.02 -2.60 -20.49
C ILE E 38 -23.47 -2.44 -21.01
N GLY E 39 -24.43 -3.03 -20.32
CA GLY E 39 -25.85 -2.81 -20.59
C GLY E 39 -26.27 -1.36 -20.37
N GLY E 40 -25.71 -0.76 -19.31
CA GLY E 40 -25.90 0.64 -18.99
C GLY E 40 -25.27 1.56 -20.01
N ALA E 41 -24.07 1.21 -20.49
CA ALA E 41 -23.44 2.00 -21.55
C ALA E 41 -24.31 1.99 -22.82
N ARG E 42 -24.91 0.85 -23.13
CA ARG E 42 -25.80 0.77 -24.28
C ARG E 42 -27.06 1.65 -24.15
N THR E 43 -27.68 1.67 -22.96
CA THR E 43 -28.81 2.59 -22.71
C THR E 43 -28.38 4.05 -22.90
N ALA E 44 -27.19 4.40 -22.39
CA ALA E 44 -26.60 5.74 -22.56
C ALA E 44 -26.29 6.07 -24.04
N LEU E 45 -25.78 5.09 -24.78
CA LEU E 45 -25.44 5.25 -26.21
C LEU E 45 -26.68 5.63 -26.99
N TYR E 46 -27.75 4.86 -26.83
CA TYR E 46 -29.00 5.12 -27.54
C TYR E 46 -29.63 6.46 -27.14
N CYS E 47 -29.66 6.79 -25.85
CA CYS E 47 -30.14 8.11 -25.41
C CYS E 47 -29.34 9.25 -26.05
N TRP E 48 -28.04 9.02 -26.23
CA TRP E 48 -27.16 9.98 -26.88
C TRP E 48 -27.42 10.07 -28.39
N LEU E 49 -27.56 8.93 -29.07
CA LEU E 49 -27.84 8.95 -30.52
C LEU E 49 -29.18 9.62 -30.80
N GLU E 50 -30.18 9.32 -29.99
CA GLU E 50 -31.49 9.97 -30.11
C GLU E 50 -31.46 11.49 -29.99
N ALA E 51 -30.84 11.99 -28.93
CA ALA E 51 -30.67 13.44 -28.74
C ALA E 51 -29.86 14.09 -29.87
N ARG E 52 -28.66 13.58 -30.16
CA ARG E 52 -27.76 14.21 -31.14
C ARG E 52 -28.31 14.20 -32.54
N ARG E 53 -29.01 13.12 -32.89
CA ARG E 53 -29.63 13.02 -34.19
C ARG E 53 -30.60 14.16 -34.49
N ARG E 54 -31.15 14.78 -33.44
CA ARG E 54 -32.11 15.88 -33.59
C ARG E 54 -31.63 17.24 -33.04
N GLY E 55 -30.34 17.41 -32.76
CA GLY E 55 -29.87 18.63 -32.07
C GLY E 55 -30.44 18.82 -30.67
N GLY E 56 -30.89 17.70 -30.08
CA GLY E 56 -31.51 17.69 -28.77
C GLY E 56 -30.46 17.52 -27.70
N GLN E 57 -30.91 17.44 -26.45
CA GLN E 57 -30.03 17.49 -25.27
C GLN E 57 -30.04 16.17 -24.50
N PHE E 58 -28.84 15.65 -24.24
CA PHE E 58 -28.68 14.38 -23.54
C PHE E 58 -28.19 14.68 -22.16
N VAL E 59 -29.02 14.41 -21.13
CA VAL E 59 -28.70 14.83 -19.76
C VAL E 59 -28.37 13.61 -18.88
N LEU E 60 -27.52 13.83 -17.88
CA LEU E 60 -27.07 12.75 -17.01
C LEU E 60 -27.60 13.03 -15.64
N ARG E 61 -28.32 12.06 -15.07
CA ARG E 61 -28.71 12.10 -13.68
C ARG E 61 -27.99 11.00 -12.91
N ILE E 62 -27.64 11.29 -11.65
CA ILE E 62 -26.98 10.33 -10.76
C ILE E 62 -27.78 10.15 -9.46
N GLU E 63 -28.47 9.01 -9.36
CA GLU E 63 -29.20 8.64 -8.16
C GLU E 63 -28.17 8.29 -7.08
N ASP E 64 -28.05 9.14 -6.06
CA ASP E 64 -27.01 8.98 -5.04
C ASP E 64 -27.57 9.15 -3.62
N THR E 65 -28.76 8.59 -3.43
CA THR E 65 -29.54 8.85 -2.23
C THR E 65 -28.90 8.18 -0.99
N ASP E 66 -28.70 6.87 -1.03
CA ASP E 66 -27.93 6.18 0.02
C ASP E 66 -26.45 6.41 -0.25
N ARG E 67 -25.75 6.96 0.74
CA ARG E 67 -24.30 7.18 0.62
C ARG E 67 -23.48 5.94 0.98
N GLN E 68 -24.13 4.94 1.58
CA GLN E 68 -23.50 3.63 1.80
C GLN E 68 -22.81 3.17 0.50
N ARG E 69 -23.57 3.10 -0.60
CA ARG E 69 -23.05 2.57 -1.89
C ARG E 69 -22.44 3.61 -2.83
N SER E 70 -23.06 4.79 -2.93
CA SER E 70 -22.60 5.84 -3.85
C SER E 70 -21.45 6.68 -3.30
N THR E 71 -20.23 6.21 -3.54
CA THR E 71 -19.02 6.96 -3.19
C THR E 71 -18.53 7.76 -4.39
N GLN E 72 -17.69 8.76 -4.13
CA GLN E 72 -17.04 9.55 -5.17
C GLN E 72 -16.30 8.64 -6.19
N ALA E 73 -15.82 7.50 -5.74
CA ALA E 73 -15.27 6.45 -6.63
C ALA E 73 -16.27 6.05 -7.70
N ALA E 74 -17.45 5.64 -7.21
CA ALA E 74 -18.53 5.12 -8.06
C ALA E 74 -18.99 6.10 -9.12
N ILE E 75 -19.22 7.35 -8.74
CA ILE E 75 -19.70 8.34 -9.70
C ILE E 75 -18.57 8.63 -10.70
N ASP E 76 -17.32 8.74 -10.22
CA ASP E 76 -16.16 8.95 -11.11
C ASP E 76 -16.02 7.83 -12.14
N ALA E 77 -16.15 6.57 -11.71
CA ALA E 77 -16.18 5.42 -12.63
C ALA E 77 -17.26 5.52 -13.73
N ILE E 78 -18.40 6.12 -13.40
CA ILE E 78 -19.46 6.34 -14.38
C ILE E 78 -19.13 7.52 -15.27
N LEU E 79 -18.58 8.59 -14.70
CA LEU E 79 -18.19 9.75 -15.49
C LEU E 79 -17.03 9.48 -16.42
N GLU E 80 -16.05 8.69 -15.96
CA GLU E 80 -14.85 8.36 -16.74
C GLU E 80 -15.16 7.47 -17.91
N ALA E 81 -16.07 6.52 -17.74
CA ALA E 81 -16.41 5.59 -18.82
C ALA E 81 -17.16 6.29 -19.95
N MET E 82 -18.18 7.05 -19.57
CA MET E 82 -18.93 7.86 -20.52
C MET E 82 -18.01 8.86 -21.21
N GLN E 83 -17.07 9.42 -20.45
CA GLN E 83 -16.03 10.28 -20.99
C GLN E 83 -15.21 9.47 -22.02
N TRP E 84 -14.64 8.33 -21.62
CA TRP E 84 -13.88 7.47 -22.54
C TRP E 84 -14.64 7.04 -23.77
N LEU E 85 -15.90 6.67 -23.58
CA LEU E 85 -16.74 6.23 -24.71
C LEU E 85 -17.07 7.40 -25.63
N GLY E 86 -16.91 8.62 -25.14
CA GLY E 86 -17.21 9.81 -25.90
C GLY E 86 -18.69 10.10 -25.87
N LEU E 87 -19.35 9.72 -24.78
CA LEU E 87 -20.74 10.06 -24.56
C LEU E 87 -20.78 11.34 -23.71
N GLY E 88 -20.61 12.48 -24.36
CA GLY E 88 -20.72 13.75 -23.67
C GLY E 88 -22.16 14.00 -23.33
N TYR E 89 -22.40 14.75 -22.26
CA TYR E 89 -23.78 15.04 -21.79
C TYR E 89 -24.01 16.54 -21.59
N ASP E 90 -25.11 17.03 -22.15
CA ASP E 90 -25.40 18.46 -22.20
C ASP E 90 -25.66 19.07 -20.84
N GLU E 91 -26.19 18.28 -19.91
CA GLU E 91 -26.43 18.78 -18.55
C GLU E 91 -26.09 17.72 -17.51
N GLY E 92 -25.81 18.18 -16.29
CA GLY E 92 -25.51 17.32 -15.16
C GLY E 92 -24.03 17.02 -15.02
N PRO E 93 -23.65 15.94 -14.32
CA PRO E 93 -24.57 15.04 -13.62
C PRO E 93 -25.42 15.76 -12.58
N ILE E 94 -26.72 15.49 -12.61
CA ILE E 94 -27.64 16.08 -11.66
C ILE E 94 -27.86 15.04 -10.57
N TYR E 95 -27.43 15.39 -9.36
CA TYR E 95 -27.51 14.51 -8.19
C TYR E 95 -28.86 14.64 -7.45
N GLN E 96 -29.50 13.50 -7.22
CA GLN E 96 -30.77 13.45 -6.47
C GLN E 96 -30.69 14.13 -5.11
N THR E 97 -29.51 14.13 -4.49
CA THR E 97 -29.29 14.78 -3.18
C THR E 97 -29.38 16.32 -3.23
N GLN E 98 -29.03 16.91 -4.37
CA GLN E 98 -29.32 18.34 -4.65
C GLN E 98 -30.84 18.60 -4.65
N ARG E 99 -31.59 17.57 -5.05
CA ARG E 99 -33.01 17.67 -5.38
C ARG E 99 -33.97 17.21 -4.28
N VAL E 100 -33.47 17.01 -3.06
CA VAL E 100 -34.32 16.41 -2.03
C VAL E 100 -35.53 17.31 -1.72
N ALA E 101 -35.28 18.62 -1.68
CA ALA E 101 -36.29 19.62 -1.35
C ALA E 101 -37.46 19.53 -2.28
N ARG E 102 -37.15 19.50 -3.56
CA ARG E 102 -38.15 19.51 -4.63
C ARG E 102 -39.07 18.26 -4.69
N TYR E 103 -38.56 17.06 -4.41
CA TYR E 103 -39.42 15.86 -4.44
C TYR E 103 -40.52 16.03 -3.41
N GLN E 104 -40.11 16.46 -2.23
CA GLN E 104 -41.04 16.71 -1.13
C GLN E 104 -42.02 17.80 -1.51
N GLU E 105 -41.53 18.83 -2.19
CA GLU E 105 -42.34 19.94 -2.66
C GLU E 105 -43.46 19.45 -3.55
N VAL E 106 -43.14 18.60 -4.52
CA VAL E 106 -44.12 18.09 -5.49
C VAL E 106 -45.14 17.14 -4.85
N ALA E 107 -44.66 16.32 -3.92
CA ALA E 107 -45.51 15.50 -3.08
C ALA E 107 -46.54 16.36 -2.37
N GLU E 108 -46.07 17.39 -1.71
CA GLU E 108 -46.95 18.26 -0.93
C GLU E 108 -48.03 18.95 -1.77
N GLN E 109 -47.68 19.49 -2.94
CA GLN E 109 -48.72 20.07 -3.80
C GLN E 109 -49.72 18.97 -4.19
N LEU E 110 -49.28 17.85 -4.71
CA LEU E 110 -50.17 16.70 -4.98
C LEU E 110 -51.14 16.42 -3.83
N LEU E 111 -50.58 16.39 -2.63
CA LEU E 111 -51.35 16.26 -1.38
C LEU E 111 -52.42 17.37 -1.22
N ALA E 112 -52.00 18.62 -1.44
CA ALA E 112 -52.90 19.77 -1.37
C ALA E 112 -54.01 19.71 -2.41
N GLN E 113 -53.74 19.16 -3.59
CA GLN E 113 -54.75 19.01 -4.66
C GLN E 113 -55.59 17.70 -4.50
N GLY E 114 -55.50 17.04 -3.35
CA GLY E 114 -56.21 15.80 -3.10
C GLY E 114 -55.86 14.67 -4.05
N LYS E 115 -54.65 14.65 -4.59
CA LYS E 115 -54.19 13.58 -5.51
C LYS E 115 -53.28 12.57 -4.80
N ALA E 116 -53.10 12.80 -3.50
CA ALA E 116 -52.26 11.99 -2.67
C ALA E 116 -52.75 12.11 -1.23
N TYR E 117 -52.32 11.20 -0.38
CA TYR E 117 -52.80 11.14 0.98
C TYR E 117 -51.88 10.42 1.94
N TYR E 118 -51.83 10.88 3.18
CA TYR E 118 -51.03 10.19 4.21
C TYR E 118 -51.71 8.88 4.59
N ALA E 119 -50.92 7.86 4.85
CA ALA E 119 -51.41 6.57 5.37
C ALA E 119 -50.42 6.06 6.43
N TYR E 120 -50.90 5.43 7.50
CA TYR E 120 -50.03 5.13 8.66
C TYR E 120 -50.08 3.68 9.14
N GLU E 121 -50.37 2.77 8.23
CA GLU E 121 -50.43 1.32 8.51
C GLU E 121 -49.04 0.84 8.96
N THR E 122 -48.99 -0.12 9.88
CA THR E 122 -47.70 -0.71 10.25
C THR E 122 -47.35 -1.83 9.28
N ARG E 123 -46.10 -2.28 9.36
CA ARG E 123 -45.61 -3.42 8.56
C ARG E 123 -46.43 -4.69 8.77
N GLU E 124 -46.86 -4.91 10.01
CA GLU E 124 -47.70 -6.04 10.37
C GLU E 124 -49.04 -5.91 9.65
N GLU E 125 -49.64 -4.71 9.77
CA GLU E 125 -50.91 -4.38 9.09
C GLU E 125 -50.86 -4.55 7.58
N LEU E 126 -49.72 -4.19 6.98
CA LEU E 126 -49.52 -4.32 5.54
C LEU E 126 -49.25 -5.76 5.16
N ASP E 127 -48.40 -6.45 5.93
CA ASP E 127 -48.15 -7.88 5.68
C ASP E 127 -49.41 -8.74 5.87
N ALA E 128 -50.28 -8.34 6.81
CA ALA E 128 -51.63 -8.90 6.95
C ALA E 128 -52.41 -8.78 5.65
N MET E 129 -52.45 -7.57 5.10
CA MET E 129 -53.02 -7.31 3.79
C MET E 129 -52.37 -8.10 2.67
N ARG E 130 -51.04 -8.19 2.71
CA ARG E 130 -50.29 -8.97 1.71
C ARG E 130 -50.74 -10.45 1.75
N GLU E 131 -50.80 -11.01 2.96
CA GLU E 131 -51.31 -12.36 3.18
C GLU E 131 -52.74 -12.48 2.65
N ALA E 132 -53.60 -11.55 3.10
CA ALA E 132 -55.04 -11.52 2.77
C ALA E 132 -55.36 -11.57 1.28
N ALA E 133 -54.57 -10.90 0.46
CA ALA E 133 -54.76 -10.94 -0.99
C ALA E 133 -54.45 -12.33 -1.54
N MET E 134 -53.44 -13.02 -1.00
CA MET E 134 -53.04 -14.35 -1.48
C MET E 134 -54.04 -15.45 -1.06
N ALA E 135 -54.63 -15.32 0.13
CA ALA E 135 -55.73 -16.20 0.55
C ALA E 135 -56.90 -16.16 -0.46
N LYS E 136 -57.25 -14.95 -0.92
CA LYS E 136 -58.29 -14.77 -1.95
C LYS E 136 -57.76 -15.07 -3.36
N GLN E 137 -56.44 -15.02 -3.51
CA GLN E 137 -55.73 -15.38 -4.75
C GLN E 137 -55.95 -14.30 -5.83
N GLU E 138 -55.61 -13.07 -5.44
CA GLU E 138 -55.47 -11.93 -6.35
C GLU E 138 -54.21 -11.13 -5.93
N LYS E 139 -53.70 -10.28 -6.84
CA LYS E 139 -52.33 -9.74 -6.72
C LYS E 139 -52.24 -8.84 -5.48
N PRO E 140 -51.15 -8.96 -4.68
CA PRO E 140 -51.11 -8.27 -3.38
C PRO E 140 -50.81 -6.77 -3.50
N ARG E 141 -51.81 -5.95 -3.16
CA ARG E 141 -51.74 -4.49 -3.30
C ARG E 141 -52.37 -3.80 -2.10
N TYR E 142 -52.30 -2.48 -2.09
CA TYR E 142 -52.90 -1.67 -1.04
C TYR E 142 -54.39 -1.51 -1.33
N ASP E 143 -55.23 -2.12 -0.47
CA ASP E 143 -56.63 -1.70 -0.25
C ASP E 143 -56.60 -0.25 0.16
N GLY E 144 -57.28 0.61 -0.58
CA GLY E 144 -57.15 2.06 -0.36
C GLY E 144 -57.79 2.54 0.94
N ALA E 145 -57.53 1.83 2.04
CA ALA E 145 -58.25 2.03 3.28
C ALA E 145 -58.23 3.52 3.62
N ALA E 146 -57.02 4.06 3.72
CA ALA E 146 -56.79 5.45 4.11
C ALA E 146 -56.89 6.49 2.98
N ARG E 147 -57.18 6.05 1.76
CA ARG E 147 -57.43 6.97 0.64
C ARG E 147 -58.19 8.23 1.04
N GLU E 148 -59.44 8.06 1.50
CA GLU E 148 -60.37 9.17 1.67
C GLU E 148 -60.66 9.37 3.14
N GLN E 149 -59.65 9.81 3.88
CA GLN E 149 -59.86 10.14 5.28
C GLN E 149 -58.77 11.09 5.80
N ASN E 150 -58.13 10.73 6.92
CA ASN E 150 -57.09 11.52 7.58
C ASN E 150 -56.08 12.06 6.58
N LEU E 151 -55.91 13.38 6.63
CA LEU E 151 -54.81 14.05 5.95
C LEU E 151 -53.86 14.71 6.99
N PRO E 152 -53.96 14.38 8.31
CA PRO E 152 -53.05 15.07 9.20
C PRO E 152 -51.64 14.49 9.07
N TYR E 153 -50.67 15.37 8.88
CA TYR E 153 -49.30 14.98 9.05
C TYR E 153 -49.12 14.39 10.47
N ARG E 154 -48.33 13.32 10.59
CA ARG E 154 -47.92 12.78 11.89
C ARG E 154 -46.46 12.28 11.89
N ASP E 155 -45.94 12.02 13.06
CA ASP E 155 -44.61 11.51 13.13
C ASP E 155 -44.93 10.08 12.82
N ASP E 156 -44.58 9.10 13.61
CA ASP E 156 -44.90 7.72 13.24
C ASP E 156 -44.08 7.36 12.05
N PRO E 157 -43.04 6.50 12.31
CA PRO E 157 -42.21 6.15 11.16
C PRO E 157 -42.89 5.33 10.14
N ASN E 158 -44.20 5.25 10.17
CA ASN E 158 -44.90 4.48 9.17
C ASN E 158 -45.69 5.38 8.28
N ARG E 159 -45.58 6.68 8.48
CA ARG E 159 -46.28 7.63 7.68
C ARG E 159 -45.73 7.43 6.30
N VAL E 160 -46.50 7.66 5.28
CA VAL E 160 -46.05 7.49 3.92
C VAL E 160 -47.06 8.14 3.09
N ILE E 161 -46.63 8.85 2.08
CA ILE E 161 -47.55 9.55 1.18
C ILE E 161 -47.83 8.62 0.00
N ARG E 162 -49.07 8.16 -0.11
CA ARG E 162 -49.48 7.37 -1.26
C ARG E 162 -50.07 8.27 -2.35
N PHE E 163 -50.11 7.73 -3.56
CA PHE E 163 -50.61 8.44 -4.71
C PHE E 163 -51.99 7.87 -4.98
N LYS E 164 -52.92 8.74 -5.39
CA LYS E 164 -54.29 8.33 -5.70
C LYS E 164 -54.37 7.86 -7.14
N ASN E 165 -54.15 6.57 -7.35
CA ASN E 165 -54.14 6.05 -8.70
C ASN E 165 -55.58 5.99 -9.15
N PRO E 166 -55.88 6.48 -10.38
CA PRO E 166 -57.18 6.33 -11.02
C PRO E 166 -57.81 4.98 -10.74
N ILE E 167 -59.10 4.97 -10.43
CA ILE E 167 -59.69 3.82 -9.72
C ILE E 167 -59.98 2.70 -10.73
N GLY E 168 -60.75 3.02 -11.77
CA GLY E 168 -61.08 2.06 -12.81
C GLY E 168 -60.56 2.49 -14.16
N GLY E 169 -60.67 1.58 -15.12
CA GLY E 169 -60.25 1.81 -16.49
C GLY E 169 -58.88 1.24 -16.75
N THR E 170 -58.25 1.73 -17.81
CA THR E 170 -56.89 1.35 -18.20
C THR E 170 -56.07 2.58 -18.51
N VAL E 171 -54.76 2.34 -18.64
CA VAL E 171 -53.77 3.31 -19.14
C VAL E 171 -52.97 2.60 -20.23
N VAL E 172 -52.68 3.34 -21.30
CA VAL E 172 -51.98 2.82 -22.46
C VAL E 172 -50.93 3.82 -22.97
N PHE E 173 -49.77 3.30 -23.33
CA PHE E 173 -48.70 4.07 -23.96
C PHE E 173 -48.25 3.29 -25.18
N ASP E 174 -47.99 4.01 -26.27
CA ASP E 174 -47.40 3.41 -27.44
C ASP E 174 -45.88 3.41 -27.19
N ASP E 175 -45.39 2.24 -26.79
CA ASP E 175 -43.97 2.05 -26.58
C ASP E 175 -43.26 1.92 -27.94
N LEU E 176 -42.22 2.71 -28.14
CA LEU E 176 -41.52 2.78 -29.42
C LEU E 176 -40.89 1.45 -29.85
N ILE E 177 -40.47 0.61 -28.90
CA ILE E 177 -39.94 -0.74 -29.21
C ILE E 177 -41.03 -1.83 -29.07
N LYS E 178 -41.66 -1.89 -27.90
CA LYS E 178 -42.62 -2.93 -27.57
C LYS E 178 -43.98 -2.77 -28.28
N GLY E 179 -44.28 -1.56 -28.73
CA GLY E 179 -45.57 -1.24 -29.35
C GLY E 179 -46.59 -0.77 -28.34
N ARG E 180 -47.87 -0.88 -28.71
CA ARG E 180 -48.98 -0.49 -27.84
C ARG E 180 -49.11 -1.51 -26.71
N ILE E 181 -49.29 -1.00 -25.50
CA ILE E 181 -49.28 -1.82 -24.28
C ILE E 181 -50.23 -1.20 -23.24
N GLU E 182 -51.20 -2.01 -22.80
CA GLU E 182 -52.34 -1.56 -22.01
C GLU E 182 -52.41 -2.29 -20.68
N ILE E 183 -52.45 -1.54 -19.59
CA ILE E 183 -52.55 -2.12 -18.24
C ILE E 183 -53.75 -1.51 -17.50
N ALA E 184 -54.66 -2.37 -17.04
CA ALA E 184 -55.84 -1.95 -16.29
C ALA E 184 -55.44 -1.41 -14.92
N ASN E 185 -56.01 -0.26 -14.55
CA ASN E 185 -55.68 0.41 -13.30
C ASN E 185 -55.84 -0.48 -12.05
N SER E 186 -56.74 -1.47 -12.12
CA SER E 186 -56.86 -2.49 -11.06
C SER E 186 -55.58 -3.33 -10.82
N GLU E 187 -54.74 -3.47 -11.85
CA GLU E 187 -53.42 -4.13 -11.74
C GLU E 187 -52.44 -3.30 -10.89
N LEU E 188 -52.66 -1.99 -10.94
CA LEU E 188 -51.96 -1.02 -10.10
C LEU E 188 -52.60 -0.88 -8.70
N ASP E 189 -51.91 -0.13 -7.84
CA ASP E 189 -52.41 0.27 -6.53
C ASP E 189 -52.07 1.74 -6.24
N ASP E 190 -52.52 2.22 -5.09
CA ASP E 190 -52.15 3.54 -4.62
C ASP E 190 -50.72 3.45 -4.08
N MET E 191 -49.74 3.60 -4.98
CA MET E 191 -48.33 3.38 -4.64
C MET E 191 -47.76 4.46 -3.74
N VAL E 192 -46.84 4.06 -2.86
CA VAL E 192 -46.10 5.02 -2.02
C VAL E 192 -45.20 5.91 -2.87
N ILE E 193 -45.34 7.23 -2.67
CA ILE E 193 -44.51 8.20 -3.36
C ILE E 193 -43.49 8.92 -2.47
N PHE E 194 -43.78 9.02 -1.17
CA PHE E 194 -42.86 9.64 -0.24
C PHE E 194 -42.75 8.79 0.99
N ARG E 195 -41.64 8.94 1.71
CA ARG E 195 -41.29 8.07 2.82
C ARG E 195 -40.93 8.92 4.04
N PRO E 196 -40.99 8.32 5.24
CA PRO E 196 -40.70 9.05 6.49
C PRO E 196 -39.25 9.46 6.72
N ASP E 197 -38.32 9.01 5.89
CA ASP E 197 -36.92 9.48 5.92
C ASP E 197 -36.72 10.73 5.04
N GLY E 198 -37.81 11.32 4.57
CA GLY E 198 -37.73 12.53 3.79
C GLY E 198 -37.18 12.36 2.39
N LEU E 199 -37.30 11.14 1.85
CA LEU E 199 -36.91 10.87 0.47
C LEU E 199 -38.10 10.30 -0.31
N PRO E 200 -38.07 10.42 -1.64
CA PRO E 200 -39.10 9.86 -2.51
C PRO E 200 -38.85 8.40 -2.82
N THR E 201 -39.80 7.76 -3.50
CA THR E 201 -39.61 6.41 -4.06
C THR E 201 -39.13 6.53 -5.51
N TYR E 202 -38.71 5.43 -6.14
CA TYR E 202 -38.17 5.53 -7.52
C TYR E 202 -39.18 6.09 -8.48
N ASN E 203 -40.36 5.47 -8.52
CA ASN E 203 -41.36 5.82 -9.50
C ASN E 203 -41.84 7.27 -9.38
N PHE E 204 -41.76 7.84 -8.19
CA PHE E 204 -42.13 9.24 -8.00
C PHE E 204 -40.98 10.17 -8.37
N ALA E 205 -39.78 9.83 -7.92
CA ALA E 205 -38.61 10.66 -8.18
C ALA E 205 -38.34 10.74 -9.66
N VAL E 206 -38.48 9.61 -10.36
CA VAL E 206 -38.29 9.57 -11.82
C VAL E 206 -39.26 10.45 -12.60
N VAL E 207 -40.52 10.54 -12.16
CA VAL E 207 -41.51 11.38 -12.83
C VAL E 207 -41.23 12.85 -12.63
N VAL E 208 -40.89 13.22 -11.39
CA VAL E 208 -40.58 14.60 -11.08
C VAL E 208 -39.29 15.04 -11.76
N ASP E 209 -38.30 14.15 -11.81
CA ASP E 209 -37.03 14.46 -12.47
C ASP E 209 -37.24 14.63 -13.96
N ASP E 210 -37.81 13.59 -14.57
CA ASP E 210 -38.13 13.64 -16.00
C ASP E 210 -38.90 14.92 -16.32
N TRP E 211 -39.92 15.22 -15.49
CA TRP E 211 -40.86 16.34 -15.73
C TRP E 211 -40.16 17.67 -15.70
N ASP E 212 -39.46 17.96 -14.61
CA ASP E 212 -38.69 19.20 -14.43
C ASP E 212 -37.63 19.47 -15.51
N MET E 213 -36.86 18.44 -15.88
CA MET E 213 -35.84 18.56 -16.94
C MET E 213 -36.43 18.56 -18.37
N GLY E 214 -37.68 18.14 -18.53
CA GLY E 214 -38.40 18.23 -19.79
C GLY E 214 -37.99 17.13 -20.72
N ILE E 215 -37.93 15.91 -20.19
CA ILE E 215 -37.50 14.75 -20.97
C ILE E 215 -38.69 14.32 -21.83
N THR E 216 -38.44 14.09 -23.12
CA THR E 216 -39.49 13.76 -24.10
C THR E 216 -39.51 12.30 -24.54
N GLU E 217 -38.40 11.59 -24.31
CA GLU E 217 -38.22 10.23 -24.79
C GLU E 217 -37.39 9.48 -23.76
N VAL E 218 -38.00 8.46 -23.17
CA VAL E 218 -37.40 7.74 -22.07
C VAL E 218 -36.98 6.38 -22.56
N ILE E 219 -35.70 6.05 -22.46
CA ILE E 219 -35.20 4.77 -22.92
C ILE E 219 -34.58 4.03 -21.74
N ARG E 220 -34.92 2.75 -21.62
CA ARG E 220 -34.62 1.96 -20.40
C ARG E 220 -35.04 0.48 -20.56
N GLY E 221 -34.84 -0.35 -19.53
CA GLY E 221 -34.98 -1.80 -19.68
C GLY E 221 -36.38 -2.41 -19.62
N ASP E 222 -36.46 -3.66 -20.07
CA ASP E 222 -37.67 -4.47 -19.93
C ASP E 222 -38.30 -4.49 -18.56
N ASP E 223 -37.48 -4.62 -17.51
CA ASP E 223 -38.00 -4.76 -16.15
C ASP E 223 -38.74 -3.51 -15.61
N HIS E 224 -38.46 -2.34 -16.17
CA HIS E 224 -39.18 -1.10 -15.82
C HIS E 224 -40.54 -0.95 -16.50
N ILE E 225 -40.88 -1.84 -17.43
CA ILE E 225 -42.12 -1.75 -18.23
C ILE E 225 -43.40 -1.63 -17.35
N ASN E 226 -43.43 -2.37 -16.24
CA ASN E 226 -44.59 -2.43 -15.34
C ASN E 226 -44.77 -1.13 -14.60
N ASN E 227 -43.68 -0.39 -14.43
CA ASN E 227 -43.70 0.88 -13.72
C ASN E 227 -44.29 2.02 -14.54
N THR E 228 -44.15 1.91 -15.86
CA THR E 228 -44.58 2.96 -16.79
C THR E 228 -46.02 3.49 -16.57
N PRO E 229 -47.05 2.60 -16.58
CA PRO E 229 -48.45 3.06 -16.33
C PRO E 229 -48.60 3.87 -15.05
N ARG E 230 -47.91 3.43 -13.99
CA ARG E 230 -47.99 4.08 -12.70
C ARG E 230 -47.48 5.51 -12.82
N GLN E 231 -46.34 5.67 -13.49
CA GLN E 231 -45.72 6.99 -13.72
C GLN E 231 -46.58 7.88 -14.59
N ILE E 232 -47.24 7.25 -15.57
CA ILE E 232 -48.10 7.92 -16.55
C ILE E 232 -49.19 8.65 -15.79
N ASN E 233 -49.84 7.96 -14.86
CA ASN E 233 -50.85 8.58 -14.01
C ASN E 233 -50.32 9.70 -13.13
N ILE E 234 -49.08 9.63 -12.67
CA ILE E 234 -48.50 10.77 -11.93
C ILE E 234 -48.28 11.99 -12.86
N TYR E 235 -47.92 11.77 -14.13
CA TYR E 235 -47.79 12.88 -15.10
C TYR E 235 -49.17 13.52 -15.33
N ALA E 236 -50.17 12.66 -15.50
CA ALA E 236 -51.58 13.07 -15.62
C ALA E 236 -52.01 13.93 -14.45
N ALA E 237 -51.78 13.41 -13.25
CA ALA E 237 -52.06 14.11 -11.99
C ALA E 237 -51.25 15.41 -11.81
N LEU E 238 -50.06 15.49 -12.42
CA LEU E 238 -49.28 16.73 -12.45
C LEU E 238 -49.72 17.64 -13.58
N GLY E 239 -50.50 17.11 -14.52
CA GLY E 239 -50.90 17.81 -15.73
C GLY E 239 -49.67 18.12 -16.56
N ALA E 240 -48.80 17.11 -16.69
CA ALA E 240 -47.45 17.26 -17.22
C ALA E 240 -47.37 16.51 -18.53
N PRO E 241 -46.59 17.03 -19.50
CA PRO E 241 -46.60 16.36 -20.80
C PRO E 241 -45.92 15.00 -20.67
N VAL E 242 -46.69 13.94 -20.93
CA VAL E 242 -46.20 12.57 -20.85
C VAL E 242 -45.17 12.32 -21.98
N PRO E 243 -43.96 11.81 -21.63
CA PRO E 243 -42.98 11.51 -22.68
C PRO E 243 -43.28 10.23 -23.47
N LYS E 244 -42.52 10.02 -24.54
CA LYS E 244 -42.47 8.71 -25.20
C LYS E 244 -41.62 7.74 -24.36
N PHE E 245 -41.72 6.45 -24.67
CA PHE E 245 -41.06 5.39 -23.91
C PHE E 245 -40.44 4.33 -24.84
N ALA E 246 -39.21 3.92 -24.57
CA ALA E 246 -38.58 2.83 -25.31
C ALA E 246 -37.97 1.84 -24.31
N HIS E 247 -38.65 0.72 -24.13
CA HIS E 247 -38.18 -0.36 -23.25
C HIS E 247 -37.56 -1.43 -24.10
N MET E 248 -36.46 -1.99 -23.63
CA MET E 248 -35.61 -2.83 -24.48
C MET E 248 -35.14 -4.02 -23.70
N PRO E 249 -34.92 -5.15 -24.38
CA PRO E 249 -34.44 -6.33 -23.64
C PRO E 249 -32.99 -6.13 -23.27
N MET E 250 -32.66 -6.34 -22.00
CA MET E 250 -31.28 -6.19 -21.55
C MET E 250 -30.48 -7.38 -22.08
N ILE E 251 -29.18 -7.15 -22.18
CA ILE E 251 -28.31 -7.97 -22.98
C ILE E 251 -28.04 -9.24 -22.22
N LEU E 252 -27.87 -10.32 -22.97
CA LEU E 252 -27.52 -11.61 -22.40
C LEU E 252 -26.01 -11.79 -22.42
N ASP E 253 -25.49 -12.56 -21.46
CA ASP E 253 -24.07 -12.97 -21.49
C ASP E 253 -23.83 -13.96 -22.67
N GLU E 254 -22.58 -14.43 -22.80
CA GLU E 254 -22.21 -15.35 -23.88
C GLU E 254 -22.94 -16.69 -23.76
N GLN E 255 -23.03 -17.19 -22.52
CA GLN E 255 -23.76 -18.42 -22.18
C GLN E 255 -25.28 -18.40 -22.37
N GLY E 256 -25.86 -17.20 -22.48
CA GLY E 256 -27.30 -17.04 -22.62
C GLY E 256 -28.00 -16.62 -21.33
N THR E 257 -27.25 -16.40 -20.26
CA THR E 257 -27.82 -15.91 -18.98
C THR E 257 -27.80 -14.38 -19.01
N LYS E 258 -28.77 -13.73 -18.36
CA LYS E 258 -28.88 -12.26 -18.44
C LYS E 258 -27.66 -11.54 -17.87
N LEU E 259 -27.36 -10.36 -18.43
CA LEU E 259 -26.27 -9.54 -17.94
C LEU E 259 -26.78 -8.42 -17.02
N SER E 260 -26.61 -8.66 -15.70
CA SER E 260 -26.60 -7.62 -14.67
C SER E 260 -25.25 -7.68 -13.92
N LYS E 261 -25.13 -7.01 -12.78
CA LYS E 261 -24.01 -7.28 -11.86
C LYS E 261 -23.98 -8.76 -11.43
N ARG E 262 -22.78 -9.28 -11.12
CA ARG E 262 -22.58 -10.68 -10.65
C ARG E 262 -22.76 -11.80 -11.73
N THR E 263 -22.95 -11.43 -12.99
CA THR E 263 -23.11 -12.38 -14.09
C THR E 263 -21.82 -12.51 -14.94
N GLY E 264 -20.68 -12.23 -14.30
CA GLY E 264 -19.45 -11.81 -15.00
C GLY E 264 -19.10 -10.40 -14.54
N ALA E 265 -20.09 -9.52 -14.51
CA ALA E 265 -19.97 -8.12 -14.09
C ALA E 265 -19.14 -7.30 -15.10
N ALA E 266 -19.44 -7.46 -16.39
CA ALA E 266 -18.62 -6.85 -17.46
C ALA E 266 -18.64 -5.30 -17.35
N ASP E 267 -17.52 -4.77 -16.85
CA ASP E 267 -17.24 -3.33 -16.70
C ASP E 267 -16.66 -2.76 -18.01
N VAL E 268 -17.20 -1.64 -18.50
CA VAL E 268 -16.73 -1.08 -19.77
C VAL E 268 -15.30 -0.52 -19.69
N MET E 269 -14.85 -0.13 -18.50
CA MET E 269 -13.47 0.29 -18.29
C MET E 269 -12.49 -0.87 -18.34
N GLN E 270 -12.98 -2.09 -18.09
CA GLN E 270 -12.17 -3.29 -18.32
C GLN E 270 -11.89 -3.50 -19.80
N TYR E 271 -12.82 -3.05 -20.65
CA TYR E 271 -12.60 -3.06 -22.09
C TYR E 271 -11.54 -2.07 -22.53
N LYS E 272 -11.39 -0.96 -21.81
CA LYS E 272 -10.26 -0.06 -22.06
C LYS E 272 -8.96 -0.80 -21.81
N ASP E 273 -8.76 -1.25 -20.58
CA ASP E 273 -7.53 -1.98 -20.20
C ASP E 273 -7.21 -3.20 -21.07
N ALA E 274 -8.24 -3.90 -21.53
CA ALA E 274 -8.08 -5.08 -22.40
C ALA E 274 -7.44 -4.73 -23.73
N GLY E 275 -7.60 -3.48 -24.14
CA GLY E 275 -7.01 -2.98 -25.37
C GLY E 275 -7.96 -2.82 -26.54
N TYR E 276 -9.26 -2.67 -26.25
CA TYR E 276 -10.24 -2.33 -27.27
C TYR E 276 -10.34 -0.82 -27.35
N LEU E 277 -10.83 -0.36 -28.50
CA LEU E 277 -10.85 1.05 -28.83
C LEU E 277 -12.22 1.55 -28.52
N PRO E 278 -12.35 2.79 -28.02
CA PRO E 278 -13.64 3.18 -27.53
C PRO E 278 -14.74 3.12 -28.59
N HIS E 279 -14.43 3.47 -29.84
CA HIS E 279 -15.46 3.43 -30.88
C HIS E 279 -15.70 2.04 -31.41
N ALA E 280 -14.70 1.18 -31.42
CA ALA E 280 -14.93 -0.24 -31.72
C ALA E 280 -15.99 -0.79 -30.77
N LEU E 281 -15.91 -0.38 -29.50
CA LEU E 281 -16.88 -0.79 -28.49
C LEU E 281 -18.27 -0.24 -28.79
N ILE E 282 -18.39 1.06 -29.06
CA ILE E 282 -19.72 1.65 -29.29
C ILE E 282 -20.33 1.18 -30.61
N ASN E 283 -19.51 0.67 -31.52
CA ASN E 283 -20.00 -0.03 -32.72
C ASN E 283 -20.62 -1.36 -32.30
N TYR E 284 -19.83 -2.17 -31.60
CA TYR E 284 -20.26 -3.44 -31.05
C TYR E 284 -21.46 -3.27 -30.15
N LEU E 285 -21.44 -2.25 -29.30
CA LEU E 285 -22.59 -1.96 -28.43
C LEU E 285 -23.82 -1.66 -29.24
N ALA E 286 -23.73 -0.67 -30.13
CA ALA E 286 -24.86 -0.29 -30.98
C ALA E 286 -25.57 -1.51 -31.55
N ARG E 287 -24.78 -2.41 -32.12
CA ARG E 287 -25.31 -3.59 -32.77
C ARG E 287 -25.78 -4.74 -31.86
N LEU E 288 -25.70 -4.58 -30.54
CA LEU E 288 -26.46 -5.46 -29.65
C LEU E 288 -27.85 -4.89 -29.48
N GLY E 289 -28.81 -5.49 -30.18
CA GLY E 289 -30.20 -5.07 -30.13
C GLY E 289 -30.66 -4.18 -31.27
N TRP E 290 -29.77 -3.83 -32.19
CA TRP E 290 -30.15 -3.03 -33.35
C TRP E 290 -29.44 -3.55 -34.63
N SER E 291 -30.12 -3.38 -35.77
CA SER E 291 -29.54 -3.75 -37.05
C SER E 291 -29.82 -2.68 -38.09
N HIS E 292 -29.09 -2.79 -39.18
CA HIS E 292 -29.38 -2.08 -40.38
C HIS E 292 -29.26 -3.14 -41.47
N GLY E 293 -30.13 -4.12 -41.40
CA GLY E 293 -30.00 -5.32 -42.21
C GLY E 293 -28.62 -5.91 -42.01
N ASP E 294 -27.90 -6.06 -43.13
CA ASP E 294 -26.64 -6.83 -43.19
C ASP E 294 -25.39 -6.10 -42.68
N GLN E 295 -25.43 -4.77 -42.60
CA GLN E 295 -24.26 -3.93 -42.24
C GLN E 295 -23.80 -4.10 -40.78
N GLU E 296 -22.50 -4.03 -40.54
CA GLU E 296 -21.94 -4.19 -39.17
C GLU E 296 -20.82 -3.23 -38.70
N LEU E 297 -20.13 -2.54 -39.60
CA LEU E 297 -19.36 -1.37 -39.22
C LEU E 297 -20.18 -0.12 -39.49
N PHE E 298 -20.12 0.81 -38.54
CA PHE E 298 -20.77 2.09 -38.67
C PHE E 298 -19.80 3.11 -38.12
N THR E 299 -19.60 4.21 -38.83
CA THR E 299 -18.87 5.38 -38.27
C THR E 299 -19.70 6.15 -37.23
N PRO E 300 -19.06 7.02 -36.42
CA PRO E 300 -19.82 7.93 -35.55
C PRO E 300 -20.97 8.68 -36.28
N GLN E 301 -20.68 9.19 -37.47
CA GLN E 301 -21.68 9.87 -38.26
C GLN E 301 -22.77 8.92 -38.69
N GLU E 302 -22.40 7.72 -39.15
CA GLU E 302 -23.37 6.74 -39.64
C GLU E 302 -24.40 6.34 -38.59
N LEU E 303 -23.95 6.09 -37.35
CA LEU E 303 -24.88 5.80 -36.26
C LEU E 303 -25.90 6.92 -36.06
N LEU E 304 -25.51 8.19 -36.20
CA LEU E 304 -26.48 9.28 -36.10
C LEU E 304 -27.50 9.17 -37.24
N ASP E 305 -27.01 9.12 -38.47
CA ASP E 305 -27.89 9.10 -39.65
C ASP E 305 -28.75 7.82 -39.77
N LEU E 306 -28.29 6.71 -39.19
CA LEU E 306 -28.89 5.37 -39.39
C LEU E 306 -29.75 4.85 -38.22
N PHE E 307 -29.28 5.08 -37.00
CA PHE E 307 -29.89 4.47 -35.82
C PHE E 307 -31.21 5.14 -35.50
N ASP E 308 -32.25 4.33 -35.27
CA ASP E 308 -33.42 4.78 -34.53
C ASP E 308 -33.85 3.76 -33.47
N VAL E 309 -34.08 4.25 -32.25
CA VAL E 309 -34.53 3.45 -31.11
C VAL E 309 -35.88 2.77 -31.37
N LYS E 310 -36.69 3.38 -32.25
CA LYS E 310 -37.88 2.74 -32.87
C LYS E 310 -37.58 1.36 -33.44
N ASP E 311 -36.41 1.25 -34.04
CA ASP E 311 -36.01 0.07 -34.78
C ASP E 311 -35.24 -0.98 -33.95
N VAL E 312 -35.00 -0.78 -32.64
CA VAL E 312 -34.16 -1.77 -31.92
C VAL E 312 -34.96 -3.08 -31.77
N ASN E 313 -34.28 -4.20 -32.00
CA ASN E 313 -34.88 -5.53 -32.00
C ASN E 313 -35.68 -5.81 -30.73
N SER E 314 -36.77 -6.54 -30.90
CA SER E 314 -37.64 -6.96 -29.80
C SER E 314 -36.98 -8.02 -28.95
N LYS E 315 -36.14 -8.85 -29.58
CA LYS E 315 -35.47 -9.99 -28.91
C LYS E 315 -34.15 -9.57 -28.27
N ALA E 316 -33.70 -10.39 -27.31
CA ALA E 316 -32.57 -10.04 -26.46
C ALA E 316 -31.25 -10.36 -27.13
N ALA E 317 -30.38 -9.35 -27.22
CA ALA E 317 -29.05 -9.49 -27.80
C ALA E 317 -28.13 -10.25 -26.87
N ARG E 318 -27.10 -10.87 -27.46
CA ARG E 318 -26.08 -11.62 -26.72
C ARG E 318 -24.67 -11.07 -27.01
N LEU E 319 -23.74 -11.28 -26.06
CA LEU E 319 -22.36 -10.87 -26.23
C LEU E 319 -21.60 -11.83 -27.14
N ASP E 320 -20.57 -11.33 -27.80
CA ASP E 320 -19.78 -12.10 -28.76
C ASP E 320 -18.39 -11.49 -28.82
N MET E 321 -17.49 -12.04 -28.01
CA MET E 321 -16.16 -11.48 -27.82
C MET E 321 -15.32 -11.61 -29.10
N ALA E 322 -15.64 -12.59 -29.94
CA ALA E 322 -15.02 -12.73 -31.26
C ALA E 322 -15.51 -11.65 -32.19
N LYS E 323 -16.80 -11.35 -32.14
CA LYS E 323 -17.37 -10.27 -32.94
C LYS E 323 -16.65 -8.99 -32.55
N LEU E 324 -16.55 -8.71 -31.26
CA LEU E 324 -15.83 -7.53 -30.80
C LEU E 324 -14.36 -7.51 -31.17
N GLY E 325 -13.71 -8.66 -31.09
CA GLY E 325 -12.30 -8.79 -31.51
C GLY E 325 -12.10 -8.40 -32.97
N TRP E 326 -12.95 -8.95 -33.84
CA TRP E 326 -12.92 -8.63 -35.26
C TRP E 326 -13.13 -7.14 -35.48
N VAL E 327 -14.16 -6.56 -34.85
CA VAL E 327 -14.47 -5.12 -35.06
C VAL E 327 -13.34 -4.24 -34.51
N ASN E 328 -12.73 -4.66 -33.40
CA ASN E 328 -11.64 -3.88 -32.83
C ASN E 328 -10.48 -3.82 -33.79
N GLN E 329 -10.12 -4.98 -34.36
CA GLN E 329 -9.07 -5.01 -35.35
C GLN E 329 -9.41 -4.10 -36.53
N HIS E 330 -10.65 -4.12 -36.99
CA HIS E 330 -10.97 -3.26 -38.12
C HIS E 330 -10.48 -1.86 -37.90
N TYR E 331 -10.85 -1.28 -36.76
CA TYR E 331 -10.43 0.11 -36.46
C TYR E 331 -8.92 0.29 -36.19
N LEU E 332 -8.25 -0.75 -35.68
CA LEU E 332 -6.79 -0.78 -35.64
C LEU E 332 -6.18 -0.62 -37.04
N LYS E 333 -6.80 -1.33 -37.99
CA LYS E 333 -6.39 -1.28 -39.37
C LYS E 333 -6.76 -0.02 -40.14
N THR E 334 -7.87 0.62 -39.74
CA THR E 334 -8.50 1.70 -40.51
C THR E 334 -8.28 3.09 -39.94
N ASP E 335 -8.38 3.26 -38.63
CA ASP E 335 -8.19 4.59 -38.03
C ASP E 335 -6.77 5.13 -38.23
N ASP E 336 -6.66 6.45 -38.08
CA ASP E 336 -5.39 7.15 -38.13
C ASP E 336 -4.52 6.57 -37.01
N PRO E 337 -3.30 6.11 -37.34
CA PRO E 337 -2.44 5.59 -36.28
C PRO E 337 -2.07 6.62 -35.20
N ALA E 338 -2.06 7.91 -35.56
CA ALA E 338 -1.87 9.00 -34.59
C ALA E 338 -3.01 9.09 -33.55
N SER E 339 -4.21 8.68 -33.93
CA SER E 339 -5.30 8.47 -32.94
C SER E 339 -5.02 7.30 -31.97
N ILE E 340 -4.56 6.19 -32.51
CA ILE E 340 -4.36 4.97 -31.74
C ILE E 340 -3.08 5.08 -30.93
N ALA E 341 -2.14 5.87 -31.45
CA ALA E 341 -0.79 6.02 -30.84
C ALA E 341 -0.82 6.24 -29.32
N PRO E 342 -1.56 7.27 -28.83
CA PRO E 342 -1.67 7.51 -27.38
C PRO E 342 -2.15 6.29 -26.59
N GLN E 343 -3.10 5.55 -27.19
CA GLN E 343 -3.76 4.39 -26.55
C GLN E 343 -2.87 3.14 -26.53
N LEU E 344 -2.06 2.92 -27.57
CA LEU E 344 -1.01 1.91 -27.51
C LEU E 344 -0.05 2.24 -26.38
N GLU E 345 0.36 3.50 -26.27
CA GLU E 345 1.28 3.93 -25.19
C GLU E 345 0.72 3.71 -23.77
N TYR E 346 -0.59 3.85 -23.62
CA TYR E 346 -1.26 3.49 -22.38
C TYR E 346 -1.00 2.03 -22.03
N GLN E 347 -1.16 1.13 -23.00
CA GLN E 347 -0.89 -0.29 -22.76
C GLN E 347 0.60 -0.54 -22.50
N LEU E 348 1.46 0.06 -23.31
CA LEU E 348 2.91 0.05 -23.08
C LEU E 348 3.36 0.50 -21.67
N ALA E 349 2.68 1.50 -21.10
CA ALA E 349 2.98 2.00 -19.76
C ALA E 349 2.77 0.90 -18.70
N LYS E 350 1.73 0.09 -18.89
CA LYS E 350 1.39 -0.96 -17.95
C LYS E 350 2.42 -2.09 -17.93
N LEU E 351 3.13 -2.30 -19.04
CA LEU E 351 4.21 -3.29 -19.08
C LEU E 351 5.52 -2.76 -18.50
N GLY E 352 5.61 -1.44 -18.25
CA GLY E 352 6.76 -0.80 -17.61
C GLY E 352 7.79 -0.24 -18.57
N VAL E 353 7.33 0.15 -19.76
CA VAL E 353 8.21 0.57 -20.83
C VAL E 353 8.67 1.98 -20.55
N ASP E 354 9.96 2.22 -20.79
CA ASP E 354 10.49 3.56 -21.00
C ASP E 354 10.19 3.81 -22.48
N LEU E 355 9.15 4.62 -22.76
CA LEU E 355 8.77 5.03 -24.13
C LEU E 355 9.87 5.71 -24.98
N ALA E 356 10.82 6.39 -24.31
CA ALA E 356 11.94 7.05 -24.97
C ALA E 356 13.05 6.09 -25.47
N ALA E 357 12.99 4.82 -25.04
CA ALA E 357 13.90 3.76 -25.49
C ALA E 357 13.50 3.01 -26.78
N GLY E 358 12.44 3.46 -27.45
CA GLY E 358 11.94 2.74 -28.61
C GLY E 358 11.27 3.67 -29.60
N PRO E 359 10.60 3.08 -30.60
CA PRO E 359 10.08 3.89 -31.69
C PRO E 359 8.88 4.75 -31.28
N ALA E 360 8.49 5.60 -32.22
CA ALA E 360 7.24 6.33 -32.14
C ALA E 360 6.11 5.31 -32.25
N ALA E 361 5.20 5.34 -31.27
CA ALA E 361 4.06 4.41 -31.20
C ALA E 361 3.19 4.39 -32.48
N ALA E 362 3.02 5.54 -33.12
CA ALA E 362 2.27 5.61 -34.39
C ALA E 362 2.84 4.60 -35.40
N ASP E 363 4.16 4.61 -35.58
CA ASP E 363 4.83 3.71 -36.52
C ASP E 363 4.64 2.26 -36.08
N VAL E 364 4.76 2.00 -34.79
CA VAL E 364 4.50 0.66 -34.23
C VAL E 364 3.13 0.16 -34.66
N VAL E 365 2.12 1.03 -34.50
CA VAL E 365 0.73 0.71 -34.88
C VAL E 365 0.63 0.25 -36.34
N VAL E 366 1.30 0.94 -37.25
CA VAL E 366 1.29 0.57 -38.66
C VAL E 366 1.87 -0.84 -38.87
N ALA E 367 3.01 -1.12 -38.22
CA ALA E 367 3.72 -2.41 -38.42
C ALA E 367 2.90 -3.58 -37.91
N LEU E 368 2.24 -3.35 -36.79
CA LEU E 368 1.56 -4.40 -36.04
C LEU E 368 0.04 -4.50 -36.34
N ARG E 369 -0.61 -3.41 -36.76
CA ARG E 369 -2.09 -3.34 -36.85
C ARG E 369 -2.79 -4.53 -37.50
N GLU E 370 -2.18 -5.13 -38.50
CA GLU E 370 -2.80 -6.26 -39.20
C GLU E 370 -2.55 -7.62 -38.53
N ARG E 371 -1.80 -7.62 -37.43
CA ARG E 371 -1.34 -8.85 -36.75
C ARG E 371 -1.93 -9.08 -35.37
N VAL E 372 -2.57 -8.06 -34.79
CA VAL E 372 -3.14 -8.13 -33.44
C VAL E 372 -4.64 -7.86 -33.50
N HIS E 373 -5.33 -8.15 -32.40
CA HIS E 373 -6.75 -7.79 -32.22
C HIS E 373 -7.02 -6.80 -31.09
N THR E 374 -6.08 -6.62 -30.16
CA THR E 374 -6.20 -5.63 -29.10
C THR E 374 -4.91 -4.84 -28.94
N LEU E 375 -5.05 -3.61 -28.48
CA LEU E 375 -3.88 -2.83 -28.07
C LEU E 375 -3.01 -3.51 -27.02
N LYS E 376 -3.58 -4.36 -26.16
CA LYS E 376 -2.77 -5.08 -25.15
C LYS E 376 -1.85 -6.13 -25.80
N GLU E 377 -2.41 -6.88 -26.75
CA GLU E 377 -1.62 -7.76 -27.60
C GLU E 377 -0.52 -6.96 -28.31
N MET E 378 -0.90 -5.86 -28.99
CA MET E 378 0.08 -4.93 -29.63
C MET E 378 1.24 -4.58 -28.70
N ALA E 379 0.95 -4.16 -27.47
CA ALA E 379 2.00 -3.80 -26.53
C ALA E 379 2.96 -4.94 -26.28
N GLU E 380 2.43 -6.12 -25.98
CA GLU E 380 3.27 -7.30 -25.74
C GLU E 380 4.14 -7.60 -26.96
N LYS E 381 3.52 -7.55 -28.14
CA LYS E 381 4.21 -7.86 -29.40
C LYS E 381 5.22 -6.79 -29.85
N ALA E 382 5.07 -5.57 -29.31
CA ALA E 382 5.95 -4.45 -29.65
C ALA E 382 7.00 -4.14 -28.59
N VAL E 383 7.09 -4.97 -27.56
CA VAL E 383 7.93 -4.66 -26.41
C VAL E 383 9.42 -4.87 -26.73
N VAL E 384 9.72 -5.78 -27.66
CA VAL E 384 11.11 -6.01 -28.10
C VAL E 384 11.79 -4.75 -28.69
N TRP E 385 11.01 -3.80 -29.20
CA TRP E 385 11.60 -2.58 -29.76
C TRP E 385 11.95 -1.52 -28.71
N TYR E 386 11.36 -1.60 -27.53
CA TYR E 386 11.54 -0.59 -26.48
C TYR E 386 12.61 -0.99 -25.44
N GLN E 387 12.91 -2.29 -25.35
CA GLN E 387 14.04 -2.76 -24.57
C GLN E 387 15.23 -3.05 -25.47
N PRO E 388 16.45 -3.00 -24.90
CA PRO E 388 17.55 -3.67 -25.59
C PRO E 388 17.34 -5.20 -25.56
N LEU E 389 18.07 -5.93 -26.40
CA LEU E 389 17.74 -7.32 -26.73
C LEU E 389 18.61 -8.32 -25.96
N GLU E 390 18.21 -8.67 -24.74
CA GLU E 390 19.00 -9.56 -23.86
C GLU E 390 18.55 -11.02 -23.85
N THR E 391 17.35 -11.32 -24.32
CA THR E 391 16.92 -12.71 -24.52
C THR E 391 16.79 -12.95 -26.00
N TYR E 392 17.36 -14.06 -26.45
CA TYR E 392 17.14 -14.56 -27.79
C TYR E 392 16.43 -15.89 -27.61
N ASP E 393 15.51 -16.26 -28.50
CA ASP E 393 14.96 -17.62 -28.45
C ASP E 393 16.07 -18.62 -28.82
N ALA E 394 16.11 -19.72 -28.08
CA ALA E 394 17.10 -20.76 -28.32
C ALA E 394 16.89 -21.37 -29.69
N ALA E 395 15.71 -21.91 -29.94
CA ALA E 395 15.39 -22.55 -31.23
C ALA E 395 15.67 -21.64 -32.44
N ALA E 396 15.48 -20.33 -32.28
CA ALA E 396 15.70 -19.37 -33.38
C ALA E 396 17.18 -19.08 -33.67
N VAL E 397 18.03 -18.92 -32.65
CA VAL E 397 19.48 -18.72 -32.88
C VAL E 397 20.15 -19.99 -33.46
N MET E 398 19.58 -21.15 -33.18
CA MET E 398 19.98 -22.44 -33.78
C MET E 398 19.71 -22.55 -35.30
N LYS E 399 18.88 -21.64 -35.86
CA LYS E 399 18.64 -21.50 -37.32
C LYS E 399 18.89 -20.01 -37.66
N HIS E 400 20.15 -19.62 -37.76
CA HIS E 400 20.53 -18.19 -37.84
C HIS E 400 22.02 -17.97 -37.73
N LEU E 401 22.62 -18.52 -36.66
CA LEU E 401 24.05 -18.35 -36.46
C LEU E 401 24.69 -19.22 -37.52
N LYS E 402 24.37 -20.51 -37.45
CA LYS E 402 24.87 -21.58 -38.30
C LYS E 402 26.04 -21.24 -39.27
N LEU E 403 26.94 -20.34 -38.85
CA LEU E 403 28.02 -19.80 -39.70
C LEU E 403 27.54 -19.06 -40.97
N GLY E 404 26.82 -19.78 -41.83
CA GLY E 404 26.42 -19.37 -43.18
C GLY E 404 25.56 -18.14 -43.33
N ALA E 405 24.97 -17.65 -42.23
CA ALA E 405 24.31 -16.35 -42.23
C ALA E 405 25.09 -15.29 -41.45
N GLU E 406 26.42 -15.33 -41.59
CA GLU E 406 27.26 -14.19 -41.23
C GLU E 406 27.22 -13.16 -42.38
N VAL E 407 27.21 -13.66 -43.62
CA VAL E 407 27.24 -12.81 -44.85
C VAL E 407 25.99 -11.95 -45.16
N PRO E 408 24.77 -12.53 -45.14
CA PRO E 408 23.59 -11.64 -45.24
C PRO E 408 23.50 -10.56 -44.17
N LEU E 409 23.74 -10.96 -42.92
CA LEU E 409 23.73 -10.05 -41.78
C LEU E 409 24.74 -8.93 -41.94
N GLY E 410 26.01 -9.31 -42.16
CA GLY E 410 27.09 -8.36 -42.35
C GLY E 410 26.85 -7.48 -43.57
N LYS E 411 26.24 -8.06 -44.60
CA LYS E 411 25.93 -7.31 -45.82
C LYS E 411 24.84 -6.28 -45.54
N ALA E 412 23.69 -6.77 -45.06
CA ALA E 412 22.59 -5.91 -44.63
C ALA E 412 23.10 -4.74 -43.81
N ARG E 413 23.92 -5.07 -42.81
CA ARG E 413 24.58 -4.07 -41.95
C ARG E 413 25.35 -2.99 -42.72
N GLU E 414 26.09 -3.41 -43.74
CA GLU E 414 26.98 -2.53 -44.51
C GLU E 414 26.20 -1.47 -45.30
N LEU E 415 25.09 -1.86 -45.91
CA LEU E 415 24.11 -0.89 -46.45
C LEU E 415 23.33 -0.46 -45.21
N LEU E 416 22.06 -0.08 -45.33
CA LEU E 416 21.23 0.10 -44.11
C LEU E 416 21.83 1.25 -43.28
N ALA E 417 23.04 1.05 -42.77
CA ALA E 417 23.92 2.16 -42.39
C ALA E 417 24.23 3.17 -43.54
N ALA E 418 23.42 3.22 -44.61
CA ALA E 418 23.49 4.23 -45.65
C ALA E 418 22.22 5.10 -45.56
N VAL E 419 22.13 5.86 -44.49
CA VAL E 419 20.96 6.67 -44.13
C VAL E 419 20.49 7.75 -45.13
N ASP E 420 19.67 7.30 -46.09
CA ASP E 420 19.07 8.20 -47.10
C ASP E 420 17.54 8.49 -46.98
N GLN E 421 16.92 8.58 -45.79
CA GLN E 421 17.53 8.45 -44.45
C GLN E 421 16.54 7.86 -43.43
N TRP E 422 16.75 6.60 -43.10
CA TRP E 422 15.96 5.86 -42.10
C TRP E 422 14.46 6.10 -42.08
N SER E 423 13.82 5.38 -42.99
CA SER E 423 12.40 5.29 -43.14
C SER E 423 12.19 3.81 -43.42
N VAL E 424 10.93 3.39 -43.51
CA VAL E 424 10.63 2.02 -43.93
C VAL E 424 11.09 1.88 -45.37
N ASP E 425 10.77 2.92 -46.16
CA ASP E 425 11.15 2.99 -47.58
C ASP E 425 12.68 2.91 -47.76
N SER E 426 13.42 3.64 -46.92
CA SER E 426 14.88 3.63 -46.97
C SER E 426 15.39 2.22 -46.66
N VAL E 427 14.87 1.65 -45.57
CA VAL E 427 15.24 0.34 -45.08
C VAL E 427 15.00 -0.74 -46.14
N SER E 428 13.82 -0.74 -46.78
CA SER E 428 13.47 -1.80 -47.74
C SER E 428 14.47 -1.89 -48.86
N ALA E 429 14.83 -0.73 -49.41
CA ALA E 429 15.83 -0.65 -50.49
C ALA E 429 17.13 -1.32 -50.05
N ALA E 430 17.69 -0.85 -48.94
CA ALA E 430 18.87 -1.45 -48.32
C ALA E 430 18.81 -2.98 -48.31
N LEU E 431 17.77 -3.53 -47.68
CA LEU E 431 17.62 -4.99 -47.59
C LEU E 431 17.47 -5.62 -48.96
N HIS E 432 16.82 -4.90 -49.88
CA HIS E 432 16.71 -5.32 -51.29
C HIS E 432 18.08 -5.31 -52.00
N ASP E 433 18.81 -4.21 -51.82
CA ASP E 433 20.14 -4.03 -52.40
C ASP E 433 21.11 -5.08 -51.90
N ALA E 434 21.06 -5.38 -50.60
CA ALA E 434 21.88 -6.44 -50.01
C ALA E 434 21.49 -7.81 -50.55
N ALA E 435 20.19 -8.05 -50.68
CA ALA E 435 19.69 -9.27 -51.33
C ALA E 435 20.18 -9.36 -52.78
N ALA E 436 20.15 -8.21 -53.46
CA ALA E 436 20.64 -8.07 -54.84
C ALA E 436 22.14 -8.38 -54.96
N ALA E 437 22.94 -7.73 -54.14
CA ALA E 437 24.39 -7.92 -54.13
C ALA E 437 24.85 -9.36 -53.84
N LEU E 438 23.96 -10.23 -53.39
CA LEU E 438 24.27 -11.65 -53.27
C LEU E 438 23.40 -12.48 -54.20
N GLU E 439 23.71 -13.77 -54.28
CA GLU E 439 22.98 -14.74 -55.12
C GLU E 439 21.50 -14.93 -54.75
N LEU E 440 21.11 -14.47 -53.56
CA LEU E 440 19.99 -15.04 -52.83
C LEU E 440 18.78 -14.09 -52.68
N GLY E 441 17.60 -14.71 -52.49
CA GLY E 441 16.34 -13.99 -52.32
C GLY E 441 16.11 -13.42 -50.93
N MET E 442 15.17 -12.48 -50.85
CA MET E 442 14.80 -11.77 -49.61
C MET E 442 14.45 -12.68 -48.44
N GLY E 443 13.93 -13.87 -48.75
CA GLY E 443 13.74 -14.92 -47.74
C GLY E 443 14.98 -15.16 -46.90
N LYS E 444 16.15 -15.22 -47.55
CA LYS E 444 17.40 -15.57 -46.85
C LYS E 444 18.01 -14.43 -46.00
N VAL E 445 17.98 -13.16 -46.43
CA VAL E 445 18.53 -12.07 -45.57
C VAL E 445 17.68 -11.81 -44.34
N ALA E 446 16.36 -12.03 -44.46
CA ALA E 446 15.39 -11.76 -43.39
C ALA E 446 15.31 -12.84 -42.31
N GLN E 447 15.51 -14.11 -42.68
CA GLN E 447 15.42 -15.24 -41.71
C GLN E 447 16.40 -15.08 -40.54
N PRO E 448 17.70 -14.77 -40.81
CA PRO E 448 18.62 -14.47 -39.73
C PRO E 448 18.50 -13.01 -39.26
N LEU E 449 18.16 -12.08 -40.14
CA LEU E 449 18.07 -10.68 -39.73
C LEU E 449 16.96 -10.46 -38.73
N ARG E 450 15.88 -11.23 -38.86
CA ARG E 450 14.76 -11.11 -37.95
C ARG E 450 15.16 -11.52 -36.55
N VAL E 451 15.81 -12.68 -36.40
CA VAL E 451 16.21 -13.16 -35.05
C VAL E 451 17.32 -12.27 -34.50
N ALA E 452 18.08 -11.64 -35.38
CA ALA E 452 19.11 -10.70 -34.98
C ALA E 452 18.56 -9.47 -34.29
N ILE E 453 17.42 -8.94 -34.77
CA ILE E 453 16.85 -7.72 -34.19
C ILE E 453 15.63 -7.93 -33.26
N THR E 454 14.96 -9.09 -33.35
CA THR E 454 13.86 -9.43 -32.42
C THR E 454 14.18 -10.56 -31.42
N GLY E 455 15.15 -11.41 -31.72
CA GLY E 455 15.42 -12.62 -30.93
C GLY E 455 14.70 -13.87 -31.40
N THR E 456 13.65 -13.71 -32.21
CA THR E 456 12.77 -14.84 -32.55
C THR E 456 12.55 -15.02 -34.04
N GLN E 457 12.02 -16.20 -34.38
CA GLN E 457 11.56 -16.52 -35.73
C GLN E 457 10.31 -15.75 -36.19
N VAL E 458 9.54 -15.18 -35.27
CA VAL E 458 8.29 -14.46 -35.63
C VAL E 458 8.40 -12.94 -35.48
N SER E 459 7.94 -12.22 -36.51
CA SER E 459 7.89 -10.77 -36.47
C SER E 459 7.09 -10.26 -37.67
N PRO E 460 6.80 -8.95 -37.73
CA PRO E 460 6.14 -8.40 -38.91
C PRO E 460 7.03 -8.37 -40.15
N ASP E 461 6.56 -7.66 -41.18
CA ASP E 461 7.33 -7.43 -42.41
C ASP E 461 8.72 -6.97 -42.06
N ILE E 462 9.72 -7.64 -42.64
CA ILE E 462 11.11 -7.47 -42.26
C ILE E 462 11.60 -6.02 -42.22
N SER E 463 11.25 -5.23 -43.25
CA SER E 463 11.66 -3.82 -43.33
C SER E 463 11.09 -3.00 -42.15
N GLN E 464 9.79 -3.11 -41.93
CA GLN E 464 9.12 -2.50 -40.77
C GLN E 464 9.74 -2.91 -39.43
N THR E 465 10.11 -4.19 -39.30
CA THR E 465 10.68 -4.72 -38.04
C THR E 465 12.09 -4.19 -37.78
N VAL E 466 12.94 -4.12 -38.81
CA VAL E 466 14.28 -3.50 -38.60
C VAL E 466 14.10 -1.99 -38.46
N TYR E 467 13.20 -1.39 -39.24
CA TYR E 467 12.91 0.05 -39.09
C TYR E 467 12.54 0.44 -37.63
N LEU E 468 11.64 -0.32 -37.00
CA LEU E 468 11.19 -0.03 -35.62
C LEU E 468 12.29 -0.03 -34.53
N ALA E 469 13.37 -0.79 -34.75
CA ALA E 469 14.55 -0.83 -33.87
C ALA E 469 15.33 0.48 -33.86
N GLY E 470 15.31 1.19 -34.98
CA GLY E 470 15.99 2.47 -35.11
C GLY E 470 17.32 2.26 -35.75
N ARG E 471 17.91 3.37 -36.22
CA ARG E 471 19.21 3.35 -36.90
C ARG E 471 20.29 2.63 -36.07
N GLU E 472 20.59 3.20 -34.90
CA GLU E 472 21.59 2.65 -33.98
C GLU E 472 21.24 1.26 -33.49
N GLY E 473 19.99 1.09 -33.08
CA GLY E 473 19.48 -0.18 -32.58
C GLY E 473 19.54 -1.32 -33.59
N ALA E 474 19.12 -1.02 -34.82
CA ALA E 474 19.21 -1.98 -35.91
C ALA E 474 20.63 -2.51 -35.96
N LEU E 475 21.56 -1.58 -36.17
CA LEU E 475 23.01 -1.85 -36.27
C LEU E 475 23.56 -2.61 -35.06
N LYS E 476 23.39 -2.05 -33.86
CA LYS E 476 23.83 -2.70 -32.63
C LYS E 476 23.41 -4.17 -32.56
N ARG E 477 22.15 -4.46 -32.90
CA ARG E 477 21.60 -5.82 -32.80
C ARG E 477 22.20 -6.78 -33.81
N ILE E 478 22.58 -6.24 -34.97
CA ILE E 478 23.29 -7.04 -36.00
C ILE E 478 24.70 -7.38 -35.49
N ASP E 479 25.43 -6.35 -35.07
CA ASP E 479 26.77 -6.50 -34.52
C ASP E 479 26.78 -7.53 -33.41
N ALA E 480 25.84 -7.35 -32.49
CA ALA E 480 25.60 -8.34 -31.46
C ALA E 480 25.49 -9.72 -32.10
N ALA E 481 24.61 -9.86 -33.09
CA ALA E 481 24.39 -11.14 -33.77
C ALA E 481 25.66 -11.65 -34.47
N LEU E 482 26.43 -10.70 -35.00
CA LEU E 482 27.75 -10.97 -35.56
C LEU E 482 28.75 -11.51 -34.52
N THR E 483 28.95 -10.77 -33.43
CA THR E 483 29.91 -11.20 -32.39
C THR E 483 29.52 -12.56 -31.79
N LYS E 484 28.23 -12.83 -31.62
CA LYS E 484 27.76 -14.13 -31.13
C LYS E 484 28.12 -15.24 -32.12
N ILE E 485 27.95 -15.00 -33.41
CA ILE E 485 28.39 -15.97 -34.44
C ILE E 485 29.91 -16.18 -34.35
N GLY E 486 30.66 -15.08 -34.16
CA GLY E 486 32.13 -15.09 -34.00
C GLY E 486 32.72 -16.32 -33.31
N ALA E 487 32.63 -16.33 -31.97
CA ALA E 487 32.98 -17.52 -31.21
C ALA E 487 31.88 -18.58 -31.39
N ALA F 23 28.78 -12.18 41.77
CA ALA F 23 27.96 -12.35 40.52
C ALA F 23 28.15 -11.20 39.52
N CYS F 24 28.74 -11.50 38.34
CA CYS F 24 29.02 -10.49 37.30
C CYS F 24 27.73 -9.98 36.70
N ARG F 25 27.55 -8.65 36.65
CA ARG F 25 26.36 -8.05 36.03
C ARG F 25 26.71 -6.83 35.14
N THR F 26 26.25 -6.93 33.90
CA THR F 26 26.60 -6.01 32.82
C THR F 26 25.28 -5.43 32.33
N ARG F 27 25.30 -4.61 31.29
CA ARG F 27 24.05 -4.20 30.62
C ARG F 27 24.29 -3.57 29.26
N PHE F 28 23.23 -3.58 28.44
CA PHE F 28 23.21 -2.87 27.16
C PHE F 28 22.02 -1.92 27.19
N ALA F 29 22.34 -0.63 27.08
CA ALA F 29 21.36 0.43 27.21
C ALA F 29 21.44 1.33 25.99
N PRO F 30 20.84 0.90 24.90
CA PRO F 30 20.80 1.68 23.69
C PRO F 30 19.72 2.71 23.82
N SER F 31 19.72 3.70 22.95
CA SER F 31 18.70 4.73 22.98
C SER F 31 18.22 4.91 21.58
N PRO F 32 17.31 4.08 21.12
CA PRO F 32 16.96 4.07 19.70
C PRO F 32 16.74 5.47 19.21
N THR F 33 16.84 5.79 17.92
CA THR F 33 17.49 4.97 16.89
C THR F 33 16.70 3.79 16.41
N GLY F 34 16.14 3.94 15.22
CA GLY F 34 15.29 2.93 14.60
C GLY F 34 15.86 1.51 14.49
N TYR F 35 17.09 1.30 14.94
CA TYR F 35 17.90 0.15 14.50
C TYR F 35 19.08 -0.09 15.43
N LEU F 36 19.64 -1.32 15.40
CA LEU F 36 20.85 -1.63 16.15
C LEU F 36 22.05 -1.23 15.37
N HIS F 37 22.77 -0.30 15.97
CA HIS F 37 23.98 0.25 15.43
C HIS F 37 25.04 -0.84 15.51
N ILE F 38 25.84 -1.02 14.47
CA ILE F 38 26.87 -2.07 14.45
C ILE F 38 27.91 -1.85 15.54
N GLY F 39 28.17 -0.60 15.90
CA GLY F 39 29.04 -0.28 17.04
C GLY F 39 28.42 -0.68 18.36
N GLY F 40 27.12 -0.44 18.48
CA GLY F 40 26.32 -0.89 19.62
C GLY F 40 26.31 -2.39 19.77
N ALA F 41 26.29 -3.10 18.66
CA ALA F 41 26.36 -4.58 18.67
C ALA F 41 27.64 -5.10 19.32
N ARG F 42 28.74 -4.36 19.11
CA ARG F 42 30.01 -4.69 19.75
C ARG F 42 29.96 -4.44 21.26
N THR F 43 29.37 -3.31 21.66
CA THR F 43 29.11 -3.04 23.08
C THR F 43 28.30 -4.17 23.70
N ALA F 44 27.20 -4.54 23.01
CA ALA F 44 26.36 -5.68 23.38
C ALA F 44 27.12 -7.01 23.44
N LEU F 45 27.89 -7.29 22.39
CA LEU F 45 28.71 -8.51 22.34
C LEU F 45 29.64 -8.61 23.55
N TYR F 46 30.34 -7.50 23.82
CA TYR F 46 31.34 -7.43 24.90
C TYR F 46 30.71 -7.56 26.29
N CYS F 47 29.59 -6.85 26.52
CA CYS F 47 28.79 -7.04 27.75
C CYS F 47 28.28 -8.48 27.90
N TRP F 48 27.66 -9.00 26.83
CA TRP F 48 27.17 -10.38 26.79
C TRP F 48 28.29 -11.33 27.20
N LEU F 49 29.46 -11.19 26.56
CA LEU F 49 30.59 -12.07 26.81
C LEU F 49 31.15 -11.95 28.22
N GLU F 50 31.44 -10.72 28.67
CA GLU F 50 31.84 -10.46 30.07
C GLU F 50 31.00 -11.22 31.10
N ALA F 51 29.68 -11.06 31.03
CA ALA F 51 28.77 -11.73 31.97
C ALA F 51 28.64 -13.22 31.75
N ARG F 52 28.59 -13.65 30.50
CA ARG F 52 28.37 -15.06 30.19
C ARG F 52 29.59 -15.90 30.56
N ARG F 53 30.78 -15.32 30.43
CA ARG F 53 32.01 -15.99 30.84
C ARG F 53 32.08 -16.33 32.36
N ARG F 54 31.39 -15.54 33.21
CA ARG F 54 31.42 -15.75 34.68
C ARG F 54 30.08 -16.18 35.28
N GLY F 55 29.24 -16.87 34.50
CA GLY F 55 27.88 -17.21 34.92
C GLY F 55 27.04 -16.03 35.41
N GLY F 56 27.32 -14.85 34.86
CA GLY F 56 26.70 -13.61 35.29
C GLY F 56 25.49 -13.26 34.47
N GLN F 57 24.87 -12.12 34.76
CA GLN F 57 23.69 -11.63 34.03
C GLN F 57 24.06 -10.55 33.06
N PHE F 58 23.33 -10.48 31.95
CA PHE F 58 23.48 -9.41 30.99
C PHE F 58 22.11 -8.86 30.75
N VAL F 59 21.85 -7.64 31.20
CA VAL F 59 20.50 -7.12 31.16
C VAL F 59 20.31 -6.15 29.95
N LEU F 60 19.08 -5.68 29.77
CA LEU F 60 18.75 -4.83 28.65
C LEU F 60 17.83 -3.70 29.12
N ARG F 61 18.18 -2.47 28.75
CA ARG F 61 17.42 -1.29 29.13
C ARG F 61 17.09 -0.49 27.90
N ILE F 62 15.80 -0.37 27.59
CA ILE F 62 15.32 0.42 26.49
C ILE F 62 14.95 1.80 27.03
N GLU F 63 15.53 2.85 26.44
CA GLU F 63 15.19 4.22 26.77
C GLU F 63 14.01 4.68 25.90
N ASP F 64 12.82 4.74 26.47
CA ASP F 64 11.64 5.15 25.70
C ASP F 64 10.97 6.37 26.34
N THR F 65 11.78 7.29 26.86
CA THR F 65 11.31 8.47 27.59
C THR F 65 10.85 9.59 26.65
N ASP F 66 11.70 9.92 25.67
CA ASP F 66 11.44 10.99 24.70
C ASP F 66 10.80 10.39 23.43
N ARG F 67 9.62 9.83 23.64
CA ARG F 67 9.00 8.88 22.68
C ARG F 67 8.32 9.47 21.43
N GLN F 68 8.69 10.69 21.02
CA GLN F 68 8.44 11.14 19.65
C GLN F 68 9.17 10.19 18.68
N ARG F 69 10.42 9.87 19.01
CA ARG F 69 11.36 9.20 18.08
C ARG F 69 11.67 7.72 18.43
N SER F 70 10.86 7.10 19.30
CA SER F 70 11.06 5.69 19.67
C SER F 70 9.71 4.94 19.75
N THR F 71 9.28 4.41 18.59
CA THR F 71 8.12 3.54 18.50
C THR F 71 8.54 2.09 18.70
N GLN F 72 7.57 1.19 18.83
CA GLN F 72 7.82 -0.27 18.81
C GLN F 72 8.64 -0.66 17.58
N ALA F 73 8.36 -0.01 16.44
CA ALA F 73 9.19 -0.13 15.24
C ALA F 73 10.67 -0.02 15.57
N ALA F 74 11.04 1.01 16.33
CA ALA F 74 12.43 1.16 16.77
C ALA F 74 12.88 0.00 17.63
N ILE F 75 12.12 -0.30 18.70
CA ILE F 75 12.60 -1.24 19.74
C ILE F 75 12.54 -2.70 19.24
N ASP F 76 11.62 -2.99 18.30
CA ASP F 76 11.56 -4.28 17.61
C ASP F 76 12.84 -4.56 16.84
N ALA F 77 13.30 -3.55 16.10
CA ALA F 77 14.55 -3.65 15.35
C ALA F 77 15.69 -4.05 16.26
N ILE F 78 15.82 -3.38 17.41
CA ILE F 78 16.88 -3.69 18.38
C ILE F 78 16.76 -5.15 18.78
N LEU F 79 15.58 -5.54 19.22
CA LEU F 79 15.36 -6.90 19.71
C LEU F 79 15.49 -7.97 18.62
N GLU F 80 15.12 -7.62 17.37
CA GLU F 80 15.28 -8.53 16.22
C GLU F 80 16.75 -8.82 16.03
N ALA F 81 17.53 -7.74 15.93
CA ALA F 81 19.00 -7.82 15.78
C ALA F 81 19.71 -8.65 16.86
N MET F 82 19.33 -8.48 18.11
CA MET F 82 19.97 -9.23 19.20
C MET F 82 19.64 -10.72 19.12
N GLN F 83 18.37 -11.03 18.85
CA GLN F 83 17.93 -12.40 18.51
C GLN F 83 18.77 -13.00 17.40
N TRP F 84 18.99 -12.23 16.34
CA TRP F 84 19.70 -12.75 15.19
C TRP F 84 21.14 -13.08 15.55
N LEU F 85 21.76 -12.16 16.27
CA LEU F 85 23.15 -12.30 16.71
C LEU F 85 23.31 -13.26 17.90
N GLY F 86 22.20 -13.53 18.61
CA GLY F 86 22.19 -14.49 19.72
C GLY F 86 22.66 -13.86 21.02
N LEU F 87 22.33 -12.58 21.21
CA LEU F 87 22.73 -11.83 22.38
C LEU F 87 21.50 -11.76 23.30
N GLY F 88 21.20 -12.92 23.86
CA GLY F 88 20.08 -13.08 24.78
C GLY F 88 20.36 -12.49 26.15
N TYR F 89 19.30 -12.01 26.77
CA TYR F 89 19.38 -11.28 28.03
C TYR F 89 18.65 -12.10 29.07
N ASP F 90 19.14 -12.00 30.31
CA ASP F 90 18.55 -12.69 31.41
C ASP F 90 17.38 -11.89 31.92
N GLU F 91 17.48 -10.57 31.78
CA GLU F 91 16.50 -9.66 32.32
C GLU F 91 16.19 -8.60 31.27
N GLY F 92 14.99 -8.06 31.36
CA GLY F 92 14.50 -7.08 30.39
C GLY F 92 13.89 -7.72 29.15
N PRO F 93 13.43 -6.91 28.20
CA PRO F 93 13.60 -5.45 28.20
C PRO F 93 13.05 -4.69 29.44
N ILE F 94 13.88 -3.82 30.02
CA ILE F 94 13.48 -2.93 31.10
C ILE F 94 13.34 -1.53 30.53
N TYR F 95 12.11 -1.07 30.39
CA TYR F 95 11.81 0.21 29.73
C TYR F 95 11.85 1.34 30.75
N GLN F 96 12.49 2.45 30.39
CA GLN F 96 12.63 3.59 31.30
C GLN F 96 11.28 4.18 31.71
N THR F 97 10.31 4.14 30.80
CA THR F 97 8.93 4.57 31.10
C THR F 97 8.32 3.89 32.34
N GLN F 98 8.72 2.64 32.61
CA GLN F 98 8.32 1.94 33.85
C GLN F 98 8.94 2.61 35.10
N ARG F 99 10.13 3.16 34.95
CA ARG F 99 10.98 3.60 36.08
C ARG F 99 10.72 5.06 36.52
N VAL F 100 10.08 5.86 35.67
CA VAL F 100 9.83 7.30 35.91
C VAL F 100 9.49 7.68 37.37
N ALA F 101 8.71 6.84 38.06
CA ALA F 101 8.43 7.01 39.48
C ALA F 101 9.71 6.93 40.34
N ARG F 102 10.48 5.87 40.10
CA ARG F 102 11.75 5.61 40.79
C ARG F 102 12.74 6.77 40.70
N TYR F 103 12.85 7.39 39.54
CA TYR F 103 13.80 8.47 39.36
C TYR F 103 13.43 9.67 40.22
N GLN F 104 12.13 9.97 40.31
CA GLN F 104 11.68 11.10 41.12
C GLN F 104 11.88 10.85 42.61
N GLU F 105 11.73 9.59 43.00
CA GLU F 105 11.85 9.12 44.38
C GLU F 105 13.25 9.35 44.91
N VAL F 106 14.25 8.97 44.10
CA VAL F 106 15.68 9.16 44.44
C VAL F 106 16.11 10.63 44.38
N ALA F 107 15.59 11.39 43.42
CA ALA F 107 15.82 12.84 43.41
C ALA F 107 15.33 13.42 44.73
N GLU F 108 14.05 13.20 45.06
CA GLU F 108 13.43 13.60 46.34
C GLU F 108 14.25 13.16 47.57
N GLN F 109 14.69 11.89 47.56
CA GLN F 109 15.55 11.34 48.62
C GLN F 109 16.82 12.15 48.79
N LEU F 110 17.45 12.52 47.66
CA LEU F 110 18.67 13.35 47.64
C LEU F 110 18.47 14.78 48.19
N LEU F 111 17.31 15.38 47.96
CA LEU F 111 16.99 16.70 48.57
C LEU F 111 16.73 16.63 50.09
N ALA F 112 16.07 15.57 50.55
CA ALA F 112 15.90 15.34 51.99
C ALA F 112 17.26 15.28 52.72
N GLN F 113 18.26 14.71 52.04
CA GLN F 113 19.60 14.56 52.59
C GLN F 113 20.54 15.73 52.25
N GLY F 114 20.00 16.79 51.65
CA GLY F 114 20.81 17.95 51.26
C GLY F 114 21.93 17.70 50.26
N LYS F 115 21.82 16.63 49.48
CA LYS F 115 22.80 16.30 48.44
C LYS F 115 22.37 16.81 47.06
N ALA F 116 21.31 17.62 47.02
CA ALA F 116 20.78 18.14 45.78
C ALA F 116 19.82 19.29 46.08
N TYR F 117 19.45 20.06 45.07
CA TYR F 117 18.70 21.28 45.32
C TYR F 117 17.95 21.80 44.13
N TYR F 118 16.92 22.60 44.43
CA TYR F 118 16.16 23.28 43.40
C TYR F 118 16.95 24.49 42.92
N ALA F 119 16.91 24.71 41.60
CA ALA F 119 17.46 25.90 40.98
C ALA F 119 16.40 26.40 40.02
N TYR F 120 16.34 27.72 39.86
CA TYR F 120 15.31 28.39 39.07
C TYR F 120 15.90 29.37 38.06
N GLU F 121 17.07 29.07 37.53
CA GLU F 121 17.70 29.94 36.54
C GLU F 121 16.97 29.80 35.20
N THR F 122 16.52 30.92 34.64
CA THR F 122 15.94 30.95 33.29
C THR F 122 17.05 30.69 32.29
N ARG F 123 16.73 30.13 31.12
CA ARG F 123 17.74 29.85 30.09
C ARG F 123 18.55 31.12 29.76
N GLU F 124 17.86 32.27 29.79
CA GLU F 124 18.49 33.60 29.68
C GLU F 124 19.59 33.81 30.76
N GLU F 125 19.19 33.67 32.03
CA GLU F 125 20.13 33.74 33.16
C GLU F 125 21.26 32.69 33.09
N LEU F 126 20.96 31.49 32.57
CA LEU F 126 21.98 30.44 32.34
C LEU F 126 22.90 30.75 31.16
N ASP F 127 22.34 31.25 30.06
CA ASP F 127 23.13 31.62 28.87
C ASP F 127 24.06 32.78 29.19
N ALA F 128 23.52 33.79 29.90
CA ALA F 128 24.30 34.92 30.42
C ALA F 128 25.48 34.48 31.29
N MET F 129 25.30 33.38 32.02
CA MET F 129 26.37 32.78 32.83
C MET F 129 27.48 32.10 31.99
N ARG F 130 27.08 31.40 30.93
CA ARG F 130 28.04 30.66 30.08
C ARG F 130 28.86 31.62 29.23
N GLU F 131 28.24 32.75 28.85
CA GLU F 131 28.95 33.86 28.20
C GLU F 131 30.07 34.41 29.10
N ALA F 132 29.73 34.67 30.36
CA ALA F 132 30.68 35.19 31.35
C ALA F 132 31.90 34.27 31.56
N ALA F 133 31.70 32.97 31.35
CA ALA F 133 32.79 32.00 31.41
C ALA F 133 33.77 32.14 30.24
N MET F 134 33.29 32.06 28.99
CA MET F 134 34.17 32.27 27.82
C MET F 134 34.84 33.65 27.88
N ALA F 135 34.05 34.69 28.19
CA ALA F 135 34.56 36.04 28.46
C ALA F 135 35.80 36.02 29.36
N LYS F 136 35.77 35.22 30.42
CA LYS F 136 36.94 34.98 31.29
C LYS F 136 37.74 33.70 30.94
N GLN F 137 37.81 33.33 29.66
CA GLN F 137 38.50 32.12 29.17
C GLN F 137 38.44 30.85 30.07
N GLU F 138 37.30 30.62 30.72
CA GLU F 138 37.03 29.46 31.58
C GLU F 138 35.88 28.62 31.00
N LYS F 139 35.81 27.34 31.37
CA LYS F 139 34.82 26.41 30.78
C LYS F 139 33.38 26.77 31.18
N PRO F 140 32.39 26.45 30.30
CA PRO F 140 30.99 26.72 30.63
C PRO F 140 30.51 25.81 31.77
N ARG F 141 29.93 26.42 32.78
CA ARG F 141 29.77 25.81 34.08
C ARG F 141 28.46 26.33 34.69
N TYR F 142 28.00 25.65 35.72
CA TYR F 142 27.03 26.24 36.64
C TYR F 142 27.71 26.72 37.93
N ASP F 143 27.85 28.04 38.10
CA ASP F 143 28.32 28.58 39.39
C ASP F 143 27.30 28.22 40.46
N GLY F 144 27.78 27.98 41.66
CA GLY F 144 26.93 27.43 42.69
C GLY F 144 25.71 28.23 43.08
N ALA F 145 25.32 29.18 42.28
CA ALA F 145 24.18 30.00 42.63
C ALA F 145 23.00 29.11 42.94
N ALA F 146 22.47 29.23 44.15
CA ALA F 146 21.35 28.44 44.70
C ALA F 146 21.87 27.33 45.56
N ARG F 147 22.95 26.75 45.10
CA ARG F 147 23.44 25.57 45.76
C ARG F 147 23.06 25.88 47.15
N GLU F 148 22.91 24.91 48.02
CA GLU F 148 22.79 25.28 49.42
C GLU F 148 22.11 26.62 49.65
N GLN F 149 20.80 26.60 49.79
CA GLN F 149 20.04 27.81 49.97
C GLN F 149 18.55 27.51 50.00
N ASN F 150 17.84 27.91 48.96
CA ASN F 150 16.41 27.68 48.91
C ASN F 150 16.07 26.20 48.79
N LEU F 151 15.44 25.79 47.67
CA LEU F 151 15.07 24.40 47.60
C LEU F 151 13.72 24.29 48.20
N PRO F 152 12.95 25.34 48.16
CA PRO F 152 11.54 25.22 48.46
C PRO F 152 10.97 24.85 47.12
N TYR F 153 10.20 23.78 47.04
CA TYR F 153 9.66 23.27 45.78
C TYR F 153 9.34 24.35 44.79
N ARG F 154 8.12 24.84 44.88
CA ARG F 154 7.71 25.87 44.00
C ARG F 154 7.33 25.17 42.73
N ASP F 155 6.92 25.99 41.78
CA ASP F 155 6.51 25.57 40.48
C ASP F 155 7.09 26.68 39.68
N ASP F 156 7.32 26.42 38.41
CA ASP F 156 8.04 27.34 37.57
C ASP F 156 8.62 26.41 36.59
N PRO F 157 8.12 26.44 35.39
CA PRO F 157 8.61 25.53 34.37
C PRO F 157 10.10 25.65 34.16
N ASN F 158 10.81 26.34 35.04
CA ASN F 158 12.24 26.45 34.87
C ASN F 158 12.97 25.70 35.94
N ARG F 159 12.23 25.13 36.86
CA ARG F 159 12.84 24.44 37.96
C ARG F 159 13.47 23.16 37.50
N VAL F 160 14.57 22.86 38.12
CA VAL F 160 15.42 21.71 37.90
C VAL F 160 15.97 21.24 39.24
N ILE F 161 16.31 19.95 39.35
CA ILE F 161 17.03 19.46 40.52
C ILE F 161 18.50 19.32 40.17
N ARG F 162 19.33 20.02 40.96
CA ARG F 162 20.77 20.08 40.84
C ARG F 162 21.37 19.17 41.89
N PHE F 163 22.48 18.53 41.56
CA PHE F 163 23.20 17.61 42.45
C PHE F 163 24.39 18.34 43.04
N LYS F 164 24.45 18.48 44.36
CA LYS F 164 25.62 19.06 45.02
C LYS F 164 26.78 18.13 44.80
N ASN F 165 27.57 18.43 43.76
CA ASN F 165 28.80 17.72 43.46
C ASN F 165 29.86 18.09 44.50
N PRO F 166 30.74 17.14 44.87
CA PRO F 166 31.84 17.51 45.75
C PRO F 166 32.53 18.81 45.30
N ILE F 167 32.86 19.69 46.25
CA ILE F 167 33.52 20.97 45.91
C ILE F 167 35.00 20.83 45.52
N GLY F 168 35.77 20.10 46.33
CA GLY F 168 37.22 20.05 46.17
C GLY F 168 37.75 18.63 46.11
N GLY F 169 38.97 18.51 45.61
CA GLY F 169 39.66 17.22 45.48
C GLY F 169 39.52 16.70 44.07
N THR F 170 39.94 15.45 43.89
CA THR F 170 39.78 14.74 42.62
C THR F 170 38.91 13.48 42.79
N VAL F 171 38.42 12.98 41.65
CA VAL F 171 37.76 11.67 41.58
C VAL F 171 38.55 10.86 40.54
N VAL F 172 39.17 9.77 40.99
CA VAL F 172 40.08 8.93 40.19
C VAL F 172 39.51 7.51 40.08
N PHE F 173 39.57 6.89 38.89
CA PHE F 173 39.05 5.54 38.67
C PHE F 173 39.83 4.80 37.59
N ASP F 174 40.04 3.50 37.78
CA ASP F 174 40.81 2.68 36.83
C ASP F 174 39.86 2.07 35.83
N ASP F 175 39.69 2.76 34.72
CA ASP F 175 38.95 2.21 33.61
C ASP F 175 39.66 0.94 33.13
N LEU F 176 38.87 -0.07 32.78
CA LEU F 176 39.42 -1.36 32.37
C LEU F 176 40.17 -1.30 31.04
N ILE F 177 39.93 -0.26 30.25
CA ILE F 177 40.51 -0.09 28.94
C ILE F 177 41.45 1.10 28.93
N LYS F 178 40.92 2.28 29.25
CA LYS F 178 41.69 3.52 29.22
C LYS F 178 42.79 3.61 30.30
N GLY F 179 42.60 2.94 31.44
CA GLY F 179 43.59 2.96 32.54
C GLY F 179 43.08 3.84 33.66
N ARG F 180 43.98 4.47 34.42
CA ARG F 180 43.58 5.35 35.53
C ARG F 180 43.19 6.70 34.97
N ILE F 181 42.02 7.22 35.33
CA ILE F 181 41.55 8.56 34.88
C ILE F 181 41.19 9.43 36.08
N GLU F 182 41.97 10.48 36.29
CA GLU F 182 41.80 11.42 37.41
C GLU F 182 41.30 12.76 36.90
N ILE F 183 40.19 13.22 37.47
CA ILE F 183 39.57 14.48 37.07
C ILE F 183 39.22 15.26 38.31
N ALA F 184 39.65 16.51 38.36
CA ALA F 184 39.37 17.39 39.49
C ALA F 184 37.84 17.57 39.65
N ASN F 185 37.39 17.80 40.87
CA ASN F 185 35.97 18.10 41.13
C ASN F 185 35.67 19.57 40.74
N SER F 186 36.70 20.41 40.57
CA SER F 186 36.56 21.64 39.77
C SER F 186 36.32 21.14 38.36
N GLU F 187 35.93 22.03 37.44
CA GLU F 187 35.48 21.59 36.11
C GLU F 187 34.36 20.48 36.09
N LEU F 188 33.75 20.20 37.25
CA LEU F 188 32.47 19.52 37.37
C LEU F 188 31.60 20.48 38.14
N ASP F 189 30.57 20.99 37.50
CA ASP F 189 29.57 21.78 38.18
C ASP F 189 28.56 20.85 38.86
N ASP F 190 27.56 21.49 39.47
CA ASP F 190 26.39 20.81 39.99
C ASP F 190 25.39 20.57 38.87
N MET F 191 25.49 19.42 38.22
CA MET F 191 24.68 19.17 37.03
C MET F 191 23.20 19.08 37.40
N VAL F 192 22.35 19.22 36.40
CA VAL F 192 20.93 18.99 36.57
C VAL F 192 20.72 17.46 36.59
N ILE F 193 20.00 16.97 37.59
CA ILE F 193 19.63 15.54 37.67
C ILE F 193 18.12 15.25 37.41
N PHE F 194 17.27 16.26 37.59
CA PHE F 194 15.85 16.15 37.32
C PHE F 194 15.34 17.39 36.63
N ARG F 195 14.42 17.18 35.68
CA ARG F 195 13.86 18.22 34.82
C ARG F 195 12.42 18.57 35.28
N PRO F 196 11.84 19.67 34.77
CA PRO F 196 10.45 20.01 35.15
C PRO F 196 9.33 19.17 34.49
N ASP F 197 9.67 18.38 33.47
CA ASP F 197 8.73 17.42 32.88
C ASP F 197 8.65 16.08 33.62
N GLY F 198 9.09 16.02 34.88
CA GLY F 198 8.96 14.82 35.70
C GLY F 198 9.89 13.68 35.30
N LEU F 199 10.95 14.02 34.55
CA LEU F 199 11.90 13.05 34.01
C LEU F 199 13.31 13.45 34.42
N PRO F 200 14.25 12.48 34.46
CA PRO F 200 15.62 12.75 34.86
C PRO F 200 16.53 12.98 33.68
N THR F 201 17.68 13.57 33.96
CA THR F 201 18.72 13.72 32.96
C THR F 201 19.45 12.38 32.77
N TYR F 202 20.21 12.23 31.69
CA TYR F 202 20.93 10.97 31.42
C TYR F 202 21.81 10.55 32.61
N ASN F 203 22.64 11.45 33.10
CA ASN F 203 23.69 11.10 34.06
C ASN F 203 23.13 10.64 35.38
N PHE F 204 22.00 11.21 35.77
CA PHE F 204 21.28 10.76 36.95
C PHE F 204 20.58 9.42 36.73
N ALA F 205 19.91 9.28 35.58
CA ALA F 205 19.12 8.10 35.30
C ALA F 205 19.97 6.84 35.21
N VAL F 206 21.11 6.94 34.52
CA VAL F 206 22.04 5.81 34.40
C VAL F 206 22.52 5.27 35.75
N VAL F 207 22.74 6.17 36.72
CA VAL F 207 23.23 5.75 38.05
C VAL F 207 22.12 5.02 38.80
N VAL F 208 20.93 5.62 38.88
CA VAL F 208 19.80 4.96 39.54
C VAL F 208 19.60 3.57 38.92
N ASP F 209 19.58 3.47 37.60
CA ASP F 209 19.46 2.16 36.91
C ASP F 209 20.61 1.15 37.17
N ASP F 210 21.85 1.59 36.99
CA ASP F 210 23.00 0.74 37.27
C ASP F 210 22.99 0.32 38.76
N TRP F 211 22.51 1.21 39.62
CA TRP F 211 22.38 0.94 41.05
C TRP F 211 21.31 -0.09 41.33
N ASP F 212 20.06 0.25 41.01
CA ASP F 212 18.90 -0.63 41.27
C ASP F 212 19.07 -2.01 40.67
N MET F 213 19.59 -2.08 39.45
CA MET F 213 19.89 -3.37 38.82
C MET F 213 21.19 -4.02 39.34
N GLY F 214 21.89 -3.37 40.28
CA GLY F 214 23.09 -3.95 40.89
C GLY F 214 24.12 -4.37 39.87
N ILE F 215 24.54 -3.41 39.05
CA ILE F 215 25.45 -3.65 37.94
C ILE F 215 26.87 -3.59 38.47
N THR F 216 27.69 -4.60 38.09
CA THR F 216 29.07 -4.72 38.54
C THR F 216 30.13 -4.20 37.58
N GLU F 217 29.78 -3.96 36.32
CA GLU F 217 30.77 -3.67 35.29
C GLU F 217 30.10 -2.98 34.13
N VAL F 218 30.32 -1.68 34.01
CA VAL F 218 29.66 -0.86 32.98
C VAL F 218 30.56 -0.81 31.76
N ILE F 219 30.02 -1.07 30.58
CA ILE F 219 30.79 -0.94 29.35
C ILE F 219 30.06 -0.03 28.37
N ARG F 220 30.79 0.92 27.81
CA ARG F 220 30.23 1.98 26.97
C ARG F 220 31.37 2.68 26.20
N GLY F 221 31.09 3.75 25.46
CA GLY F 221 32.10 4.40 24.61
C GLY F 221 32.83 5.59 25.23
N ASP F 222 33.86 6.04 24.52
CA ASP F 222 34.71 7.17 24.94
C ASP F 222 33.98 8.40 25.41
N ASP F 223 33.02 8.90 24.62
CA ASP F 223 32.31 10.16 24.94
C ASP F 223 31.64 10.26 26.34
N HIS F 224 31.47 9.10 26.99
CA HIS F 224 31.01 9.04 28.39
C HIS F 224 32.13 9.12 29.44
N ILE F 225 33.38 8.95 29.03
CA ILE F 225 34.53 8.96 29.95
C ILE F 225 34.53 10.21 30.87
N ASN F 226 34.02 11.34 30.37
CA ASN F 226 33.91 12.57 31.15
C ASN F 226 32.68 12.55 32.04
N ASN F 227 31.62 11.93 31.57
CA ASN F 227 30.43 11.71 32.39
C ASN F 227 30.71 10.79 33.60
N THR F 228 31.69 9.90 33.46
CA THR F 228 32.01 8.93 34.50
C THR F 228 32.28 9.53 35.90
N PRO F 229 33.28 10.42 36.07
CA PRO F 229 33.40 11.02 37.41
C PRO F 229 32.11 11.65 37.92
N ARG F 230 31.34 12.30 37.05
CA ARG F 230 30.11 12.92 37.53
C ARG F 230 29.21 11.87 38.16
N GLN F 231 29.00 10.77 37.44
CA GLN F 231 28.20 9.66 37.93
C GLN F 231 28.73 9.14 39.24
N ILE F 232 30.06 8.96 39.32
CA ILE F 232 30.70 8.32 40.47
C ILE F 232 30.37 9.09 41.73
N ASN F 233 30.31 10.40 41.63
CA ASN F 233 29.95 11.22 42.78
C ASN F 233 28.52 10.98 43.22
N ILE F 234 27.65 10.60 42.28
CA ILE F 234 26.26 10.26 42.57
C ILE F 234 26.14 8.91 43.29
N TYR F 235 26.85 7.89 42.81
CA TYR F 235 26.98 6.61 43.53
C TYR F 235 27.38 6.87 44.98
N ALA F 236 28.32 7.79 45.17
CA ALA F 236 28.81 8.14 46.51
C ALA F 236 27.70 8.72 47.35
N ALA F 237 26.91 9.62 46.79
CA ALA F 237 25.80 10.23 47.53
C ALA F 237 24.75 9.19 47.97
N LEU F 238 24.56 8.15 47.19
CA LEU F 238 23.59 7.09 47.50
C LEU F 238 24.15 5.99 48.45
N GLY F 239 25.45 6.04 48.75
CA GLY F 239 26.12 4.93 49.46
C GLY F 239 26.18 3.69 48.61
N ALA F 240 26.18 3.90 47.29
CA ALA F 240 25.96 2.84 46.34
C ALA F 240 27.31 2.34 45.87
N PRO F 241 27.56 1.01 45.96
CA PRO F 241 28.79 0.48 45.41
C PRO F 241 28.93 0.88 43.95
N VAL F 242 30.12 1.37 43.61
CA VAL F 242 30.41 1.92 42.30
C VAL F 242 31.00 0.78 41.47
N PRO F 243 30.48 0.57 40.25
CA PRO F 243 30.96 -0.58 39.47
C PRO F 243 32.35 -0.37 38.85
N LYS F 244 32.87 -1.42 38.24
CA LYS F 244 34.01 -1.28 37.37
C LYS F 244 33.49 -0.61 36.10
N PHE F 245 34.30 0.27 35.51
CA PHE F 245 33.99 0.88 34.21
C PHE F 245 35.01 0.46 33.17
N ALA F 246 34.55 0.33 31.93
CA ALA F 246 35.41 0.07 30.77
C ALA F 246 34.92 0.96 29.63
N HIS F 247 35.84 1.64 28.97
CA HIS F 247 35.53 2.65 27.97
C HIS F 247 36.31 2.39 26.68
N MET F 248 35.55 2.10 25.61
CA MET F 248 36.11 1.61 24.37
C MET F 248 36.10 2.69 23.29
N PRO F 249 37.13 2.71 22.42
CA PRO F 249 37.12 3.68 21.34
C PRO F 249 36.17 3.17 20.25
N MET F 250 35.26 4.04 19.82
CA MET F 250 34.19 3.59 18.92
C MET F 250 34.71 3.42 17.50
N ILE F 251 33.92 2.71 16.68
CA ILE F 251 34.36 2.08 15.43
C ILE F 251 34.38 3.12 14.29
N LEU F 252 35.46 3.15 13.51
CA LEU F 252 35.59 4.06 12.38
C LEU F 252 35.23 3.31 11.08
N ASP F 253 34.58 4.00 10.15
CA ASP F 253 34.19 3.39 8.84
C ASP F 253 35.40 3.24 7.93
N GLU F 254 35.23 2.54 6.81
CA GLU F 254 36.37 2.26 5.92
C GLU F 254 37.17 3.49 5.50
N GLN F 255 36.51 4.63 5.35
CA GLN F 255 37.17 5.88 4.96
C GLN F 255 38.14 6.39 6.04
N GLY F 256 37.71 6.29 7.31
CA GLY F 256 38.40 6.93 8.45
C GLY F 256 37.49 7.80 9.30
N THR F 257 36.28 8.13 8.80
CA THR F 257 35.27 8.87 9.56
C THR F 257 34.75 8.02 10.70
N LYS F 258 34.28 8.68 11.76
CA LYS F 258 33.68 7.95 12.89
C LYS F 258 32.31 7.43 12.45
N LEU F 259 32.12 6.12 12.57
CA LEU F 259 30.86 5.49 12.21
C LEU F 259 29.83 5.85 13.27
N SER F 260 28.73 6.45 12.83
CA SER F 260 27.65 6.88 13.74
C SER F 260 26.34 7.10 12.97
N LYS F 261 25.21 6.80 13.62
CA LYS F 261 23.84 7.16 13.17
C LYS F 261 23.65 8.56 12.55
N ARG F 262 24.25 9.59 13.17
CA ARG F 262 24.20 10.97 12.63
C ARG F 262 25.01 11.13 11.33
N THR F 263 26.08 10.32 11.19
CA THR F 263 26.87 10.18 9.95
C THR F 263 26.29 9.00 9.13
N GLY F 264 26.95 8.62 8.02
CA GLY F 264 26.57 7.41 7.30
C GLY F 264 26.69 6.22 8.24
N ALA F 265 25.68 5.34 8.23
CA ALA F 265 25.62 4.24 9.21
C ALA F 265 25.17 2.89 8.64
N ALA F 266 25.61 1.83 9.32
CA ALA F 266 25.33 0.43 8.96
C ALA F 266 24.43 -0.22 10.05
N ASP F 267 23.19 -0.57 9.64
CA ASP F 267 22.26 -1.41 10.44
C ASP F 267 22.80 -2.84 10.48
N VAL F 268 22.78 -3.49 11.63
CA VAL F 268 23.30 -4.87 11.66
C VAL F 268 22.40 -5.73 10.76
N MET F 269 21.10 -5.47 10.77
CA MET F 269 20.16 -6.26 9.95
C MET F 269 20.35 -6.16 8.41
N GLN F 270 21.03 -5.11 7.95
CA GLN F 270 21.46 -5.05 6.55
C GLN F 270 22.53 -6.12 6.28
N TYR F 271 23.33 -6.47 7.28
CA TYR F 271 24.32 -7.54 7.15
C TYR F 271 23.57 -8.87 7.00
N LYS F 272 22.45 -9.03 7.70
CA LYS F 272 21.62 -10.21 7.51
C LYS F 272 21.17 -10.31 6.06
N ASP F 273 20.49 -9.27 5.59
CA ASP F 273 19.93 -9.24 4.23
C ASP F 273 21.01 -9.31 3.17
N ALA F 274 22.20 -8.78 3.49
CA ALA F 274 23.35 -8.89 2.61
C ALA F 274 23.88 -10.30 2.49
N GLY F 275 23.49 -11.15 3.43
CA GLY F 275 23.86 -12.56 3.40
C GLY F 275 25.13 -12.89 4.15
N TYR F 276 25.37 -12.18 5.25
CA TYR F 276 26.37 -12.59 6.23
C TYR F 276 25.67 -13.45 7.27
N LEU F 277 26.42 -14.41 7.80
CA LEU F 277 25.97 -15.28 8.90
C LEU F 277 26.09 -14.53 10.23
N PRO F 278 25.23 -14.86 11.21
CA PRO F 278 25.31 -14.09 12.45
C PRO F 278 26.64 -14.29 13.22
N HIS F 279 27.10 -15.52 13.39
CA HIS F 279 28.40 -15.75 14.06
C HIS F 279 29.60 -15.63 13.11
N ALA F 280 29.37 -15.35 11.83
CA ALA F 280 30.44 -14.79 10.99
C ALA F 280 30.61 -13.33 11.38
N LEU F 281 29.49 -12.62 11.46
CA LEU F 281 29.50 -11.22 11.87
C LEU F 281 30.03 -11.04 13.29
N ILE F 282 29.77 -11.99 14.19
CA ILE F 282 30.25 -11.89 15.57
C ILE F 282 31.77 -12.00 15.68
N ASN F 283 32.32 -13.05 15.09
CA ASN F 283 33.76 -13.17 14.91
C ASN F 283 34.35 -11.81 14.51
N TYR F 284 33.80 -11.24 13.44
CA TYR F 284 34.28 -9.98 12.88
C TYR F 284 34.13 -8.82 13.86
N LEU F 285 32.97 -8.70 14.50
CA LEU F 285 32.79 -7.69 15.54
C LEU F 285 33.74 -7.86 16.73
N ALA F 286 34.05 -9.11 17.06
CA ALA F 286 34.93 -9.38 18.18
C ALA F 286 36.32 -8.81 17.89
N ARG F 287 36.81 -9.06 16.69
CA ARG F 287 38.17 -8.69 16.29
C ARG F 287 38.38 -7.23 15.85
N LEU F 288 37.31 -6.42 15.85
CA LEU F 288 37.44 -4.98 15.72
C LEU F 288 37.60 -4.44 17.11
N GLY F 289 38.85 -4.36 17.57
CA GLY F 289 39.15 -3.71 18.84
C GLY F 289 39.59 -4.66 19.92
N TRP F 290 39.28 -5.94 19.79
CA TRP F 290 39.93 -6.96 20.60
C TRP F 290 40.78 -7.81 19.67
N SER F 291 41.82 -8.41 20.24
CA SER F 291 42.76 -9.22 19.48
C SER F 291 43.14 -10.38 20.36
N HIS F 292 43.89 -11.30 19.79
CA HIS F 292 44.46 -12.36 20.57
C HIS F 292 45.61 -12.91 19.78
N GLY F 293 46.68 -12.15 19.76
CA GLY F 293 47.86 -12.48 18.98
C GLY F 293 47.53 -12.81 17.54
N ASP F 294 48.21 -13.82 17.02
CA ASP F 294 48.01 -14.30 15.65
C ASP F 294 46.55 -14.73 15.33
N GLN F 295 45.68 -14.94 16.33
CA GLN F 295 44.35 -15.50 16.06
C GLN F 295 43.32 -14.49 15.55
N GLU F 296 42.49 -14.98 14.65
CA GLU F 296 41.66 -14.23 13.72
C GLU F 296 40.23 -14.80 13.60
N LEU F 297 40.10 -16.13 13.77
CA LEU F 297 38.82 -16.85 13.78
C LEU F 297 38.62 -17.46 15.15
N PHE F 298 37.43 -17.26 15.72
CA PHE F 298 37.03 -17.85 17.01
C PHE F 298 35.64 -18.49 16.91
N THR F 299 35.42 -19.56 17.67
CA THR F 299 34.10 -20.19 17.85
C THR F 299 33.41 -19.48 19.02
N PRO F 300 32.09 -19.67 19.19
CA PRO F 300 31.37 -19.07 20.34
C PRO F 300 31.96 -19.39 21.71
N GLN F 301 32.50 -20.61 21.85
CA GLN F 301 33.16 -21.06 23.09
C GLN F 301 34.56 -20.46 23.22
N GLU F 302 35.33 -20.44 22.13
CA GLU F 302 36.65 -19.80 22.16
C GLU F 302 36.50 -18.36 22.65
N LEU F 303 35.58 -17.60 22.03
CA LEU F 303 35.29 -16.20 22.45
C LEU F 303 34.91 -16.10 23.93
N LEU F 304 34.10 -17.04 24.40
CA LEU F 304 33.79 -17.12 25.84
C LEU F 304 35.04 -17.30 26.68
N ASP F 305 35.88 -18.26 26.33
CA ASP F 305 37.06 -18.57 27.11
C ASP F 305 38.16 -17.49 27.04
N LEU F 306 38.43 -17.01 25.83
CA LEU F 306 39.61 -16.19 25.55
C LEU F 306 39.46 -14.69 25.76
N PHE F 307 38.23 -14.19 25.70
CA PHE F 307 37.97 -12.75 25.69
C PHE F 307 38.05 -12.15 27.08
N ASP F 308 38.70 -10.99 27.17
CA ASP F 308 38.64 -10.16 28.36
C ASP F 308 38.56 -8.70 27.92
N VAL F 309 37.50 -8.01 28.34
CA VAL F 309 37.32 -6.60 27.99
C VAL F 309 38.49 -5.74 28.46
N LYS F 310 39.19 -6.19 29.52
CA LYS F 310 40.50 -5.63 29.92
C LYS F 310 41.51 -5.57 28.77
N ASP F 311 41.37 -6.45 27.78
CA ASP F 311 42.30 -6.53 26.67
C ASP F 311 41.91 -5.84 25.35
N VAL F 312 40.85 -5.02 25.31
CA VAL F 312 40.47 -4.37 24.02
C VAL F 312 41.49 -3.29 23.69
N ASN F 313 41.79 -3.11 22.42
CA ASN F 313 42.85 -2.19 22.00
C ASN F 313 42.41 -0.76 22.26
N SER F 314 43.35 0.04 22.76
CA SER F 314 43.09 1.42 23.16
C SER F 314 42.83 2.31 21.97
N LYS F 315 43.27 1.87 20.78
CA LYS F 315 43.00 2.61 19.55
C LYS F 315 41.76 2.09 18.82
N ALA F 316 41.12 3.00 18.10
CA ALA F 316 40.00 2.64 17.24
C ALA F 316 40.41 1.58 16.23
N ALA F 317 39.48 0.66 15.98
CA ALA F 317 39.56 -0.29 14.89
C ALA F 317 38.63 0.20 13.81
N ARG F 318 38.90 -0.23 12.59
CA ARG F 318 38.19 0.25 11.43
C ARG F 318 37.45 -0.91 10.81
N LEU F 319 36.25 -0.65 10.30
CA LEU F 319 35.55 -1.66 9.49
C LEU F 319 36.34 -2.06 8.25
N ASP F 320 36.21 -3.32 7.89
CA ASP F 320 36.88 -3.88 6.73
C ASP F 320 35.97 -4.93 6.11
N MET F 321 35.26 -4.51 5.05
CA MET F 321 34.19 -5.32 4.47
C MET F 321 34.75 -6.56 3.81
N ALA F 322 35.93 -6.42 3.22
CA ALA F 322 36.67 -7.55 2.67
C ALA F 322 36.93 -8.58 3.73
N LYS F 323 37.49 -8.12 4.85
CA LYS F 323 37.83 -9.00 5.95
C LYS F 323 36.59 -9.76 6.44
N LEU F 324 35.43 -9.09 6.52
CA LEU F 324 34.16 -9.75 6.89
C LEU F 324 33.78 -10.84 5.87
N GLY F 325 33.72 -10.46 4.60
CA GLY F 325 33.50 -11.41 3.50
C GLY F 325 34.40 -12.63 3.53
N TRP F 326 35.68 -12.48 3.90
CA TRP F 326 36.58 -13.64 4.07
C TRP F 326 36.13 -14.54 5.24
N VAL F 327 35.82 -13.90 6.37
CA VAL F 327 35.42 -14.61 7.56
C VAL F 327 34.08 -15.27 7.26
N ASN F 328 33.19 -14.56 6.56
CA ASN F 328 31.90 -15.15 6.16
C ASN F 328 32.06 -16.41 5.31
N GLN F 329 32.99 -16.37 4.36
CA GLN F 329 33.24 -17.52 3.52
C GLN F 329 33.84 -18.63 4.33
N HIS F 330 34.64 -18.31 5.35
CA HIS F 330 35.20 -19.37 6.18
C HIS F 330 34.06 -20.22 6.69
N TYR F 331 33.11 -19.56 7.35
CA TYR F 331 31.96 -20.24 7.93
C TYR F 331 30.97 -20.81 6.90
N LEU F 332 30.92 -20.26 5.69
CA LEU F 332 30.18 -20.88 4.59
C LEU F 332 30.77 -22.23 4.18
N LYS F 333 32.10 -22.35 4.14
CA LYS F 333 32.71 -23.64 3.80
C LYS F 333 32.71 -24.64 4.94
N THR F 334 32.74 -24.14 6.19
CA THR F 334 32.99 -24.99 7.36
C THR F 334 31.76 -25.34 8.19
N ASP F 335 30.86 -24.39 8.42
CA ASP F 335 29.64 -24.69 9.18
C ASP F 335 28.82 -25.80 8.50
N ASP F 336 28.12 -26.57 9.34
CA ASP F 336 27.31 -27.67 8.85
C ASP F 336 26.33 -27.13 7.83
N PRO F 337 26.34 -27.69 6.60
CA PRO F 337 25.43 -27.19 5.57
C PRO F 337 24.00 -27.04 6.06
N ALA F 338 23.54 -27.99 6.90
CA ALA F 338 22.20 -27.97 7.49
C ALA F 338 21.79 -26.65 8.16
N SER F 339 22.67 -26.10 8.99
CA SER F 339 22.40 -24.86 9.73
C SER F 339 22.44 -23.61 8.85
N ILE F 340 23.22 -23.66 7.78
CA ILE F 340 23.23 -22.57 6.79
C ILE F 340 21.91 -22.59 5.98
N ALA F 341 21.43 -23.78 5.63
CA ALA F 341 20.33 -23.94 4.68
C ALA F 341 19.09 -23.06 4.92
N PRO F 342 18.59 -22.96 6.17
CA PRO F 342 17.49 -22.02 6.44
C PRO F 342 17.75 -20.56 6.01
N GLN F 343 19.01 -20.13 6.12
CA GLN F 343 19.37 -18.74 5.84
C GLN F 343 19.53 -18.48 4.35
N LEU F 344 19.99 -19.50 3.62
CA LEU F 344 19.92 -19.51 2.15
C LEU F 344 18.49 -19.45 1.62
N GLU F 345 17.59 -20.18 2.29
CA GLU F 345 16.16 -20.17 1.95
C GLU F 345 15.54 -18.79 2.18
N TYR F 346 15.89 -18.12 3.28
CA TYR F 346 15.50 -16.72 3.52
C TYR F 346 15.89 -15.85 2.33
N GLN F 347 17.12 -16.04 1.85
CA GLN F 347 17.63 -15.33 0.67
C GLN F 347 16.91 -15.74 -0.62
N LEU F 348 16.89 -17.04 -0.89
CA LEU F 348 16.14 -17.59 -2.02
C LEU F 348 14.69 -17.16 -2.05
N ALA F 349 14.08 -17.02 -0.87
CA ALA F 349 12.65 -16.68 -0.71
C ALA F 349 12.30 -15.34 -1.34
N LYS F 350 13.18 -14.35 -1.17
CA LYS F 350 13.17 -13.18 -2.04
C LYS F 350 13.45 -13.74 -3.45
N LEU F 351 13.66 -12.93 -4.48
CA LEU F 351 13.82 -13.49 -5.84
C LEU F 351 12.59 -14.27 -6.36
N GLY F 352 11.48 -14.27 -5.59
CA GLY F 352 10.21 -14.85 -6.02
C GLY F 352 10.10 -16.35 -6.05
N VAL F 353 11.15 -17.05 -5.59
CA VAL F 353 11.33 -18.46 -5.90
C VAL F 353 10.51 -19.32 -4.95
N ASP F 354 10.02 -20.44 -5.48
CA ASP F 354 9.30 -21.45 -4.72
C ASP F 354 10.10 -22.74 -4.83
N LEU F 355 10.11 -23.55 -3.77
CA LEU F 355 10.85 -24.84 -3.78
C LEU F 355 10.26 -25.91 -4.75
N ALA F 356 10.50 -25.68 -6.04
CA ALA F 356 9.92 -26.46 -7.14
C ALA F 356 10.83 -27.62 -7.58
N ALA F 357 11.70 -27.43 -8.58
CA ALA F 357 12.85 -28.35 -8.79
C ALA F 357 13.73 -28.29 -7.53
N GLY F 358 13.68 -27.12 -6.87
CA GLY F 358 13.89 -26.94 -5.43
C GLY F 358 14.82 -27.89 -4.71
N PRO F 359 16.08 -27.96 -5.18
CA PRO F 359 17.04 -28.88 -4.58
C PRO F 359 17.26 -28.45 -3.15
N ALA F 360 17.63 -29.40 -2.29
CA ALA F 360 17.87 -29.11 -0.89
C ALA F 360 18.82 -27.94 -0.77
N ALA F 361 18.42 -26.95 0.03
CA ALA F 361 19.29 -25.83 0.37
C ALA F 361 20.64 -26.38 0.80
N ALA F 362 20.61 -27.35 1.74
CA ALA F 362 21.84 -28.00 2.21
C ALA F 362 22.78 -28.47 1.08
N ASP F 363 22.24 -29.14 0.05
CA ASP F 363 23.03 -29.61 -1.11
C ASP F 363 23.62 -28.47 -1.93
N VAL F 364 22.87 -27.37 -2.02
CA VAL F 364 23.28 -26.14 -2.74
C VAL F 364 24.39 -25.40 -1.99
N VAL F 365 24.31 -25.38 -0.66
CA VAL F 365 25.36 -24.75 0.16
C VAL F 365 26.65 -25.51 -0.09
N VAL F 366 26.58 -26.84 -0.23
CA VAL F 366 27.76 -27.64 -0.61
C VAL F 366 28.26 -27.26 -2.01
N ALA F 367 27.35 -27.20 -2.97
CA ALA F 367 27.71 -26.86 -4.33
C ALA F 367 28.47 -25.55 -4.46
N LEU F 368 28.02 -24.54 -3.72
CA LEU F 368 28.46 -23.17 -3.94
C LEU F 368 29.24 -22.49 -2.80
N ARG F 369 29.34 -23.11 -1.62
CA ARG F 369 30.11 -22.57 -0.48
C ARG F 369 31.51 -21.99 -0.79
N GLU F 370 32.21 -22.64 -1.72
CA GLU F 370 33.61 -22.31 -2.06
C GLU F 370 33.71 -21.29 -3.19
N ARG F 371 32.56 -20.87 -3.73
CA ARG F 371 32.49 -20.07 -4.93
C ARG F 371 31.77 -18.73 -4.69
N VAL F 372 31.29 -18.51 -3.47
CA VAL F 372 30.53 -17.30 -3.11
C VAL F 372 30.92 -16.80 -1.69
N HIS F 373 30.69 -15.51 -1.45
CA HIS F 373 30.99 -14.84 -0.17
C HIS F 373 29.77 -14.45 0.68
N THR F 374 28.58 -14.44 0.09
CA THR F 374 27.36 -14.27 0.87
C THR F 374 26.28 -15.23 0.39
N LEU F 375 25.25 -15.38 1.22
CA LEU F 375 24.08 -16.17 0.83
C LEU F 375 23.22 -15.44 -0.20
N LYS F 376 23.31 -14.11 -0.28
CA LYS F 376 22.57 -13.38 -1.32
C LYS F 376 23.17 -13.79 -2.66
N GLU F 377 24.50 -13.70 -2.73
CA GLU F 377 25.26 -14.19 -3.88
C GLU F 377 24.92 -15.65 -4.19
N MET F 378 24.85 -16.49 -3.16
CA MET F 378 24.46 -17.89 -3.35
C MET F 378 23.06 -18.04 -3.95
N ALA F 379 22.07 -17.35 -3.38
CA ALA F 379 20.65 -17.41 -3.82
C ALA F 379 20.51 -16.94 -5.25
N GLU F 380 21.27 -15.91 -5.61
CA GLU F 380 21.29 -15.41 -6.97
C GLU F 380 21.91 -16.47 -7.89
N LYS F 381 23.07 -17.02 -7.50
CA LYS F 381 23.71 -18.12 -8.24
C LYS F 381 22.94 -19.45 -8.17
N ALA F 382 22.08 -19.63 -7.16
CA ALA F 382 21.24 -20.84 -7.03
C ALA F 382 19.93 -20.81 -7.81
N VAL F 383 19.48 -19.61 -8.19
CA VAL F 383 18.12 -19.42 -8.78
C VAL F 383 17.84 -20.39 -9.95
N VAL F 384 18.86 -20.56 -10.79
CA VAL F 384 18.79 -21.43 -11.96
C VAL F 384 18.23 -22.83 -11.68
N TRP F 385 18.53 -23.44 -10.53
CA TRP F 385 18.05 -24.80 -10.26
C TRP F 385 16.65 -24.83 -9.64
N TYR F 386 16.17 -23.65 -9.21
CA TYR F 386 14.94 -23.53 -8.44
C TYR F 386 13.76 -23.25 -9.31
N GLN F 387 13.63 -22.03 -9.75
CA GLN F 387 12.52 -21.72 -10.59
C GLN F 387 12.58 -22.66 -11.74
N PRO F 388 11.54 -23.58 -11.89
CA PRO F 388 11.63 -24.44 -13.08
C PRO F 388 11.64 -23.52 -14.25
N LEU F 389 12.81 -22.96 -14.40
CA LEU F 389 13.12 -21.94 -15.34
C LEU F 389 13.50 -22.49 -16.65
N GLU F 390 13.73 -21.55 -17.54
CA GLU F 390 14.22 -21.80 -18.86
C GLU F 390 14.24 -20.69 -19.91
N THR F 391 15.31 -19.93 -19.81
CA THR F 391 15.80 -18.97 -20.82
C THR F 391 17.31 -19.21 -21.03
N TYR F 392 17.72 -19.33 -22.29
CA TYR F 392 19.07 -19.78 -22.68
C TYR F 392 19.92 -18.59 -23.20
N ASP F 393 21.21 -18.55 -22.88
CA ASP F 393 22.13 -17.52 -23.44
C ASP F 393 22.45 -17.91 -24.90
N ALA F 394 22.23 -16.98 -25.85
CA ALA F 394 22.33 -17.27 -27.30
C ALA F 394 23.72 -17.72 -27.67
N ALA F 395 24.71 -16.91 -27.28
CA ALA F 395 26.13 -17.23 -27.44
C ALA F 395 26.45 -18.67 -26.96
N ALA F 396 25.97 -19.00 -25.77
CA ALA F 396 26.12 -20.34 -25.23
C ALA F 396 25.47 -21.39 -26.11
N VAL F 397 24.32 -21.09 -26.67
CA VAL F 397 23.62 -22.08 -27.46
C VAL F 397 24.44 -22.50 -28.64
N MET F 398 25.27 -21.60 -29.11
CA MET F 398 26.15 -21.85 -30.24
C MET F 398 27.39 -22.59 -29.74
N LYS F 399 27.14 -23.78 -29.22
CA LYS F 399 28.09 -24.64 -28.55
C LYS F 399 27.16 -25.78 -28.28
N HIS F 400 25.93 -25.56 -28.68
CA HIS F 400 24.85 -26.45 -28.32
C HIS F 400 24.26 -27.04 -29.58
N LEU F 401 24.19 -26.22 -30.62
CA LEU F 401 24.02 -26.65 -32.00
C LEU F 401 25.21 -27.55 -32.44
N LYS F 402 25.84 -27.29 -33.59
CA LYS F 402 26.90 -28.14 -34.15
C LYS F 402 26.43 -29.52 -34.57
N LEU F 403 25.30 -29.98 -34.02
CA LEU F 403 24.70 -31.29 -34.31
C LEU F 403 25.59 -32.46 -33.82
N GLY F 404 26.80 -32.17 -33.31
CA GLY F 404 27.56 -33.11 -32.53
C GLY F 404 26.92 -33.27 -31.18
N ALA F 405 26.53 -32.15 -30.57
CA ALA F 405 26.02 -32.12 -29.19
C ALA F 405 24.94 -33.16 -28.86
N GLU F 406 24.08 -33.51 -29.83
CA GLU F 406 23.07 -34.60 -29.68
C GLU F 406 23.60 -35.95 -29.19
N VAL F 407 24.84 -36.31 -29.52
CA VAL F 407 25.41 -37.61 -29.11
C VAL F 407 25.97 -37.67 -27.63
N PRO F 408 26.87 -36.71 -27.19
CA PRO F 408 27.26 -36.75 -25.77
C PRO F 408 26.12 -36.48 -24.80
N LEU F 409 25.26 -35.51 -25.13
CA LEU F 409 23.98 -35.32 -24.41
C LEU F 409 23.10 -36.56 -24.46
N GLY F 410 23.04 -37.23 -25.61
CA GLY F 410 22.30 -38.48 -25.78
C GLY F 410 22.73 -39.57 -24.80
N LYS F 411 24.05 -39.77 -24.69
CA LYS F 411 24.61 -40.74 -23.75
C LYS F 411 24.51 -40.24 -22.30
N ALA F 412 24.61 -38.93 -22.10
CA ALA F 412 24.47 -38.33 -20.77
C ALA F 412 23.01 -38.38 -20.25
N ARG F 413 22.05 -38.24 -21.17
CA ARG F 413 20.63 -38.48 -20.90
C ARG F 413 20.41 -39.96 -20.55
N GLU F 414 21.01 -40.74 -21.44
CA GLU F 414 21.03 -42.17 -21.43
C GLU F 414 21.31 -42.48 -20.03
N LEU F 415 22.53 -42.91 -19.74
CA LEU F 415 22.98 -43.25 -18.39
C LEU F 415 22.38 -42.50 -17.23
N LEU F 416 22.23 -41.20 -17.37
CA LEU F 416 21.72 -40.41 -16.29
C LEU F 416 20.37 -40.94 -15.95
N ALA F 417 19.53 -41.03 -16.95
CA ALA F 417 18.19 -41.55 -16.77
C ALA F 417 18.20 -42.83 -15.96
N ALA F 418 18.87 -43.83 -16.46
CA ALA F 418 18.88 -45.09 -15.81
C ALA F 418 19.91 -45.08 -14.73
N VAL F 419 19.54 -44.63 -13.54
CA VAL F 419 20.50 -44.63 -12.45
C VAL F 419 19.87 -44.75 -11.07
N ASP F 420 20.05 -45.92 -10.50
CA ASP F 420 19.58 -46.16 -9.17
C ASP F 420 20.45 -45.28 -8.30
N GLN F 421 19.81 -44.59 -7.36
CA GLN F 421 20.43 -43.63 -6.43
C GLN F 421 20.96 -42.38 -7.10
N TRP F 422 20.15 -41.35 -7.04
CA TRP F 422 20.47 -40.01 -7.60
C TRP F 422 21.10 -39.14 -6.52
N SER F 423 22.44 -39.07 -6.58
CA SER F 423 23.28 -38.26 -5.71
C SER F 423 24.35 -37.68 -6.62
N VAL F 424 25.27 -36.88 -6.08
CA VAL F 424 26.43 -36.40 -6.89
C VAL F 424 27.43 -37.50 -7.26
N ASP F 425 27.59 -38.51 -6.41
CA ASP F 425 28.51 -39.60 -6.68
C ASP F 425 28.03 -40.38 -7.90
N SER F 426 26.76 -40.76 -7.87
CA SER F 426 26.11 -41.45 -9.00
C SER F 426 26.11 -40.61 -10.29
N VAL F 427 25.78 -39.33 -10.17
CA VAL F 427 25.84 -38.43 -11.32
C VAL F 427 27.27 -38.40 -11.88
N SER F 428 28.27 -38.21 -11.02
CA SER F 428 29.67 -38.17 -11.48
C SER F 428 30.13 -39.51 -12.05
N ALA F 429 29.67 -40.62 -11.48
CA ALA F 429 29.99 -41.96 -12.01
C ALA F 429 29.39 -42.12 -13.39
N ALA F 430 28.08 -41.92 -13.48
CA ALA F 430 27.33 -42.01 -14.73
C ALA F 430 27.83 -41.05 -15.82
N LEU F 431 28.24 -39.84 -15.42
CA LEU F 431 28.79 -38.86 -16.36
C LEU F 431 30.18 -39.28 -16.85
N HIS F 432 31.03 -39.75 -15.94
CA HIS F 432 32.35 -40.27 -16.30
C HIS F 432 32.24 -41.54 -17.15
N ASP F 433 31.23 -42.37 -16.84
CA ASP F 433 30.85 -43.52 -17.69
C ASP F 433 30.41 -43.08 -19.09
N ALA F 434 29.59 -42.04 -19.17
CA ALA F 434 29.11 -41.51 -20.45
C ALA F 434 30.27 -41.06 -21.33
N ALA F 435 31.11 -40.19 -20.79
CA ALA F 435 32.32 -39.71 -21.49
C ALA F 435 33.20 -40.88 -21.96
N ALA F 436 33.28 -41.93 -21.13
CA ALA F 436 34.02 -43.15 -21.49
C ALA F 436 33.48 -43.74 -22.81
N ALA F 437 32.22 -44.17 -22.80
CA ALA F 437 31.62 -44.92 -23.93
C ALA F 437 31.52 -44.18 -25.28
N LEU F 438 31.93 -42.91 -25.33
CA LEU F 438 32.18 -42.20 -26.59
C LEU F 438 33.67 -41.93 -26.81
N GLU F 439 34.53 -42.56 -26.00
CA GLU F 439 35.98 -42.32 -25.99
C GLU F 439 36.39 -40.82 -25.86
N LEU F 440 35.53 -40.02 -25.23
CA LEU F 440 35.68 -38.56 -25.17
C LEU F 440 36.12 -38.09 -23.78
N GLY F 441 36.75 -36.91 -23.76
CA GLY F 441 37.16 -36.27 -22.50
C GLY F 441 35.97 -35.58 -21.87
N MET F 442 35.98 -35.50 -20.54
CA MET F 442 34.91 -34.83 -19.74
C MET F 442 34.47 -33.46 -20.26
N GLY F 443 35.42 -32.67 -20.75
CA GLY F 443 35.12 -31.39 -21.37
C GLY F 443 34.11 -31.50 -22.50
N LYS F 444 34.25 -32.53 -23.32
CA LYS F 444 33.42 -32.71 -24.50
C LYS F 444 31.94 -33.08 -24.20
N VAL F 445 31.67 -33.75 -23.08
CA VAL F 445 30.28 -33.97 -22.66
C VAL F 445 29.79 -32.88 -21.71
N ALA F 446 30.69 -32.33 -20.88
CA ALA F 446 30.30 -31.35 -19.87
C ALA F 446 29.91 -30.01 -20.47
N GLN F 447 30.76 -29.43 -21.32
CA GLN F 447 30.46 -28.16 -21.98
C GLN F 447 29.04 -28.12 -22.57
N PRO F 448 28.66 -29.13 -23.40
CA PRO F 448 27.28 -29.09 -23.90
C PRO F 448 26.23 -29.40 -22.84
N LEU F 449 26.57 -30.23 -21.87
CA LEU F 449 25.66 -30.50 -20.75
C LEU F 449 25.44 -29.26 -19.88
N ARG F 450 26.47 -28.40 -19.78
CA ARG F 450 26.42 -27.16 -18.98
C ARG F 450 25.34 -26.23 -19.53
N VAL F 451 25.39 -25.95 -20.84
CA VAL F 451 24.45 -25.02 -21.48
C VAL F 451 23.05 -25.61 -21.63
N ALA F 452 22.95 -26.94 -21.65
CA ALA F 452 21.65 -27.62 -21.71
C ALA F 452 20.88 -27.49 -20.39
N ILE F 453 21.51 -27.87 -19.28
CA ILE F 453 20.80 -27.89 -18.00
C ILE F 453 20.76 -26.52 -17.30
N THR F 454 21.75 -25.68 -17.57
CA THR F 454 21.86 -24.40 -16.88
C THR F 454 21.48 -23.18 -17.75
N GLY F 455 21.52 -23.35 -19.08
CA GLY F 455 21.20 -22.28 -20.02
C GLY F 455 22.32 -21.30 -20.30
N THR F 456 23.53 -21.57 -19.78
CA THR F 456 24.69 -20.67 -19.86
C THR F 456 26.00 -21.46 -19.81
N GLN F 457 27.09 -20.77 -20.16
CA GLN F 457 28.43 -21.36 -20.15
C GLN F 457 29.10 -21.44 -18.76
N VAL F 458 28.62 -20.69 -17.76
CA VAL F 458 29.25 -20.66 -16.43
C VAL F 458 28.41 -21.41 -15.37
N SER F 459 29.04 -22.35 -14.65
CA SER F 459 28.39 -23.13 -13.58
C SER F 459 29.44 -23.94 -12.74
N PRO F 460 29.07 -24.43 -11.55
CA PRO F 460 30.04 -25.10 -10.65
C PRO F 460 30.14 -26.64 -10.72
N ASP F 461 31.12 -27.19 -11.44
CA ASP F 461 31.41 -28.65 -11.45
C ASP F 461 30.22 -29.45 -11.95
N ILE F 462 30.25 -29.84 -13.21
CA ILE F 462 29.07 -30.36 -13.89
C ILE F 462 28.18 -31.27 -13.03
N SER F 463 28.77 -32.24 -12.34
CA SER F 463 28.00 -33.26 -11.63
C SER F 463 27.10 -32.59 -10.58
N GLN F 464 27.73 -31.70 -9.83
CA GLN F 464 27.03 -30.85 -8.91
C GLN F 464 25.89 -30.16 -9.63
N THR F 465 26.20 -29.45 -10.72
CA THR F 465 25.20 -28.60 -11.41
C THR F 465 24.08 -29.45 -12.00
N VAL F 466 24.42 -30.64 -12.49
CA VAL F 466 23.43 -31.62 -12.96
C VAL F 466 22.54 -32.12 -11.82
N TYR F 467 23.17 -32.65 -10.77
CA TYR F 467 22.49 -33.16 -9.58
C TYR F 467 21.43 -32.22 -9.03
N LEU F 468 21.76 -30.93 -8.96
CA LEU F 468 20.84 -29.93 -8.38
C LEU F 468 19.53 -29.69 -9.15
N ALA F 469 19.44 -30.13 -10.40
CA ALA F 469 18.17 -30.04 -11.14
C ALA F 469 17.14 -31.11 -10.72
N GLY F 470 17.64 -32.23 -10.16
CA GLY F 470 16.80 -33.40 -9.82
C GLY F 470 16.94 -34.39 -10.95
N ARG F 471 16.55 -35.63 -10.78
CA ARG F 471 16.70 -36.57 -11.90
C ARG F 471 15.74 -36.30 -13.04
N GLU F 472 14.51 -36.00 -12.72
CA GLU F 472 13.53 -35.69 -13.77
C GLU F 472 13.77 -34.29 -14.34
N GLY F 473 14.20 -33.34 -13.50
CA GLY F 473 14.51 -31.99 -13.94
C GLY F 473 15.71 -31.92 -14.86
N ALA F 474 16.76 -32.65 -14.49
CA ALA F 474 17.96 -32.78 -15.35
C ALA F 474 17.62 -33.44 -16.66
N LEU F 475 16.79 -34.48 -16.59
CA LEU F 475 16.28 -35.15 -17.78
C LEU F 475 15.44 -34.23 -18.66
N LYS F 476 14.40 -33.58 -18.12
CA LYS F 476 13.59 -32.62 -18.90
C LYS F 476 14.47 -31.59 -19.62
N ARG F 477 15.44 -31.07 -18.88
CA ARG F 477 16.36 -30.04 -19.39
C ARG F 477 17.28 -30.52 -20.52
N ILE F 478 17.67 -31.80 -20.48
CA ILE F 478 18.45 -32.43 -21.55
C ILE F 478 17.56 -32.74 -22.77
N ASP F 479 16.34 -33.21 -22.51
CA ASP F 479 15.38 -33.52 -23.57
C ASP F 479 14.96 -32.26 -24.33
N ALA F 480 14.68 -31.19 -23.57
CA ALA F 480 14.41 -29.86 -24.13
C ALA F 480 15.58 -29.35 -24.96
N ALA F 481 16.80 -29.75 -24.57
CA ALA F 481 18.00 -29.47 -25.35
C ALA F 481 18.04 -30.31 -26.64
N LEU F 482 17.80 -31.62 -26.53
CA LEU F 482 17.81 -32.54 -27.69
C LEU F 482 16.79 -32.17 -28.78
N THR F 483 15.54 -31.96 -28.37
CA THR F 483 14.49 -31.63 -29.34
C THR F 483 14.88 -30.36 -30.11
N LYS F 484 15.44 -29.37 -29.42
CA LYS F 484 15.85 -28.09 -30.04
C LYS F 484 16.89 -28.25 -31.15
N ILE F 485 17.92 -29.06 -30.91
CA ILE F 485 18.88 -29.39 -32.01
C ILE F 485 18.24 -30.21 -33.15
N GLY F 486 17.13 -30.92 -32.85
CA GLY F 486 16.28 -31.53 -33.88
C GLY F 486 15.71 -30.56 -34.93
N ALA F 487 15.49 -29.29 -34.55
CA ALA F 487 15.09 -28.24 -35.50
C ALA F 487 16.27 -27.84 -36.41
#